data_8CY6
#
_entry.id   8CY6
#
_cell.length_a   1.00
_cell.length_b   1.00
_cell.length_c   1.00
_cell.angle_alpha   90.00
_cell.angle_beta   90.00
_cell.angle_gamma   90.00
#
_symmetry.space_group_name_H-M   'P 1'
#
loop_
_entity.id
_entity.type
_entity.pdbx_description
1 polymer 'Spike glycoprotein'
2 polymer 'pan-sarbecovirus nanobody 2-65'
#
loop_
_entity_poly.entity_id
_entity_poly.type
_entity_poly.pdbx_seq_one_letter_code
_entity_poly.pdbx_strand_id
1 'polypeptide(L)'
;MFVFLVLLPLVSSQCVNLTTRTQLPPAYTNSFTRGVYYPDKVFRSSVLHSTQDLFLPFFSNVTWFHAIHVSGTNGTKRFD
NPVLPFNDGVYFASTEKSNIIRGWIFGTTLDSKTQSLLIVNNATNVVIKVCEFQFCNDPFLGVYYHKNNKSWMESEFRVY
SSANNCTFEYVSQPFLMDLEGKQGNFKNLREFVFKNIDGYFKIYSKHTPINLVRDLPQGFSALEPLVDLPIGINITRFQT
LLALHRSYLTPGDSSSGWTAGAAAYYVGYLQPRTFLLKYNENGTITDAVDCALDPLSETKCTLKSFTVEKGIYQTSNFRV
QPTESIVRFPNITNLCPFGEVFNATRFASVYAWNRKRISNCVADYSVLYNSASFSTFKCYGVSPTKLNDLCFTNVYADSF
VIRGDEVRQIAPGQTGKIADYNYKLPDDFTGCVIAWNSNNLDSKVGGNYNYLYRLFRKSNLKPFERDISTEIYQAGSTPC
NGVEGFNCYFPLQSYGFQPTNGVGYQPYRVVVLSFELLHAPATVCGPKKSTNLVKNKCVNFNFNGLTGTGVLTESNKKFL
PFQQFGRDIADTTDAVRDPQTLEILDITPCSFGGVSVITPGTNTSNQVAVLYQDVNCTEVPVAIHADQLTPTWRVYSTGS
NVFQTRAGCLIGAEHVNNSYECDIPIGAGICASYQTQTNSPRRARSVASQSIIAYTMSLGAENSVAYSNNSIAIPTNFTI
SVTTEILPVSMTKTSVDCTMYICGDSTECSNLLLQYGSFCTQLNRALTGIAVEQDKNTQEVFAQVKQIYKTPPIKDFGGF
NFSQILPDPSKPSKRSFIEDLLFNKVTLADAGFIKQYGDCLGDIAARDLICAQKFNGLTVLPPLLTDEMIAQYTSALLAG
TITSGWTFGAGAALQIPFAMQMAYRFNGIGVTQNVLYENQKLIANQFNSAIGKIQDSLSSTASALGKLQDVVNQNAQALN
TLVKQLSSNFGAISSVLNDILSRLDPPEAEVQIDRLITGRLQSLQTYVTQQLIRAAEIRASANLAATKMSECVLGQSKRV
DFCGKGYHLMSFPQSAPHGVVFLHVTYVPAQEKNFTTAPAICHDGKAHFPREGVFVSNGTHWFVTQRNFYEPQIITTDNT
FVSGNCDVVIGIVNNTVYDPLQPELDSFKEELDKYFKNHTSPDVDLGDISGINASVVNIQKEIDRLNEVAKNLNESLIDL
QELGKYEQYIKWPWYIWLGFIAGLIAIVMVTIMLCCMTSCCSCLKGCCSCGSCCKFDEDDSEPVLKGVKLHYT
;
A,B,C
2 'polypeptide(L)'
;NSHVQLVESGGGLVQAGGSLRLSCAASGTISTLNAMGWYRQAPGKQRELLASISNLGTTYHADSVAGRFTISRGSAKNTV
NLQMNSLKPDDTAVYYCNTRVLEGGTQIRDYWGQGTQVTVSS
;
D,E,F
#
# COMPACT_ATOMS: atom_id res chain seq x y z
N CYS A 15 48.54 -47.69 19.15
CA CYS A 15 47.25 -47.66 18.47
C CYS A 15 46.45 -48.92 18.77
N VAL A 16 46.09 -49.10 20.04
CA VAL A 16 45.36 -50.27 20.49
C VAL A 16 44.26 -49.81 21.45
N ASN A 17 43.33 -50.73 21.73
CA ASN A 17 42.24 -50.44 22.65
C ASN A 17 42.77 -50.32 24.07
N LEU A 18 42.12 -49.47 24.86
CA LEU A 18 42.51 -49.29 26.24
C LEU A 18 42.28 -50.59 27.04
N THR A 19 43.07 -50.77 28.08
CA THR A 19 43.05 -51.98 28.89
C THR A 19 42.31 -51.72 30.19
N THR A 20 41.34 -52.59 30.50
CA THR A 20 40.63 -52.59 31.78
C THR A 20 39.90 -51.27 32.01
N ARG A 21 38.95 -50.99 31.12
CA ARG A 21 38.03 -49.87 31.30
C ARG A 21 36.78 -50.35 32.02
N THR A 22 36.30 -49.53 32.95
CA THR A 22 35.06 -49.80 33.69
C THR A 22 33.97 -48.86 33.19
N GLN A 23 32.81 -49.42 32.90
CA GLN A 23 31.70 -48.69 32.31
C GLN A 23 30.55 -48.60 33.31
N LEU A 24 30.04 -47.39 33.51
CA LEU A 24 28.91 -47.12 34.38
C LEU A 24 27.92 -46.24 33.64
N PRO A 25 26.62 -46.39 33.90
CA PRO A 25 25.62 -45.55 33.21
C PRO A 25 25.90 -44.08 33.46
N PRO A 26 25.71 -43.23 32.46
CA PRO A 26 26.05 -41.80 32.61
C PRO A 26 25.00 -41.07 33.44
N ALA A 27 25.46 -40.35 34.46
CA ALA A 27 24.58 -39.53 35.28
C ALA A 27 24.30 -38.20 34.60
N TYR A 28 23.32 -37.48 35.13
CA TYR A 28 22.92 -36.18 34.59
C TYR A 28 22.83 -35.17 35.74
N THR A 29 23.16 -33.92 35.42
CA THR A 29 23.13 -32.85 36.40
C THR A 29 22.43 -31.64 35.80
N ASN A 30 21.86 -30.82 36.69
CA ASN A 30 21.14 -29.63 36.26
C ASN A 30 22.12 -28.59 35.73
N SER A 31 21.76 -27.95 34.62
CA SER A 31 22.65 -26.96 34.00
C SER A 31 22.50 -25.58 34.59
N PHE A 32 21.39 -25.29 35.28
CA PHE A 32 21.12 -23.98 35.87
C PHE A 32 21.12 -22.95 34.75
N THR A 33 21.94 -21.89 34.80
CA THR A 33 21.95 -20.86 33.78
C THR A 33 23.26 -20.81 33.00
N ARG A 34 24.16 -21.76 33.20
CA ARG A 34 25.42 -21.76 32.47
C ARG A 34 25.16 -22.01 30.99
N GLY A 35 26.03 -21.45 30.15
CA GLY A 35 25.95 -21.65 28.71
C GLY A 35 25.54 -20.41 27.95
N VAL A 36 25.96 -19.25 28.42
CA VAL A 36 25.67 -17.97 27.77
C VAL A 36 26.95 -17.44 27.15
N TYR A 37 26.91 -17.11 25.86
CA TYR A 37 28.05 -16.56 25.14
C TYR A 37 27.58 -15.37 24.31
N TYR A 38 28.50 -14.46 24.05
CA TYR A 38 28.18 -13.29 23.24
C TYR A 38 27.91 -13.72 21.80
N PRO A 39 26.73 -13.44 21.24
CA PRO A 39 26.44 -13.94 19.89
C PRO A 39 27.43 -13.44 18.84
N ASP A 40 27.92 -12.21 18.97
CA ASP A 40 28.82 -11.64 17.98
C ASP A 40 29.66 -10.56 18.65
N LYS A 41 30.56 -9.97 17.87
CA LYS A 41 31.48 -8.95 18.37
C LYS A 41 30.86 -7.57 18.18
N VAL A 42 29.88 -7.27 19.03
CA VAL A 42 29.18 -5.99 19.01
C VAL A 42 29.06 -5.49 20.44
N PHE A 43 29.23 -4.18 20.62
CA PHE A 43 29.16 -3.54 21.93
C PHE A 43 27.76 -2.99 22.16
N ARG A 44 27.20 -3.27 23.33
CA ARG A 44 25.93 -2.72 23.76
C ARG A 44 26.02 -2.36 25.23
N SER A 45 25.40 -1.25 25.61
CA SER A 45 25.50 -0.71 26.96
C SER A 45 24.12 -0.47 27.53
N SER A 46 23.88 -1.01 28.72
CA SER A 46 22.66 -0.73 29.50
C SER A 46 21.41 -0.93 28.65
N VAL A 47 21.36 -2.07 27.94
CA VAL A 47 20.23 -2.38 27.07
C VAL A 47 19.95 -3.87 27.17
N LEU A 48 18.67 -4.22 27.00
CA LEU A 48 18.22 -5.60 26.95
C LEU A 48 17.97 -5.95 25.49
N HIS A 49 18.80 -6.84 24.94
CA HIS A 49 18.74 -7.19 23.53
C HIS A 49 18.24 -8.62 23.37
N SER A 50 17.28 -8.80 22.48
CA SER A 50 16.70 -10.11 22.19
C SER A 50 17.41 -10.74 21.00
N THR A 51 17.86 -11.97 21.16
CA THR A 51 18.60 -12.68 20.12
C THR A 51 18.01 -14.07 19.92
N GLN A 52 18.15 -14.59 18.71
CA GLN A 52 17.69 -15.92 18.35
C GLN A 52 18.88 -16.69 17.77
N ASP A 53 19.36 -17.68 18.50
CA ASP A 53 20.52 -18.46 18.08
C ASP A 53 20.54 -19.75 18.90
N LEU A 54 21.55 -20.58 18.64
CA LEU A 54 21.70 -21.84 19.36
C LEU A 54 22.28 -21.58 20.74
N PHE A 55 21.57 -22.01 21.77
CA PHE A 55 22.02 -21.89 23.16
C PHE A 55 21.73 -23.18 23.90
N LEU A 56 22.30 -23.31 25.09
CA LEU A 56 21.98 -24.41 25.98
C LEU A 56 20.77 -24.02 26.81
N PRO A 57 19.63 -24.69 26.66
CA PRO A 57 18.43 -24.26 27.40
C PRO A 57 18.67 -24.30 28.91
N PHE A 58 18.11 -23.33 29.61
CA PHE A 58 18.28 -23.25 31.05
C PHE A 58 17.64 -24.44 31.73
N PHE A 59 18.27 -24.90 32.82
CA PHE A 59 17.78 -26.02 33.59
C PHE A 59 17.57 -27.27 32.73
N SER A 60 18.51 -27.52 31.82
CA SER A 60 18.46 -28.70 30.97
C SER A 60 19.47 -29.72 31.46
N ASN A 61 19.06 -30.99 31.49
CA ASN A 61 19.93 -32.05 31.97
C ASN A 61 21.14 -32.19 31.06
N VAL A 62 22.33 -32.15 31.66
CA VAL A 62 23.59 -32.30 30.93
C VAL A 62 24.29 -33.55 31.45
N THR A 63 24.86 -34.33 30.53
CA THR A 63 25.53 -35.56 30.90
C THR A 63 26.75 -35.25 31.77
N TRP A 64 27.04 -36.16 32.70
CA TRP A 64 28.14 -36.02 33.64
C TRP A 64 29.06 -37.23 33.51
N PHE A 65 30.36 -36.98 33.32
CA PHE A 65 31.36 -38.02 33.15
C PHE A 65 32.45 -37.84 34.19
N HIS A 66 32.83 -38.96 34.83
CA HIS A 66 33.93 -38.98 35.79
C HIS A 66 35.05 -39.84 35.22
N ALA A 67 36.23 -39.23 35.04
CA ALA A 67 37.43 -39.93 34.63
C ALA A 67 38.35 -39.96 35.83
N ILE A 68 38.28 -41.04 36.61
CA ILE A 68 39.01 -41.13 37.86
C ILE A 68 39.24 -42.61 38.19
N HIS A 69 40.37 -42.88 38.84
CA HIS A 69 40.69 -44.21 39.36
C HIS A 69 40.46 -44.19 40.86
N VAL A 70 39.31 -44.71 41.29
CA VAL A 70 39.01 -44.75 42.71
C VAL A 70 40.07 -45.55 43.44
N SER A 71 40.52 -45.02 44.58
CA SER A 71 41.59 -45.67 45.33
C SER A 71 41.21 -47.10 45.70
N GLY A 72 42.13 -48.02 45.49
CA GLY A 72 41.91 -49.42 45.81
C GLY A 72 41.28 -50.19 44.66
N THR A 73 41.45 -51.52 44.74
CA THR A 73 40.88 -52.40 43.71
C THR A 73 39.36 -52.40 43.75
N ASN A 74 38.77 -52.34 44.95
CA ASN A 74 37.32 -52.38 45.08
C ASN A 74 36.64 -51.16 44.48
N GLY A 75 37.38 -50.10 44.17
CA GLY A 75 36.81 -48.92 43.58
C GLY A 75 36.53 -49.09 42.10
N THR A 76 36.01 -48.01 41.50
CA THR A 76 35.65 -47.99 40.10
C THR A 76 36.72 -47.27 39.30
N LYS A 77 37.23 -47.94 38.26
CA LYS A 77 38.22 -47.35 37.36
C LYS A 77 37.47 -46.77 36.16
N ARG A 78 36.84 -45.62 36.37
CA ARG A 78 36.05 -44.98 35.33
C ARG A 78 36.96 -44.16 34.43
N PHE A 79 36.92 -44.47 33.13
CA PHE A 79 37.64 -43.72 32.10
C PHE A 79 36.66 -43.34 30.99
N ASP A 80 35.98 -42.20 31.17
CA ASP A 80 34.95 -41.77 30.24
C ASP A 80 35.56 -41.05 29.05
N ASN A 81 35.47 -41.66 27.87
CA ASN A 81 35.90 -41.02 26.63
C ASN A 81 35.17 -41.63 25.43
N PRO A 82 33.84 -41.58 25.40
CA PRO A 82 33.12 -42.08 24.23
C PRO A 82 32.91 -40.98 23.19
N VAL A 83 32.54 -41.43 21.99
CA VAL A 83 32.21 -40.49 20.92
C VAL A 83 30.76 -40.08 21.04
N LEU A 84 30.50 -38.77 21.01
CA LEU A 84 29.17 -38.25 21.15
C LEU A 84 28.81 -37.36 19.96
N PRO A 85 27.57 -37.39 19.48
CA PRO A 85 27.22 -36.58 18.30
C PRO A 85 27.42 -35.09 18.56
N PHE A 86 27.91 -34.39 17.53
CA PHE A 86 28.10 -32.95 17.63
C PHE A 86 26.78 -32.20 17.52
N ASN A 87 25.81 -32.75 16.81
CA ASN A 87 24.50 -32.10 16.61
C ASN A 87 24.77 -30.72 16.00
N ASP A 88 24.08 -29.67 16.46
CA ASP A 88 24.28 -28.32 15.96
C ASP A 88 25.07 -27.45 16.93
N GLY A 89 25.65 -28.05 17.96
CA GLY A 89 26.41 -27.29 18.94
C GLY A 89 26.64 -28.09 20.22
N VAL A 90 27.81 -27.92 20.83
CA VAL A 90 28.19 -28.67 22.02
C VAL A 90 28.68 -27.69 23.07
N TYR A 91 28.16 -27.81 24.29
CA TYR A 91 28.63 -27.03 25.43
C TYR A 91 29.43 -27.97 26.33
N PHE A 92 30.72 -27.71 26.46
CA PHE A 92 31.61 -28.52 27.27
C PHE A 92 32.10 -27.72 28.48
N ALA A 93 32.06 -28.37 29.64
CA ALA A 93 32.56 -27.77 30.87
C ALA A 93 33.34 -28.83 31.64
N SER A 94 34.31 -28.37 32.42
CA SER A 94 35.16 -29.27 33.18
C SER A 94 35.65 -28.58 34.43
N THR A 95 35.41 -29.22 35.58
CA THR A 95 35.96 -28.79 36.85
C THR A 95 37.20 -29.63 37.14
N GLU A 96 38.36 -28.99 37.20
CA GLU A 96 39.62 -29.70 37.26
C GLU A 96 40.58 -28.99 38.22
N LYS A 97 41.53 -29.77 38.72
CA LYS A 97 42.62 -29.25 39.53
C LYS A 97 43.99 -29.70 39.05
N SER A 98 44.05 -30.51 37.99
CA SER A 98 45.31 -31.04 37.48
C SER A 98 45.42 -30.97 35.97
N ASN A 99 44.44 -30.40 35.28
CA ASN A 99 44.49 -30.21 33.82
C ASN A 99 44.56 -31.55 33.10
N ILE A 100 43.63 -32.44 33.44
CA ILE A 100 43.58 -33.76 32.78
C ILE A 100 43.10 -33.61 31.34
N ILE A 101 42.04 -32.81 31.14
CA ILE A 101 41.53 -32.59 29.79
C ILE A 101 42.55 -31.77 29.00
N ARG A 102 42.80 -32.18 27.75
CA ARG A 102 43.82 -31.52 26.95
C ARG A 102 43.28 -31.08 25.59
N GLY A 103 42.40 -31.87 24.98
CA GLY A 103 41.98 -31.55 23.63
C GLY A 103 40.68 -32.24 23.27
N TRP A 104 40.34 -32.13 21.98
CA TRP A 104 39.11 -32.69 21.46
C TRP A 104 39.33 -33.09 20.00
N ILE A 105 38.47 -33.97 19.52
CA ILE A 105 38.46 -34.41 18.12
C ILE A 105 37.06 -34.18 17.57
N PHE A 106 36.99 -33.68 16.34
CA PHE A 106 35.72 -33.49 15.66
C PHE A 106 35.83 -34.00 14.23
N GLY A 107 34.74 -34.60 13.74
CA GLY A 107 34.71 -35.10 12.39
C GLY A 107 33.43 -35.87 12.13
N THR A 108 33.31 -36.37 10.91
CA THR A 108 32.16 -37.17 10.49
C THR A 108 32.39 -38.67 10.69
N THR A 109 33.57 -39.18 10.33
CA THR A 109 33.91 -40.57 10.53
C THR A 109 35.13 -40.77 11.42
N LEU A 110 35.86 -39.72 11.76
CA LEU A 110 37.06 -39.81 12.59
C LEU A 110 38.03 -40.86 12.04
N ASP A 111 38.38 -40.71 10.77
CA ASP A 111 39.32 -41.62 10.12
C ASP A 111 39.81 -40.97 8.84
N SER A 112 40.62 -41.69 8.08
CA SER A 112 41.15 -41.18 6.82
C SER A 112 40.07 -41.02 5.76
N LYS A 113 38.87 -41.55 5.99
CA LYS A 113 37.80 -41.42 5.01
C LYS A 113 37.43 -39.96 4.79
N THR A 114 37.37 -39.18 5.87
CA THR A 114 36.93 -37.80 5.81
C THR A 114 37.86 -36.91 6.62
N GLN A 115 37.81 -35.61 6.33
CA GLN A 115 38.60 -34.64 7.06
C GLN A 115 38.11 -34.54 8.50
N SER A 116 39.01 -34.16 9.40
CA SER A 116 38.70 -34.09 10.82
C SER A 116 39.45 -32.94 11.47
N LEU A 117 38.83 -32.36 12.50
CA LEU A 117 39.44 -31.30 13.29
C LEU A 117 40.01 -31.86 14.58
N LEU A 118 41.22 -31.40 14.93
CA LEU A 118 41.91 -31.87 16.13
C LEU A 118 42.48 -30.66 16.87
N ILE A 119 42.03 -30.47 18.11
CA ILE A 119 42.57 -29.47 19.01
C ILE A 119 43.17 -30.19 20.21
N VAL A 120 44.40 -29.85 20.57
CA VAL A 120 45.07 -30.47 21.71
C VAL A 120 46.03 -29.48 22.35
N ASN A 121 46.03 -29.44 23.69
CA ASN A 121 46.96 -28.65 24.47
C ASN A 121 47.88 -29.62 25.21
N ASN A 122 48.97 -30.02 24.55
CA ASN A 122 49.92 -30.92 25.18
C ASN A 122 50.56 -30.27 26.41
N ALA A 123 50.79 -28.96 26.35
CA ALA A 123 51.60 -28.18 27.28
C ALA A 123 52.68 -27.46 26.48
N THR A 124 52.84 -26.17 26.72
CA THR A 124 53.72 -25.23 26.00
C THR A 124 53.36 -25.14 24.53
N ASN A 125 52.18 -25.64 24.13
CA ASN A 125 51.72 -25.47 22.76
C ASN A 125 50.25 -25.85 22.62
N VAL A 126 49.44 -24.95 22.07
CA VAL A 126 48.06 -25.24 21.69
C VAL A 126 48.08 -25.54 20.20
N VAL A 127 47.61 -26.72 19.82
CA VAL A 127 47.71 -27.21 18.45
C VAL A 127 46.31 -27.42 17.89
N ILE A 128 46.04 -26.81 16.74
CA ILE A 128 44.81 -27.03 15.99
C ILE A 128 45.18 -27.46 14.58
N LYS A 129 44.64 -28.59 14.14
CA LYS A 129 44.91 -29.13 12.82
C LYS A 129 43.60 -29.59 12.19
N VAL A 130 43.58 -29.55 10.86
CA VAL A 130 42.41 -30.01 10.08
C VAL A 130 42.95 -30.94 9.01
N CYS A 131 42.91 -32.24 9.29
CA CYS A 131 43.34 -33.24 8.33
C CYS A 131 42.44 -34.46 8.47
N GLU A 132 42.57 -35.38 7.51
CA GLU A 132 41.84 -36.64 7.56
C GLU A 132 42.70 -37.67 8.32
N PHE A 133 42.89 -37.38 9.61
CA PHE A 133 43.68 -38.27 10.45
C PHE A 133 42.98 -39.62 10.59
N GLN A 134 43.78 -40.66 10.80
CA GLN A 134 43.27 -42.00 11.11
C GLN A 134 43.34 -42.16 12.62
N PHE A 135 42.32 -41.66 13.31
CA PHE A 135 42.32 -41.65 14.76
C PHE A 135 42.30 -43.08 15.31
N CYS A 136 42.96 -43.26 16.45
CA CYS A 136 42.93 -44.54 17.14
C CYS A 136 41.54 -44.78 17.74
N ASN A 137 41.26 -46.05 18.03
CA ASN A 137 39.98 -46.39 18.65
C ASN A 137 39.90 -45.82 20.07
N ASP A 138 41.03 -45.73 20.76
CA ASP A 138 41.10 -45.16 22.11
C ASP A 138 42.23 -44.13 22.13
N PRO A 139 42.01 -42.97 21.50
CA PRO A 139 43.08 -41.97 21.42
C PRO A 139 43.19 -41.16 22.69
N PHE A 140 44.43 -40.84 23.06
CA PHE A 140 44.70 -40.07 24.27
C PHE A 140 46.19 -39.78 24.34
N LEU A 141 46.53 -38.79 25.17
CA LEU A 141 47.92 -38.51 25.51
C LEU A 141 48.34 -39.34 26.71
N GLY A 142 49.59 -39.79 26.69
CA GLY A 142 50.12 -40.57 27.78
C GLY A 142 51.23 -39.85 28.52
N VAL A 143 50.96 -39.45 29.76
CA VAL A 143 51.93 -38.73 30.56
C VAL A 143 52.73 -39.73 31.39
N TYR A 144 54.05 -39.58 31.38
CA TYR A 144 54.97 -40.53 32.00
C TYR A 144 55.79 -39.84 33.07
N TYR A 145 55.86 -40.45 34.25
CA TYR A 145 56.75 -39.97 35.32
C TYR A 145 58.17 -40.48 35.06
N HIS A 146 58.84 -39.82 34.11
CA HIS A 146 60.14 -40.29 33.66
C HIS A 146 61.22 -39.87 34.65
N LYS A 147 62.20 -40.75 34.86
CA LYS A 147 63.19 -40.56 35.91
C LYS A 147 64.36 -39.69 35.50
N ASN A 148 64.53 -39.40 34.20
CA ASN A 148 65.63 -38.54 33.79
C ASN A 148 65.46 -37.13 34.37
N ASN A 149 64.23 -36.63 34.36
CA ASN A 149 63.91 -35.33 34.95
C ASN A 149 63.12 -35.44 36.25
N LYS A 150 62.66 -36.64 36.61
CA LYS A 150 61.89 -36.85 37.84
C LYS A 150 60.67 -35.93 37.87
N SER A 151 59.98 -35.83 36.74
CA SER A 151 58.79 -34.99 36.64
C SER A 151 57.88 -35.53 35.55
N TRP A 152 56.59 -35.18 35.66
CA TRP A 152 55.62 -35.60 34.66
C TRP A 152 55.91 -34.95 33.31
N MET A 153 55.74 -35.71 32.24
CA MET A 153 55.84 -35.15 30.90
C MET A 153 55.12 -36.08 29.93
N GLU A 154 54.59 -35.51 28.86
CA GLU A 154 53.94 -36.31 27.83
C GLU A 154 54.99 -37.10 27.04
N SER A 155 54.74 -38.39 26.89
CA SER A 155 55.67 -39.27 26.17
C SER A 155 54.96 -40.04 25.07
N GLU A 156 53.72 -40.44 25.31
CA GLU A 156 52.96 -41.28 24.38
C GLU A 156 51.97 -40.41 23.61
N PHE A 157 52.27 -40.15 22.34
CA PHE A 157 51.36 -39.47 21.43
C PHE A 157 50.57 -40.56 20.71
N ARG A 158 49.33 -40.76 21.13
CA ARG A 158 48.53 -41.88 20.65
C ARG A 158 47.16 -41.40 20.20
N VAL A 159 47.10 -40.32 19.42
CA VAL A 159 45.84 -39.75 18.97
C VAL A 159 45.44 -40.35 17.63
N TYR A 160 46.31 -40.20 16.63
CA TYR A 160 46.03 -40.69 15.29
C TYR A 160 47.25 -41.44 14.74
N SER A 161 46.97 -42.39 13.85
CA SER A 161 48.03 -43.17 13.23
C SER A 161 48.76 -42.40 12.15
N SER A 162 48.03 -41.56 11.39
CA SER A 162 48.62 -40.85 10.27
C SER A 162 47.85 -39.57 10.01
N ALA A 163 48.48 -38.67 9.25
CA ALA A 163 47.88 -37.41 8.83
C ALA A 163 48.10 -37.23 7.35
N ASN A 164 47.05 -36.81 6.64
CA ASN A 164 47.12 -36.66 5.19
C ASN A 164 46.17 -35.55 4.75
N ASN A 165 46.45 -35.02 3.56
CA ASN A 165 45.61 -33.99 2.94
C ASN A 165 45.32 -32.85 3.92
N CYS A 166 46.39 -32.26 4.46
CA CYS A 166 46.24 -31.19 5.42
C CYS A 166 45.75 -29.91 4.74
N THR A 167 44.75 -29.29 5.34
CA THR A 167 44.22 -28.01 4.84
C THR A 167 44.96 -26.84 5.47
N PHE A 168 44.95 -26.75 6.79
CA PHE A 168 45.69 -25.71 7.50
C PHE A 168 45.96 -26.18 8.92
N GLU A 169 46.95 -25.54 9.55
CA GLU A 169 47.31 -25.83 10.93
C GLU A 169 47.75 -24.54 11.60
N TYR A 170 47.63 -24.52 12.92
CA TYR A 170 47.97 -23.33 13.71
C TYR A 170 48.47 -23.77 15.08
N VAL A 171 49.40 -22.99 15.62
CA VAL A 171 49.93 -23.22 16.96
C VAL A 171 50.03 -21.88 17.67
N SER A 172 49.50 -21.83 18.90
CA SER A 172 49.60 -20.63 19.71
C SER A 172 51.01 -20.53 20.30
N GLN A 173 51.30 -19.37 20.90
CA GLN A 173 52.60 -19.18 21.53
C GLN A 173 52.75 -20.14 22.70
N PRO A 174 53.98 -20.59 22.98
CA PRO A 174 54.17 -21.61 24.03
C PRO A 174 53.91 -21.04 25.41
N PHE A 175 53.11 -21.76 26.20
CA PHE A 175 52.88 -21.43 27.60
C PHE A 175 52.61 -22.72 28.36
N LEU A 176 53.31 -22.90 29.48
CA LEU A 176 53.23 -24.14 30.25
C LEU A 176 52.18 -24.03 31.35
N MET A 177 51.47 -25.13 31.57
CA MET A 177 50.50 -25.27 32.64
C MET A 177 51.11 -26.08 33.77
N ASP A 178 50.32 -26.31 34.81
CA ASP A 178 50.75 -27.13 35.94
C ASP A 178 50.11 -28.51 35.81
N LEU A 179 50.95 -29.54 35.72
CA LEU A 179 50.50 -30.91 35.53
C LEU A 179 50.47 -31.71 36.82
N GLU A 180 50.74 -31.08 37.96
CA GLU A 180 50.75 -31.79 39.23
C GLU A 180 49.34 -32.22 39.60
N GLY A 181 49.26 -33.37 40.28
CA GLY A 181 47.98 -33.91 40.70
C GLY A 181 47.45 -33.28 41.98
N LYS A 182 46.95 -32.06 41.88
CA LYS A 182 46.43 -31.36 43.05
C LYS A 182 45.22 -32.10 43.61
N GLN A 183 45.07 -32.04 44.93
CA GLN A 183 43.98 -32.69 45.64
C GLN A 183 42.97 -31.63 46.10
N GLY A 184 41.95 -32.08 46.83
CA GLY A 184 40.95 -31.19 47.37
C GLY A 184 39.94 -30.74 46.32
N ASN A 185 39.27 -29.64 46.64
CA ASN A 185 38.26 -29.09 45.75
C ASN A 185 38.89 -28.68 44.43
N PHE A 186 38.11 -28.78 43.35
CA PHE A 186 38.59 -28.33 42.06
C PHE A 186 38.92 -26.85 42.12
N LYS A 187 40.09 -26.49 41.60
CA LYS A 187 40.57 -25.12 41.63
C LYS A 187 40.31 -24.36 40.33
N ASN A 188 39.65 -24.99 39.35
CA ASN A 188 39.45 -24.37 38.05
C ASN A 188 38.19 -24.93 37.41
N LEU A 189 37.50 -24.06 36.67
CA LEU A 189 36.34 -24.44 35.88
C LEU A 189 36.48 -23.83 34.49
N ARG A 190 36.64 -24.68 33.49
CA ARG A 190 36.79 -24.25 32.10
C ARG A 190 35.53 -24.65 31.34
N GLU A 191 34.85 -23.66 30.76
CA GLU A 191 33.64 -23.88 30.00
C GLU A 191 33.88 -23.48 28.55
N PHE A 192 33.50 -24.36 27.63
CA PHE A 192 33.69 -24.13 26.20
C PHE A 192 32.41 -24.42 25.46
N VAL A 193 32.19 -23.67 24.37
CA VAL A 193 31.07 -23.89 23.47
C VAL A 193 31.62 -23.98 22.05
N PHE A 194 31.29 -25.06 21.36
CA PHE A 194 31.76 -25.32 20.02
C PHE A 194 30.58 -25.31 19.06
N LYS A 195 30.67 -24.48 18.02
CA LYS A 195 29.58 -24.31 17.05
C LYS A 195 30.16 -24.36 15.65
N ASN A 196 29.37 -24.89 14.72
CA ASN A 196 29.76 -25.00 13.31
C ASN A 196 28.56 -24.61 12.45
N ILE A 197 28.62 -23.44 11.83
CA ILE A 197 27.53 -22.93 11.01
C ILE A 197 28.12 -22.34 9.73
N ASP A 198 27.49 -22.61 8.60
CA ASP A 198 27.87 -22.04 7.31
C ASP A 198 29.36 -22.29 7.03
N GLY A 199 29.79 -23.51 7.30
CA GLY A 199 31.18 -23.86 7.07
C GLY A 199 32.17 -23.06 7.89
N TYR A 200 31.73 -22.49 9.01
CA TYR A 200 32.58 -21.72 9.91
C TYR A 200 32.55 -22.37 11.28
N PHE A 201 33.73 -22.65 11.82
CA PHE A 201 33.86 -23.28 13.14
C PHE A 201 34.19 -22.20 14.16
N LYS A 202 33.31 -22.03 15.14
CA LYS A 202 33.48 -21.03 16.19
C LYS A 202 33.65 -21.72 17.53
N ILE A 203 34.58 -21.21 18.34
CA ILE A 203 34.86 -21.74 19.66
C ILE A 203 34.79 -20.60 20.66
N TYR A 204 33.92 -20.73 21.66
CA TYR A 204 33.83 -19.79 22.77
C TYR A 204 34.26 -20.50 24.05
N SER A 205 34.93 -19.75 24.93
CA SER A 205 35.47 -20.34 26.14
C SER A 205 35.41 -19.32 27.27
N LYS A 206 35.49 -19.83 28.50
CA LYS A 206 35.51 -19.00 29.69
C LYS A 206 36.25 -19.75 30.79
N HIS A 207 37.02 -19.01 31.58
CA HIS A 207 37.81 -19.59 32.67
C HIS A 207 37.51 -18.83 33.96
N THR A 208 37.12 -19.57 34.99
CA THR A 208 36.76 -18.98 36.27
C THR A 208 37.26 -19.89 37.39
N PRO A 209 37.59 -19.32 38.55
CA PRO A 209 37.87 -20.14 39.73
C PRO A 209 36.58 -20.72 40.31
N ILE A 210 36.73 -21.81 41.06
CA ILE A 210 35.62 -22.46 41.74
C ILE A 210 36.11 -23.01 43.06
N ASN A 211 35.15 -23.28 43.96
CA ASN A 211 35.42 -23.85 45.28
C ASN A 211 34.44 -24.98 45.56
N LEU A 212 34.02 -25.69 44.53
CA LEU A 212 33.07 -26.79 44.64
C LEU A 212 33.75 -28.10 44.29
N VAL A 213 33.06 -29.20 44.58
CA VAL A 213 33.56 -30.55 44.30
C VAL A 213 32.67 -31.32 43.34
N ARG A 214 31.48 -30.83 43.02
CA ARG A 214 30.55 -31.56 42.17
C ARG A 214 29.57 -30.58 41.55
N ASP A 215 28.90 -31.04 40.50
CA ASP A 215 27.88 -30.26 39.82
C ASP A 215 28.49 -28.99 39.25
N LEU A 216 27.67 -27.98 38.97
CA LEU A 216 28.11 -26.71 38.43
C LEU A 216 27.67 -25.57 39.34
N PRO A 217 28.42 -24.47 39.37
CA PRO A 217 28.01 -23.34 40.20
C PRO A 217 26.70 -22.73 39.72
N GLN A 218 25.93 -22.21 40.66
CA GLN A 218 24.63 -21.62 40.36
C GLN A 218 24.71 -20.19 39.84
N GLY A 219 25.91 -19.61 39.81
CA GLY A 219 26.07 -18.24 39.33
C GLY A 219 25.88 -18.15 37.83
N PHE A 220 26.01 -16.92 37.33
CA PHE A 220 25.85 -16.61 35.92
C PHE A 220 27.14 -16.00 35.39
N SER A 221 27.67 -16.58 34.32
CA SER A 221 28.91 -16.10 33.70
C SER A 221 28.80 -16.22 32.20
N ALA A 222 29.25 -15.18 31.49
CA ALA A 222 29.21 -15.13 30.04
C ALA A 222 30.50 -15.66 29.44
N LEU A 223 30.36 -16.29 28.27
CA LEU A 223 31.50 -16.88 27.56
C LEU A 223 31.92 -15.96 26.43
N GLU A 224 33.23 -15.68 26.33
CA GLU A 224 33.75 -14.78 25.33
C GLU A 224 34.18 -15.56 24.08
N PRO A 225 34.14 -14.93 22.91
CA PRO A 225 34.68 -15.61 21.71
C PRO A 225 36.18 -15.78 21.80
N LEU A 226 36.67 -16.86 21.21
CA LEU A 226 38.10 -17.18 21.21
C LEU A 226 38.70 -17.27 19.83
N VAL A 227 38.01 -17.93 18.89
CA VAL A 227 38.58 -18.14 17.56
C VAL A 227 37.46 -18.57 16.61
N ASP A 228 37.59 -18.17 15.35
CA ASP A 228 36.69 -18.57 14.28
C ASP A 228 37.53 -19.09 13.11
N LEU A 229 37.29 -20.35 12.73
CA LEU A 229 38.06 -21.00 11.68
C LEU A 229 37.16 -21.24 10.46
N PRO A 230 37.33 -20.50 9.37
CA PRO A 230 36.52 -20.76 8.16
C PRO A 230 36.89 -22.06 7.46
N ILE A 231 36.42 -23.17 8.01
CA ILE A 231 36.65 -24.50 7.45
C ILE A 231 35.30 -25.15 7.18
N GLY A 232 35.12 -25.65 5.96
CA GLY A 232 33.85 -26.23 5.57
C GLY A 232 33.78 -27.72 5.79
N ILE A 233 34.67 -28.25 6.65
CA ILE A 233 34.68 -29.68 6.91
C ILE A 233 33.36 -30.09 7.54
N ASN A 234 32.78 -31.18 7.04
CA ASN A 234 31.52 -31.69 7.56
C ASN A 234 31.79 -32.47 8.84
N ILE A 235 31.12 -32.10 9.92
CA ILE A 235 31.33 -32.68 11.24
C ILE A 235 29.99 -33.17 11.77
N THR A 236 29.98 -34.40 12.30
CA THR A 236 28.80 -34.96 12.94
C THR A 236 29.11 -35.67 14.24
N ARG A 237 30.38 -35.87 14.59
CA ARG A 237 30.75 -36.60 15.80
C ARG A 237 32.01 -35.96 16.37
N PHE A 238 32.24 -36.16 17.66
CA PHE A 238 33.42 -35.63 18.32
C PHE A 238 33.79 -36.55 19.48
N GLN A 239 34.99 -36.33 20.03
CA GLN A 239 35.45 -37.11 21.16
C GLN A 239 36.36 -36.25 22.02
N THR A 240 36.50 -36.66 23.28
CA THR A 240 37.34 -35.96 24.24
C THR A 240 38.75 -36.56 24.24
N LEU A 241 39.71 -35.75 24.70
CA LEU A 241 41.10 -36.17 24.82
C LEU A 241 41.55 -35.94 26.26
N LEU A 242 42.16 -36.97 26.85
CA LEU A 242 42.63 -36.91 28.22
C LEU A 242 44.10 -37.29 28.28
N ALA A 243 44.79 -36.76 29.30
CA ALA A 243 46.21 -37.04 29.51
C ALA A 243 46.31 -38.15 30.55
N LEU A 244 46.08 -39.38 30.11
CA LEU A 244 46.10 -40.52 31.03
C LEU A 244 47.50 -40.76 31.56
N HIS A 245 47.59 -41.09 32.84
CA HIS A 245 48.86 -41.43 33.47
C HIS A 245 49.19 -42.88 33.17
N ARG A 246 50.47 -43.14 32.88
CA ARG A 246 50.92 -44.50 32.59
C ARG A 246 51.11 -45.24 33.91
N SER A 247 50.24 -46.22 34.18
CA SER A 247 50.33 -46.96 35.43
C SER A 247 51.67 -47.64 35.60
N TYR A 248 52.36 -47.97 34.49
CA TYR A 248 53.68 -48.59 34.59
C TYR A 248 54.69 -47.65 35.24
N LEU A 249 54.54 -46.34 35.01
CA LEU A 249 55.44 -45.33 35.56
C LEU A 249 54.65 -44.26 36.29
N THR A 250 53.71 -44.68 37.13
CA THR A 250 52.96 -43.77 37.97
C THR A 250 53.41 -43.90 39.43
N PRO A 251 53.44 -42.82 40.21
CA PRO A 251 53.82 -42.97 41.62
C PRO A 251 52.88 -43.94 42.34
N GLY A 252 53.46 -44.80 43.16
CA GLY A 252 52.70 -45.80 43.89
C GLY A 252 52.27 -47.00 43.07
N ASP A 253 51.70 -46.76 41.89
CA ASP A 253 51.19 -47.83 41.04
C ASP A 253 52.19 -48.12 39.92
N SER A 254 52.54 -49.41 39.77
CA SER A 254 53.45 -49.85 38.72
C SER A 254 52.83 -50.88 37.80
N SER A 255 51.56 -51.25 38.00
CA SER A 255 50.93 -52.26 37.17
C SER A 255 50.76 -51.75 35.74
N SER A 256 50.85 -52.67 34.78
CA SER A 256 50.65 -52.31 33.39
C SER A 256 49.22 -51.81 33.17
N GLY A 257 49.07 -50.82 32.29
CA GLY A 257 47.81 -50.20 31.99
C GLY A 257 47.92 -48.69 32.10
N TRP A 258 46.77 -48.04 32.16
CA TRP A 258 46.70 -46.58 32.26
C TRP A 258 45.71 -46.19 33.34
N THR A 259 46.11 -45.19 34.15
CA THR A 259 45.27 -44.68 35.23
C THR A 259 45.07 -43.19 35.03
N ALA A 260 43.85 -42.72 35.30
CA ALA A 260 43.47 -41.33 35.11
C ALA A 260 43.19 -40.69 36.46
N GLY A 261 43.74 -39.50 36.67
CA GLY A 261 43.49 -38.78 37.90
C GLY A 261 42.08 -38.21 37.97
N ALA A 262 41.73 -37.71 39.15
CA ALA A 262 40.39 -37.19 39.38
C ALA A 262 40.04 -36.09 38.39
N ALA A 263 39.09 -36.37 37.49
CA ALA A 263 38.65 -35.40 36.50
C ALA A 263 37.13 -35.51 36.36
N ALA A 264 36.49 -34.37 36.12
CA ALA A 264 35.05 -34.30 35.96
C ALA A 264 34.71 -33.28 34.88
N TYR A 265 33.89 -33.67 33.92
CA TYR A 265 33.44 -32.78 32.86
C TYR A 265 31.98 -33.06 32.55
N TYR A 266 31.34 -32.09 31.89
CA TYR A 266 29.92 -32.14 31.58
C TYR A 266 29.71 -31.81 30.11
N VAL A 267 28.77 -32.48 29.48
CA VAL A 267 28.50 -32.33 28.06
C VAL A 267 27.03 -31.99 27.87
N GLY A 268 26.76 -30.93 27.10
CA GLY A 268 25.40 -30.57 26.76
C GLY A 268 25.34 -30.02 25.34
N TYR A 269 24.16 -30.14 24.75
CA TYR A 269 23.94 -29.77 23.36
C TYR A 269 23.07 -28.54 23.26
N LEU A 270 23.35 -27.73 22.25
CA LEU A 270 22.63 -26.48 22.01
C LEU A 270 21.42 -26.73 21.11
N GLN A 271 20.40 -25.91 21.31
CA GLN A 271 19.19 -25.93 20.50
C GLN A 271 18.82 -24.51 20.14
N PRO A 272 18.09 -24.31 19.03
CA PRO A 272 17.70 -22.95 18.66
C PRO A 272 16.73 -22.34 19.67
N ARG A 273 17.19 -21.32 20.39
CA ARG A 273 16.41 -20.67 21.43
C ARG A 273 16.49 -19.17 21.27
N THR A 274 15.49 -18.48 21.81
CA THR A 274 15.45 -17.02 21.84
C THR A 274 15.76 -16.55 23.24
N PHE A 275 16.72 -15.64 23.36
CA PHE A 275 17.20 -15.17 24.66
C PHE A 275 17.09 -13.66 24.75
N LEU A 276 16.93 -13.18 25.98
CA LEU A 276 16.96 -11.75 26.30
C LEU A 276 18.18 -11.50 27.16
N LEU A 277 19.20 -10.88 26.57
CA LEU A 277 20.48 -10.67 27.22
C LEU A 277 20.57 -9.23 27.69
N LYS A 278 20.99 -9.03 28.94
CA LYS A 278 21.10 -7.71 29.55
C LYS A 278 22.56 -7.27 29.51
N TYR A 279 22.84 -6.19 28.78
CA TYR A 279 24.17 -5.61 28.71
C TYR A 279 24.27 -4.47 29.72
N ASN A 280 25.33 -4.48 30.52
CA ASN A 280 25.51 -3.46 31.54
C ASN A 280 26.27 -2.27 30.94
N GLU A 281 26.68 -1.33 31.80
CA GLU A 281 27.38 -0.14 31.31
C GLU A 281 28.67 -0.51 30.61
N ASN A 282 29.44 -1.44 31.18
CA ASN A 282 30.72 -1.84 30.61
C ASN A 282 30.56 -2.77 29.41
N GLY A 283 29.35 -3.23 29.12
CA GLY A 283 29.10 -4.09 27.97
C GLY A 283 29.16 -5.57 28.25
N THR A 284 29.18 -5.99 29.52
CA THR A 284 29.20 -7.39 29.87
C THR A 284 27.79 -7.90 30.10
N ILE A 285 27.50 -9.10 29.62
CA ILE A 285 26.18 -9.71 29.75
C ILE A 285 26.06 -10.19 31.20
N THR A 286 25.39 -9.40 32.03
CA THR A 286 25.29 -9.73 33.46
C THR A 286 24.16 -10.72 33.74
N ASP A 287 23.19 -10.86 32.84
CA ASP A 287 22.06 -11.74 33.05
C ASP A 287 21.44 -12.10 31.72
N ALA A 288 20.67 -13.19 31.72
CA ALA A 288 19.98 -13.65 30.53
C ALA A 288 18.70 -14.37 30.93
N VAL A 289 17.72 -14.33 30.02
CA VAL A 289 16.42 -14.97 30.23
C VAL A 289 16.13 -15.86 29.03
N ASP A 290 15.75 -17.10 29.29
CA ASP A 290 15.36 -18.03 28.23
C ASP A 290 13.85 -17.90 28.01
N CYS A 291 13.48 -17.50 26.78
CA CYS A 291 12.07 -17.21 26.51
C CYS A 291 11.19 -18.46 26.64
N ALA A 292 11.70 -19.62 26.23
CA ALA A 292 10.91 -20.84 26.24
C ALA A 292 10.85 -21.50 27.61
N LEU A 293 11.63 -21.02 28.59
CA LEU A 293 11.73 -21.68 29.88
C LEU A 293 10.36 -21.90 30.52
N ASP A 294 9.64 -20.82 30.80
CA ASP A 294 8.36 -20.90 31.50
C ASP A 294 7.50 -19.74 31.05
N PRO A 295 6.21 -19.76 31.38
CA PRO A 295 5.34 -18.65 30.96
C PRO A 295 5.82 -17.30 31.46
N LEU A 296 6.38 -17.24 32.66
CA LEU A 296 6.90 -15.97 33.17
C LEU A 296 8.06 -15.48 32.31
N SER A 297 8.95 -16.38 31.90
CA SER A 297 10.06 -15.99 31.03
C SER A 297 9.55 -15.54 29.67
N GLU A 298 8.51 -16.22 29.15
CA GLU A 298 7.91 -15.78 27.89
C GLU A 298 7.34 -14.37 28.03
N THR A 299 6.67 -14.08 29.14
CA THR A 299 6.17 -12.74 29.37
C THR A 299 7.31 -11.73 29.46
N LYS A 300 8.40 -12.10 30.14
CA LYS A 300 9.56 -11.22 30.22
C LYS A 300 10.10 -10.90 28.84
N CYS A 301 10.24 -11.92 27.99
CA CYS A 301 10.72 -11.69 26.63
C CYS A 301 9.76 -10.81 25.86
N THR A 302 8.46 -11.04 26.00
CA THR A 302 7.48 -10.22 25.29
C THR A 302 7.58 -8.76 25.70
N LEU A 303 7.67 -8.50 27.01
CA LEU A 303 7.77 -7.13 27.51
C LEU A 303 9.17 -6.54 27.34
N LYS A 304 10.15 -7.33 26.94
CA LYS A 304 11.53 -6.85 26.77
C LYS A 304 12.06 -6.28 28.09
N SER A 305 11.71 -6.91 29.20
CA SER A 305 12.12 -6.44 30.51
C SER A 305 12.24 -7.61 31.47
N PHE A 306 13.13 -7.48 32.44
CA PHE A 306 13.29 -8.46 33.50
C PHE A 306 12.31 -8.26 34.64
N THR A 307 11.63 -7.11 34.70
CA THR A 307 10.66 -6.81 35.74
C THR A 307 9.28 -6.70 35.10
N VAL A 308 8.32 -7.45 35.64
CA VAL A 308 6.95 -7.46 35.14
C VAL A 308 6.03 -6.99 36.26
N GLU A 309 5.19 -6.02 35.96
CA GLU A 309 4.27 -5.48 36.95
C GLU A 309 3.00 -6.33 37.02
N LYS A 310 2.23 -6.12 38.07
CA LYS A 310 0.98 -6.87 38.25
C LYS A 310 0.04 -6.59 37.07
N GLY A 311 -0.54 -7.65 36.54
CA GLY A 311 -1.46 -7.52 35.43
C GLY A 311 -1.53 -8.81 34.63
N ILE A 312 -2.22 -8.71 33.50
CA ILE A 312 -2.40 -9.81 32.57
C ILE A 312 -1.86 -9.39 31.21
N TYR A 313 -1.03 -10.22 30.61
CA TYR A 313 -0.35 -9.90 29.35
C TYR A 313 -0.63 -10.99 28.32
N GLN A 314 -0.97 -10.56 27.10
CA GLN A 314 -1.08 -11.50 26.00
C GLN A 314 0.31 -11.86 25.50
N THR A 315 0.59 -13.16 25.41
CA THR A 315 1.93 -13.64 25.08
C THR A 315 2.01 -14.40 23.77
N SER A 316 1.18 -15.42 23.58
CA SER A 316 1.29 -16.28 22.39
C SER A 316 -0.11 -16.73 21.99
N ASN A 317 -0.17 -17.62 21.01
CA ASN A 317 -1.42 -18.17 20.49
C ASN A 317 -1.38 -19.69 20.60
N PHE A 318 -2.46 -20.27 21.10
CA PHE A 318 -2.57 -21.72 21.24
C PHE A 318 -3.29 -22.27 20.01
N ARG A 319 -2.54 -22.93 19.13
CA ARG A 319 -3.07 -23.47 17.88
C ARG A 319 -3.04 -24.99 17.94
N VAL A 320 -4.18 -25.61 17.65
CA VAL A 320 -4.30 -27.06 17.67
C VAL A 320 -3.99 -27.58 16.27
N GLN A 321 -2.95 -28.41 16.15
CA GLN A 321 -2.57 -28.97 14.87
C GLN A 321 -3.36 -30.25 14.58
N PRO A 322 -3.57 -30.57 13.31
CA PRO A 322 -4.30 -31.80 12.98
C PRO A 322 -3.56 -33.05 13.42
N THR A 323 -4.32 -34.08 13.76
CA THR A 323 -3.77 -35.35 14.23
C THR A 323 -3.71 -36.41 13.15
N GLU A 324 -4.58 -36.35 12.14
CA GLU A 324 -4.64 -37.38 11.12
C GLU A 324 -4.95 -36.71 9.78
N SER A 325 -5.17 -37.53 8.76
CA SER A 325 -5.57 -37.06 7.44
C SER A 325 -6.70 -37.94 6.92
N ILE A 326 -7.68 -37.32 6.27
CA ILE A 326 -8.86 -38.01 5.77
C ILE A 326 -9.03 -37.67 4.29
N VAL A 327 -9.17 -38.70 3.47
CA VAL A 327 -9.47 -38.56 2.05
C VAL A 327 -10.66 -39.46 1.74
N ARG A 328 -11.77 -38.85 1.32
CA ARG A 328 -12.98 -39.56 0.96
C ARG A 328 -13.34 -39.24 -0.48
N PHE A 329 -13.65 -40.28 -1.25
CA PHE A 329 -13.96 -40.17 -2.67
C PHE A 329 -15.24 -40.94 -2.97
N PRO A 330 -15.87 -40.66 -4.11
CA PRO A 330 -17.19 -41.27 -4.39
C PRO A 330 -17.23 -42.78 -4.20
N ASN A 331 -18.44 -43.33 -4.16
CA ASN A 331 -18.64 -44.75 -3.87
C ASN A 331 -17.96 -45.63 -4.90
N ILE A 332 -17.97 -46.95 -4.67
CA ILE A 332 -17.20 -47.90 -5.47
C ILE A 332 -17.41 -47.65 -6.96
N THR A 333 -18.66 -47.46 -7.38
CA THR A 333 -19.09 -46.83 -8.62
C THR A 333 -19.01 -47.79 -9.82
N ASN A 334 -18.46 -47.33 -10.93
CA ASN A 334 -18.39 -48.09 -12.18
C ASN A 334 -17.03 -48.76 -12.35
N LEU A 335 -16.86 -49.93 -11.73
CA LEU A 335 -15.64 -50.69 -11.92
C LEU A 335 -15.55 -51.19 -13.35
N CYS A 336 -14.33 -51.54 -13.77
CA CYS A 336 -14.13 -52.00 -15.13
C CYS A 336 -14.89 -53.31 -15.35
N PRO A 337 -15.31 -53.60 -16.59
CA PRO A 337 -16.15 -54.78 -16.81
C PRO A 337 -15.38 -56.09 -16.70
N PHE A 338 -15.02 -56.47 -15.48
CA PHE A 338 -14.36 -57.75 -15.26
C PHE A 338 -15.33 -58.91 -15.47
N GLY A 339 -16.58 -58.75 -15.03
CA GLY A 339 -17.54 -59.83 -15.17
C GLY A 339 -17.75 -60.24 -16.61
N GLU A 340 -17.74 -59.27 -17.53
CA GLU A 340 -17.91 -59.59 -18.95
C GLU A 340 -16.91 -60.63 -19.40
N VAL A 341 -15.64 -60.45 -19.04
CA VAL A 341 -14.61 -61.41 -19.43
C VAL A 341 -14.72 -62.68 -18.60
N PHE A 342 -14.94 -62.56 -17.29
CA PHE A 342 -14.91 -63.72 -16.40
C PHE A 342 -16.23 -64.47 -16.42
N ASN A 343 -17.35 -63.76 -16.27
CA ASN A 343 -18.66 -64.39 -16.23
C ASN A 343 -19.22 -64.69 -17.62
N ALA A 344 -18.44 -64.48 -18.69
CA ALA A 344 -18.91 -64.77 -20.03
C ALA A 344 -19.31 -66.24 -20.15
N THR A 345 -20.47 -66.48 -20.78
CA THR A 345 -20.98 -67.84 -20.88
C THR A 345 -20.05 -68.72 -21.71
N ARG A 346 -19.56 -68.22 -22.82
CA ARG A 346 -18.70 -68.98 -23.74
C ARG A 346 -17.45 -68.19 -24.05
N PHE A 347 -16.31 -68.90 -24.08
CA PHE A 347 -15.03 -68.32 -24.43
C PHE A 347 -14.61 -68.79 -25.81
N ALA A 348 -13.74 -68.01 -26.45
CA ALA A 348 -13.25 -68.36 -27.77
C ALA A 348 -12.21 -69.46 -27.69
N SER A 349 -11.75 -69.90 -28.86
CA SER A 349 -10.76 -70.96 -28.93
C SER A 349 -9.37 -70.43 -28.61
N VAL A 350 -8.45 -71.36 -28.31
CA VAL A 350 -7.08 -70.96 -28.00
C VAL A 350 -6.43 -70.32 -29.22
N TYR A 351 -6.61 -70.91 -30.40
CA TYR A 351 -6.09 -70.31 -31.61
C TYR A 351 -6.84 -69.03 -31.96
N ALA A 352 -8.12 -68.96 -31.61
CA ALA A 352 -8.95 -67.77 -31.80
C ALA A 352 -9.18 -67.02 -30.50
N TRP A 353 -8.16 -66.96 -29.65
CA TRP A 353 -8.30 -66.33 -28.34
C TRP A 353 -8.86 -64.92 -28.49
N ASN A 354 -9.85 -64.60 -27.66
CA ASN A 354 -10.55 -63.32 -27.74
C ASN A 354 -9.80 -62.26 -26.95
N ARG A 355 -9.53 -61.14 -27.61
CA ARG A 355 -8.84 -60.00 -26.99
C ARG A 355 -9.86 -58.93 -26.64
N LYS A 356 -9.83 -58.47 -25.39
CA LYS A 356 -10.74 -57.44 -24.90
C LYS A 356 -9.90 -56.27 -24.40
N ARG A 357 -10.10 -55.10 -25.00
CA ARG A 357 -9.40 -53.90 -24.57
C ARG A 357 -10.17 -53.22 -23.44
N ILE A 358 -9.46 -52.88 -22.37
CA ILE A 358 -10.04 -52.20 -21.22
C ILE A 358 -9.27 -50.91 -21.01
N SER A 359 -10.00 -49.79 -20.99
CA SER A 359 -9.39 -48.48 -20.80
C SER A 359 -10.46 -47.51 -20.35
N ASN A 360 -10.02 -46.45 -19.66
CA ASN A 360 -10.92 -45.38 -19.20
C ASN A 360 -11.97 -45.94 -18.25
N CYS A 361 -11.51 -46.61 -17.19
CA CYS A 361 -12.38 -47.14 -16.17
C CYS A 361 -11.54 -47.52 -14.97
N VAL A 362 -12.16 -47.46 -13.79
CA VAL A 362 -11.48 -47.84 -12.55
C VAL A 362 -11.48 -49.36 -12.44
N ALA A 363 -10.30 -49.93 -12.20
CA ALA A 363 -10.13 -51.38 -12.12
C ALA A 363 -10.06 -51.81 -10.66
N ASP A 364 -11.01 -52.63 -10.24
CA ASP A 364 -11.05 -53.17 -8.89
C ASP A 364 -10.49 -54.60 -8.95
N TYR A 365 -9.16 -54.69 -8.92
CA TYR A 365 -8.50 -55.99 -9.00
C TYR A 365 -8.73 -56.85 -7.76
N SER A 366 -9.21 -56.28 -6.67
CA SER A 366 -9.44 -57.06 -5.46
C SER A 366 -10.38 -58.22 -5.71
N VAL A 367 -11.34 -58.06 -6.62
CA VAL A 367 -12.27 -59.14 -6.94
C VAL A 367 -11.55 -60.31 -7.59
N LEU A 368 -10.32 -60.11 -8.06
CA LEU A 368 -9.58 -61.18 -8.71
C LEU A 368 -8.88 -62.07 -7.71
N TYR A 369 -8.06 -61.49 -6.82
CA TYR A 369 -7.24 -62.28 -5.86
C TYR A 369 -8.05 -62.50 -4.57
N ASN A 370 -8.87 -61.53 -4.15
CA ASN A 370 -9.75 -61.71 -2.96
C ASN A 370 -10.67 -62.89 -3.25
N SER A 371 -10.90 -63.20 -4.54
CA SER A 371 -11.75 -64.35 -4.96
C SER A 371 -10.86 -65.57 -5.24
N ALA A 372 -11.12 -66.70 -4.59
CA ALA A 372 -10.35 -67.95 -4.77
C ALA A 372 -11.03 -68.82 -5.84
N SER A 373 -11.71 -68.20 -6.81
CA SER A 373 -12.42 -68.92 -7.90
C SER A 373 -11.49 -69.06 -9.12
N PHE A 374 -10.19 -69.24 -8.90
CA PHE A 374 -9.19 -69.36 -9.99
C PHE A 374 -8.14 -70.41 -9.63
N SER A 375 -8.04 -71.49 -10.41
CA SER A 375 -7.07 -72.54 -10.18
C SER A 375 -5.65 -72.00 -10.16
N THR A 376 -5.33 -71.10 -11.09
CA THR A 376 -4.00 -70.52 -11.20
C THR A 376 -4.10 -69.00 -11.17
N PHE A 377 -3.26 -68.38 -10.34
CA PHE A 377 -3.20 -66.92 -10.26
C PHE A 377 -1.74 -66.52 -10.09
N LYS A 378 -1.20 -65.80 -11.07
CA LYS A 378 0.18 -65.34 -11.01
C LYS A 378 0.30 -64.03 -11.79
N CYS A 379 1.32 -63.26 -11.44
CA CYS A 379 1.58 -61.98 -12.10
C CYS A 379 3.08 -61.83 -12.32
N TYR A 380 3.42 -61.04 -13.34
CA TYR A 380 4.81 -60.81 -13.72
C TYR A 380 5.06 -59.31 -13.82
N GLY A 381 6.13 -58.84 -13.19
CA GLY A 381 6.51 -57.45 -13.26
C GLY A 381 5.78 -56.53 -12.30
N VAL A 382 4.79 -57.05 -11.56
CA VAL A 382 4.03 -56.25 -10.62
C VAL A 382 3.55 -57.14 -9.49
N SER A 383 3.35 -56.54 -8.32
CA SER A 383 2.81 -57.25 -7.17
C SER A 383 1.30 -57.39 -7.33
N PRO A 384 0.74 -58.60 -7.24
CA PRO A 384 -0.72 -58.73 -7.42
C PRO A 384 -1.52 -57.87 -6.45
N THR A 385 -1.07 -57.74 -5.20
CA THR A 385 -1.77 -56.89 -4.24
C THR A 385 -1.66 -55.42 -4.59
N LYS A 386 -0.64 -55.04 -5.37
CA LYS A 386 -0.45 -53.65 -5.75
C LYS A 386 -1.29 -53.25 -6.95
N LEU A 387 -1.96 -54.21 -7.61
CA LEU A 387 -2.73 -53.89 -8.80
C LEU A 387 -3.80 -52.84 -8.52
N ASN A 388 -4.44 -52.93 -7.36
CA ASN A 388 -5.50 -51.99 -7.01
C ASN A 388 -4.99 -50.57 -6.80
N ASP A 389 -3.67 -50.37 -6.72
CA ASP A 389 -3.08 -49.05 -6.58
C ASP A 389 -2.19 -48.69 -7.77
N LEU A 390 -2.53 -49.17 -8.97
CA LEU A 390 -1.73 -48.94 -10.16
C LEU A 390 -2.62 -48.35 -11.26
N CYS A 391 -1.98 -47.61 -12.17
CA CYS A 391 -2.65 -47.00 -13.30
C CYS A 391 -1.92 -47.40 -14.58
N PHE A 392 -2.69 -47.67 -15.63
CA PHE A 392 -2.13 -48.17 -16.88
C PHE A 392 -2.79 -47.46 -18.06
N THR A 393 -2.04 -47.35 -19.15
CA THR A 393 -2.57 -46.74 -20.37
C THR A 393 -3.64 -47.61 -21.00
N ASN A 394 -3.35 -48.90 -21.17
CA ASN A 394 -4.29 -49.82 -21.80
C ASN A 394 -4.15 -51.18 -21.16
N VAL A 395 -5.20 -51.98 -21.29
CA VAL A 395 -5.24 -53.34 -20.76
C VAL A 395 -5.88 -54.25 -21.80
N TYR A 396 -5.31 -55.45 -21.94
CA TYR A 396 -5.77 -56.42 -22.92
C TYR A 396 -6.01 -57.75 -22.22
N ALA A 397 -7.26 -58.21 -22.23
CA ALA A 397 -7.65 -59.46 -21.58
C ALA A 397 -7.80 -60.53 -22.65
N ASP A 398 -6.88 -61.50 -22.66
CA ASP A 398 -6.89 -62.60 -23.62
C ASP A 398 -7.58 -63.80 -22.97
N SER A 399 -8.75 -64.15 -23.49
CA SER A 399 -9.57 -65.23 -22.94
C SER A 399 -9.66 -66.37 -23.95
N PHE A 400 -9.52 -67.60 -23.45
CA PHE A 400 -9.60 -68.80 -24.28
C PHE A 400 -9.71 -69.99 -23.34
N VAL A 401 -9.70 -71.20 -23.91
CA VAL A 401 -9.81 -72.44 -23.17
C VAL A 401 -8.72 -73.39 -23.62
N ILE A 402 -8.04 -74.02 -22.66
CA ILE A 402 -7.01 -75.01 -22.94
C ILE A 402 -7.08 -76.11 -21.89
N ARG A 403 -6.44 -77.24 -22.18
CA ARG A 403 -6.41 -78.34 -21.25
C ARG A 403 -5.67 -77.94 -19.98
N GLY A 404 -6.11 -78.49 -18.84
CA GLY A 404 -5.50 -78.13 -17.57
C GLY A 404 -4.02 -78.46 -17.54
N ASP A 405 -3.65 -79.64 -18.04
CA ASP A 405 -2.23 -80.02 -18.07
C ASP A 405 -1.40 -79.10 -18.95
N GLU A 406 -2.02 -78.42 -19.91
CA GLU A 406 -1.32 -77.50 -20.79
C GLU A 406 -1.24 -76.09 -20.23
N VAL A 407 -1.77 -75.85 -19.02
CA VAL A 407 -1.71 -74.52 -18.44
C VAL A 407 -0.27 -74.08 -18.23
N ARG A 408 0.64 -75.04 -18.01
CA ARG A 408 2.04 -74.68 -17.80
C ARG A 408 2.62 -73.96 -19.00
N GLN A 409 2.14 -74.27 -20.20
CA GLN A 409 2.65 -73.62 -21.41
C GLN A 409 2.29 -72.14 -21.47
N ILE A 410 1.34 -71.69 -20.65
CA ILE A 410 0.93 -70.28 -20.64
C ILE A 410 1.84 -69.58 -19.62
N ALA A 411 3.01 -69.17 -20.08
CA ALA A 411 3.96 -68.45 -19.25
C ALA A 411 5.10 -67.96 -20.14
N PRO A 412 5.85 -66.96 -19.69
CA PRO A 412 6.95 -66.44 -20.52
C PRO A 412 7.97 -67.53 -20.85
N GLY A 413 8.48 -67.48 -22.08
CA GLY A 413 9.49 -68.42 -22.52
C GLY A 413 9.04 -69.86 -22.59
N GLN A 414 7.73 -70.10 -22.63
CA GLN A 414 7.22 -71.47 -22.67
C GLN A 414 7.29 -72.02 -24.10
N THR A 415 7.27 -73.35 -24.19
CA THR A 415 7.33 -74.03 -25.48
C THR A 415 6.10 -74.91 -25.65
N GLY A 416 6.08 -75.72 -26.71
CA GLY A 416 4.96 -76.58 -27.01
C GLY A 416 4.03 -75.99 -28.06
N LYS A 417 3.07 -76.82 -28.47
CA LYS A 417 2.14 -76.38 -29.51
C LYS A 417 1.32 -75.19 -29.06
N ILE A 418 0.82 -75.20 -27.82
CA ILE A 418 0.01 -74.09 -27.33
C ILE A 418 0.81 -72.80 -27.33
N ALA A 419 2.05 -72.86 -26.83
CA ALA A 419 2.88 -71.66 -26.78
C ALA A 419 3.35 -71.25 -28.17
N ASP A 420 3.80 -72.22 -28.98
CA ASP A 420 4.42 -71.90 -30.26
C ASP A 420 3.39 -71.39 -31.26
N TYR A 421 2.27 -72.11 -31.42
CA TYR A 421 1.38 -71.92 -32.56
C TYR A 421 -0.01 -71.44 -32.20
N ASN A 422 -0.35 -71.37 -30.91
CA ASN A 422 -1.68 -70.93 -30.48
C ASN A 422 -1.64 -69.59 -29.74
N TYR A 423 -0.72 -69.45 -28.78
CA TYR A 423 -0.58 -68.18 -28.07
C TYR A 423 0.80 -68.14 -27.43
N LYS A 424 1.63 -67.20 -27.86
CA LYS A 424 2.98 -67.04 -27.34
C LYS A 424 3.05 -65.78 -26.48
N LEU A 425 3.78 -65.88 -25.37
CA LEU A 425 3.93 -64.77 -24.45
C LEU A 425 5.35 -64.21 -24.52
N PRO A 426 5.51 -62.90 -24.29
CA PRO A 426 6.86 -62.33 -24.29
C PRO A 426 7.67 -62.81 -23.09
N ASP A 427 8.99 -62.80 -23.25
CA ASP A 427 9.87 -63.27 -22.18
C ASP A 427 9.74 -62.39 -20.94
N ASP A 428 9.62 -61.08 -21.14
CA ASP A 428 9.50 -60.12 -20.05
C ASP A 428 8.06 -59.66 -19.85
N PHE A 429 7.11 -60.59 -19.97
CA PHE A 429 5.69 -60.27 -19.86
C PHE A 429 5.38 -59.53 -18.56
N THR A 430 4.61 -58.45 -18.69
CA THR A 430 4.17 -57.63 -17.57
C THR A 430 2.65 -57.74 -17.49
N GLY A 431 2.17 -58.49 -16.51
CA GLY A 431 0.74 -58.68 -16.36
C GLY A 431 0.45 -59.84 -15.44
N CYS A 432 -0.77 -60.36 -15.56
CA CYS A 432 -1.22 -61.49 -14.76
C CYS A 432 -1.90 -62.52 -15.65
N VAL A 433 -1.80 -63.78 -15.23
CA VAL A 433 -2.43 -64.90 -15.92
C VAL A 433 -3.35 -65.61 -14.93
N ILE A 434 -4.59 -65.85 -15.35
CA ILE A 434 -5.60 -66.44 -14.48
C ILE A 434 -6.25 -67.61 -15.22
N ALA A 435 -6.45 -68.72 -14.51
CA ALA A 435 -7.08 -69.89 -15.09
C ALA A 435 -7.97 -70.55 -14.05
N TRP A 436 -9.00 -71.25 -14.51
CA TRP A 436 -9.89 -71.98 -13.62
C TRP A 436 -10.51 -73.14 -14.37
N ASN A 437 -11.04 -74.11 -13.62
CA ASN A 437 -11.63 -75.29 -14.21
C ASN A 437 -12.91 -74.94 -14.95
N SER A 438 -13.13 -75.62 -16.08
CA SER A 438 -14.33 -75.40 -16.90
C SER A 438 -14.91 -76.71 -17.40
N ASN A 439 -14.69 -77.81 -16.67
CA ASN A 439 -15.23 -79.10 -17.10
C ASN A 439 -16.75 -79.06 -17.13
N ASN A 440 -17.38 -78.47 -16.12
CA ASN A 440 -18.83 -78.40 -16.06
C ASN A 440 -19.41 -77.48 -17.14
N LEU A 441 -18.59 -76.69 -17.82
CA LEU A 441 -19.04 -75.74 -18.82
C LEU A 441 -18.55 -76.06 -20.22
N ASP A 442 -17.30 -76.51 -20.36
CA ASP A 442 -16.68 -76.73 -21.67
C ASP A 442 -16.62 -78.19 -22.06
N SER A 443 -17.34 -79.07 -21.38
CA SER A 443 -17.35 -80.50 -21.68
C SER A 443 -18.78 -80.96 -21.90
N LYS A 444 -18.96 -81.91 -22.81
CA LYS A 444 -20.26 -82.49 -23.10
C LYS A 444 -20.12 -84.00 -23.23
N VAL A 445 -21.22 -84.71 -22.98
CA VAL A 445 -21.21 -86.16 -23.09
C VAL A 445 -20.98 -86.56 -24.54
N GLY A 446 -20.08 -87.52 -24.74
CA GLY A 446 -19.75 -87.98 -26.08
C GLY A 446 -18.63 -87.22 -26.75
N GLY A 447 -18.14 -86.14 -26.14
CA GLY A 447 -17.05 -85.36 -26.70
C GLY A 447 -17.49 -83.99 -27.17
N ASN A 448 -17.01 -82.95 -26.50
CA ASN A 448 -17.29 -81.57 -26.87
C ASN A 448 -16.23 -81.11 -27.86
N TYR A 449 -16.64 -80.91 -29.12
CA TYR A 449 -15.72 -80.56 -30.19
C TYR A 449 -15.88 -79.13 -30.66
N ASN A 450 -16.27 -78.20 -29.79
CA ASN A 450 -16.41 -76.81 -30.19
C ASN A 450 -15.06 -76.09 -30.10
N TYR A 451 -14.28 -76.37 -29.06
CA TYR A 451 -13.00 -75.70 -28.86
C TYR A 451 -11.95 -76.31 -29.78
N LEU A 452 -11.16 -75.46 -30.43
CA LEU A 452 -10.16 -75.88 -31.39
C LEU A 452 -8.81 -75.24 -31.05
N TYR A 453 -7.75 -75.91 -31.47
CA TYR A 453 -6.39 -75.41 -31.26
C TYR A 453 -5.54 -75.71 -32.49
N ARG A 454 -4.54 -74.86 -32.71
CA ARG A 454 -3.64 -75.01 -33.84
C ARG A 454 -2.48 -75.91 -33.45
N LEU A 455 -2.35 -77.04 -34.14
CA LEU A 455 -1.28 -78.00 -33.86
C LEU A 455 -0.10 -77.86 -34.80
N PHE A 456 -0.32 -77.37 -36.03
CA PHE A 456 0.74 -77.21 -37.00
C PHE A 456 0.78 -75.78 -37.50
N ARG A 457 1.98 -75.33 -37.86
CA ARG A 457 2.20 -74.02 -38.47
C ARG A 457 3.66 -73.92 -38.84
N LYS A 458 3.96 -73.03 -39.78
CA LYS A 458 5.32 -72.93 -40.29
C LYS A 458 6.28 -72.38 -39.24
N SER A 459 5.87 -71.34 -38.52
CA SER A 459 6.73 -70.68 -37.56
C SER A 459 5.96 -70.40 -36.28
N ASN A 460 6.71 -70.29 -35.18
CA ASN A 460 6.09 -70.00 -33.88
C ASN A 460 5.51 -68.59 -33.88
N LEU A 461 4.36 -68.44 -33.22
CA LEU A 461 3.73 -67.14 -33.12
C LEU A 461 4.56 -66.19 -32.27
N LYS A 462 4.64 -64.94 -32.71
CA LYS A 462 5.33 -63.91 -31.95
C LYS A 462 4.49 -63.55 -30.72
N PRO A 463 5.09 -62.88 -29.73
CA PRO A 463 4.34 -62.52 -28.54
C PRO A 463 3.09 -61.73 -28.88
N PHE A 464 1.97 -62.09 -28.25
CA PHE A 464 0.68 -61.45 -28.50
C PHE A 464 0.31 -61.48 -29.97
N GLU A 465 0.57 -62.61 -30.64
CA GLU A 465 0.23 -62.79 -32.04
C GLU A 465 -0.83 -63.87 -32.19
N ARG A 466 -1.84 -63.61 -33.02
CA ARG A 466 -2.89 -64.56 -33.33
C ARG A 466 -2.82 -64.91 -34.80
N ASP A 467 -3.03 -66.19 -35.11
CA ASP A 467 -3.03 -66.69 -36.49
C ASP A 467 -4.32 -67.47 -36.70
N ILE A 468 -5.25 -66.89 -37.45
CA ILE A 468 -6.54 -67.52 -37.73
C ILE A 468 -6.60 -68.11 -39.12
N SER A 469 -5.67 -67.78 -40.00
CA SER A 469 -5.63 -68.41 -41.32
C SER A 469 -5.45 -69.91 -41.17
N THR A 470 -6.26 -70.69 -41.88
CA THR A 470 -6.29 -72.14 -41.77
C THR A 470 -6.00 -72.79 -43.12
N GLU A 471 -5.01 -72.27 -43.85
CA GLU A 471 -4.59 -72.92 -45.08
C GLU A 471 -3.93 -74.26 -44.75
N ILE A 472 -4.12 -75.22 -45.65
CA ILE A 472 -3.56 -76.55 -45.42
C ILE A 472 -2.05 -76.44 -45.32
N TYR A 473 -1.50 -76.81 -44.16
CA TYR A 473 -0.08 -76.67 -43.92
C TYR A 473 0.69 -77.78 -44.64
N GLN A 474 1.76 -77.39 -45.33
CA GLN A 474 2.56 -78.33 -46.11
C GLN A 474 3.54 -79.03 -45.17
N ALA A 475 3.11 -80.18 -44.64
CA ALA A 475 3.94 -80.96 -43.73
C ALA A 475 4.88 -81.91 -44.47
N GLY A 476 4.75 -82.04 -45.79
CA GLY A 476 5.60 -82.92 -46.57
C GLY A 476 6.10 -82.23 -47.83
N SER A 477 7.03 -82.92 -48.50
CA SER A 477 7.60 -82.38 -49.73
C SER A 477 6.54 -82.13 -50.78
N THR A 478 5.52 -82.96 -50.84
CA THR A 478 4.45 -82.78 -51.83
C THR A 478 3.54 -81.65 -51.38
N PRO A 479 3.35 -80.60 -52.19
CA PRO A 479 2.47 -79.51 -51.76
C PRO A 479 1.03 -79.98 -51.59
N CYS A 480 0.36 -79.43 -50.58
CA CYS A 480 -1.03 -79.78 -50.33
C CYS A 480 -1.98 -79.09 -51.32
N ASN A 481 -1.64 -77.88 -51.76
CA ASN A 481 -2.50 -77.11 -52.66
C ASN A 481 -3.90 -76.96 -52.09
N GLY A 482 -3.97 -76.71 -50.78
CA GLY A 482 -5.25 -76.59 -50.12
C GLY A 482 -6.09 -77.84 -50.13
N VAL A 483 -5.46 -79.01 -50.08
CA VAL A 483 -6.15 -80.30 -50.08
C VAL A 483 -5.63 -81.10 -48.89
N GLU A 484 -6.54 -81.45 -47.99
CA GLU A 484 -6.17 -82.25 -46.82
C GLU A 484 -5.97 -83.70 -47.22
N GLY A 485 -4.99 -84.34 -46.58
CA GLY A 485 -4.69 -85.74 -46.89
C GLY A 485 -3.38 -86.17 -46.26
N PHE A 486 -2.75 -87.16 -46.89
CA PHE A 486 -1.45 -87.62 -46.42
C PHE A 486 -0.46 -86.47 -46.46
N ASN A 487 0.29 -86.31 -45.37
CA ASN A 487 1.23 -85.19 -45.20
C ASN A 487 0.52 -83.84 -45.20
N CYS A 488 -0.80 -83.84 -45.02
CA CYS A 488 -1.60 -82.62 -45.00
C CYS A 488 -2.75 -82.83 -44.03
N TYR A 489 -2.55 -82.39 -42.79
CA TYR A 489 -3.49 -82.64 -41.71
C TYR A 489 -4.32 -81.40 -41.42
N PHE A 490 -5.51 -81.62 -40.86
CA PHE A 490 -6.42 -80.57 -40.45
C PHE A 490 -5.66 -79.59 -39.55
N PRO A 491 -5.40 -78.35 -40.00
CA PRO A 491 -4.50 -77.48 -39.23
C PRO A 491 -4.96 -77.27 -37.79
N LEU A 492 -6.26 -77.12 -37.57
CA LEU A 492 -6.82 -77.04 -36.23
C LEU A 492 -7.09 -78.45 -35.71
N GLN A 493 -7.29 -78.55 -34.40
CA GLN A 493 -7.64 -79.82 -33.77
C GLN A 493 -8.62 -79.56 -32.63
N SER A 494 -9.46 -80.54 -32.37
CA SER A 494 -10.53 -80.42 -31.38
C SER A 494 -10.19 -81.29 -30.18
N TYR A 495 -10.25 -80.70 -28.99
CA TYR A 495 -9.90 -81.44 -27.78
C TYR A 495 -10.89 -82.56 -27.50
N GLY A 496 -12.16 -82.38 -27.88
CA GLY A 496 -13.17 -83.38 -27.60
C GLY A 496 -13.41 -83.56 -26.11
N PHE A 497 -13.54 -82.44 -25.40
CA PHE A 497 -13.73 -82.50 -23.95
C PHE A 497 -14.95 -83.34 -23.61
N GLN A 498 -14.78 -84.21 -22.60
CA GLN A 498 -15.83 -85.10 -22.12
C GLN A 498 -15.86 -85.02 -20.60
N PRO A 499 -17.04 -85.15 -19.99
CA PRO A 499 -17.10 -85.09 -18.52
C PRO A 499 -16.24 -86.12 -17.83
N THR A 500 -16.02 -87.29 -18.45
CA THR A 500 -15.16 -88.30 -17.86
C THR A 500 -13.68 -87.95 -17.92
N ASN A 501 -13.32 -86.88 -18.62
CA ASN A 501 -11.91 -86.49 -18.69
C ASN A 501 -11.38 -86.15 -17.30
N GLY A 502 -10.11 -86.48 -17.09
CA GLY A 502 -9.48 -86.16 -15.82
C GLY A 502 -9.22 -84.67 -15.66
N VAL A 503 -8.92 -84.29 -14.42
CA VAL A 503 -8.71 -82.87 -14.13
C VAL A 503 -7.60 -82.30 -15.01
N GLY A 504 -6.53 -83.07 -15.22
CA GLY A 504 -5.48 -82.62 -16.12
C GLY A 504 -5.98 -82.48 -17.55
N TYR A 505 -6.78 -83.43 -18.01
CA TYR A 505 -7.32 -83.42 -19.37
C TYR A 505 -8.58 -82.58 -19.51
N GLN A 506 -9.22 -82.20 -18.41
CA GLN A 506 -10.45 -81.44 -18.50
C GLN A 506 -10.18 -80.04 -19.05
N PRO A 507 -11.16 -79.43 -19.71
CA PRO A 507 -10.98 -78.06 -20.20
C PRO A 507 -10.81 -77.08 -19.05
N TYR A 508 -9.97 -76.07 -19.28
CA TYR A 508 -9.72 -75.03 -18.29
C TYR A 508 -9.82 -73.68 -18.96
N ARG A 509 -10.55 -72.76 -18.34
CA ARG A 509 -10.76 -71.42 -18.87
C ARG A 509 -9.67 -70.50 -18.35
N VAL A 510 -8.98 -69.81 -19.26
CA VAL A 510 -7.82 -69.00 -18.93
C VAL A 510 -8.03 -67.59 -19.45
N VAL A 511 -7.70 -66.60 -18.60
CA VAL A 511 -7.76 -65.19 -18.97
C VAL A 511 -6.43 -64.56 -18.60
N VAL A 512 -5.82 -63.86 -19.54
CA VAL A 512 -4.52 -63.22 -19.36
C VAL A 512 -4.69 -61.72 -19.49
N LEU A 513 -4.31 -60.98 -18.45
CA LEU A 513 -4.37 -59.52 -18.45
C LEU A 513 -2.97 -58.97 -18.68
N SER A 514 -2.76 -58.35 -19.84
CA SER A 514 -1.49 -57.71 -20.19
C SER A 514 -1.67 -56.20 -20.14
N PHE A 515 -0.79 -55.53 -19.42
CA PHE A 515 -0.87 -54.08 -19.22
C PHE A 515 0.18 -53.40 -20.08
N GLU A 516 -0.24 -52.38 -20.83
CA GLU A 516 0.62 -51.65 -21.75
C GLU A 516 1.00 -50.31 -21.13
N LEU A 517 2.30 -50.07 -21.01
CA LEU A 517 2.84 -48.81 -20.52
C LEU A 517 3.84 -48.28 -21.55
N LEU A 518 3.50 -47.18 -22.20
CA LEU A 518 4.33 -46.58 -23.24
C LEU A 518 4.45 -45.08 -23.00
N HIS A 519 4.73 -44.70 -21.76
CA HIS A 519 4.93 -43.31 -21.37
C HIS A 519 3.71 -42.44 -21.68
N ALA A 520 2.57 -43.06 -21.96
CA ALA A 520 1.34 -42.36 -22.31
C ALA A 520 0.46 -42.20 -21.09
N PRO A 521 -0.51 -41.27 -21.13
CA PRO A 521 -1.40 -41.09 -19.98
C PRO A 521 -2.13 -42.39 -19.64
N ALA A 522 -2.28 -42.64 -18.35
CA ALA A 522 -2.93 -43.85 -17.88
C ALA A 522 -4.44 -43.72 -17.98
N THR A 523 -5.08 -44.70 -18.63
CA THR A 523 -6.52 -44.71 -18.80
C THR A 523 -7.24 -45.55 -17.74
N VAL A 524 -6.54 -46.48 -17.09
CA VAL A 524 -7.11 -47.32 -16.05
C VAL A 524 -6.44 -46.98 -14.73
N CYS A 525 -7.18 -47.06 -13.63
CA CYS A 525 -6.67 -46.69 -12.29
C CYS A 525 -7.45 -47.43 -11.20
N GLY A 526 -6.77 -48.15 -10.32
CA GLY A 526 -7.42 -48.90 -9.25
C GLY A 526 -8.26 -47.99 -8.36
N PRO A 527 -9.33 -48.50 -7.69
CA PRO A 527 -10.22 -47.66 -6.89
C PRO A 527 -9.44 -46.77 -5.92
N LYS A 528 -9.72 -45.47 -5.91
CA LYS A 528 -9.04 -44.50 -5.00
C LYS A 528 -9.38 -44.85 -3.55
N LYS A 529 -8.62 -45.75 -2.93
CA LYS A 529 -8.85 -46.17 -1.52
C LYS A 529 -9.14 -44.94 -0.67
N SER A 530 -10.38 -44.77 -0.20
CA SER A 530 -10.78 -43.63 0.67
C SER A 530 -10.54 -43.99 2.13
N THR A 531 -9.97 -43.08 2.92
CA THR A 531 -9.68 -43.31 4.37
C THR A 531 -10.99 -43.57 5.10
N ASN A 532 -10.92 -44.05 6.35
CA ASN A 532 -12.13 -44.30 7.18
C ASN A 532 -12.71 -42.93 7.59
N LEU A 533 -13.76 -42.92 8.41
CA LEU A 533 -14.40 -41.66 8.88
C LEU A 533 -13.99 -41.39 10.33
N VAL A 534 -13.33 -40.27 10.60
CA VAL A 534 -12.94 -39.86 11.94
C VAL A 534 -13.77 -38.65 12.32
N LYS A 535 -14.26 -38.64 13.56
CA LYS A 535 -15.18 -37.61 14.04
C LYS A 535 -14.72 -37.09 15.40
N ASN A 536 -15.09 -35.85 15.69
CA ASN A 536 -14.83 -35.22 16.98
C ASN A 536 -13.34 -35.11 17.27
N LYS A 537 -12.53 -34.85 16.23
CA LYS A 537 -11.10 -34.64 16.41
C LYS A 537 -10.57 -33.83 15.23
N CYS A 538 -9.65 -32.93 15.52
CA CYS A 538 -9.03 -32.13 14.46
C CYS A 538 -8.33 -33.03 13.45
N VAL A 539 -8.56 -32.77 12.17
CA VAL A 539 -8.05 -33.63 11.11
C VAL A 539 -8.08 -32.86 9.80
N ASN A 540 -7.17 -33.21 8.90
CA ASN A 540 -7.18 -32.67 7.55
C ASN A 540 -8.03 -33.57 6.66
N PHE A 541 -9.09 -33.01 6.10
CA PHE A 541 -10.05 -33.76 5.29
C PHE A 541 -10.01 -33.27 3.84
N ASN A 542 -10.22 -34.20 2.93
CA ASN A 542 -10.25 -33.90 1.50
C ASN A 542 -11.37 -34.71 0.86
N PHE A 543 -12.51 -34.07 0.61
CA PHE A 543 -13.69 -34.73 0.06
C PHE A 543 -13.71 -34.45 -1.45
N ASN A 544 -13.38 -35.47 -2.22
CA ASN A 544 -13.38 -35.42 -3.68
C ASN A 544 -12.81 -34.09 -4.19
N GLY A 545 -11.69 -33.69 -3.61
CA GLY A 545 -10.98 -32.49 -4.00
C GLY A 545 -11.22 -31.29 -3.12
N LEU A 546 -12.29 -31.29 -2.32
CA LEU A 546 -12.56 -30.20 -1.40
C LEU A 546 -11.70 -30.38 -0.17
N THR A 547 -10.62 -29.59 -0.07
CA THR A 547 -9.64 -29.73 0.98
C THR A 547 -9.88 -28.71 2.09
N GLY A 548 -9.81 -29.17 3.33
CA GLY A 548 -9.96 -28.30 4.48
C GLY A 548 -9.41 -28.96 5.71
N THR A 549 -9.40 -28.18 6.80
CA THR A 549 -8.91 -28.67 8.09
C THR A 549 -9.86 -28.20 9.18
N GLY A 550 -10.33 -29.15 10.00
CA GLY A 550 -11.26 -28.81 11.05
C GLY A 550 -11.64 -30.05 11.83
N VAL A 551 -12.85 -30.01 12.41
CA VAL A 551 -13.39 -31.11 13.21
C VAL A 551 -14.72 -31.52 12.60
N LEU A 552 -14.80 -32.77 12.16
CA LEU A 552 -16.02 -33.33 11.59
C LEU A 552 -16.94 -33.79 12.71
N THR A 553 -18.20 -33.39 12.65
CA THR A 553 -19.20 -33.75 13.64
C THR A 553 -20.50 -34.11 12.94
N GLU A 554 -21.29 -34.97 13.58
CA GLU A 554 -22.60 -35.33 13.04
C GLU A 554 -23.45 -34.09 12.88
N SER A 555 -24.09 -33.96 11.72
CA SER A 555 -24.83 -32.77 11.36
C SER A 555 -26.32 -33.06 11.26
N ASN A 556 -27.12 -32.06 11.62
CA ASN A 556 -28.58 -32.16 11.58
C ASN A 556 -29.18 -31.36 10.43
N LYS A 557 -28.36 -30.92 9.47
CA LYS A 557 -28.87 -30.17 8.33
C LYS A 557 -29.67 -31.10 7.42
N LYS A 558 -30.13 -30.57 6.29
CA LYS A 558 -30.87 -31.37 5.32
C LYS A 558 -30.54 -30.84 3.92
N PHE A 559 -29.54 -31.46 3.29
CA PHE A 559 -29.19 -31.11 1.93
C PHE A 559 -30.21 -31.71 0.95
N LEU A 560 -30.43 -30.99 -0.14
CA LEU A 560 -31.20 -31.55 -1.24
C LEU A 560 -30.37 -32.65 -1.92
N PRO A 561 -31.01 -33.58 -2.62
CA PRO A 561 -30.26 -34.71 -3.19
C PRO A 561 -29.10 -34.29 -4.07
N PHE A 562 -29.23 -33.20 -4.81
CA PHE A 562 -28.16 -32.73 -5.68
C PHE A 562 -27.12 -31.89 -4.96
N GLN A 563 -27.40 -31.45 -3.73
CA GLN A 563 -26.47 -30.59 -3.00
C GLN A 563 -25.39 -31.43 -2.33
N GLN A 564 -24.16 -30.91 -2.34
CA GLN A 564 -23.01 -31.61 -1.79
C GLN A 564 -22.48 -30.97 -0.51
N PHE A 565 -22.23 -29.67 -0.52
CA PHE A 565 -21.68 -28.98 0.64
C PHE A 565 -22.33 -27.61 0.78
N GLY A 566 -22.42 -27.14 2.02
CA GLY A 566 -22.99 -25.83 2.30
C GLY A 566 -21.94 -24.80 2.64
N ARG A 567 -22.29 -23.53 2.51
CA ARG A 567 -21.38 -22.43 2.79
C ARG A 567 -22.05 -21.43 3.72
N ASP A 568 -21.28 -20.89 4.66
CA ASP A 568 -21.80 -19.97 5.66
C ASP A 568 -22.17 -18.63 4.99
N ILE A 569 -22.66 -17.71 5.81
CA ILE A 569 -22.97 -16.37 5.30
C ILE A 569 -21.71 -15.71 4.75
N ALA A 570 -20.57 -15.95 5.39
CA ALA A 570 -19.28 -15.45 4.92
C ALA A 570 -18.76 -16.22 3.72
N ASP A 571 -19.51 -17.19 3.20
CA ASP A 571 -19.18 -18.03 2.06
C ASP A 571 -18.21 -19.14 2.44
N THR A 572 -17.77 -19.22 3.69
CA THR A 572 -16.89 -20.30 4.11
C THR A 572 -17.65 -21.61 4.19
N THR A 573 -16.97 -22.69 3.81
CA THR A 573 -17.57 -24.02 3.88
C THR A 573 -17.98 -24.34 5.31
N ASP A 574 -19.20 -24.84 5.46
CA ASP A 574 -19.76 -25.14 6.77
C ASP A 574 -20.15 -26.61 6.94
N ALA A 575 -20.74 -27.21 5.92
CA ALA A 575 -21.18 -28.60 6.00
C ALA A 575 -20.82 -29.32 4.71
N VAL A 576 -20.54 -30.62 4.83
CA VAL A 576 -20.16 -31.45 3.70
C VAL A 576 -20.82 -32.82 3.86
N ARG A 577 -21.09 -33.47 2.74
CA ARG A 577 -21.70 -34.79 2.70
C ARG A 577 -20.72 -35.79 2.12
N ASP A 578 -20.58 -36.93 2.79
CA ASP A 578 -19.57 -37.91 2.40
C ASP A 578 -19.88 -38.48 1.02
N PRO A 579 -18.93 -38.48 0.08
CA PRO A 579 -19.21 -39.07 -1.23
C PRO A 579 -19.55 -40.56 -1.18
N GLN A 580 -18.89 -41.33 -0.31
CA GLN A 580 -19.10 -42.77 -0.31
C GLN A 580 -20.50 -43.14 0.16
N THR A 581 -20.97 -42.50 1.23
CA THR A 581 -22.31 -42.73 1.76
C THR A 581 -22.93 -41.39 2.10
N LEU A 582 -24.27 -41.37 2.12
CA LEU A 582 -25.01 -40.11 2.15
C LEU A 582 -25.35 -39.75 3.59
N GLU A 583 -24.41 -39.07 4.24
CA GLU A 583 -24.66 -38.43 5.53
C GLU A 583 -23.91 -37.12 5.59
N ILE A 584 -24.42 -36.18 6.37
CA ILE A 584 -23.92 -34.81 6.42
C ILE A 584 -23.12 -34.61 7.70
N LEU A 585 -22.03 -33.84 7.58
CA LEU A 585 -21.17 -33.52 8.70
C LEU A 585 -20.88 -32.03 8.70
N ASP A 586 -20.73 -31.46 9.90
CA ASP A 586 -20.46 -30.03 10.04
C ASP A 586 -18.96 -29.78 10.26
N ILE A 587 -18.49 -28.64 9.77
CA ILE A 587 -17.09 -28.23 9.89
C ILE A 587 -16.99 -27.17 10.96
N THR A 588 -15.99 -27.30 11.83
CA THR A 588 -15.74 -26.33 12.88
C THR A 588 -14.25 -26.03 12.98
N PRO A 589 -13.88 -24.81 13.37
CA PRO A 589 -12.46 -24.50 13.57
C PRO A 589 -11.92 -25.19 14.81
N CYS A 590 -10.59 -25.30 14.87
CA CYS A 590 -9.98 -26.18 15.87
C CYS A 590 -9.85 -25.48 17.23
N SER A 591 -8.95 -24.50 17.34
CA SER A 591 -8.83 -23.72 18.56
C SER A 591 -8.88 -22.22 18.31
N PHE A 592 -8.06 -21.74 17.38
CA PHE A 592 -7.89 -20.32 17.06
C PHE A 592 -7.69 -19.49 18.31
N GLY A 593 -7.29 -20.12 19.42
CA GLY A 593 -7.26 -19.48 20.71
C GLY A 593 -5.96 -18.74 20.99
N GLY A 594 -6.03 -17.80 21.94
CA GLY A 594 -4.86 -17.09 22.40
C GLY A 594 -4.46 -17.51 23.81
N VAL A 595 -3.22 -17.14 24.17
CA VAL A 595 -2.64 -17.51 25.46
C VAL A 595 -2.19 -16.24 26.16
N SER A 596 -2.65 -16.03 27.39
CA SER A 596 -2.25 -14.90 28.21
C SER A 596 -1.75 -15.40 29.55
N VAL A 597 -0.93 -14.58 30.21
CA VAL A 597 -0.30 -14.92 31.47
C VAL A 597 -0.76 -13.93 32.54
N ILE A 598 -1.30 -14.47 33.63
CA ILE A 598 -1.68 -13.67 34.79
C ILE A 598 -0.60 -13.84 35.85
N THR A 599 -0.08 -12.72 36.33
CA THR A 599 0.99 -12.76 37.31
C THR A 599 0.97 -11.50 38.16
N PRO A 600 1.13 -11.60 39.47
CA PRO A 600 1.40 -10.40 40.26
C PRO A 600 2.80 -9.89 39.97
N GLY A 601 3.03 -8.63 40.33
CA GLY A 601 4.31 -8.00 40.08
C GLY A 601 5.47 -8.86 40.56
N THR A 602 6.48 -9.03 39.70
CA THR A 602 7.61 -9.87 40.06
C THR A 602 8.24 -9.41 41.37
N ASN A 603 8.16 -8.12 41.68
CA ASN A 603 8.64 -7.64 42.96
C ASN A 603 7.90 -8.27 44.13
N THR A 604 6.67 -8.75 43.91
CA THR A 604 5.85 -9.33 44.97
C THR A 604 6.01 -10.84 45.06
N SER A 605 5.92 -11.55 43.93
CA SER A 605 6.00 -13.00 43.92
C SER A 605 6.65 -13.46 42.63
N ASN A 606 6.60 -14.77 42.39
CA ASN A 606 7.22 -15.38 41.21
C ASN A 606 6.30 -16.33 40.46
N GLN A 607 5.25 -16.85 41.09
CA GLN A 607 4.36 -17.77 40.41
C GLN A 607 3.49 -17.02 39.41
N VAL A 608 2.90 -17.78 38.47
CA VAL A 608 2.10 -17.22 37.39
C VAL A 608 0.92 -18.17 37.12
N ALA A 609 -0.05 -17.65 36.37
CA ALA A 609 -1.18 -18.42 35.91
C ALA A 609 -1.39 -18.17 34.42
N VAL A 610 -1.91 -19.17 33.73
CA VAL A 610 -2.05 -19.16 32.28
C VAL A 610 -3.53 -19.18 31.93
N LEU A 611 -3.93 -18.32 30.99
CA LEU A 611 -5.29 -18.26 30.48
C LEU A 611 -5.27 -18.61 29.00
N TYR A 612 -5.97 -19.66 28.62
CA TYR A 612 -6.15 -20.03 27.22
C TYR A 612 -7.51 -19.50 26.77
N GLN A 613 -7.50 -18.51 25.88
CA GLN A 613 -8.72 -17.79 25.53
C GLN A 613 -9.73 -18.72 24.88
N ASP A 614 -11.00 -18.55 25.26
CA ASP A 614 -12.17 -19.11 24.58
C ASP A 614 -11.89 -20.51 24.03
N VAL A 615 -11.35 -21.37 24.88
CA VAL A 615 -11.07 -22.75 24.51
C VAL A 615 -11.54 -23.67 25.63
N ASN A 616 -11.81 -24.93 25.28
CA ASN A 616 -12.17 -25.96 26.30
C ASN A 616 -10.92 -26.24 27.13
N CYS A 617 -11.07 -26.86 28.31
CA CYS A 617 -9.94 -27.13 29.23
C CYS A 617 -9.20 -28.40 28.81
N THR A 618 -9.74 -29.14 27.83
CA THR A 618 -9.08 -30.37 27.30
C THR A 618 -8.07 -29.96 26.23
N GLU A 619 -8.27 -28.81 25.58
CA GLU A 619 -7.36 -28.30 24.51
C GLU A 619 -6.11 -27.71 25.16
N VAL A 620 -6.24 -27.07 26.31
CA VAL A 620 -5.10 -26.43 27.03
C VAL A 620 -3.83 -27.29 26.89
N PRO A 621 -3.79 -28.53 27.45
CA PRO A 621 -2.56 -29.35 27.41
C PRO A 621 -2.19 -29.84 26.02
N VAL A 622 -2.95 -29.49 24.98
CA VAL A 622 -2.69 -29.90 23.57
C VAL A 622 -1.92 -28.78 22.87
N ALA A 623 -1.22 -27.92 23.61
CA ALA A 623 -0.47 -26.77 23.06
C ALA A 623 0.94 -27.22 22.65
N ILE A 624 1.06 -28.05 21.61
CA ILE A 624 2.36 -28.54 21.14
C ILE A 624 3.15 -29.04 22.35
N HIS A 625 2.46 -29.66 23.29
CA HIS A 625 3.10 -30.15 24.51
C HIS A 625 4.05 -31.29 24.16
N ALA A 626 4.78 -31.76 25.17
CA ALA A 626 5.87 -32.73 25.04
C ALA A 626 7.09 -32.11 24.35
N ASP A 627 7.06 -30.80 24.09
CA ASP A 627 8.19 -30.10 23.50
C ASP A 627 8.68 -28.92 24.32
N GLN A 628 7.85 -28.34 25.18
CA GLN A 628 8.28 -27.28 26.06
C GLN A 628 9.20 -27.83 27.15
N LEU A 629 9.66 -26.95 28.03
CA LEU A 629 10.53 -27.37 29.12
C LEU A 629 9.80 -28.34 30.02
N THR A 630 10.49 -29.42 30.40
CA THR A 630 9.86 -30.50 31.16
C THR A 630 9.31 -30.03 32.50
N PRO A 631 10.06 -29.32 33.35
CA PRO A 631 9.58 -29.06 34.71
C PRO A 631 8.87 -27.72 34.89
N THR A 632 8.90 -26.86 33.87
CA THR A 632 8.41 -25.50 34.01
C THR A 632 7.11 -25.24 33.26
N TRP A 633 6.96 -25.75 32.04
CA TRP A 633 5.73 -25.51 31.28
C TRP A 633 4.69 -26.61 31.49
N ARG A 634 5.11 -27.87 31.55
CA ARG A 634 4.16 -28.96 31.70
C ARG A 634 3.47 -28.95 33.06
N VAL A 635 4.04 -28.26 34.04
CA VAL A 635 3.36 -28.12 35.33
C VAL A 635 2.08 -27.32 35.15
N TYR A 636 2.10 -26.34 34.26
CA TYR A 636 0.90 -25.56 33.91
C TYR A 636 0.05 -26.27 32.86
N SER A 637 0.49 -27.42 32.36
CA SER A 637 -0.29 -28.13 31.34
C SER A 637 -1.65 -28.55 31.88
N THR A 638 -1.67 -29.23 33.02
CA THR A 638 -2.93 -29.69 33.59
C THR A 638 -2.67 -30.20 35.00
N GLY A 639 -3.64 -29.97 35.87
CA GLY A 639 -3.59 -30.47 37.23
C GLY A 639 -4.93 -30.26 37.89
N SER A 640 -4.96 -30.39 39.20
CA SER A 640 -6.19 -30.11 39.94
C SER A 640 -6.53 -28.62 39.90
N ASN A 641 -5.56 -27.79 39.56
CA ASN A 641 -5.73 -26.34 39.54
C ASN A 641 -6.63 -25.88 38.40
N VAL A 642 -6.85 -26.73 37.41
CA VAL A 642 -7.58 -26.36 36.20
C VAL A 642 -8.95 -25.80 36.56
N PHE A 643 -9.30 -24.67 35.95
CA PHE A 643 -10.59 -24.04 36.14
C PHE A 643 -11.10 -23.54 34.79
N GLN A 644 -12.43 -23.48 34.65
CA GLN A 644 -13.07 -23.10 33.41
C GLN A 644 -13.93 -21.86 33.63
N THR A 645 -13.84 -20.92 32.69
CA THR A 645 -14.66 -19.71 32.72
C THR A 645 -15.10 -19.38 31.31
N ARG A 646 -16.04 -18.44 31.21
CA ARG A 646 -16.50 -18.00 29.90
C ARG A 646 -15.36 -17.38 29.09
N ALA A 647 -14.38 -16.78 29.78
CA ALA A 647 -13.21 -16.26 29.07
C ALA A 647 -12.38 -17.37 28.46
N GLY A 648 -12.23 -18.49 29.16
CA GLY A 648 -11.45 -19.60 28.67
C GLY A 648 -11.03 -20.49 29.82
N CYS A 649 -10.01 -21.31 29.57
CA CYS A 649 -9.47 -22.20 30.58
C CYS A 649 -8.39 -21.49 31.38
N LEU A 650 -8.48 -21.62 32.70
CA LEU A 650 -7.53 -20.98 33.61
C LEU A 650 -6.83 -22.07 34.41
N ILE A 651 -5.49 -22.04 34.41
CA ILE A 651 -4.67 -23.01 35.12
C ILE A 651 -3.72 -22.25 36.04
N GLY A 652 -3.56 -22.76 37.26
CA GLY A 652 -2.69 -22.14 38.24
C GLY A 652 -3.39 -21.22 39.21
N ALA A 653 -4.73 -21.23 39.26
CA ALA A 653 -5.50 -20.38 40.16
C ALA A 653 -6.61 -21.18 40.79
N GLU A 654 -6.80 -21.01 42.10
CA GLU A 654 -7.86 -21.67 42.83
C GLU A 654 -9.14 -20.85 42.75
N HIS A 655 -10.26 -21.54 42.52
CA HIS A 655 -11.56 -20.88 42.40
C HIS A 655 -12.22 -20.83 43.77
N VAL A 656 -12.00 -19.72 44.47
CA VAL A 656 -12.56 -19.52 45.80
C VAL A 656 -13.99 -19.01 45.66
N ASN A 657 -14.75 -19.07 46.76
CA ASN A 657 -16.13 -18.61 46.75
C ASN A 657 -16.27 -17.15 47.18
N ASN A 658 -15.34 -16.66 48.01
CA ASN A 658 -15.41 -15.30 48.51
C ASN A 658 -15.29 -14.29 47.37
N SER A 659 -15.85 -13.10 47.54
CA SER A 659 -15.83 -12.06 46.54
C SER A 659 -14.98 -10.90 47.03
N TYR A 660 -14.21 -10.33 46.11
CA TYR A 660 -13.34 -9.21 46.42
C TYR A 660 -13.33 -8.24 45.24
N GLU A 661 -12.92 -7.00 45.51
CA GLU A 661 -12.79 -6.03 44.44
C GLU A 661 -11.75 -6.51 43.43
N CYS A 662 -12.00 -6.23 42.15
CA CYS A 662 -11.15 -6.76 41.09
C CYS A 662 -9.71 -6.28 41.26
N ASP A 663 -8.76 -7.21 41.10
CA ASP A 663 -7.35 -6.88 41.13
C ASP A 663 -6.72 -7.04 39.75
N ILE A 664 -6.89 -8.20 39.13
CA ILE A 664 -6.46 -8.42 37.74
C ILE A 664 -7.69 -8.87 36.95
N PRO A 665 -8.23 -8.05 36.04
CA PRO A 665 -9.47 -8.44 35.36
C PRO A 665 -9.29 -9.61 34.41
N ILE A 666 -9.91 -10.74 34.75
CA ILE A 666 -9.85 -11.92 33.88
C ILE A 666 -10.83 -11.78 32.73
N GLY A 667 -12.07 -11.41 33.05
CA GLY A 667 -13.12 -11.26 32.06
C GLY A 667 -14.36 -12.03 32.43
N ALA A 668 -15.48 -11.59 31.86
CA ALA A 668 -16.77 -12.20 32.09
C ALA A 668 -17.14 -12.22 33.57
N GLY A 669 -16.73 -11.20 34.31
CA GLY A 669 -17.07 -11.09 35.71
C GLY A 669 -16.09 -11.77 36.65
N ILE A 670 -15.06 -12.43 36.13
CA ILE A 670 -14.07 -13.13 36.94
C ILE A 670 -12.85 -12.24 37.08
N CYS A 671 -12.21 -12.29 38.26
CA CYS A 671 -11.00 -11.54 38.54
C CYS A 671 -10.04 -12.41 39.33
N ALA A 672 -8.75 -12.13 39.16
CA ALA A 672 -7.70 -12.91 39.80
C ALA A 672 -6.88 -12.01 40.71
N SER A 673 -6.34 -12.60 41.78
CA SER A 673 -5.53 -11.88 42.74
C SER A 673 -4.58 -12.84 43.43
N TYR A 674 -3.53 -12.29 44.03
CA TYR A 674 -2.51 -13.06 44.74
C TYR A 674 -2.62 -12.75 46.22
N GLN A 675 -3.14 -13.70 46.99
CA GLN A 675 -3.29 -13.52 48.43
C GLN A 675 -3.74 -14.84 49.04
N THR A 676 -3.58 -14.95 50.35
CA THR A 676 -4.01 -16.14 51.09
C THR A 676 -4.01 -15.86 52.59
N SER A 689 2.10 -20.30 51.72
CA SER A 689 0.65 -20.43 51.67
C SER A 689 0.06 -19.54 50.57
N GLN A 690 0.75 -18.44 50.27
CA GLN A 690 0.27 -17.52 49.26
C GLN A 690 0.20 -18.22 47.90
N SER A 691 -0.87 -17.94 47.17
CA SER A 691 -1.10 -18.53 45.86
C SER A 691 -2.01 -17.59 45.07
N ILE A 692 -2.36 -18.00 43.85
CA ILE A 692 -3.22 -17.22 42.97
C ILE A 692 -4.64 -17.74 43.10
N ILE A 693 -5.60 -16.84 43.28
CA ILE A 693 -7.00 -17.19 43.46
C ILE A 693 -7.83 -16.44 42.43
N ALA A 694 -8.74 -17.15 41.78
CA ALA A 694 -9.70 -16.57 40.86
C ALA A 694 -11.08 -16.58 41.52
N TYR A 695 -11.74 -15.42 41.54
CA TYR A 695 -13.00 -15.26 42.25
C TYR A 695 -13.96 -14.46 41.37
N THR A 696 -15.18 -14.31 41.86
CA THR A 696 -16.20 -13.51 41.17
C THR A 696 -16.11 -12.07 41.65
N MET A 697 -16.11 -11.14 40.70
CA MET A 697 -15.94 -9.73 41.03
C MET A 697 -17.03 -9.26 41.98
N SER A 698 -16.63 -8.53 43.03
CA SER A 698 -17.57 -7.93 43.96
C SER A 698 -17.91 -6.54 43.47
N LEU A 699 -19.19 -6.33 43.11
CA LEU A 699 -19.60 -5.04 42.58
C LEU A 699 -19.39 -3.90 43.56
N GLY A 700 -19.37 -4.20 44.86
CA GLY A 700 -19.15 -3.17 45.85
C GLY A 700 -19.64 -3.62 47.20
N ALA A 701 -19.38 -2.78 48.20
CA ALA A 701 -19.80 -3.07 49.56
C ALA A 701 -21.32 -3.00 49.68
N GLU A 702 -21.89 -3.89 50.49
CA GLU A 702 -23.33 -3.92 50.70
C GLU A 702 -23.71 -2.90 51.76
N ASN A 703 -24.75 -2.12 51.46
CA ASN A 703 -25.23 -1.09 52.38
C ASN A 703 -26.68 -0.80 52.07
N SER A 704 -27.47 -0.59 53.12
CA SER A 704 -28.89 -0.26 52.98
C SER A 704 -29.19 1.01 53.77
N VAL A 705 -29.97 1.89 53.16
CA VAL A 705 -30.36 3.16 53.78
C VAL A 705 -31.64 2.93 54.57
N ALA A 706 -31.64 3.35 55.83
CA ALA A 706 -32.80 3.18 56.71
C ALA A 706 -33.87 4.20 56.34
N TYR A 707 -34.45 3.99 55.16
CA TYR A 707 -35.46 4.91 54.65
C TYR A 707 -36.74 4.83 55.46
N SER A 708 -37.36 5.99 55.68
CA SER A 708 -38.68 6.07 56.28
C SER A 708 -39.35 7.32 55.74
N ASN A 709 -40.68 7.36 55.87
CA ASN A 709 -41.45 8.47 55.31
C ASN A 709 -41.48 9.70 56.20
N ASN A 710 -40.87 9.64 57.39
CA ASN A 710 -40.75 10.80 58.24
C ASN A 710 -39.39 10.95 58.91
N SER A 711 -38.42 10.10 58.59
CA SER A 711 -37.07 10.22 59.13
C SER A 711 -36.19 11.04 58.20
N ILE A 712 -35.05 11.49 58.73
CA ILE A 712 -34.13 12.32 57.97
C ILE A 712 -32.74 12.12 58.55
N ALA A 713 -31.72 12.33 57.71
CA ALA A 713 -30.33 12.31 58.14
C ALA A 713 -29.72 13.68 57.84
N ILE A 714 -29.28 14.37 58.89
CA ILE A 714 -28.63 15.68 58.74
C ILE A 714 -27.24 15.58 59.34
N PRO A 715 -26.20 16.04 58.64
CA PRO A 715 -24.85 15.96 59.20
C PRO A 715 -24.65 16.91 60.37
N THR A 716 -23.75 16.53 61.27
CA THR A 716 -23.37 17.35 62.40
C THR A 716 -21.94 17.88 62.31
N ASN A 717 -21.09 17.27 61.49
CA ASN A 717 -19.72 17.71 61.32
C ASN A 717 -19.31 17.43 59.88
N PHE A 718 -18.25 18.10 59.44
CA PHE A 718 -17.79 18.04 58.07
C PHE A 718 -16.31 17.64 58.02
N THR A 719 -15.80 17.53 56.79
CA THR A 719 -14.39 17.25 56.57
C THR A 719 -13.99 17.81 55.22
N ILE A 720 -12.81 18.41 55.16
CA ILE A 720 -12.27 18.98 53.93
C ILE A 720 -11.37 17.94 53.29
N SER A 721 -11.66 17.59 52.04
CA SER A 721 -10.93 16.56 51.32
C SER A 721 -10.28 17.18 50.07
N VAL A 722 -9.02 16.84 49.85
CA VAL A 722 -8.26 17.31 48.70
C VAL A 722 -7.94 16.11 47.82
N THR A 723 -8.29 16.19 46.54
CA THR A 723 -8.08 15.10 45.59
C THR A 723 -7.32 15.61 44.38
N THR A 724 -6.57 14.71 43.76
CA THR A 724 -5.73 15.04 42.61
C THR A 724 -6.35 14.48 41.33
N GLU A 725 -6.32 15.29 40.28
CA GLU A 725 -6.79 14.88 38.96
C GLU A 725 -5.74 15.28 37.93
N ILE A 726 -5.33 14.32 37.11
CA ILE A 726 -4.24 14.50 36.15
C ILE A 726 -4.79 14.40 34.74
N LEU A 727 -4.35 15.29 33.86
CA LEU A 727 -4.83 15.35 32.49
C LEU A 727 -3.66 15.64 31.56
N PRO A 728 -3.44 14.83 30.52
CA PRO A 728 -2.45 15.18 29.50
C PRO A 728 -2.87 16.44 28.75
N VAL A 729 -1.87 17.21 28.33
CA VAL A 729 -2.13 18.48 27.64
C VAL A 729 -1.45 18.58 26.29
N SER A 730 -0.34 17.88 26.04
CA SER A 730 0.38 18.03 24.77
C SER A 730 1.23 16.79 24.55
N MET A 731 1.90 16.78 23.41
CA MET A 731 2.78 15.68 22.99
C MET A 731 4.06 16.26 22.41
N THR A 732 5.11 15.43 22.40
CA THR A 732 6.37 15.85 21.81
C THR A 732 6.17 16.19 20.34
N LYS A 733 6.68 17.35 19.93
CA LYS A 733 6.52 17.82 18.55
C LYS A 733 7.58 17.15 17.68
N THR A 734 7.22 15.99 17.16
CA THR A 734 8.13 15.20 16.32
C THR A 734 7.83 15.44 14.86
N SER A 735 8.89 15.59 14.07
CA SER A 735 8.78 15.79 12.64
C SER A 735 9.69 14.80 11.92
N VAL A 736 9.24 14.35 10.75
CA VAL A 736 9.93 13.33 9.98
C VAL A 736 10.21 13.89 8.59
N ASP A 737 11.44 13.72 8.09
CA ASP A 737 11.77 14.06 6.72
C ASP A 737 11.56 12.82 5.85
N CYS A 738 10.56 12.88 4.98
CA CYS A 738 10.22 11.74 4.14
C CYS A 738 11.40 11.31 3.27
N THR A 739 11.98 12.27 2.55
CA THR A 739 13.02 11.94 1.57
C THR A 739 14.25 11.34 2.25
N MET A 740 14.68 11.94 3.36
CA MET A 740 15.83 11.43 4.08
C MET A 740 15.53 10.10 4.78
N TYR A 741 14.25 9.83 5.07
CA TYR A 741 13.88 8.59 5.74
C TYR A 741 13.86 7.44 4.74
N ILE A 742 13.05 7.57 3.68
CA ILE A 742 12.94 6.51 2.68
C ILE A 742 14.23 6.39 1.88
N CYS A 743 14.80 7.53 1.47
CA CYS A 743 15.92 7.53 0.54
C CYS A 743 17.14 8.22 1.13
N GLY A 744 17.48 7.88 2.37
CA GLY A 744 18.58 8.52 3.07
C GLY A 744 19.89 8.52 2.32
N ASP A 745 20.35 9.71 1.93
CA ASP A 745 21.69 9.90 1.38
C ASP A 745 21.86 9.24 0.02
N SER A 746 20.76 8.84 -0.61
CA SER A 746 20.80 8.21 -1.91
C SER A 746 20.03 9.03 -2.95
N THR A 747 20.53 8.98 -4.19
CA THR A 747 19.95 9.75 -5.29
C THR A 747 19.01 8.94 -6.16
N GLU A 748 19.35 7.69 -6.47
CA GLU A 748 18.47 6.87 -7.29
C GLU A 748 17.13 6.65 -6.60
N CYS A 749 17.16 6.38 -5.30
CA CYS A 749 15.92 6.25 -4.54
C CYS A 749 15.14 7.55 -4.57
N SER A 750 15.83 8.69 -4.47
CA SER A 750 15.15 9.98 -4.53
C SER A 750 14.46 10.17 -5.87
N ASN A 751 15.14 9.83 -6.97
CA ASN A 751 14.53 9.95 -8.28
C ASN A 751 13.32 9.04 -8.42
N LEU A 752 13.44 7.81 -7.92
CA LEU A 752 12.32 6.87 -8.02
C LEU A 752 11.13 7.35 -7.20
N LEU A 753 11.38 7.93 -6.02
CA LEU A 753 10.30 8.39 -5.17
C LEU A 753 9.68 9.68 -5.70
N LEU A 754 10.45 10.47 -6.46
CA LEU A 754 9.94 11.75 -6.95
C LEU A 754 8.69 11.58 -7.81
N GLN A 755 8.49 10.41 -8.41
CA GLN A 755 7.34 10.17 -9.28
C GLN A 755 6.15 9.58 -8.54
N TYR A 756 6.24 9.43 -7.21
CA TYR A 756 5.15 8.83 -6.44
C TYR A 756 4.10 9.85 -5.99
N GLY A 757 4.25 11.11 -6.35
CA GLY A 757 3.25 12.12 -6.03
C GLY A 757 3.62 13.01 -4.88
N SER A 758 2.61 13.56 -4.20
CA SER A 758 2.81 14.53 -3.12
C SER A 758 2.60 13.92 -1.74
N PHE A 759 2.80 12.60 -1.61
CA PHE A 759 2.67 11.96 -0.30
C PHE A 759 3.60 12.63 0.71
N CYS A 760 4.82 12.94 0.29
CA CYS A 760 5.78 13.60 1.18
C CYS A 760 5.21 14.90 1.73
N THR A 761 4.65 15.73 0.85
CA THR A 761 4.10 17.01 1.29
C THR A 761 2.95 16.81 2.26
N GLN A 762 2.08 15.83 2.00
CA GLN A 762 0.95 15.59 2.89
C GLN A 762 1.42 15.13 4.27
N LEU A 763 2.40 14.23 4.31
CA LEU A 763 2.91 13.77 5.60
C LEU A 763 3.55 14.92 6.37
N ASN A 764 4.35 15.74 5.69
CA ASN A 764 4.97 16.88 6.35
C ASN A 764 3.91 17.85 6.87
N ARG A 765 2.87 18.10 6.07
CA ARG A 765 1.80 18.99 6.49
C ARG A 765 1.09 18.45 7.72
N ALA A 766 0.80 17.15 7.74
CA ALA A 766 0.12 16.56 8.89
C ALA A 766 0.97 16.69 10.15
N LEU A 767 2.26 16.37 10.05
CA LEU A 767 3.12 16.48 11.22
C LEU A 767 3.25 17.92 11.70
N THR A 768 3.35 18.87 10.76
CA THR A 768 3.40 20.27 11.15
C THR A 768 2.11 20.71 11.84
N GLY A 769 0.98 20.25 11.33
CA GLY A 769 -0.29 20.58 11.97
C GLY A 769 -0.38 20.03 13.38
N ILE A 770 0.08 18.79 13.57
CA ILE A 770 0.09 18.22 14.92
C ILE A 770 1.00 19.03 15.83
N ALA A 771 2.18 19.42 15.32
CA ALA A 771 3.10 20.21 16.13
C ALA A 771 2.48 21.53 16.55
N VAL A 772 1.79 22.21 15.62
CA VAL A 772 1.12 23.46 15.96
C VAL A 772 -0.01 23.20 16.96
N GLU A 773 -0.69 22.06 16.81
CA GLU A 773 -1.79 21.73 17.73
C GLU A 773 -1.29 21.56 19.16
N GLN A 774 -0.09 21.00 19.33
CA GLN A 774 0.45 20.85 20.67
C GLN A 774 0.60 22.21 21.35
N ASP A 775 1.22 23.16 20.67
CA ASP A 775 1.37 24.49 21.24
C ASP A 775 0.03 25.16 21.47
N LYS A 776 -0.92 24.97 20.54
CA LYS A 776 -2.24 25.54 20.73
C LYS A 776 -2.89 24.99 21.99
N ASN A 777 -2.77 23.68 22.22
CA ASN A 777 -3.37 23.06 23.39
C ASN A 777 -2.75 23.60 24.67
N THR A 778 -1.41 23.64 24.73
CA THR A 778 -0.76 24.10 25.95
C THR A 778 -1.09 25.56 26.23
N GLN A 779 -1.09 26.40 25.18
CA GLN A 779 -1.43 27.80 25.36
C GLN A 779 -2.87 27.96 25.85
N GLU A 780 -3.81 27.23 25.24
CA GLU A 780 -5.20 27.34 25.66
C GLU A 780 -5.36 26.92 27.12
N VAL A 781 -4.69 25.86 27.52
CA VAL A 781 -4.83 25.36 28.89
C VAL A 781 -4.22 26.35 29.89
N PHE A 782 -3.03 26.88 29.59
CA PHE A 782 -2.28 27.63 30.58
C PHE A 782 -2.32 29.15 30.39
N ALA A 783 -2.93 29.65 29.31
CA ALA A 783 -2.99 31.08 29.06
C ALA A 783 -4.33 31.70 29.48
N GLN A 784 -4.95 31.19 30.54
CA GLN A 784 -6.24 31.72 30.96
C GLN A 784 -6.11 33.08 31.64
N VAL A 785 -4.97 33.35 32.25
CA VAL A 785 -4.79 34.56 33.06
C VAL A 785 -4.34 35.71 32.16
N LYS A 786 -5.03 36.84 32.28
CA LYS A 786 -4.68 38.00 31.47
C LYS A 786 -3.35 38.60 31.90
N GLN A 787 -3.11 38.70 33.20
CA GLN A 787 -1.91 39.32 33.76
C GLN A 787 -1.22 38.37 34.72
N ILE A 788 0.05 38.62 34.97
CA ILE A 788 0.84 37.84 35.91
C ILE A 788 0.61 38.43 37.30
N TYR A 789 0.10 37.60 38.21
CA TYR A 789 -0.23 38.03 39.56
C TYR A 789 0.85 37.58 40.53
N LYS A 790 1.50 38.53 41.19
CA LYS A 790 2.52 38.22 42.17
C LYS A 790 1.90 37.83 43.50
N THR A 791 2.50 36.84 44.16
CA THR A 791 2.02 36.41 45.46
C THR A 791 2.31 37.49 46.50
N PRO A 792 1.52 37.54 47.58
CA PRO A 792 1.78 38.54 48.61
C PRO A 792 3.12 38.28 49.28
N PRO A 793 3.79 39.33 49.78
CA PRO A 793 5.09 39.13 50.41
C PRO A 793 5.00 38.33 51.70
N ILE A 794 4.06 38.70 52.59
CA ILE A 794 3.84 38.00 53.84
C ILE A 794 2.61 37.11 53.68
N LYS A 795 2.75 35.85 54.09
CA LYS A 795 1.68 34.86 53.96
C LYS A 795 1.00 34.70 55.31
N ASP A 796 -0.23 35.22 55.42
CA ASP A 796 -1.04 35.04 56.62
C ASP A 796 -2.29 34.22 56.33
N PHE A 797 -3.12 34.66 55.39
CA PHE A 797 -4.28 33.91 54.92
C PHE A 797 -5.06 33.26 56.05
N GLY A 798 -5.15 33.94 57.19
CA GLY A 798 -5.98 33.45 58.29
C GLY A 798 -5.64 32.06 58.76
N GLY A 799 -4.38 31.66 58.65
CA GLY A 799 -3.95 30.37 59.15
C GLY A 799 -3.89 29.25 58.13
N PHE A 800 -4.00 29.55 56.84
CA PHE A 800 -3.89 28.55 55.79
C PHE A 800 -2.45 28.51 55.29
N ASN A 801 -1.91 27.29 55.17
CA ASN A 801 -0.54 27.09 54.73
C ASN A 801 -0.55 26.63 53.28
N PHE A 802 -0.14 27.53 52.38
CA PHE A 802 -0.02 27.22 50.95
C PHE A 802 1.42 27.02 50.51
N SER A 803 2.34 26.77 51.45
CA SER A 803 3.74 26.63 51.10
C SER A 803 3.98 25.48 50.14
N GLN A 804 3.10 24.46 50.18
CA GLN A 804 3.31 23.29 49.33
C GLN A 804 3.10 23.62 47.86
N ILE A 805 2.05 24.39 47.54
CA ILE A 805 1.71 24.68 46.16
C ILE A 805 2.31 25.99 45.66
N LEU A 806 2.62 26.93 46.54
CA LEU A 806 3.21 28.18 46.10
C LEU A 806 4.65 27.97 45.63
N PRO A 807 5.12 28.76 44.67
CA PRO A 807 6.48 28.58 44.18
C PRO A 807 7.51 28.86 45.28
N ASP A 808 8.62 28.14 45.22
CA ASP A 808 9.69 28.26 46.21
C ASP A 808 10.87 28.99 45.60
N PRO A 809 11.15 30.24 45.97
CA PRO A 809 12.34 30.91 45.42
C PRO A 809 13.65 30.23 45.80
N SER A 810 13.67 29.44 46.88
CA SER A 810 14.92 28.83 47.33
C SER A 810 15.49 27.89 46.28
N LYS A 811 14.64 27.06 45.68
CA LYS A 811 15.12 26.10 44.70
C LYS A 811 15.60 26.82 43.44
N PRO A 812 16.62 26.28 42.75
CA PRO A 812 17.06 26.89 41.49
C PRO A 812 15.88 27.21 40.58
N SER A 813 15.07 26.20 40.27
CA SER A 813 13.82 26.42 39.56
C SER A 813 12.76 26.90 40.54
N LYS A 814 11.94 27.85 40.09
CA LYS A 814 10.96 28.49 40.96
C LYS A 814 9.64 27.72 41.01
N ARG A 815 9.66 26.43 40.70
CA ARG A 815 8.46 25.61 40.83
C ARG A 815 8.19 25.29 42.31
N SER A 816 6.98 24.81 42.57
CA SER A 816 6.52 24.62 43.93
C SER A 816 7.03 23.29 44.49
N PHE A 817 6.65 23.00 45.74
CA PHE A 817 7.08 21.76 46.38
C PHE A 817 6.44 20.54 45.75
N ILE A 818 5.30 20.70 45.08
CA ILE A 818 4.62 19.57 44.45
C ILE A 818 5.06 19.39 43.01
N GLU A 819 5.25 20.50 42.27
CA GLU A 819 5.62 20.39 40.87
C GLU A 819 6.97 19.70 40.70
N ASP A 820 7.94 20.06 41.54
CA ASP A 820 9.25 19.40 41.45
C ASP A 820 9.14 17.92 41.79
N LEU A 821 8.27 17.57 42.74
CA LEU A 821 8.03 16.16 43.03
C LEU A 821 7.47 15.44 41.80
N LEU A 822 6.53 16.07 41.10
CA LEU A 822 5.99 15.47 39.88
C LEU A 822 7.08 15.28 38.83
N PHE A 823 7.92 16.30 38.65
CA PHE A 823 8.99 16.20 37.66
C PHE A 823 9.97 15.08 38.02
N ASN A 824 10.32 14.96 39.29
CA ASN A 824 11.23 13.90 39.71
C ASN A 824 10.60 12.52 39.52
N LYS A 825 9.32 12.38 39.89
CA LYS A 825 8.65 11.09 39.74
C LYS A 825 8.57 10.68 38.27
N VAL A 826 8.19 11.62 37.40
CA VAL A 826 8.12 11.31 35.97
C VAL A 826 9.50 11.30 35.32
N THR A 827 10.48 11.96 35.93
CA THR A 827 11.84 12.02 35.38
C THR A 827 11.82 12.59 33.96
N LEU A 849 18.17 7.37 24.42
CA LEU A 849 16.76 7.76 24.39
C LEU A 849 16.42 8.37 23.04
N ILE A 850 15.32 9.14 22.99
CA ILE A 850 14.87 9.73 21.73
C ILE A 850 15.89 10.71 21.17
N CYS A 851 16.81 11.20 22.01
CA CYS A 851 17.81 12.14 21.53
C CYS A 851 18.70 11.50 20.46
N ALA A 852 19.08 10.24 20.65
CA ALA A 852 19.94 9.55 19.70
C ALA A 852 19.18 8.95 18.53
N GLN A 853 17.85 8.94 18.56
CA GLN A 853 17.05 8.42 17.46
C GLN A 853 17.01 9.36 16.26
N LYS A 854 17.80 10.44 16.28
CA LYS A 854 17.77 11.46 15.23
C LYS A 854 18.55 11.05 14.00
N PHE A 855 19.01 9.80 13.95
CA PHE A 855 19.88 9.37 12.85
C PHE A 855 19.13 9.38 11.52
N ASN A 856 17.87 8.95 11.50
CA ASN A 856 17.17 8.63 10.27
C ASN A 856 16.19 9.73 9.86
N GLY A 857 16.59 10.98 10.04
CA GLY A 857 15.74 12.09 9.63
C GLY A 857 14.74 12.52 10.68
N LEU A 858 14.93 12.11 11.93
CA LEU A 858 14.01 12.45 13.00
C LEU A 858 14.40 13.76 13.69
N THR A 859 13.38 14.56 13.99
CA THR A 859 13.56 15.85 14.65
C THR A 859 12.53 15.96 15.77
N VAL A 860 12.94 16.62 16.86
CA VAL A 860 12.09 16.84 18.01
C VAL A 860 12.08 18.34 18.27
N LEU A 861 11.08 19.03 17.74
CA LEU A 861 10.99 20.47 17.92
C LEU A 861 10.69 20.81 19.38
N PRO A 862 11.31 21.85 19.92
CA PRO A 862 11.07 22.21 21.32
C PRO A 862 9.70 22.84 21.50
N PRO A 863 9.09 22.70 22.68
CA PRO A 863 7.81 23.36 22.92
C PRO A 863 7.96 24.86 22.99
N LEU A 864 6.92 25.57 22.57
CA LEU A 864 6.96 27.04 22.59
C LEU A 864 7.07 27.57 24.01
N LEU A 865 6.30 27.00 24.93
CA LEU A 865 6.31 27.44 26.33
C LEU A 865 7.32 26.61 27.09
N THR A 866 8.37 27.25 27.58
CA THR A 866 9.33 26.57 28.44
C THR A 866 8.68 26.23 29.78
N ASP A 867 9.20 25.18 30.43
CA ASP A 867 8.63 24.75 31.70
C ASP A 867 8.62 25.89 32.71
N GLU A 868 9.62 26.76 32.65
CA GLU A 868 9.65 27.92 33.53
C GLU A 868 8.47 28.84 33.26
N MET A 869 8.11 29.02 32.00
CA MET A 869 6.99 29.89 31.65
C MET A 869 5.66 29.28 32.10
N ILE A 870 5.52 27.96 31.96
CA ILE A 870 4.31 27.30 32.46
C ILE A 870 4.24 27.43 33.98
N ALA A 871 5.38 27.31 34.66
CA ALA A 871 5.41 27.52 36.10
C ALA A 871 5.00 28.95 36.45
N GLN A 872 5.45 29.92 35.65
CA GLN A 872 5.05 31.30 35.88
C GLN A 872 3.53 31.47 35.74
N TYR A 873 2.96 30.86 34.70
CA TYR A 873 1.51 30.96 34.51
C TYR A 873 0.76 30.31 35.67
N THR A 874 1.22 29.13 36.11
CA THR A 874 0.57 28.46 37.23
C THR A 874 0.68 29.28 38.50
N SER A 875 1.85 29.91 38.74
CA SER A 875 2.01 30.75 39.91
C SER A 875 1.10 31.96 39.84
N ALA A 876 0.93 32.54 38.64
CA ALA A 876 0.02 33.66 38.49
C ALA A 876 -1.40 33.25 38.83
N LEU A 877 -1.83 32.08 38.33
CA LEU A 877 -3.17 31.59 38.67
C LEU A 877 -3.31 31.34 40.16
N LEU A 878 -2.29 30.76 40.78
CA LEU A 878 -2.33 30.51 42.22
C LEU A 878 -2.46 31.80 43.00
N ALA A 879 -1.65 32.80 42.67
CA ALA A 879 -1.70 34.07 43.38
C ALA A 879 -3.06 34.73 43.19
N GLY A 880 -3.59 34.71 41.96
CA GLY A 880 -4.90 35.29 41.73
C GLY A 880 -5.98 34.61 42.55
N THR A 881 -5.98 33.28 42.55
CA THR A 881 -6.99 32.55 43.32
C THR A 881 -6.87 32.82 44.81
N ILE A 882 -5.63 32.89 45.30
CA ILE A 882 -5.41 33.10 46.74
C ILE A 882 -5.89 34.49 47.16
N THR A 883 -5.55 35.51 46.37
CA THR A 883 -5.80 36.88 46.79
C THR A 883 -7.18 37.40 46.41
N SER A 884 -7.61 37.18 45.17
CA SER A 884 -8.82 37.82 44.64
C SER A 884 -9.98 36.85 44.45
N GLY A 885 -9.93 35.67 45.07
CA GLY A 885 -11.05 34.76 44.95
C GLY A 885 -11.27 34.34 43.52
N TRP A 886 -12.46 34.63 43.00
CA TRP A 886 -12.79 34.35 41.59
C TRP A 886 -13.02 35.62 40.79
N THR A 887 -12.87 36.80 41.41
CA THR A 887 -13.19 38.04 40.71
C THR A 887 -12.29 38.25 39.50
N PHE A 888 -11.00 37.95 39.64
CA PHE A 888 -10.06 38.19 38.54
C PHE A 888 -10.40 37.38 37.30
N GLY A 889 -11.18 36.30 37.44
CA GLY A 889 -11.56 35.49 36.31
C GLY A 889 -12.66 36.07 35.46
N ALA A 890 -13.25 37.19 35.88
CA ALA A 890 -14.29 37.86 35.13
C ALA A 890 -13.95 39.30 34.76
N GLY A 891 -13.13 39.99 35.56
CA GLY A 891 -12.77 41.37 35.28
C GLY A 891 -11.55 41.79 36.07
N ALA A 892 -11.58 43.02 36.60
CA ALA A 892 -10.48 43.49 37.43
C ALA A 892 -10.33 42.60 38.66
N ALA A 893 -9.09 42.39 39.10
CA ALA A 893 -8.82 41.52 40.23
C ALA A 893 -9.12 42.26 41.52
N LEU A 894 -10.24 41.91 42.15
CA LEU A 894 -10.66 42.53 43.40
C LEU A 894 -10.10 41.73 44.57
N GLN A 895 -9.31 42.38 45.41
CA GLN A 895 -8.76 41.72 46.58
C GLN A 895 -9.85 41.42 47.60
N ILE A 896 -9.60 40.42 48.45
CA ILE A 896 -10.54 40.02 49.49
C ILE A 896 -9.82 39.11 50.48
N PRO A 897 -10.06 39.23 51.78
CA PRO A 897 -9.41 38.33 52.72
C PRO A 897 -9.81 36.89 52.44
N PHE A 898 -8.85 35.98 52.62
CA PHE A 898 -9.08 34.58 52.25
C PHE A 898 -10.17 33.96 53.13
N ALA A 899 -10.24 34.37 54.40
CA ALA A 899 -11.28 33.85 55.27
C ALA A 899 -12.67 34.20 54.74
N MET A 900 -12.83 35.45 54.30
CA MET A 900 -14.11 35.86 53.72
C MET A 900 -14.37 35.13 52.41
N GLN A 901 -13.34 34.84 51.63
CA GLN A 901 -13.51 34.07 50.41
C GLN A 901 -14.01 32.66 50.71
N MET A 902 -13.42 32.01 51.70
CA MET A 902 -13.85 30.68 52.07
C MET A 902 -15.27 30.71 52.62
N ALA A 903 -15.62 31.75 53.39
CA ALA A 903 -16.99 31.89 53.85
C ALA A 903 -17.95 32.06 52.69
N TYR A 904 -17.56 32.85 51.68
CA TYR A 904 -18.40 33.02 50.51
C TYR A 904 -18.62 31.69 49.80
N ARG A 905 -17.57 30.89 49.66
CA ARG A 905 -17.73 29.58 49.00
C ARG A 905 -18.61 28.65 49.83
N PHE A 906 -18.46 28.68 51.15
CA PHE A 906 -19.33 27.91 52.02
C PHE A 906 -20.78 28.30 51.81
N ASN A 907 -21.05 29.60 51.77
CA ASN A 907 -22.40 30.08 51.45
C ASN A 907 -22.84 29.60 50.08
N GLY A 908 -21.91 29.51 49.13
CA GLY A 908 -22.24 29.06 47.80
C GLY A 908 -22.53 27.58 47.70
N ILE A 909 -22.10 26.79 48.68
CA ILE A 909 -22.46 25.37 48.71
C ILE A 909 -23.56 25.14 49.74
N GLY A 910 -24.30 26.19 50.08
CA GLY A 910 -25.45 26.04 50.95
C GLY A 910 -25.16 26.00 52.43
N VAL A 911 -23.94 26.32 52.84
CA VAL A 911 -23.55 26.33 54.25
C VAL A 911 -23.31 27.77 54.68
N THR A 912 -23.96 28.17 55.76
CA THR A 912 -23.91 29.57 56.20
C THR A 912 -22.49 29.93 56.65
N GLN A 913 -22.22 31.25 56.61
CA GLN A 913 -20.87 31.73 56.91
C GLN A 913 -20.47 31.45 58.35
N ASN A 914 -21.41 31.59 59.29
CA ASN A 914 -21.07 31.37 60.69
C ASN A 914 -20.51 29.99 60.92
N VAL A 915 -20.92 29.01 60.10
CA VAL A 915 -20.36 27.67 60.23
C VAL A 915 -18.84 27.71 60.08
N LEU A 916 -18.36 28.40 59.04
CA LEU A 916 -16.92 28.52 58.84
C LEU A 916 -16.29 29.41 59.90
N TYR A 917 -16.87 30.58 60.14
CA TYR A 917 -16.22 31.54 61.02
C TYR A 917 -16.06 30.99 62.43
N GLU A 918 -17.08 30.31 62.95
CA GLU A 918 -16.95 29.68 64.25
C GLU A 918 -15.86 28.60 64.23
N ASN A 919 -15.95 27.67 63.27
CA ASN A 919 -14.95 26.63 63.09
C ASN A 919 -13.90 27.02 62.05
N GLN A 920 -13.31 28.21 62.18
CA GLN A 920 -12.31 28.64 61.20
C GLN A 920 -11.00 27.89 61.40
N LYS A 921 -10.55 27.77 62.66
CA LYS A 921 -9.27 27.13 62.94
C LYS A 921 -9.30 25.66 62.58
N LEU A 922 -10.41 24.98 62.86
CA LEU A 922 -10.51 23.55 62.54
C LEU A 922 -10.48 23.34 61.03
N ILE A 923 -11.18 24.19 60.27
CA ILE A 923 -11.12 24.09 58.82
C ILE A 923 -9.71 24.34 58.32
N ALA A 924 -9.02 25.34 58.90
CA ALA A 924 -7.64 25.59 58.51
C ALA A 924 -6.78 24.36 58.74
N ASN A 925 -6.90 23.75 59.92
CA ASN A 925 -6.08 22.58 60.22
C ASN A 925 -6.40 21.43 59.29
N GLN A 926 -7.68 21.19 59.01
CA GLN A 926 -8.06 20.09 58.12
C GLN A 926 -7.51 20.31 56.72
N PHE A 927 -7.66 21.51 56.19
CA PHE A 927 -7.17 21.80 54.85
C PHE A 927 -5.66 21.66 54.79
N ASN A 928 -4.95 22.18 55.80
CA ASN A 928 -3.50 22.09 55.82
C ASN A 928 -3.06 20.62 55.88
N SER A 929 -3.72 19.82 56.71
CA SER A 929 -3.35 18.41 56.82
C SER A 929 -3.58 17.68 55.50
N ALA A 930 -4.72 17.94 54.85
CA ALA A 930 -5.01 17.26 53.59
C ALA A 930 -4.00 17.66 52.51
N ILE A 931 -3.71 18.95 52.39
CA ILE A 931 -2.78 19.39 51.36
C ILE A 931 -1.38 18.87 51.64
N GLY A 932 -1.00 18.77 52.91
CA GLY A 932 0.28 18.16 53.24
C GLY A 932 0.32 16.67 52.90
N LYS A 933 -0.77 15.96 53.18
CA LYS A 933 -0.82 14.53 52.92
C LYS A 933 -0.87 14.20 51.44
N ILE A 934 -1.34 15.13 50.60
CA ILE A 934 -1.37 14.85 49.17
C ILE A 934 0.05 14.62 48.64
N GLN A 935 1.02 15.39 49.15
CA GLN A 935 2.39 15.22 48.71
C GLN A 935 2.92 13.84 49.07
N ASP A 936 2.66 13.39 50.30
CA ASP A 936 3.09 12.06 50.71
C ASP A 936 2.40 10.99 49.88
N SER A 937 1.12 11.18 49.58
CA SER A 937 0.40 10.21 48.76
C SER A 937 1.03 10.10 47.37
N LEU A 938 1.37 11.23 46.77
CA LEU A 938 2.04 11.20 45.47
C LEU A 938 3.41 10.56 45.56
N SER A 939 4.17 10.87 46.61
CA SER A 939 5.55 10.39 46.71
C SER A 939 5.58 8.87 46.93
N SER A 940 4.76 8.37 47.85
CA SER A 940 4.81 6.96 48.21
C SER A 940 4.33 6.05 47.10
N THR A 941 3.64 6.56 46.09
CA THR A 941 3.12 5.76 44.98
C THR A 941 3.78 6.21 43.70
N ALA A 942 4.34 5.25 42.95
CA ALA A 942 5.03 5.54 41.71
C ALA A 942 4.13 5.41 40.49
N SER A 943 2.88 4.98 40.66
CA SER A 943 1.95 4.81 39.56
C SER A 943 0.85 5.87 39.56
N ALA A 944 0.97 6.91 40.40
CA ALA A 944 -0.09 7.91 40.48
C ALA A 944 -0.25 8.65 39.17
N LEU A 945 0.86 9.03 38.52
CA LEU A 945 0.78 9.81 37.31
C LEU A 945 0.08 9.03 36.19
N GLY A 946 0.49 7.79 35.97
CA GLY A 946 -0.20 6.92 35.03
C GLY A 946 -0.26 7.44 33.60
N LYS A 947 -1.47 7.85 33.18
CA LYS A 947 -1.70 8.21 31.79
C LYS A 947 -0.71 9.27 31.30
N LEU A 948 -0.35 10.20 32.17
CA LEU A 948 0.56 11.27 31.77
C LEU A 948 1.91 10.70 31.32
N GLN A 949 2.32 9.59 31.91
CA GLN A 949 3.56 8.91 31.48
C GLN A 949 3.27 7.92 30.36
N ASP A 950 2.05 7.37 30.34
CA ASP A 950 1.69 6.40 29.30
C ASP A 950 1.71 7.04 27.93
N VAL A 951 1.33 8.31 27.85
CA VAL A 951 1.35 9.04 26.58
C VAL A 951 2.78 9.05 26.03
N VAL A 952 3.73 9.42 26.89
CA VAL A 952 5.13 9.48 26.48
C VAL A 952 5.62 8.11 26.07
N ASN A 953 5.25 7.09 26.84
CA ASN A 953 5.66 5.73 26.52
C ASN A 953 5.13 5.30 25.15
N GLN A 954 3.86 5.59 24.88
CA GLN A 954 3.26 5.22 23.60
C GLN A 954 3.96 5.93 22.45
N ASN A 955 4.23 7.22 22.60
CA ASN A 955 4.90 7.95 21.53
C ASN A 955 6.31 7.39 21.28
N ALA A 956 7.02 7.07 22.37
CA ALA A 956 8.35 6.49 22.22
C ALA A 956 8.30 5.15 21.51
N GLN A 957 7.33 4.31 21.87
CA GLN A 957 7.20 3.01 21.23
C GLN A 957 6.90 3.16 19.75
N ALA A 958 5.98 4.07 19.41
CA ALA A 958 5.64 4.27 18.00
C ALA A 958 6.86 4.75 17.21
N LEU A 959 7.61 5.69 17.78
CA LEU A 959 8.78 6.22 17.07
C LEU A 959 9.83 5.13 16.90
N ASN A 960 10.03 4.32 17.94
CA ASN A 960 10.99 3.23 17.87
C ASN A 960 10.59 2.24 16.80
N THR A 961 9.29 1.91 16.71
CA THR A 961 8.83 1.00 15.67
C THR A 961 9.07 1.58 14.28
N LEU A 962 8.79 2.87 14.12
CA LEU A 962 9.07 3.50 12.83
C LEU A 962 10.54 3.35 12.45
N VAL A 963 11.43 3.55 13.42
CA VAL A 963 12.86 3.39 13.14
C VAL A 963 13.16 1.94 12.78
N LYS A 964 12.61 0.99 13.55
CA LYS A 964 12.85 -0.43 13.28
C LYS A 964 12.42 -0.83 11.88
N GLN A 965 11.36 -0.20 11.35
CA GLN A 965 10.84 -0.62 10.05
C GLN A 965 11.91 -0.55 8.95
N LEU A 966 12.93 0.28 9.13
CA LEU A 966 13.96 0.41 8.10
C LEU A 966 14.72 -0.89 7.88
N SER A 967 14.79 -1.76 8.88
CA SER A 967 15.56 -3.01 8.76
C SER A 967 14.83 -4.09 7.98
N SER A 968 13.52 -3.93 7.74
CA SER A 968 12.76 -4.94 7.02
C SER A 968 13.14 -4.95 5.54
N ASN A 969 13.04 -6.14 4.94
CA ASN A 969 13.39 -6.31 3.53
C ASN A 969 12.22 -6.02 2.60
N PHE A 970 10.99 -6.35 3.01
CA PHE A 970 9.81 -6.20 2.16
C PHE A 970 9.96 -6.96 0.85
N GLY A 971 10.62 -8.11 0.90
CA GLY A 971 10.85 -8.92 -0.28
C GLY A 971 12.10 -8.55 -1.06
N ALA A 972 12.79 -7.48 -0.68
CA ALA A 972 14.01 -7.09 -1.36
C ALA A 972 15.15 -8.03 -1.00
N ILE A 973 16.20 -8.00 -1.82
CA ILE A 973 17.35 -8.86 -1.58
C ILE A 973 18.02 -8.50 -0.26
N SER A 974 18.03 -7.20 0.08
CA SER A 974 18.63 -6.74 1.32
C SER A 974 17.86 -5.51 1.80
N SER A 975 17.98 -5.25 3.10
CA SER A 975 17.35 -4.07 3.69
C SER A 975 18.18 -2.81 3.54
N VAL A 976 19.42 -2.91 3.05
CA VAL A 976 20.30 -1.77 2.89
C VAL A 976 20.30 -1.35 1.42
N LEU A 977 19.99 -0.07 1.18
CA LEU A 977 19.92 0.42 -0.20
C LEU A 977 21.26 0.33 -0.90
N ASN A 978 22.35 0.67 -0.19
CA ASN A 978 23.67 0.66 -0.81
C ASN A 978 24.06 -0.75 -1.24
N ASP A 979 23.69 -1.76 -0.45
CA ASP A 979 23.98 -3.14 -0.84
C ASP A 979 23.26 -3.51 -2.13
N ILE A 980 21.99 -3.11 -2.25
CA ILE A 980 21.25 -3.36 -3.49
C ILE A 980 21.92 -2.65 -4.66
N LEU A 981 22.32 -1.40 -4.46
CA LEU A 981 22.95 -0.64 -5.53
C LEU A 981 24.24 -1.31 -6.00
N SER A 982 25.07 -1.75 -5.06
CA SER A 982 26.37 -2.31 -5.41
C SER A 982 26.22 -3.69 -6.02
N ARG A 983 25.39 -4.54 -5.42
CA ARG A 983 25.29 -5.93 -5.88
C ARG A 983 24.73 -6.02 -7.29
N LEU A 984 23.61 -5.34 -7.54
CA LEU A 984 22.91 -5.43 -8.82
C LEU A 984 23.03 -4.11 -9.58
N ASP A 985 22.88 -4.18 -10.89
CA ASP A 985 22.92 -2.99 -11.73
C ASP A 985 21.61 -2.20 -11.58
N PRO A 986 21.63 -0.92 -11.94
CA PRO A 986 20.44 -0.08 -11.76
C PRO A 986 19.20 -0.68 -12.42
N PRO A 987 19.28 -1.12 -13.68
CA PRO A 987 18.04 -1.59 -14.34
C PRO A 987 17.36 -2.73 -13.60
N GLU A 988 18.12 -3.64 -12.98
CA GLU A 988 17.51 -4.71 -12.21
C GLU A 988 17.27 -4.31 -10.76
N ALA A 989 18.08 -3.40 -10.22
CA ALA A 989 17.91 -2.94 -8.85
C ALA A 989 16.71 -2.02 -8.69
N GLU A 990 16.14 -1.53 -9.80
CA GLU A 990 15.02 -0.61 -9.70
C GLU A 990 13.82 -1.28 -9.03
N VAL A 991 13.56 -2.55 -9.35
CA VAL A 991 12.43 -3.26 -8.76
C VAL A 991 12.61 -3.41 -7.25
N GLN A 992 13.83 -3.80 -6.83
CA GLN A 992 14.09 -3.93 -5.40
C GLN A 992 13.93 -2.60 -4.68
N ILE A 993 14.45 -1.52 -5.29
CA ILE A 993 14.33 -0.21 -4.68
C ILE A 993 12.86 0.19 -4.59
N ASP A 994 12.07 -0.15 -5.61
CA ASP A 994 10.65 0.19 -5.59
C ASP A 994 9.93 -0.55 -4.47
N ARG A 995 10.22 -1.84 -4.30
CA ARG A 995 9.62 -2.60 -3.21
C ARG A 995 9.98 -1.99 -1.86
N LEU A 996 11.26 -1.67 -1.66
CA LEU A 996 11.69 -1.10 -0.39
C LEU A 996 11.04 0.26 -0.15
N ILE A 997 10.95 1.08 -1.20
CA ILE A 997 10.33 2.40 -1.08
C ILE A 997 8.86 2.26 -0.71
N THR A 998 8.16 1.33 -1.35
CA THR A 998 6.75 1.13 -1.04
C THR A 998 6.58 0.72 0.42
N GLY A 999 7.41 -0.20 0.89
CA GLY A 999 7.31 -0.62 2.28
C GLY A 999 7.55 0.52 3.25
N ARG A 1000 8.63 1.27 3.03
CA ARG A 1000 8.96 2.37 3.93
C ARG A 1000 7.89 3.47 3.89
N LEU A 1001 7.40 3.80 2.70
CA LEU A 1001 6.36 4.80 2.58
C LEU A 1001 5.09 4.37 3.30
N GLN A 1002 4.69 3.11 3.13
CA GLN A 1002 3.50 2.64 3.83
C GLN A 1002 3.69 2.71 5.33
N SER A 1003 4.86 2.31 5.84
CA SER A 1003 5.12 2.37 7.27
C SER A 1003 5.04 3.81 7.78
N LEU A 1004 5.62 4.76 7.03
CA LEU A 1004 5.56 6.15 7.44
C LEU A 1004 4.11 6.64 7.47
N GLN A 1005 3.32 6.22 6.49
CA GLN A 1005 1.90 6.59 6.50
C GLN A 1005 1.20 6.01 7.73
N THR A 1006 1.54 4.77 8.11
CA THR A 1006 0.94 4.18 9.31
C THR A 1006 1.27 5.04 10.53
N TYR A 1007 2.53 5.42 10.66
CA TYR A 1007 2.96 6.22 11.80
C TYR A 1007 2.22 7.56 11.82
N VAL A 1008 2.07 8.19 10.66
CA VAL A 1008 1.39 9.48 10.60
C VAL A 1008 -0.06 9.33 11.02
N THR A 1009 -0.74 8.27 10.56
CA THR A 1009 -2.13 8.07 10.94
C THR A 1009 -2.26 7.85 12.45
N GLN A 1010 -1.38 7.02 13.02
CA GLN A 1010 -1.42 6.80 14.47
C GLN A 1010 -1.17 8.11 15.22
N GLN A 1011 -0.23 8.92 14.74
CA GLN A 1011 0.04 10.20 15.37
C GLN A 1011 -1.18 11.11 15.31
N LEU A 1012 -1.89 11.10 14.17
CA LEU A 1012 -3.10 11.92 14.06
C LEU A 1012 -4.16 11.47 15.06
N ILE A 1013 -4.35 10.16 15.20
CA ILE A 1013 -5.36 9.66 16.13
C ILE A 1013 -5.00 10.07 17.56
N ARG A 1014 -3.73 9.87 17.94
CA ARG A 1014 -3.32 10.25 19.29
C ARG A 1014 -3.39 11.77 19.49
N ALA A 1015 -3.13 12.54 18.44
CA ALA A 1015 -3.27 13.99 18.53
C ALA A 1015 -4.71 14.38 18.79
N ALA A 1016 -5.66 13.72 18.12
CA ALA A 1016 -7.07 13.99 18.39
C ALA A 1016 -7.43 13.64 19.84
N GLU A 1017 -6.95 12.50 20.33
CA GLU A 1017 -7.21 12.13 21.71
C GLU A 1017 -6.69 13.18 22.67
N ILE A 1018 -5.43 13.58 22.50
CA ILE A 1018 -4.83 14.56 23.40
C ILE A 1018 -5.47 15.93 23.23
N ARG A 1019 -6.00 16.22 22.04
CA ARG A 1019 -6.73 17.47 21.83
C ARG A 1019 -8.01 17.49 22.65
N ALA A 1020 -8.75 16.38 22.66
CA ALA A 1020 -9.93 16.29 23.51
C ALA A 1020 -9.54 16.43 24.98
N SER A 1021 -8.45 15.76 25.38
CA SER A 1021 -7.99 15.86 26.76
C SER A 1021 -7.65 17.31 27.12
N ALA A 1022 -6.95 18.01 26.23
CA ALA A 1022 -6.57 19.39 26.50
C ALA A 1022 -7.80 20.30 26.56
N ASN A 1023 -8.79 20.07 25.69
CA ASN A 1023 -10.01 20.86 25.76
C ASN A 1023 -10.70 20.68 27.10
N LEU A 1024 -10.80 19.43 27.56
CA LEU A 1024 -11.46 19.18 28.84
C LEU A 1024 -10.65 19.76 30.01
N ALA A 1025 -9.32 19.71 29.91
CA ALA A 1025 -8.48 20.31 30.95
C ALA A 1025 -8.67 21.83 30.98
N ALA A 1026 -8.77 22.46 29.81
CA ALA A 1026 -9.02 23.89 29.76
C ALA A 1026 -10.39 24.22 30.34
N THR A 1027 -11.38 23.36 30.08
CA THR A 1027 -12.69 23.56 30.69
C THR A 1027 -12.60 23.53 32.21
N LYS A 1028 -11.88 22.55 32.75
CA LYS A 1028 -11.69 22.51 34.20
C LYS A 1028 -10.98 23.75 34.72
N MET A 1029 -9.94 24.19 34.02
CA MET A 1029 -9.22 25.40 34.45
C MET A 1029 -10.14 26.60 34.47
N SER A 1030 -10.99 26.75 33.44
CA SER A 1030 -11.91 27.87 33.39
C SER A 1030 -12.96 27.79 34.49
N GLU A 1031 -13.45 26.59 34.78
CA GLU A 1031 -14.55 26.43 35.73
C GLU A 1031 -14.08 26.09 37.13
N CYS A 1032 -13.20 25.11 37.29
CA CYS A 1032 -12.81 24.67 38.63
C CYS A 1032 -11.92 25.69 39.32
N VAL A 1033 -10.96 26.26 38.59
CA VAL A 1033 -9.96 27.15 39.19
C VAL A 1033 -10.50 28.57 39.24
N LEU A 1034 -10.83 29.13 38.08
CA LEU A 1034 -11.25 30.53 38.01
C LEU A 1034 -12.61 30.77 38.65
N GLY A 1035 -13.31 29.73 39.08
CA GLY A 1035 -14.60 29.91 39.72
C GLY A 1035 -15.01 28.67 40.47
N GLN A 1036 -16.19 28.75 41.09
CA GLN A 1036 -16.78 27.64 41.82
C GLN A 1036 -17.79 26.95 40.94
N SER A 1037 -17.68 25.62 40.84
CA SER A 1037 -18.49 24.83 39.92
C SER A 1037 -19.60 24.12 40.68
N LYS A 1038 -20.84 24.30 40.21
CA LYS A 1038 -21.96 23.56 40.77
C LYS A 1038 -22.17 22.21 40.10
N ARG A 1039 -21.39 21.90 39.07
CA ARG A 1039 -21.52 20.62 38.39
C ARG A 1039 -21.07 19.48 39.29
N VAL A 1040 -21.98 18.55 39.58
CA VAL A 1040 -21.69 17.49 40.54
C VAL A 1040 -20.61 16.57 40.01
N ASP A 1041 -19.64 16.26 40.86
CA ASP A 1041 -18.57 15.31 40.56
C ASP A 1041 -17.75 15.74 39.34
N PHE A 1042 -17.69 17.04 39.06
CA PHE A 1042 -16.87 17.55 37.97
C PHE A 1042 -15.51 17.99 38.47
N CYS A 1043 -15.49 18.93 39.42
CA CYS A 1043 -14.25 19.39 40.03
C CYS A 1043 -14.01 18.63 41.34
N GLY A 1044 -13.87 17.32 41.20
CA GLY A 1044 -13.60 16.45 42.32
C GLY A 1044 -14.85 15.86 42.95
N LYS A 1045 -14.62 15.02 43.96
CA LYS A 1045 -15.70 14.36 44.67
C LYS A 1045 -16.14 15.18 45.87
N GLY A 1046 -17.44 15.35 46.01
CA GLY A 1046 -18.01 16.17 47.06
C GLY A 1046 -18.42 17.54 46.55
N TYR A 1047 -18.73 18.41 47.50
CA TYR A 1047 -19.13 19.78 47.18
C TYR A 1047 -17.89 20.62 46.92
N HIS A 1048 -17.73 21.07 45.68
CA HIS A 1048 -16.52 21.78 45.28
C HIS A 1048 -16.42 23.13 45.98
N LEU A 1049 -15.21 23.47 46.40
CA LEU A 1049 -14.90 24.79 46.93
C LEU A 1049 -13.96 25.57 46.04
N MET A 1050 -12.82 24.99 45.66
CA MET A 1050 -11.92 25.60 44.68
C MET A 1050 -10.90 24.55 44.27
N SER A 1051 -9.99 24.96 43.39
CA SER A 1051 -8.93 24.08 42.89
C SER A 1051 -7.66 24.89 42.71
N PHE A 1052 -6.53 24.19 42.72
CA PHE A 1052 -5.21 24.81 42.58
C PHE A 1052 -4.44 24.08 41.50
N PRO A 1053 -4.25 24.67 40.32
CA PRO A 1053 -3.53 23.97 39.25
C PRO A 1053 -2.05 23.82 39.58
N GLN A 1054 -1.46 22.75 39.04
CA GLN A 1054 -0.03 22.50 39.16
C GLN A 1054 0.48 21.95 37.84
N SER A 1055 1.62 22.47 37.39
CA SER A 1055 2.19 22.09 36.12
C SER A 1055 2.84 20.71 36.20
N ALA A 1056 2.96 20.07 35.03
CA ALA A 1056 3.64 18.79 34.91
C ALA A 1056 4.06 18.63 33.46
N PRO A 1057 5.10 17.83 33.18
CA PRO A 1057 5.53 17.67 31.79
C PRO A 1057 4.44 17.11 30.90
N HIS A 1058 3.99 17.91 29.92
CA HIS A 1058 2.94 17.50 29.01
C HIS A 1058 1.67 17.10 29.76
N GLY A 1059 1.35 17.83 30.82
CA GLY A 1059 0.18 17.53 31.60
C GLY A 1059 -0.05 18.59 32.66
N VAL A 1060 -1.23 18.53 33.28
CA VAL A 1060 -1.62 19.43 34.35
C VAL A 1060 -2.31 18.63 35.44
N VAL A 1061 -2.11 19.05 36.69
CA VAL A 1061 -2.66 18.37 37.86
C VAL A 1061 -3.51 19.37 38.62
N PHE A 1062 -4.72 18.95 38.99
CA PHE A 1062 -5.65 19.79 39.71
C PHE A 1062 -5.82 19.26 41.14
N LEU A 1063 -5.64 20.13 42.12
CA LEU A 1063 -5.83 19.78 43.53
C LEU A 1063 -7.22 20.25 43.95
N HIS A 1064 -8.22 19.44 43.59
CA HIS A 1064 -9.60 19.79 43.91
C HIS A 1064 -9.82 19.80 45.41
N VAL A 1065 -10.46 20.85 45.92
CA VAL A 1065 -10.81 20.98 47.33
C VAL A 1065 -12.33 20.90 47.43
N THR A 1066 -12.81 19.99 48.30
CA THR A 1066 -14.23 19.70 48.37
C THR A 1066 -14.68 19.64 49.81
N TYR A 1067 -15.99 19.81 50.01
CA TYR A 1067 -16.63 19.81 51.31
C TYR A 1067 -17.49 18.56 51.42
N VAL A 1068 -17.30 17.79 52.49
CA VAL A 1068 -17.97 16.50 52.64
C VAL A 1068 -18.60 16.40 54.02
N PRO A 1069 -19.89 16.10 54.13
CA PRO A 1069 -20.47 15.84 55.45
C PRO A 1069 -19.85 14.61 56.09
N ALA A 1070 -19.76 14.64 57.43
CA ALA A 1070 -19.03 13.62 58.17
C ALA A 1070 -19.93 12.75 59.04
N GLN A 1071 -20.69 13.35 59.96
CA GLN A 1071 -21.40 12.60 60.99
C GLN A 1071 -22.88 12.96 60.94
N GLU A 1072 -23.74 11.93 60.90
CA GLU A 1072 -25.17 12.10 60.76
C GLU A 1072 -25.89 11.86 62.08
N LYS A 1073 -27.19 12.14 62.08
CA LYS A 1073 -28.05 11.88 63.23
C LYS A 1073 -29.49 11.70 62.74
N ASN A 1074 -30.19 10.75 63.33
CA ASN A 1074 -31.60 10.55 63.00
C ASN A 1074 -32.44 11.69 63.56
N PHE A 1075 -33.48 12.06 62.81
CA PHE A 1075 -34.40 13.09 63.24
C PHE A 1075 -35.77 12.81 62.64
N THR A 1076 -36.81 13.31 63.31
CA THR A 1076 -38.18 13.21 62.83
C THR A 1076 -38.60 14.55 62.25
N THR A 1077 -39.25 14.50 61.10
CA THR A 1077 -39.54 15.72 60.34
C THR A 1077 -40.98 15.70 59.85
N ALA A 1078 -41.51 16.90 59.61
CA ALA A 1078 -42.79 17.09 58.97
C ALA A 1078 -42.65 18.15 57.89
N PRO A 1079 -43.36 18.01 56.76
CA PRO A 1079 -43.21 19.00 55.68
C PRO A 1079 -43.60 20.40 56.08
N ALA A 1080 -44.56 20.57 56.99
CA ALA A 1080 -45.01 21.89 57.41
C ALA A 1080 -45.51 21.79 58.85
N ILE A 1081 -46.04 22.90 59.36
CA ILE A 1081 -46.50 23.00 60.74
C ILE A 1081 -47.76 23.83 60.78
N CYS A 1082 -48.74 23.41 61.58
CA CYS A 1082 -49.95 24.17 61.82
C CYS A 1082 -49.82 24.93 63.13
N HIS A 1083 -50.12 26.23 63.09
CA HIS A 1083 -50.14 27.07 64.29
C HIS A 1083 -51.54 27.59 64.59
N ASP A 1084 -52.18 28.24 63.62
CA ASP A 1084 -53.54 28.74 63.75
C ASP A 1084 -54.37 28.29 62.56
N GLY A 1085 -54.24 27.02 62.20
CA GLY A 1085 -54.83 26.49 61.00
C GLY A 1085 -54.14 26.89 59.72
N LYS A 1086 -52.93 27.47 59.81
CA LYS A 1086 -52.18 27.89 58.65
C LYS A 1086 -50.87 27.12 58.60
N ALA A 1087 -50.53 26.61 57.41
CA ALA A 1087 -49.33 25.81 57.25
C ALA A 1087 -48.11 26.71 57.11
N HIS A 1088 -47.09 26.46 57.94
CA HIS A 1088 -45.83 27.18 57.88
C HIS A 1088 -44.76 26.28 57.29
N PHE A 1089 -44.06 26.79 56.28
CA PHE A 1089 -42.99 26.04 55.62
C PHE A 1089 -41.65 26.71 55.89
N PRO A 1090 -40.55 25.95 55.89
CA PRO A 1090 -39.24 26.55 56.15
C PRO A 1090 -38.81 27.42 54.98
N ARG A 1091 -38.41 28.66 55.30
CA ARG A 1091 -38.02 29.59 54.25
C ARG A 1091 -36.83 29.08 53.44
N GLU A 1092 -35.80 28.59 54.13
CA GLU A 1092 -34.61 28.08 53.46
C GLU A 1092 -34.03 26.83 54.13
N GLY A 1093 -34.67 26.31 55.17
CA GLY A 1093 -34.13 25.18 55.90
C GLY A 1093 -35.05 23.98 55.92
N VAL A 1094 -34.98 23.19 57.00
CA VAL A 1094 -35.76 21.97 57.13
C VAL A 1094 -36.18 21.83 58.58
N PHE A 1095 -37.42 21.39 58.80
CA PHE A 1095 -37.88 21.09 60.15
C PHE A 1095 -37.24 19.81 60.65
N VAL A 1096 -37.03 19.74 61.97
CA VAL A 1096 -36.50 18.55 62.62
C VAL A 1096 -37.04 18.52 64.04
N SER A 1097 -36.90 17.37 64.68
CA SER A 1097 -37.33 17.22 66.07
C SER A 1097 -36.54 16.09 66.72
N ASN A 1098 -36.01 16.38 67.91
CA ASN A 1098 -35.34 15.37 68.73
C ASN A 1098 -36.30 14.68 69.69
N GLY A 1099 -37.58 14.71 69.41
CA GLY A 1099 -38.60 14.12 70.28
C GLY A 1099 -39.16 15.08 71.31
N THR A 1100 -38.36 16.05 71.74
CA THR A 1100 -38.81 16.98 72.77
C THR A 1100 -39.39 18.25 72.15
N HIS A 1101 -38.75 18.78 71.11
CA HIS A 1101 -39.18 20.04 70.51
C HIS A 1101 -38.94 19.96 69.01
N TRP A 1102 -39.08 21.10 68.33
CA TRP A 1102 -38.89 21.20 66.89
C TRP A 1102 -37.99 22.38 66.58
N PHE A 1103 -37.25 22.26 65.48
CA PHE A 1103 -36.28 23.29 65.09
C PHE A 1103 -36.19 23.34 63.57
N VAL A 1104 -35.56 24.40 63.08
CA VAL A 1104 -35.25 24.57 61.66
C VAL A 1104 -33.75 24.65 61.50
N THR A 1105 -33.21 23.86 60.57
CA THR A 1105 -31.77 23.76 60.38
C THR A 1105 -31.44 23.81 58.89
N GLN A 1106 -30.15 23.92 58.61
CA GLN A 1106 -29.67 23.85 57.24
C GLN A 1106 -29.70 22.40 56.74
N ARG A 1107 -29.73 22.24 55.43
CA ARG A 1107 -29.81 20.90 54.85
C ARG A 1107 -28.47 20.17 54.98
N ASN A 1108 -27.36 20.90 54.93
CA ASN A 1108 -26.03 20.32 54.93
C ASN A 1108 -25.31 20.49 56.27
N PHE A 1109 -26.00 20.93 57.31
CA PHE A 1109 -25.38 21.12 58.61
C PHE A 1109 -26.47 21.26 59.67
N TYR A 1110 -26.23 20.67 60.83
CA TYR A 1110 -27.20 20.70 61.93
C TYR A 1110 -27.03 22.00 62.70
N GLU A 1111 -27.96 22.92 62.49
CA GLU A 1111 -27.98 24.23 63.16
C GLU A 1111 -29.35 24.46 63.77
N PRO A 1112 -29.64 23.81 64.89
CA PRO A 1112 -30.99 23.93 65.49
C PRO A 1112 -31.30 25.36 65.89
N GLN A 1113 -32.48 25.83 65.50
CA GLN A 1113 -32.96 27.15 65.86
C GLN A 1113 -34.45 27.06 66.19
N ILE A 1114 -34.93 28.04 66.94
CA ILE A 1114 -36.34 28.10 67.32
C ILE A 1114 -37.15 28.53 66.12
N ILE A 1115 -38.25 27.81 65.86
CA ILE A 1115 -39.12 28.15 64.75
C ILE A 1115 -39.74 29.51 65.00
N THR A 1116 -39.65 30.40 64.01
CA THR A 1116 -40.17 31.74 64.13
C THR A 1116 -40.68 32.21 62.77
N THR A 1117 -41.49 33.27 62.79
CA THR A 1117 -42.08 33.77 61.55
C THR A 1117 -41.02 34.19 60.55
N ASP A 1118 -39.88 34.71 61.02
CA ASP A 1118 -38.81 35.10 60.11
C ASP A 1118 -38.16 33.91 59.42
N ASN A 1119 -38.26 32.71 60.00
CA ASN A 1119 -37.71 31.51 59.39
C ASN A 1119 -38.73 30.73 58.56
N THR A 1120 -40.00 31.13 58.58
CA THR A 1120 -41.05 30.38 57.91
C THR A 1120 -41.99 31.33 57.18
N PHE A 1121 -42.57 30.85 56.08
CA PHE A 1121 -43.59 31.57 55.34
C PHE A 1121 -44.88 30.78 55.35
N VAL A 1122 -46.00 31.50 55.32
CA VAL A 1122 -47.32 30.90 55.46
C VAL A 1122 -47.95 30.74 54.09
N SER A 1123 -48.75 29.69 53.93
CA SER A 1123 -49.42 29.42 52.66
C SER A 1123 -50.67 28.60 52.93
N GLY A 1124 -51.83 29.23 52.82
CA GLY A 1124 -53.08 28.52 52.93
C GLY A 1124 -53.29 27.88 54.29
N ASN A 1125 -54.28 27.00 54.34
CA ASN A 1125 -54.55 26.21 55.53
C ASN A 1125 -53.62 24.98 55.54
N CYS A 1126 -53.82 24.09 56.50
CA CYS A 1126 -53.15 22.80 56.50
C CYS A 1126 -54.12 21.63 56.47
N ASP A 1127 -55.29 21.80 55.84
CA ASP A 1127 -56.16 20.68 55.54
C ASP A 1127 -55.64 19.85 54.38
N VAL A 1128 -54.81 20.44 53.52
CA VAL A 1128 -54.37 19.78 52.31
C VAL A 1128 -53.00 19.12 52.48
N VAL A 1129 -52.08 19.77 53.19
CA VAL A 1129 -50.73 19.23 53.32
C VAL A 1129 -50.78 17.87 53.98
N ILE A 1130 -50.01 16.93 53.44
CA ILE A 1130 -50.01 15.55 53.90
C ILE A 1130 -48.96 15.38 54.99
N GLY A 1131 -49.33 14.68 56.06
CA GLY A 1131 -48.39 14.38 57.13
C GLY A 1131 -47.89 15.59 57.88
N ILE A 1132 -48.73 16.61 58.05
CA ILE A 1132 -48.34 17.80 58.79
C ILE A 1132 -48.46 17.54 60.29
N VAL A 1133 -47.87 18.41 61.10
CA VAL A 1133 -47.87 18.26 62.55
C VAL A 1133 -48.29 19.57 63.19
N ASN A 1134 -48.77 19.48 64.42
CA ASN A 1134 -49.20 20.65 65.18
C ASN A 1134 -48.07 21.13 66.08
N ASN A 1135 -47.86 22.43 66.10
CA ASN A 1135 -46.81 23.04 66.93
C ASN A 1135 -47.07 24.55 66.97
N THR A 1136 -46.27 25.24 67.76
CA THR A 1136 -46.38 26.68 67.93
C THR A 1136 -45.24 27.39 67.21
N VAL A 1137 -45.59 28.37 66.38
CA VAL A 1137 -44.61 29.20 65.69
C VAL A 1137 -44.43 30.48 66.52
N TYR A 1138 -43.31 30.58 67.20
CA TYR A 1138 -43.08 31.70 68.11
C TYR A 1138 -42.95 33.00 67.34
N ASP A 1139 -43.69 34.03 67.77
CA ASP A 1139 -43.63 35.35 67.14
C ASP A 1139 -42.56 36.19 67.81
N PRO A 1140 -41.63 36.79 67.06
CA PRO A 1140 -40.53 37.53 67.69
C PRO A 1140 -40.91 38.91 68.21
N LEU A 1141 -42.00 39.51 67.71
CA LEU A 1141 -42.35 40.86 68.12
C LEU A 1141 -43.13 40.90 69.43
N GLN A 1142 -43.63 39.76 69.91
CA GLN A 1142 -44.46 39.78 71.11
C GLN A 1142 -43.69 40.31 72.32
N PRO A 1143 -42.46 39.88 72.60
CA PRO A 1143 -41.70 40.55 73.67
C PRO A 1143 -41.51 42.03 73.42
N GLU A 1144 -41.33 42.42 72.16
CA GLU A 1144 -41.21 43.83 71.83
C GLU A 1144 -42.54 44.56 72.01
N LEU A 1145 -43.66 43.84 71.85
CA LEU A 1145 -44.97 44.46 72.04
C LEU A 1145 -45.12 44.99 73.47
N ASP A 1146 -44.68 44.21 74.46
CA ASP A 1146 -44.73 44.66 75.84
C ASP A 1146 -43.88 45.91 76.00
N SER A 1147 -44.43 46.92 76.68
CA SER A 1147 -43.73 48.18 76.88
C SER A 1147 -44.46 49.04 77.91
N CYS B 15 -40.07 -40.12 -43.52
CA CYS B 15 -39.28 -38.90 -43.41
C CYS B 15 -39.74 -37.86 -44.45
N VAL B 16 -40.95 -37.34 -44.25
CA VAL B 16 -41.54 -36.36 -45.15
C VAL B 16 -42.14 -35.23 -44.32
N ASN B 17 -42.42 -34.12 -45.00
CA ASN B 17 -42.99 -32.95 -44.33
C ASN B 17 -44.41 -33.25 -43.87
N LEU B 18 -44.85 -32.49 -42.87
CA LEU B 18 -46.21 -32.63 -42.37
C LEU B 18 -47.20 -32.13 -43.42
N THR B 19 -48.38 -32.76 -43.44
CA THR B 19 -49.41 -32.45 -44.41
C THR B 19 -50.42 -31.48 -43.82
N THR B 20 -50.70 -30.40 -44.54
CA THR B 20 -51.76 -29.45 -44.20
C THR B 20 -51.54 -28.84 -42.81
N ARG B 21 -50.46 -28.08 -42.69
CA ARG B 21 -50.18 -27.32 -41.48
C ARG B 21 -50.69 -25.89 -41.64
N THR B 22 -51.35 -25.39 -40.60
CA THR B 22 -51.86 -24.03 -40.57
C THR B 22 -50.90 -23.16 -39.77
N GLN B 23 -50.47 -22.05 -40.37
CA GLN B 23 -49.49 -21.16 -39.76
C GLN B 23 -50.19 -19.92 -39.20
N LEU B 24 -49.81 -19.53 -37.99
CA LEU B 24 -50.34 -18.35 -37.33
C LEU B 24 -49.20 -17.63 -36.63
N PRO B 25 -49.27 -16.29 -36.54
CA PRO B 25 -48.23 -15.55 -35.81
C PRO B 25 -48.12 -16.03 -34.38
N PRO B 26 -46.92 -16.10 -33.82
CA PRO B 26 -46.76 -16.63 -32.46
C PRO B 26 -47.14 -15.60 -31.41
N ALA B 27 -48.05 -15.98 -30.52
CA ALA B 27 -48.46 -15.11 -29.44
C ALA B 27 -47.40 -15.08 -28.33
N TYR B 28 -47.53 -14.09 -27.44
CA TYR B 28 -46.61 -13.92 -26.33
C TYR B 28 -47.40 -13.82 -25.03
N THR B 29 -46.80 -14.35 -23.96
CA THR B 29 -47.42 -14.34 -22.64
C THR B 29 -46.41 -13.88 -21.61
N ASN B 30 -46.92 -13.39 -20.48
CA ASN B 30 -46.07 -12.89 -19.41
C ASN B 30 -45.43 -14.05 -18.67
N SER B 31 -44.11 -13.99 -18.50
CA SER B 31 -43.38 -15.02 -17.79
C SER B 31 -43.47 -14.90 -16.27
N PHE B 32 -43.85 -13.71 -15.77
CA PHE B 32 -43.92 -13.48 -14.33
C PHE B 32 -42.57 -13.72 -13.69
N THR B 33 -42.45 -14.75 -12.85
CA THR B 33 -41.20 -15.06 -12.16
C THR B 33 -40.69 -16.46 -12.46
N ARG B 34 -41.37 -17.22 -13.32
CA ARG B 34 -40.90 -18.55 -13.67
C ARG B 34 -39.55 -18.48 -14.37
N GLY B 35 -38.65 -19.39 -14.00
CA GLY B 35 -37.36 -19.48 -14.64
C GLY B 35 -36.19 -19.40 -13.68
N VAL B 36 -36.45 -19.63 -12.40
CA VAL B 36 -35.42 -19.59 -11.37
C VAL B 36 -34.94 -21.01 -11.09
N TYR B 37 -33.63 -21.18 -11.04
CA TYR B 37 -33.02 -22.48 -10.78
C TYR B 37 -31.85 -22.28 -9.84
N TYR B 38 -31.43 -23.38 -9.21
CA TYR B 38 -30.30 -23.33 -8.29
C TYR B 38 -29.01 -23.11 -9.09
N PRO B 39 -28.26 -22.03 -8.84
CA PRO B 39 -27.05 -21.80 -9.65
C PRO B 39 -26.05 -22.94 -9.58
N ASP B 40 -25.92 -23.59 -8.42
CA ASP B 40 -24.93 -24.64 -8.24
C ASP B 40 -25.42 -25.57 -7.13
N LYS B 41 -24.60 -26.59 -6.83
CA LYS B 41 -24.95 -27.60 -5.84
C LYS B 41 -24.37 -27.19 -4.49
N VAL B 42 -25.00 -26.19 -3.87
CA VAL B 42 -24.59 -25.67 -2.58
C VAL B 42 -25.81 -25.55 -1.68
N PHE B 43 -25.60 -25.69 -0.38
CA PHE B 43 -26.65 -25.60 0.62
C PHE B 43 -26.49 -24.30 1.41
N ARG B 44 -27.57 -23.54 1.52
CA ARG B 44 -27.61 -22.33 2.32
C ARG B 44 -28.94 -22.28 3.05
N SER B 45 -28.91 -21.78 4.30
CA SER B 45 -30.09 -21.75 5.16
C SER B 45 -30.35 -20.33 5.64
N SER B 46 -31.58 -19.87 5.44
CA SER B 46 -32.04 -18.58 5.97
C SER B 46 -31.05 -17.46 5.67
N VAL B 47 -30.67 -17.35 4.39
CA VAL B 47 -29.74 -16.32 3.96
C VAL B 47 -30.13 -15.88 2.55
N LEU B 48 -29.92 -14.59 2.28
CA LEU B 48 -30.15 -14.02 0.95
C LEU B 48 -28.79 -13.93 0.26
N HIS B 49 -28.67 -14.62 -0.88
CA HIS B 49 -27.41 -14.70 -1.61
C HIS B 49 -27.56 -14.05 -2.98
N SER B 50 -26.59 -13.21 -3.33
CA SER B 50 -26.57 -12.52 -4.62
C SER B 50 -25.64 -13.25 -5.58
N THR B 51 -26.15 -13.56 -6.76
CA THR B 51 -25.39 -14.29 -7.77
C THR B 51 -25.56 -13.61 -9.12
N GLN B 52 -24.56 -13.81 -9.99
CA GLN B 52 -24.56 -13.27 -11.34
C GLN B 52 -24.42 -14.44 -12.30
N ASP B 53 -25.51 -14.75 -13.02
CA ASP B 53 -25.52 -15.86 -13.96
C ASP B 53 -26.68 -15.64 -14.93
N LEU B 54 -26.81 -16.55 -15.89
CA LEU B 54 -27.87 -16.47 -16.88
C LEU B 54 -29.20 -16.88 -16.26
N PHE B 55 -30.23 -16.05 -16.47
CA PHE B 55 -31.58 -16.34 -16.00
C PHE B 55 -32.57 -15.76 -16.99
N LEU B 56 -33.84 -16.11 -16.81
CA LEU B 56 -34.91 -15.53 -17.59
C LEU B 56 -35.38 -14.27 -16.87
N PRO B 57 -35.21 -13.07 -17.43
CA PRO B 57 -35.63 -11.86 -16.70
C PRO B 57 -37.11 -11.89 -16.39
N PHE B 58 -37.46 -11.37 -15.21
CA PHE B 58 -38.84 -11.38 -14.76
C PHE B 58 -39.71 -10.51 -15.67
N PHE B 59 -40.96 -10.92 -15.84
CA PHE B 59 -41.94 -10.16 -16.60
C PHE B 59 -41.45 -9.90 -18.03
N SER B 60 -40.85 -10.92 -18.64
CA SER B 60 -40.40 -10.86 -20.01
C SER B 60 -41.27 -11.73 -20.90
N ASN B 61 -41.63 -11.20 -22.07
CA ASN B 61 -42.48 -11.92 -22.99
C ASN B 61 -41.84 -13.23 -23.43
N VAL B 62 -42.64 -14.30 -23.44
CA VAL B 62 -42.19 -15.63 -23.86
C VAL B 62 -43.15 -16.16 -24.91
N THR B 63 -42.59 -16.75 -25.96
CA THR B 63 -43.40 -17.22 -27.07
C THR B 63 -44.33 -18.35 -26.62
N TRP B 64 -45.52 -18.39 -27.22
CA TRP B 64 -46.54 -19.39 -26.91
C TRP B 64 -46.85 -20.18 -28.17
N PHE B 65 -46.79 -21.51 -28.07
CA PHE B 65 -47.07 -22.40 -29.18
C PHE B 65 -48.19 -23.36 -28.81
N HIS B 66 -49.10 -23.60 -29.74
CA HIS B 66 -50.20 -24.54 -29.57
C HIS B 66 -50.12 -25.60 -30.67
N ALA B 67 -50.12 -26.86 -30.26
CA ALA B 67 -50.19 -27.99 -31.17
C ALA B 67 -51.55 -28.66 -30.94
N ILE B 68 -52.57 -28.19 -31.66
CA ILE B 68 -53.94 -28.61 -31.42
C ILE B 68 -54.69 -28.58 -32.74
N HIS B 69 -55.64 -29.51 -32.89
CA HIS B 69 -56.56 -29.54 -34.02
C HIS B 69 -57.94 -29.19 -33.48
N VAL B 70 -58.38 -27.95 -33.74
CA VAL B 70 -59.67 -27.50 -33.23
C VAL B 70 -60.79 -28.32 -33.85
N SER B 71 -61.80 -28.62 -33.05
CA SER B 71 -62.92 -29.44 -33.52
C SER B 71 -63.64 -28.74 -34.67
N GLY B 72 -63.95 -29.52 -35.70
CA GLY B 72 -64.66 -29.01 -36.86
C GLY B 72 -63.71 -28.49 -37.93
N THR B 73 -64.21 -28.53 -39.18
CA THR B 73 -63.41 -28.05 -40.30
C THR B 73 -63.21 -26.54 -40.23
N ASN B 74 -64.08 -25.83 -39.52
CA ASN B 74 -63.95 -24.38 -39.38
C ASN B 74 -62.85 -23.97 -38.40
N GLY B 75 -62.31 -24.91 -37.62
CA GLY B 75 -61.26 -24.61 -36.68
C GLY B 75 -59.90 -24.50 -37.35
N THR B 76 -58.90 -24.21 -36.52
CA THR B 76 -57.52 -24.03 -36.98
C THR B 76 -56.70 -25.25 -36.57
N LYS B 77 -55.97 -25.81 -37.53
CA LYS B 77 -55.12 -26.97 -37.30
C LYS B 77 -53.68 -26.47 -37.15
N ARG B 78 -53.28 -26.22 -35.92
CA ARG B 78 -51.96 -25.66 -35.62
C ARG B 78 -51.03 -26.77 -35.16
N PHE B 79 -49.84 -26.83 -35.76
CA PHE B 79 -48.86 -27.88 -35.51
C PHE B 79 -47.48 -27.27 -35.29
N ASP B 80 -47.42 -26.27 -34.39
CA ASP B 80 -46.18 -25.54 -34.16
C ASP B 80 -45.00 -26.46 -33.91
N ASN B 81 -44.00 -26.40 -34.79
CA ASN B 81 -42.76 -27.14 -34.61
C ASN B 81 -41.65 -26.47 -35.41
N PRO B 82 -41.37 -25.19 -35.21
CA PRO B 82 -40.30 -24.52 -35.96
C PRO B 82 -38.95 -24.69 -35.27
N VAL B 83 -37.90 -24.40 -36.04
CA VAL B 83 -36.54 -24.40 -35.52
C VAL B 83 -36.27 -23.04 -34.89
N LEU B 84 -35.75 -23.05 -33.66
CA LEU B 84 -35.50 -21.83 -32.93
C LEU B 84 -34.03 -21.72 -32.54
N PRO B 85 -33.45 -20.52 -32.56
CA PRO B 85 -32.05 -20.38 -32.14
C PRO B 85 -31.88 -20.74 -30.67
N PHE B 86 -30.72 -21.33 -30.36
CA PHE B 86 -30.43 -21.72 -28.98
C PHE B 86 -29.99 -20.54 -28.12
N ASN B 87 -29.39 -19.52 -28.72
CA ASN B 87 -28.86 -18.37 -27.97
C ASN B 87 -27.87 -18.92 -26.93
N ASP B 88 -27.79 -18.33 -25.74
CA ASP B 88 -26.93 -18.82 -24.67
C ASP B 88 -27.69 -19.65 -23.65
N GLY B 89 -28.97 -19.92 -23.90
CA GLY B 89 -29.79 -20.69 -22.98
C GLY B 89 -31.25 -20.61 -23.36
N VAL B 90 -31.98 -21.66 -22.98
CA VAL B 90 -33.38 -21.79 -23.35
C VAL B 90 -34.18 -22.19 -22.13
N TYR B 91 -35.35 -21.58 -21.96
CA TYR B 91 -36.33 -21.97 -20.95
C TYR B 91 -37.54 -22.58 -21.66
N PHE B 92 -37.87 -23.81 -21.30
CA PHE B 92 -38.97 -24.54 -21.90
C PHE B 92 -40.00 -24.89 -20.83
N ALA B 93 -41.27 -24.65 -21.16
CA ALA B 93 -42.37 -24.95 -20.25
C ALA B 93 -43.51 -25.54 -21.06
N SER B 94 -44.40 -26.26 -20.38
CA SER B 94 -45.52 -26.90 -21.06
C SER B 94 -46.59 -27.25 -20.04
N THR B 95 -47.82 -26.79 -20.30
CA THR B 95 -49.00 -27.20 -19.54
C THR B 95 -49.69 -28.29 -20.36
N GLU B 96 -49.70 -29.50 -19.82
CA GLU B 96 -50.14 -30.66 -20.58
C GLU B 96 -50.96 -31.59 -19.70
N LYS B 97 -51.81 -32.37 -20.36
CA LYS B 97 -52.59 -33.42 -19.72
C LYS B 97 -52.54 -34.74 -20.47
N SER B 98 -51.91 -34.80 -21.64
CA SER B 98 -51.80 -36.01 -22.43
C SER B 98 -50.36 -36.44 -22.66
N ASN B 99 -49.37 -35.67 -22.20
CA ASN B 99 -47.96 -36.00 -22.41
C ASN B 99 -47.64 -36.12 -23.89
N ILE B 100 -47.94 -35.07 -24.65
CA ILE B 100 -47.72 -35.11 -26.09
C ILE B 100 -46.26 -34.84 -26.42
N ILE B 101 -45.62 -33.93 -25.68
CA ILE B 101 -44.19 -33.67 -25.88
C ILE B 101 -43.41 -34.88 -25.40
N ARG B 102 -42.39 -35.27 -26.18
CA ARG B 102 -41.63 -36.48 -25.89
C ARG B 102 -40.12 -36.31 -25.97
N GLY B 103 -39.61 -35.17 -26.44
CA GLY B 103 -38.18 -35.02 -26.54
C GLY B 103 -37.81 -33.67 -27.13
N TRP B 104 -36.50 -33.49 -27.30
CA TRP B 104 -35.95 -32.26 -27.87
C TRP B 104 -34.72 -32.62 -28.68
N ILE B 105 -34.35 -31.70 -29.59
CA ILE B 105 -33.18 -31.85 -30.43
C ILE B 105 -32.36 -30.57 -30.34
N PHE B 106 -31.05 -30.71 -30.24
CA PHE B 106 -30.15 -29.58 -30.15
C PHE B 106 -28.94 -29.81 -31.05
N GLY B 107 -28.34 -28.71 -31.51
CA GLY B 107 -27.19 -28.79 -32.37
C GLY B 107 -26.93 -27.47 -33.06
N THR B 108 -26.02 -27.50 -34.03
CA THR B 108 -25.65 -26.31 -34.80
C THR B 108 -26.39 -26.24 -36.13
N THR B 109 -26.51 -27.37 -36.83
CA THR B 109 -27.22 -27.43 -38.10
C THR B 109 -28.32 -28.48 -38.13
N LEU B 110 -28.47 -29.29 -37.07
CA LEU B 110 -29.51 -30.30 -37.00
C LEU B 110 -29.45 -31.24 -38.20
N ASP B 111 -28.24 -31.67 -38.54
CA ASP B 111 -28.03 -32.60 -39.64
C ASP B 111 -26.68 -33.27 -39.45
N SER B 112 -26.34 -34.17 -40.37
CA SER B 112 -25.11 -34.94 -40.25
C SER B 112 -23.86 -34.09 -40.35
N LYS B 113 -23.97 -32.84 -40.80
CA LYS B 113 -22.80 -31.98 -40.94
C LYS B 113 -22.12 -31.77 -39.60
N THR B 114 -22.89 -31.60 -38.53
CA THR B 114 -22.37 -31.30 -37.20
C THR B 114 -22.97 -32.25 -36.17
N GLN B 115 -22.25 -32.42 -35.07
CA GLN B 115 -22.74 -33.23 -33.96
C GLN B 115 -23.98 -32.61 -33.36
N SER B 116 -24.92 -33.46 -32.97
CA SER B 116 -26.21 -33.02 -32.44
C SER B 116 -26.59 -33.85 -31.24
N LEU B 117 -27.22 -33.20 -30.25
CA LEU B 117 -27.77 -33.88 -29.08
C LEU B 117 -29.24 -34.19 -29.33
N LEU B 118 -29.69 -35.32 -28.79
CA LEU B 118 -31.07 -35.76 -28.96
C LEU B 118 -31.57 -36.33 -27.65
N ILE B 119 -32.61 -35.71 -27.08
CA ILE B 119 -33.31 -36.22 -25.91
C ILE B 119 -34.70 -36.65 -26.37
N VAL B 120 -35.07 -37.89 -26.06
CA VAL B 120 -36.34 -38.45 -26.50
C VAL B 120 -36.80 -39.46 -25.45
N ASN B 121 -38.12 -39.55 -25.28
CA ASN B 121 -38.73 -40.53 -24.40
C ASN B 121 -39.36 -41.64 -25.24
N ASN B 122 -39.12 -42.88 -24.86
CA ASN B 122 -39.66 -44.03 -25.57
C ASN B 122 -41.14 -44.22 -25.25
N ALA B 123 -41.68 -43.37 -24.37
CA ALA B 123 -42.94 -43.57 -23.65
C ALA B 123 -42.76 -44.57 -22.52
N THR B 124 -41.59 -45.20 -22.41
CA THR B 124 -41.26 -46.05 -21.28
C THR B 124 -39.81 -45.87 -20.84
N ASN B 125 -39.05 -44.95 -21.45
CA ASN B 125 -37.63 -44.80 -21.17
C ASN B 125 -37.12 -43.45 -21.64
N VAL B 126 -36.42 -42.72 -20.76
CA VAL B 126 -35.73 -41.50 -21.15
C VAL B 126 -34.43 -41.89 -21.84
N VAL B 127 -34.18 -41.30 -23.00
CA VAL B 127 -33.01 -41.62 -23.82
C VAL B 127 -32.32 -40.33 -24.22
N ILE B 128 -30.99 -40.29 -24.05
CA ILE B 128 -30.18 -39.16 -24.44
C ILE B 128 -29.02 -39.68 -25.29
N LYS B 129 -28.82 -39.07 -26.46
CA LYS B 129 -27.76 -39.48 -27.37
C LYS B 129 -27.08 -38.24 -27.93
N VAL B 130 -25.84 -38.41 -28.39
CA VAL B 130 -25.05 -37.34 -28.99
C VAL B 130 -24.41 -37.92 -30.24
N CYS B 131 -25.01 -37.62 -31.39
CA CYS B 131 -24.47 -38.04 -32.68
C CYS B 131 -24.73 -36.95 -33.70
N GLU B 132 -24.10 -37.09 -34.86
CA GLU B 132 -24.41 -36.22 -36.00
C GLU B 132 -25.50 -36.89 -36.84
N PHE B 133 -26.68 -37.00 -36.23
CA PHE B 133 -27.82 -37.57 -36.93
C PHE B 133 -28.17 -36.74 -38.15
N GLN B 134 -29.05 -37.29 -38.99
CA GLN B 134 -29.65 -36.59 -40.11
C GLN B 134 -31.13 -36.42 -39.79
N PHE B 135 -31.47 -35.33 -39.10
CA PHE B 135 -32.83 -35.13 -38.64
C PHE B 135 -33.75 -34.81 -39.81
N CYS B 136 -35.01 -35.24 -39.69
CA CYS B 136 -36.01 -34.95 -40.69
C CYS B 136 -36.43 -33.48 -40.61
N ASN B 137 -36.98 -32.98 -41.72
CA ASN B 137 -37.44 -31.60 -41.75
C ASN B 137 -38.57 -31.38 -40.74
N ASP B 138 -39.39 -32.40 -40.52
CA ASP B 138 -40.49 -32.35 -39.56
C ASP B 138 -40.36 -33.56 -38.63
N PRO B 139 -39.44 -33.50 -37.66
CA PRO B 139 -39.24 -34.64 -36.76
C PRO B 139 -40.35 -34.69 -35.71
N PHE B 140 -40.84 -35.90 -35.44
CA PHE B 140 -41.91 -36.11 -34.47
C PHE B 140 -42.10 -37.60 -34.26
N LEU B 141 -42.93 -37.94 -33.29
CA LEU B 141 -43.32 -39.32 -33.01
C LEU B 141 -44.78 -39.52 -33.40
N GLY B 142 -45.05 -40.58 -34.15
CA GLY B 142 -46.40 -40.87 -34.60
C GLY B 142 -47.09 -41.92 -33.76
N VAL B 143 -48.03 -41.48 -32.91
CA VAL B 143 -48.79 -42.40 -32.08
C VAL B 143 -49.91 -43.03 -32.91
N TYR B 144 -50.13 -44.32 -32.70
CA TYR B 144 -51.13 -45.08 -33.45
C TYR B 144 -52.07 -45.82 -32.50
N TYR B 145 -53.37 -45.76 -32.81
CA TYR B 145 -54.37 -46.59 -32.12
C TYR B 145 -54.41 -47.97 -32.76
N HIS B 146 -53.41 -48.78 -32.45
CA HIS B 146 -53.24 -50.07 -33.10
C HIS B 146 -54.26 -51.07 -32.56
N LYS B 147 -54.91 -51.79 -33.47
CA LYS B 147 -56.02 -52.67 -33.10
C LYS B 147 -55.57 -54.01 -32.52
N ASN B 148 -54.27 -54.33 -32.60
CA ASN B 148 -53.81 -55.59 -32.01
C ASN B 148 -54.02 -55.60 -30.50
N ASN B 149 -53.78 -54.47 -29.84
CA ASN B 149 -54.03 -54.32 -28.41
C ASN B 149 -55.16 -53.36 -28.10
N LYS B 150 -55.70 -52.67 -29.12
CA LYS B 150 -56.80 -51.73 -28.94
C LYS B 150 -56.44 -50.63 -27.94
N SER B 151 -55.29 -49.99 -28.17
CA SER B 151 -54.83 -48.93 -27.28
C SER B 151 -53.90 -48.00 -28.06
N TRP B 152 -53.43 -46.96 -27.37
CA TRP B 152 -52.50 -46.03 -27.98
C TRP B 152 -51.07 -46.52 -27.83
N MET B 153 -50.27 -46.34 -28.88
CA MET B 153 -48.86 -46.70 -28.83
C MET B 153 -48.08 -46.02 -29.95
N GLU B 154 -46.83 -45.68 -29.68
CA GLU B 154 -45.99 -45.06 -30.69
C GLU B 154 -45.53 -46.10 -31.71
N SER B 155 -45.71 -45.80 -32.99
CA SER B 155 -45.35 -46.71 -34.07
C SER B 155 -44.42 -46.08 -35.09
N GLU B 156 -44.61 -44.81 -35.42
CA GLU B 156 -43.82 -44.14 -36.44
C GLU B 156 -42.67 -43.38 -35.77
N PHE B 157 -41.46 -43.89 -35.94
CA PHE B 157 -40.25 -43.22 -35.44
C PHE B 157 -39.73 -42.33 -36.56
N ARG B 158 -40.18 -41.07 -36.56
CA ARG B 158 -39.85 -40.11 -37.61
C ARG B 158 -38.99 -38.97 -37.07
N VAL B 159 -38.05 -39.30 -36.18
CA VAL B 159 -37.22 -38.29 -35.53
C VAL B 159 -36.04 -37.93 -36.43
N TYR B 160 -35.20 -38.92 -36.75
CA TYR B 160 -34.03 -38.71 -37.58
C TYR B 160 -33.92 -39.83 -38.60
N SER B 161 -33.25 -39.52 -39.71
CA SER B 161 -33.13 -40.47 -40.81
C SER B 161 -31.92 -41.40 -40.63
N SER B 162 -30.87 -40.92 -39.97
CA SER B 162 -29.67 -41.71 -39.80
C SER B 162 -28.90 -41.22 -38.58
N ALA B 163 -28.04 -42.10 -38.07
CA ALA B 163 -27.16 -41.79 -36.95
C ALA B 163 -25.73 -42.15 -37.33
N ASN B 164 -24.78 -41.28 -36.99
CA ASN B 164 -23.39 -41.49 -37.39
C ASN B 164 -22.46 -40.91 -36.34
N ASN B 165 -21.28 -41.52 -36.23
CA ASN B 165 -20.18 -41.00 -35.40
C ASN B 165 -20.66 -40.71 -33.98
N CYS B 166 -21.07 -41.76 -33.29
CA CYS B 166 -21.58 -41.61 -31.93
C CYS B 166 -20.47 -41.30 -30.95
N THR B 167 -20.84 -40.61 -29.87
CA THR B 167 -19.92 -40.29 -28.78
C THR B 167 -20.29 -41.04 -27.50
N PHE B 168 -21.55 -40.98 -27.09
CA PHE B 168 -21.99 -41.70 -25.90
C PHE B 168 -23.52 -41.72 -25.88
N GLU B 169 -24.07 -42.54 -25.01
CA GLU B 169 -25.51 -42.63 -24.83
C GLU B 169 -25.83 -43.00 -23.39
N TYR B 170 -26.99 -42.55 -22.92
CA TYR B 170 -27.47 -42.92 -21.59
C TYR B 170 -28.99 -43.02 -21.65
N VAL B 171 -29.53 -44.04 -20.98
CA VAL B 171 -30.97 -44.26 -20.91
C VAL B 171 -31.37 -44.47 -19.45
N SER B 172 -32.41 -43.78 -19.02
CA SER B 172 -32.89 -43.93 -17.65
C SER B 172 -33.66 -45.24 -17.50
N GLN B 173 -33.93 -45.60 -16.26
CA GLN B 173 -34.64 -46.84 -15.99
C GLN B 173 -36.06 -46.76 -16.52
N PRO B 174 -36.66 -47.90 -16.87
CA PRO B 174 -38.00 -47.87 -17.50
C PRO B 174 -39.06 -47.32 -16.56
N PHE B 175 -40.00 -46.58 -17.15
CA PHE B 175 -41.20 -46.13 -16.44
C PHE B 175 -42.21 -45.60 -17.45
N LEU B 176 -43.46 -46.06 -17.35
CA LEU B 176 -44.51 -45.68 -18.28
C LEU B 176 -45.38 -44.58 -17.70
N MET B 177 -45.89 -43.72 -18.57
CA MET B 177 -46.81 -42.64 -18.20
C MET B 177 -48.13 -42.85 -18.93
N ASP B 178 -49.05 -41.91 -18.73
CA ASP B 178 -50.39 -42.00 -19.30
C ASP B 178 -50.43 -41.24 -20.62
N LEU B 179 -50.90 -41.91 -21.67
CA LEU B 179 -51.02 -41.32 -22.99
C LEU B 179 -52.46 -41.02 -23.38
N GLU B 180 -53.42 -41.37 -22.53
CA GLU B 180 -54.83 -41.12 -22.84
C GLU B 180 -55.12 -39.62 -22.88
N GLY B 181 -55.88 -39.20 -23.89
CA GLY B 181 -56.27 -37.81 -24.00
C GLY B 181 -57.21 -37.39 -22.90
N LYS B 182 -56.71 -36.60 -21.96
CA LYS B 182 -57.55 -36.08 -20.88
C LYS B 182 -58.15 -34.74 -21.28
N GLN B 183 -59.34 -34.46 -20.76
CA GLN B 183 -60.06 -33.24 -21.08
C GLN B 183 -60.05 -32.30 -19.88
N GLY B 184 -60.72 -31.16 -20.04
CA GLY B 184 -60.76 -30.17 -18.99
C GLY B 184 -59.48 -29.39 -18.86
N ASN B 185 -59.23 -28.90 -17.66
CA ASN B 185 -58.04 -28.08 -17.40
C ASN B 185 -56.79 -28.95 -17.40
N PHE B 186 -55.65 -28.31 -17.66
CA PHE B 186 -54.38 -29.02 -17.67
C PHE B 186 -54.07 -29.59 -16.29
N LYS B 187 -53.63 -30.84 -16.26
CA LYS B 187 -53.34 -31.54 -15.01
C LYS B 187 -51.86 -31.53 -14.64
N ASN B 188 -50.99 -30.99 -15.48
CA ASN B 188 -49.56 -31.06 -15.23
C ASN B 188 -48.86 -29.87 -15.87
N LEU B 189 -47.82 -29.38 -15.19
CA LEU B 189 -46.96 -28.33 -15.70
C LEU B 189 -45.51 -28.76 -15.53
N ARG B 190 -44.75 -28.75 -16.62
CA ARG B 190 -43.35 -29.13 -16.62
C ARG B 190 -42.51 -27.99 -17.17
N GLU B 191 -41.42 -27.66 -16.48
CA GLU B 191 -40.53 -26.59 -16.88
C GLU B 191 -39.11 -27.12 -16.96
N PHE B 192 -38.40 -26.72 -18.02
CA PHE B 192 -37.04 -27.16 -18.26
C PHE B 192 -36.17 -25.97 -18.62
N VAL B 193 -34.91 -26.02 -18.20
CA VAL B 193 -33.91 -25.03 -18.55
C VAL B 193 -32.70 -25.75 -19.13
N PHE B 194 -32.31 -25.40 -20.35
CA PHE B 194 -31.17 -25.99 -21.03
C PHE B 194 -30.07 -24.94 -21.14
N LYS B 195 -28.91 -25.25 -20.59
CA LYS B 195 -27.77 -24.35 -20.59
C LYS B 195 -26.55 -25.08 -21.12
N ASN B 196 -25.73 -24.36 -21.89
CA ASN B 196 -24.49 -24.88 -22.45
C ASN B 196 -23.39 -23.85 -22.20
N ILE B 197 -22.48 -24.17 -21.28
CA ILE B 197 -21.42 -23.26 -20.88
C ILE B 197 -20.11 -24.04 -20.77
N ASP B 198 -19.05 -23.49 -21.35
CA ASP B 198 -17.70 -24.04 -21.23
C ASP B 198 -17.69 -25.52 -21.61
N GLY B 199 -18.42 -25.85 -22.67
CA GLY B 199 -18.50 -27.24 -23.10
C GLY B 199 -19.18 -28.15 -22.10
N TYR B 200 -20.15 -27.65 -21.35
CA TYR B 200 -20.92 -28.45 -20.40
C TYR B 200 -22.39 -28.16 -20.61
N PHE B 201 -23.20 -29.21 -20.77
CA PHE B 201 -24.62 -29.09 -21.03
C PHE B 201 -25.38 -29.47 -19.77
N LYS B 202 -25.95 -28.47 -19.09
CA LYS B 202 -26.74 -28.69 -17.88
C LYS B 202 -28.22 -28.64 -18.21
N ILE B 203 -29.00 -29.45 -17.50
CA ILE B 203 -30.45 -29.51 -17.69
C ILE B 203 -31.10 -29.43 -16.32
N TYR B 204 -31.99 -28.46 -16.14
CA TYR B 204 -32.78 -28.31 -14.92
C TYR B 204 -34.24 -28.57 -15.24
N SER B 205 -34.94 -29.18 -14.28
CA SER B 205 -36.33 -29.58 -14.49
C SER B 205 -37.14 -29.30 -13.24
N LYS B 206 -38.46 -29.20 -13.44
CA LYS B 206 -39.40 -29.02 -12.33
C LYS B 206 -40.78 -29.43 -12.82
N HIS B 207 -41.51 -30.14 -11.96
CA HIS B 207 -42.84 -30.63 -12.27
C HIS B 207 -43.78 -30.26 -11.14
N THR B 208 -44.94 -29.70 -11.50
CA THR B 208 -45.91 -29.27 -10.52
C THR B 208 -47.31 -29.50 -11.08
N PRO B 209 -48.29 -29.79 -10.23
CA PRO B 209 -49.68 -29.80 -10.68
C PRO B 209 -50.20 -28.39 -10.93
N ILE B 210 -51.21 -28.30 -11.80
CA ILE B 210 -51.82 -27.02 -12.14
C ILE B 210 -53.32 -27.21 -12.30
N ASN B 211 -54.05 -26.13 -12.11
CA ASN B 211 -55.51 -26.09 -12.27
C ASN B 211 -55.89 -24.98 -13.23
N LEU B 212 -55.08 -24.77 -14.27
CA LEU B 212 -55.25 -23.69 -15.22
C LEU B 212 -55.42 -24.25 -16.62
N VAL B 213 -55.98 -23.41 -17.51
CA VAL B 213 -56.23 -23.77 -18.89
C VAL B 213 -55.51 -22.88 -19.88
N ARG B 214 -54.68 -21.95 -19.41
CA ARG B 214 -54.00 -21.02 -20.30
C ARG B 214 -52.88 -20.34 -19.53
N ASP B 215 -51.94 -19.77 -20.28
CA ASP B 215 -50.84 -18.99 -19.71
C ASP B 215 -50.09 -19.81 -18.66
N LEU B 216 -49.37 -19.14 -17.77
CA LEU B 216 -48.60 -19.79 -16.72
C LEU B 216 -49.01 -19.26 -15.36
N PRO B 217 -48.89 -20.08 -14.31
CA PRO B 217 -49.28 -19.61 -12.98
C PRO B 217 -48.37 -18.50 -12.48
N GLN B 218 -48.95 -17.62 -11.67
CA GLN B 218 -48.20 -16.50 -11.08
C GLN B 218 -47.27 -16.94 -9.96
N GLY B 219 -47.48 -18.12 -9.38
CA GLY B 219 -46.67 -18.56 -8.27
C GLY B 219 -45.19 -18.59 -8.59
N PHE B 220 -44.40 -18.83 -7.54
CA PHE B 220 -42.96 -18.90 -7.64
C PHE B 220 -42.50 -20.31 -7.31
N SER B 221 -41.53 -20.81 -8.07
CA SER B 221 -41.00 -22.15 -7.86
C SER B 221 -39.60 -22.23 -8.44
N ALA B 222 -38.70 -22.85 -7.70
CA ALA B 222 -37.32 -23.05 -8.14
C ALA B 222 -37.20 -24.36 -8.91
N LEU B 223 -36.25 -24.40 -9.85
CA LEU B 223 -36.02 -25.55 -10.70
C LEU B 223 -34.75 -26.26 -10.25
N GLU B 224 -34.88 -27.51 -9.83
CA GLU B 224 -33.73 -28.28 -9.38
C GLU B 224 -32.94 -28.81 -10.57
N PRO B 225 -31.61 -28.93 -10.45
CA PRO B 225 -30.83 -29.52 -11.55
C PRO B 225 -31.21 -30.97 -11.77
N LEU B 226 -31.19 -31.39 -13.03
CA LEU B 226 -31.56 -32.75 -13.42
C LEU B 226 -30.36 -33.60 -13.83
N VAL B 227 -29.55 -33.12 -14.77
CA VAL B 227 -28.41 -33.89 -15.27
C VAL B 227 -27.42 -32.91 -15.88
N ASP B 228 -26.16 -33.34 -15.96
CA ASP B 228 -25.08 -32.54 -16.51
C ASP B 228 -24.20 -33.43 -17.38
N LEU B 229 -24.12 -33.10 -18.67
CA LEU B 229 -23.38 -33.90 -19.65
C LEU B 229 -22.15 -33.14 -20.12
N PRO B 230 -20.93 -33.66 -19.92
CA PRO B 230 -19.71 -32.95 -20.41
C PRO B 230 -19.46 -33.12 -21.91
N ILE B 231 -20.11 -32.28 -22.70
CA ILE B 231 -20.00 -32.31 -24.16
C ILE B 231 -19.60 -30.94 -24.65
N GLY B 232 -18.63 -30.89 -25.56
CA GLY B 232 -18.19 -29.64 -26.14
C GLY B 232 -18.82 -29.36 -27.49
N ILE B 233 -19.87 -30.11 -27.83
CA ILE B 233 -20.53 -29.91 -29.12
C ILE B 233 -21.12 -28.50 -29.17
N ASN B 234 -20.80 -27.78 -30.24
CA ASN B 234 -21.31 -26.43 -30.43
C ASN B 234 -22.78 -26.50 -30.80
N ILE B 235 -23.62 -25.76 -30.07
CA ILE B 235 -25.06 -25.78 -30.24
C ILE B 235 -25.53 -24.35 -30.50
N THR B 236 -26.31 -24.17 -31.58
CA THR B 236 -26.88 -22.87 -31.91
C THR B 236 -28.37 -22.93 -32.23
N ARG B 237 -28.92 -24.10 -32.53
CA ARG B 237 -30.34 -24.25 -32.80
C ARG B 237 -30.88 -25.44 -32.04
N PHE B 238 -32.20 -25.51 -31.93
CA PHE B 238 -32.87 -26.62 -31.26
C PHE B 238 -34.31 -26.67 -31.77
N GLN B 239 -34.98 -27.78 -31.49
CA GLN B 239 -36.34 -27.99 -31.95
C GLN B 239 -37.08 -28.91 -30.99
N THR B 240 -38.39 -28.90 -31.11
CA THR B 240 -39.26 -29.69 -30.24
C THR B 240 -39.72 -30.97 -30.93
N LEU B 241 -40.06 -31.97 -30.13
CA LEU B 241 -40.50 -33.26 -30.62
C LEU B 241 -41.84 -33.60 -29.99
N LEU B 242 -42.89 -33.60 -30.80
CA LEU B 242 -44.25 -33.82 -30.33
C LEU B 242 -44.73 -35.21 -30.76
N ALA B 243 -45.67 -35.76 -29.99
CA ALA B 243 -46.23 -37.08 -30.25
C ALA B 243 -47.53 -36.93 -31.02
N LEU B 244 -47.40 -36.66 -32.32
CA LEU B 244 -48.57 -36.53 -33.17
C LEU B 244 -49.30 -37.86 -33.30
N HIS B 245 -50.63 -37.80 -33.32
CA HIS B 245 -51.47 -38.98 -33.44
C HIS B 245 -51.90 -39.13 -34.89
N ARG B 246 -51.75 -40.34 -35.43
CA ARG B 246 -52.05 -40.60 -36.84
C ARG B 246 -53.55 -40.48 -37.07
N SER B 247 -53.95 -39.53 -37.91
CA SER B 247 -55.36 -39.38 -38.23
C SER B 247 -55.90 -40.59 -38.98
N TYR B 248 -55.03 -41.32 -39.70
CA TYR B 248 -55.46 -42.51 -40.40
C TYR B 248 -55.96 -43.58 -39.44
N LEU B 249 -55.34 -43.70 -38.28
CA LEU B 249 -55.70 -44.67 -37.26
C LEU B 249 -55.93 -43.98 -35.92
N THR B 250 -56.74 -42.92 -35.93
CA THR B 250 -57.15 -42.24 -34.71
C THR B 250 -58.63 -42.49 -34.45
N PRO B 251 -59.09 -42.56 -33.20
CA PRO B 251 -60.53 -42.67 -32.96
C PRO B 251 -61.28 -41.50 -33.58
N GLY B 252 -62.41 -41.80 -34.20
CA GLY B 252 -63.22 -40.77 -34.83
C GLY B 252 -62.74 -40.31 -36.19
N ASP B 253 -61.44 -40.04 -36.33
CA ASP B 253 -60.87 -39.54 -37.57
C ASP B 253 -60.15 -40.65 -38.31
N SER B 254 -60.28 -40.63 -39.64
CA SER B 254 -59.63 -41.62 -40.49
C SER B 254 -58.91 -41.01 -41.70
N SER B 255 -59.00 -39.71 -41.91
CA SER B 255 -58.36 -39.09 -43.06
C SER B 255 -56.83 -39.21 -42.96
N SER B 256 -56.19 -39.35 -44.12
CA SER B 256 -54.74 -39.41 -44.16
C SER B 256 -54.13 -38.09 -43.71
N GLY B 257 -53.02 -38.18 -42.98
CA GLY B 257 -52.38 -37.01 -42.42
C GLY B 257 -52.00 -37.22 -40.97
N TRP B 258 -51.93 -36.15 -40.19
CA TRP B 258 -51.60 -36.24 -38.78
C TRP B 258 -52.37 -35.18 -38.01
N THR B 259 -52.81 -35.54 -36.81
CA THR B 259 -53.52 -34.63 -35.92
C THR B 259 -52.81 -34.62 -34.57
N ALA B 260 -52.75 -33.44 -33.96
CA ALA B 260 -52.06 -33.24 -32.69
C ALA B 260 -53.09 -33.01 -31.59
N GLY B 261 -52.95 -33.74 -30.49
CA GLY B 261 -53.80 -33.52 -29.34
C GLY B 261 -53.50 -32.20 -28.67
N ALA B 262 -54.46 -31.75 -27.87
CA ALA B 262 -54.36 -30.44 -27.23
C ALA B 262 -53.07 -30.35 -26.42
N ALA B 263 -52.15 -29.49 -26.86
CA ALA B 263 -50.86 -29.32 -26.20
C ALA B 263 -50.49 -27.84 -26.25
N ALA B 264 -49.98 -27.33 -25.12
CA ALA B 264 -49.55 -25.94 -25.02
C ALA B 264 -48.17 -25.92 -24.37
N TYR B 265 -47.21 -25.28 -25.04
CA TYR B 265 -45.86 -25.16 -24.53
C TYR B 265 -45.31 -23.78 -24.86
N TYR B 266 -44.33 -23.36 -24.07
CA TYR B 266 -43.79 -22.01 -24.14
C TYR B 266 -42.27 -22.08 -24.24
N VAL B 267 -41.68 -21.07 -24.87
CA VAL B 267 -40.24 -21.01 -25.10
C VAL B 267 -39.74 -19.62 -24.69
N GLY B 268 -38.60 -19.60 -24.00
CA GLY B 268 -37.96 -18.36 -23.63
C GLY B 268 -36.46 -18.49 -23.79
N TYR B 269 -35.77 -17.37 -23.56
CA TYR B 269 -34.32 -17.30 -23.69
C TYR B 269 -33.72 -16.62 -22.47
N LEU B 270 -32.49 -17.01 -22.14
CA LEU B 270 -31.80 -16.54 -20.94
C LEU B 270 -30.85 -15.39 -21.29
N GLN B 271 -30.60 -14.55 -20.31
CA GLN B 271 -29.68 -13.43 -20.43
C GLN B 271 -28.90 -13.31 -19.12
N PRO B 272 -27.69 -12.75 -19.18
CA PRO B 272 -26.91 -12.57 -17.94
C PRO B 272 -27.57 -11.53 -17.03
N ARG B 273 -27.86 -11.95 -15.81
CA ARG B 273 -28.55 -11.09 -14.85
C ARG B 273 -28.02 -11.38 -13.45
N THR B 274 -28.20 -10.40 -12.56
CA THR B 274 -27.86 -10.53 -11.16
C THR B 274 -29.13 -10.78 -10.37
N PHE B 275 -29.15 -11.86 -9.60
CA PHE B 275 -30.34 -12.30 -8.87
C PHE B 275 -30.04 -12.40 -7.38
N LEU B 276 -30.98 -11.96 -6.57
CA LEU B 276 -30.92 -12.12 -5.12
C LEU B 276 -31.88 -13.24 -4.73
N LEU B 277 -31.31 -14.37 -4.33
CA LEU B 277 -32.08 -15.57 -4.02
C LEU B 277 -32.15 -15.76 -2.52
N LYS B 278 -33.36 -16.05 -2.03
CA LYS B 278 -33.62 -16.26 -0.61
C LYS B 278 -33.70 -17.76 -0.33
N TYR B 279 -32.82 -18.25 0.53
CA TYR B 279 -32.82 -19.64 0.97
C TYR B 279 -33.45 -19.73 2.35
N ASN B 280 -34.43 -20.62 2.50
CA ASN B 280 -35.16 -20.76 3.75
C ASN B 280 -34.42 -21.73 4.67
N GLU B 281 -35.05 -22.09 5.78
CA GLU B 281 -34.42 -22.98 6.75
C GLU B 281 -34.10 -24.33 6.14
N ASN B 282 -35.06 -24.90 5.40
CA ASN B 282 -34.86 -26.21 4.79
C ASN B 282 -33.87 -26.18 3.63
N GLY B 283 -33.48 -25.00 3.17
CA GLY B 283 -32.52 -24.87 2.09
C GLY B 283 -33.10 -24.68 0.71
N THR B 284 -34.40 -24.43 0.60
CA THR B 284 -35.04 -24.22 -0.69
C THR B 284 -35.10 -22.72 -1.02
N ILE B 285 -35.19 -22.44 -2.32
CA ILE B 285 -35.24 -21.05 -2.81
C ILE B 285 -36.70 -20.63 -2.79
N THR B 286 -37.11 -19.90 -1.74
CA THR B 286 -38.49 -19.49 -1.60
C THR B 286 -38.84 -18.31 -2.50
N ASP B 287 -37.89 -17.41 -2.74
CA ASP B 287 -38.16 -16.21 -3.53
C ASP B 287 -36.87 -15.73 -4.16
N ALA B 288 -37.02 -14.90 -5.20
CA ALA B 288 -35.88 -14.32 -5.89
C ALA B 288 -36.27 -12.94 -6.40
N VAL B 289 -35.25 -12.11 -6.60
CA VAL B 289 -35.44 -10.73 -7.08
C VAL B 289 -34.45 -10.47 -8.20
N ASP B 290 -34.93 -9.84 -9.27
CA ASP B 290 -34.09 -9.47 -10.40
C ASP B 290 -33.66 -8.02 -10.23
N CYS B 291 -32.34 -7.78 -10.15
CA CYS B 291 -31.84 -6.45 -9.84
C CYS B 291 -32.18 -5.44 -10.94
N ALA B 292 -32.20 -5.87 -12.19
CA ALA B 292 -32.42 -4.97 -13.32
C ALA B 292 -33.91 -4.78 -13.64
N LEU B 293 -34.81 -5.44 -12.92
CA LEU B 293 -36.23 -5.35 -13.23
C LEU B 293 -36.71 -3.91 -13.12
N ASP B 294 -36.66 -3.34 -11.92
CA ASP B 294 -37.12 -1.99 -11.66
C ASP B 294 -36.19 -1.34 -10.64
N PRO B 295 -36.23 -0.01 -10.52
CA PRO B 295 -35.35 0.65 -9.55
C PRO B 295 -35.51 0.11 -8.14
N LEU B 296 -36.73 -0.24 -7.73
CA LEU B 296 -36.93 -0.80 -6.40
C LEU B 296 -36.18 -2.12 -6.24
N SER B 297 -36.21 -2.96 -7.28
CA SER B 297 -35.45 -4.22 -7.22
C SER B 297 -33.96 -3.96 -7.15
N GLU B 298 -33.48 -2.93 -7.86
CA GLU B 298 -32.07 -2.56 -7.75
C GLU B 298 -31.73 -2.15 -6.32
N THR B 299 -32.62 -1.37 -5.68
CA THR B 299 -32.39 -1.00 -4.29
C THR B 299 -32.39 -2.22 -3.39
N LYS B 300 -33.29 -3.17 -3.63
CA LYS B 300 -33.30 -4.40 -2.85
C LYS B 300 -31.99 -5.15 -2.99
N CYS B 301 -31.48 -5.27 -4.22
CA CYS B 301 -30.21 -5.95 -4.45
C CYS B 301 -29.07 -5.22 -3.74
N THR B 302 -29.09 -3.88 -3.81
CA THR B 302 -28.04 -3.10 -3.15
C THR B 302 -28.07 -3.31 -1.63
N LEU B 303 -29.27 -3.37 -1.05
CA LEU B 303 -29.41 -3.50 0.40
C LEU B 303 -29.38 -4.95 0.86
N LYS B 304 -29.38 -5.92 -0.05
CA LYS B 304 -29.38 -7.34 0.32
C LYS B 304 -30.55 -7.67 1.24
N SER B 305 -31.72 -7.14 0.92
CA SER B 305 -32.91 -7.36 1.73
C SER B 305 -34.15 -7.22 0.86
N PHE B 306 -35.17 -8.04 1.15
CA PHE B 306 -36.44 -7.94 0.47
C PHE B 306 -37.35 -6.86 1.05
N THR B 307 -37.01 -6.33 2.22
CA THR B 307 -37.75 -5.25 2.86
C THR B 307 -36.88 -4.01 2.91
N VAL B 308 -37.39 -2.91 2.36
CA VAL B 308 -36.67 -1.64 2.31
C VAL B 308 -37.44 -0.63 3.15
N GLU B 309 -36.75 0.01 4.08
CA GLU B 309 -37.38 1.01 4.94
C GLU B 309 -37.43 2.35 4.22
N LYS B 310 -38.28 3.24 4.73
CA LYS B 310 -38.41 4.57 4.15
C LYS B 310 -37.06 5.29 4.18
N GLY B 311 -36.72 5.93 3.08
CA GLY B 311 -35.49 6.68 2.98
C GLY B 311 -34.98 6.69 1.56
N ILE B 312 -33.94 7.48 1.36
CA ILE B 312 -33.27 7.61 0.06
C ILE B 312 -32.00 6.78 0.09
N TYR B 313 -31.80 5.96 -0.95
CA TYR B 313 -30.67 5.06 -1.04
C TYR B 313 -29.95 5.27 -2.36
N GLN B 314 -28.63 5.41 -2.30
CA GLN B 314 -27.81 5.49 -3.51
C GLN B 314 -27.68 4.10 -4.12
N THR B 315 -27.95 4.00 -5.42
CA THR B 315 -28.00 2.70 -6.09
C THR B 315 -26.89 2.53 -7.12
N SER B 316 -26.78 3.44 -8.09
CA SER B 316 -25.83 3.27 -9.18
C SER B 316 -25.33 4.64 -9.60
N ASN B 317 -24.63 4.68 -10.74
CA ASN B 317 -24.05 5.91 -11.29
C ASN B 317 -24.55 6.08 -12.71
N PHE B 318 -25.03 7.28 -13.03
CA PHE B 318 -25.54 7.59 -14.36
C PHE B 318 -24.41 8.21 -15.19
N ARG B 319 -23.94 7.47 -16.19
CA ARG B 319 -22.83 7.88 -17.04
C ARG B 319 -23.33 8.10 -18.45
N VAL B 320 -23.02 9.27 -19.01
CA VAL B 320 -23.42 9.59 -20.38
C VAL B 320 -22.30 9.15 -21.33
N GLN B 321 -22.67 8.32 -22.32
CA GLN B 321 -21.68 7.82 -23.27
C GLN B 321 -21.64 8.69 -24.52
N PRO B 322 -20.49 8.76 -25.19
CA PRO B 322 -20.40 9.59 -26.41
C PRO B 322 -21.19 8.99 -27.55
N THR B 323 -21.87 9.87 -28.29
CA THR B 323 -22.70 9.47 -29.42
C THR B 323 -21.96 9.47 -30.75
N GLU B 324 -20.78 10.09 -30.82
CA GLU B 324 -20.04 10.20 -32.07
C GLU B 324 -18.55 10.19 -31.77
N SER B 325 -17.74 10.31 -32.82
CA SER B 325 -16.31 10.47 -32.72
C SER B 325 -15.88 11.58 -33.67
N ILE B 326 -15.12 12.53 -33.16
CA ILE B 326 -14.73 13.72 -33.91
C ILE B 326 -13.21 13.77 -34.00
N VAL B 327 -12.70 13.92 -35.21
CA VAL B 327 -11.27 14.06 -35.48
C VAL B 327 -11.08 15.31 -36.34
N ARG B 328 -10.31 16.26 -35.82
CA ARG B 328 -10.02 17.50 -36.54
C ARG B 328 -8.52 17.64 -36.70
N PHE B 329 -8.09 17.96 -37.92
CA PHE B 329 -6.69 18.07 -38.28
C PHE B 329 -6.46 19.39 -39.01
N PRO B 330 -5.20 19.84 -39.10
CA PRO B 330 -4.94 21.18 -39.64
C PRO B 330 -5.49 21.35 -41.05
N ASN B 331 -5.38 22.58 -41.54
CA ASN B 331 -5.98 22.95 -42.82
C ASN B 331 -5.43 22.08 -43.94
N ILE B 332 -6.11 22.12 -45.08
CA ILE B 332 -5.77 21.23 -46.19
C ILE B 332 -4.32 21.46 -46.64
N THR B 333 -3.89 22.71 -46.64
CA THR B 333 -2.49 23.10 -46.72
C THR B 333 -1.74 22.37 -47.85
N ASN B 334 -2.08 22.76 -49.08
CA ASN B 334 -1.32 22.37 -50.26
C ASN B 334 -1.49 20.90 -50.68
N LEU B 335 -2.72 20.49 -50.95
CA LEU B 335 -2.98 19.20 -51.58
C LEU B 335 -2.16 19.06 -52.86
N CYS B 336 -2.00 17.81 -53.30
CA CYS B 336 -1.13 17.51 -54.41
C CYS B 336 -1.60 18.19 -55.70
N PRO B 337 -0.68 18.42 -56.65
CA PRO B 337 -1.04 19.08 -57.93
C PRO B 337 -1.63 18.11 -58.95
N PHE B 338 -2.90 17.78 -58.76
CA PHE B 338 -3.58 16.90 -59.70
C PHE B 338 -4.13 17.69 -60.89
N GLY B 339 -4.54 18.93 -60.67
CA GLY B 339 -5.08 19.73 -61.76
C GLY B 339 -4.12 19.89 -62.91
N GLU B 340 -2.83 20.04 -62.61
CA GLU B 340 -1.83 20.22 -63.65
C GLU B 340 -1.88 19.07 -64.65
N VAL B 341 -1.96 17.83 -64.16
CA VAL B 341 -2.05 16.68 -65.05
C VAL B 341 -3.44 16.58 -65.68
N PHE B 342 -4.49 16.78 -64.88
CA PHE B 342 -5.84 16.56 -65.39
C PHE B 342 -6.31 17.75 -66.23
N ASN B 343 -6.19 18.97 -65.71
CA ASN B 343 -6.64 20.16 -66.42
C ASN B 343 -5.66 20.61 -67.49
N ALA B 344 -4.68 19.80 -67.83
CA ALA B 344 -3.72 20.18 -68.87
C ALA B 344 -4.46 20.42 -70.19
N THR B 345 -4.16 21.55 -70.83
CA THR B 345 -4.82 21.90 -72.08
C THR B 345 -4.49 20.89 -73.18
N ARG B 346 -3.22 20.48 -73.27
CA ARG B 346 -2.76 19.59 -74.32
C ARG B 346 -2.13 18.35 -73.70
N PHE B 347 -2.49 17.19 -74.25
CA PHE B 347 -1.96 15.90 -73.81
C PHE B 347 -0.96 15.38 -74.83
N ALA B 348 0.05 14.66 -74.34
CA ALA B 348 1.06 14.09 -75.21
C ALA B 348 0.47 12.91 -75.99
N SER B 349 1.20 12.51 -77.03
CA SER B 349 0.77 11.39 -77.85
C SER B 349 0.95 10.07 -77.10
N VAL B 350 0.23 9.05 -77.56
CA VAL B 350 0.28 7.75 -76.90
C VAL B 350 1.69 7.17 -76.97
N TYR B 351 2.34 7.26 -78.14
CA TYR B 351 3.71 6.79 -78.25
C TYR B 351 4.66 7.65 -77.42
N ALA B 352 4.38 8.94 -77.29
CA ALA B 352 5.17 9.87 -76.48
C ALA B 352 4.47 10.21 -75.18
N TRP B 353 3.82 9.24 -74.55
CA TRP B 353 3.07 9.48 -73.33
C TRP B 353 3.95 10.16 -72.28
N ASN B 354 3.42 11.19 -71.64
CA ASN B 354 4.17 12.01 -70.71
C ASN B 354 4.12 11.40 -69.31
N ARG B 355 5.29 11.26 -68.70
CA ARG B 355 5.41 10.76 -67.34
C ARG B 355 5.57 11.94 -66.38
N LYS B 356 4.76 11.95 -65.32
CA LYS B 356 4.81 12.99 -64.30
C LYS B 356 4.95 12.34 -62.94
N ARG B 357 6.07 12.57 -62.27
CA ARG B 357 6.29 11.98 -60.95
C ARG B 357 5.67 12.86 -59.88
N ILE B 358 4.97 12.22 -58.94
CA ILE B 358 4.30 12.91 -57.85
C ILE B 358 4.87 12.40 -56.54
N SER B 359 5.35 13.32 -55.70
CA SER B 359 5.94 12.94 -54.42
C SER B 359 5.98 14.17 -53.53
N ASN B 360 6.00 13.92 -52.21
CA ASN B 360 6.15 14.97 -51.21
C ASN B 360 4.97 15.94 -51.24
N CYS B 361 3.77 15.39 -51.20
CA CYS B 361 2.55 16.20 -51.10
C CYS B 361 1.42 15.30 -50.61
N VAL B 362 0.42 15.92 -50.00
CA VAL B 362 -0.75 15.19 -49.53
C VAL B 362 -1.71 15.01 -50.70
N ALA B 363 -1.97 13.76 -51.08
CA ALA B 363 -2.75 13.43 -52.27
C ALA B 363 -4.21 13.26 -51.87
N ASP B 364 -5.08 14.10 -52.41
CA ASP B 364 -6.52 14.01 -52.20
C ASP B 364 -7.13 13.34 -53.43
N TYR B 365 -7.28 12.01 -53.36
CA TYR B 365 -7.85 11.25 -54.45
C TYR B 365 -9.37 11.37 -54.54
N SER B 366 -10.01 12.00 -53.55
CA SER B 366 -11.46 12.12 -53.58
C SER B 366 -11.93 12.90 -54.78
N VAL B 367 -11.16 13.92 -55.20
CA VAL B 367 -11.53 14.69 -56.38
C VAL B 367 -11.53 13.82 -57.63
N LEU B 368 -10.89 12.65 -57.57
CA LEU B 368 -10.82 11.77 -58.74
C LEU B 368 -12.12 10.97 -58.91
N TYR B 369 -12.55 10.31 -57.83
CA TYR B 369 -13.83 9.55 -57.84
C TYR B 369 -14.94 10.58 -58.00
N ASN B 370 -14.72 11.80 -57.51
CA ASN B 370 -15.72 12.90 -57.60
C ASN B 370 -15.69 13.46 -59.03
N SER B 371 -14.53 13.45 -59.69
CA SER B 371 -14.39 13.94 -61.08
C SER B 371 -15.38 13.16 -61.97
N ALA B 372 -16.61 13.64 -62.08
CA ALA B 372 -17.67 12.98 -62.88
C ALA B 372 -17.34 13.08 -64.37
N SER B 373 -16.20 13.70 -64.73
CA SER B 373 -15.75 13.84 -66.13
C SER B 373 -14.73 12.75 -66.45
N PHE B 374 -14.92 11.54 -65.92
CA PHE B 374 -14.02 10.37 -66.19
C PHE B 374 -14.86 9.26 -66.83
N SER B 375 -14.74 9.06 -68.14
CA SER B 375 -15.46 8.01 -68.85
C SER B 375 -15.16 6.63 -68.24
N THR B 376 -13.90 6.37 -67.91
CA THR B 376 -13.48 5.10 -67.34
C THR B 376 -12.72 5.35 -66.05
N PHE B 377 -12.94 4.47 -65.06
CA PHE B 377 -12.22 4.54 -63.79
C PHE B 377 -12.09 3.12 -63.25
N LYS B 378 -10.88 2.77 -62.84
CA LYS B 378 -10.62 1.42 -62.34
C LYS B 378 -9.24 1.39 -61.71
N CYS B 379 -9.11 0.62 -60.63
CA CYS B 379 -7.87 0.48 -59.91
C CYS B 379 -7.59 -1.00 -59.66
N TYR B 380 -6.30 -1.33 -59.57
CA TYR B 380 -5.85 -2.71 -59.47
C TYR B 380 -4.93 -2.84 -58.28
N GLY B 381 -5.19 -3.84 -57.44
CA GLY B 381 -4.39 -4.08 -56.25
C GLY B 381 -4.70 -3.17 -55.08
N VAL B 382 -5.65 -2.24 -55.24
CA VAL B 382 -6.02 -1.32 -54.18
C VAL B 382 -7.48 -0.93 -54.36
N SER B 383 -8.11 -0.50 -53.28
CA SER B 383 -9.48 -0.02 -53.33
C SER B 383 -9.48 1.45 -53.72
N PRO B 384 -10.22 1.86 -54.76
CA PRO B 384 -10.21 3.29 -55.13
C PRO B 384 -10.62 4.21 -53.99
N THR B 385 -11.60 3.80 -53.17
CA THR B 385 -11.99 4.61 -52.02
C THR B 385 -10.91 4.65 -50.96
N LYS B 386 -10.02 3.66 -50.93
CA LYS B 386 -8.94 3.63 -49.96
C LYS B 386 -7.75 4.51 -50.36
N LEU B 387 -7.73 5.02 -51.59
CA LEU B 387 -6.60 5.83 -52.04
C LEU B 387 -6.39 7.03 -51.12
N ASN B 388 -7.47 7.61 -50.61
CA ASN B 388 -7.36 8.76 -49.72
C ASN B 388 -6.66 8.45 -48.41
N ASP B 389 -6.58 7.17 -48.02
CA ASP B 389 -5.94 6.77 -46.77
C ASP B 389 -4.73 5.88 -47.04
N LEU B 390 -3.93 6.22 -48.05
CA LEU B 390 -2.75 5.46 -48.41
C LEU B 390 -1.57 6.40 -48.62
N CYS B 391 -0.37 5.87 -48.39
CA CYS B 391 0.87 6.62 -48.56
C CYS B 391 1.80 5.86 -49.49
N PHE B 392 2.59 6.59 -50.26
CA PHE B 392 3.40 5.99 -51.32
C PHE B 392 4.71 6.77 -51.47
N THR B 393 5.77 6.04 -51.80
CA THR B 393 7.07 6.66 -52.00
C THR B 393 7.08 7.56 -53.24
N ASN B 394 6.52 7.06 -54.35
CA ASN B 394 6.47 7.82 -55.59
C ASN B 394 5.23 7.42 -56.36
N VAL B 395 4.79 8.33 -57.24
CA VAL B 395 3.62 8.11 -58.09
C VAL B 395 3.94 8.68 -59.47
N TYR B 396 3.58 7.92 -60.50
CA TYR B 396 3.83 8.32 -61.89
C TYR B 396 2.51 8.38 -62.62
N ALA B 397 2.18 9.56 -63.15
CA ALA B 397 0.96 9.77 -63.92
C ALA B 397 1.31 9.77 -65.39
N ASP B 398 0.86 8.74 -66.11
CA ASP B 398 1.12 8.58 -67.54
C ASP B 398 -0.07 9.16 -68.30
N SER B 399 0.14 10.29 -68.97
CA SER B 399 -0.92 11.02 -69.65
C SER B 399 -0.71 10.93 -71.15
N PHE B 400 -1.79 10.63 -71.88
CA PHE B 400 -1.74 10.51 -73.33
C PHE B 400 -3.17 10.46 -73.85
N VAL B 401 -3.32 10.51 -75.17
CA VAL B 401 -4.62 10.47 -75.84
C VAL B 401 -4.67 9.26 -76.76
N ILE B 402 -5.82 8.60 -76.80
CA ILE B 402 -6.05 7.45 -77.67
C ILE B 402 -7.53 7.43 -78.06
N ARG B 403 -7.84 6.68 -79.11
CA ARG B 403 -9.23 6.54 -79.53
C ARG B 403 -10.04 5.82 -78.46
N GLY B 404 -11.32 6.21 -78.33
CA GLY B 404 -12.15 5.65 -77.29
C GLY B 404 -12.25 4.14 -77.36
N ASP B 405 -12.46 3.61 -78.57
CA ASP B 405 -12.58 2.16 -78.72
C ASP B 405 -11.28 1.45 -78.37
N GLU B 406 -10.15 2.15 -78.38
CA GLU B 406 -8.86 1.55 -78.00
C GLU B 406 -8.62 1.60 -76.50
N VAL B 407 -9.55 2.17 -75.72
CA VAL B 407 -9.34 2.27 -74.28
C VAL B 407 -9.22 0.89 -73.65
N ARG B 408 -9.86 -0.12 -74.24
CA ARG B 408 -9.79 -1.47 -73.68
C ARG B 408 -8.36 -2.00 -73.68
N GLN B 409 -7.53 -1.57 -74.64
CA GLN B 409 -6.16 -2.04 -74.73
C GLN B 409 -5.30 -1.57 -73.55
N ILE B 410 -5.74 -0.58 -72.80
CA ILE B 410 -4.97 -0.05 -71.67
C ILE B 410 -5.39 -0.86 -70.44
N ALA B 411 -4.75 -2.00 -70.25
CA ALA B 411 -4.97 -2.84 -69.08
C ALA B 411 -3.91 -3.94 -69.06
N PRO B 412 -3.68 -4.56 -67.91
CA PRO B 412 -2.68 -5.63 -67.84
C PRO B 412 -3.02 -6.78 -68.78
N GLY B 413 -1.99 -7.39 -69.35
CA GLY B 413 -2.17 -8.51 -70.24
C GLY B 413 -2.90 -8.18 -71.52
N GLN B 414 -3.02 -6.90 -71.86
CA GLN B 414 -3.70 -6.50 -73.09
C GLN B 414 -2.77 -6.65 -74.29
N THR B 415 -3.38 -6.70 -75.47
CA THR B 415 -2.64 -6.83 -76.72
C THR B 415 -3.05 -5.70 -77.67
N GLY B 416 -2.56 -5.76 -78.90
CA GLY B 416 -2.84 -4.75 -79.89
C GLY B 416 -1.69 -3.76 -80.04
N LYS B 417 -1.83 -2.90 -81.05
CA LYS B 417 -0.78 -1.93 -81.34
C LYS B 417 -0.57 -0.98 -80.16
N ILE B 418 -1.66 -0.46 -79.58
CA ILE B 418 -1.52 0.50 -78.49
C ILE B 418 -0.81 -0.15 -77.31
N ALA B 419 -1.21 -1.36 -76.94
CA ALA B 419 -0.59 -2.02 -75.80
C ALA B 419 0.82 -2.49 -76.12
N ASP B 420 1.02 -3.11 -77.29
CA ASP B 420 2.30 -3.73 -77.60
C ASP B 420 3.38 -2.68 -77.86
N TYR B 421 3.09 -1.70 -78.71
CA TYR B 421 4.13 -0.82 -79.24
C TYR B 421 3.99 0.64 -78.81
N ASN B 422 2.96 1.00 -78.06
CA ASN B 422 2.79 2.38 -77.61
C ASN B 422 2.83 2.50 -76.09
N TYR B 423 2.10 1.67 -75.37
CA TYR B 423 2.12 1.72 -73.90
C TYR B 423 1.67 0.36 -73.37
N LYS B 424 2.61 -0.39 -72.80
CA LYS B 424 2.34 -1.70 -72.21
C LYS B 424 2.28 -1.57 -70.69
N LEU B 425 1.40 -2.35 -70.06
CA LEU B 425 1.25 -2.34 -68.62
C LEU B 425 1.71 -3.66 -68.01
N PRO B 426 2.20 -3.65 -66.78
CA PRO B 426 2.58 -4.91 -66.12
C PRO B 426 1.36 -5.76 -65.82
N ASP B 427 1.58 -7.08 -65.81
CA ASP B 427 0.48 -8.00 -65.58
C ASP B 427 -0.17 -7.77 -64.22
N ASP B 428 0.64 -7.63 -63.17
CA ASP B 428 0.17 -7.35 -61.82
C ASP B 428 0.16 -5.86 -61.53
N PHE B 429 -0.47 -5.07 -62.38
CA PHE B 429 -0.44 -3.61 -62.23
C PHE B 429 -1.07 -3.19 -60.91
N THR B 430 -0.40 -2.28 -60.21
CA THR B 430 -0.86 -1.73 -58.94
C THR B 430 -1.06 -0.23 -59.14
N GLY B 431 -2.24 0.15 -59.59
CA GLY B 431 -2.54 1.55 -59.84
C GLY B 431 -3.92 1.69 -60.43
N CYS B 432 -4.21 2.92 -60.86
CA CYS B 432 -5.52 3.27 -61.40
C CYS B 432 -5.39 3.75 -62.84
N VAL B 433 -6.39 3.44 -63.64
CA VAL B 433 -6.49 3.88 -65.03
C VAL B 433 -7.73 4.75 -65.17
N ILE B 434 -7.57 5.96 -65.69
CA ILE B 434 -8.64 6.93 -65.81
C ILE B 434 -8.64 7.49 -67.23
N ALA B 435 -9.82 7.58 -67.84
CA ALA B 435 -9.96 8.11 -69.18
C ALA B 435 -11.22 8.96 -69.25
N TRP B 436 -11.21 9.93 -70.15
CA TRP B 436 -12.38 10.79 -70.36
C TRP B 436 -12.39 11.28 -71.80
N ASN B 437 -13.58 11.68 -72.26
CA ASN B 437 -13.75 12.13 -73.63
C ASN B 437 -12.97 13.42 -73.86
N SER B 438 -12.39 13.56 -75.06
CA SER B 438 -11.67 14.76 -75.43
C SER B 438 -12.00 15.18 -76.86
N ASN B 439 -13.18 14.81 -77.35
CA ASN B 439 -13.58 15.20 -78.70
C ASN B 439 -13.65 16.71 -78.83
N ASN B 440 -14.22 17.39 -77.83
CA ASN B 440 -14.31 18.84 -77.88
C ASN B 440 -12.93 19.51 -77.83
N LEU B 441 -11.90 18.79 -77.39
CA LEU B 441 -10.56 19.35 -77.25
C LEU B 441 -9.56 18.81 -78.26
N ASP B 442 -9.59 17.51 -78.54
CA ASP B 442 -8.59 16.86 -79.37
C ASP B 442 -9.08 16.57 -80.79
N SER B 443 -10.20 17.16 -81.20
CA SER B 443 -10.74 16.99 -82.54
C SER B 443 -10.83 18.34 -83.25
N LYS B 444 -10.63 18.31 -84.57
CA LYS B 444 -10.68 19.51 -85.38
C LYS B 444 -11.42 19.21 -86.68
N VAL B 445 -12.02 20.25 -87.25
CA VAL B 445 -12.71 20.09 -88.53
C VAL B 445 -11.70 19.79 -89.61
N GLY B 446 -12.02 18.80 -90.45
CA GLY B 446 -11.13 18.36 -91.50
C GLY B 446 -10.05 17.38 -91.06
N GLY B 447 -10.09 16.93 -89.82
CA GLY B 447 -9.12 15.97 -89.33
C GLY B 447 -8.00 16.60 -88.52
N ASN B 448 -7.90 16.20 -87.25
CA ASN B 448 -6.83 16.66 -86.36
C ASN B 448 -5.72 15.61 -86.39
N TYR B 449 -4.61 15.95 -87.05
CA TYR B 449 -3.51 15.02 -87.26
C TYR B 449 -2.37 15.23 -86.27
N ASN B 450 -2.55 16.06 -85.25
CA ASN B 450 -1.48 16.31 -84.30
C ASN B 450 -1.11 15.05 -83.54
N TYR B 451 -2.10 14.29 -83.09
CA TYR B 451 -1.85 13.11 -82.27
C TYR B 451 -1.37 11.95 -83.14
N LEU B 452 -0.37 11.22 -82.63
CA LEU B 452 0.25 10.12 -83.37
C LEU B 452 0.37 8.91 -82.46
N TYR B 453 0.57 7.74 -83.07
CA TYR B 453 0.74 6.50 -82.33
C TYR B 453 1.65 5.56 -83.12
N ARG B 454 2.44 4.78 -82.40
CA ARG B 454 3.35 3.83 -83.01
C ARG B 454 2.57 2.57 -83.40
N LEU B 455 2.56 2.26 -84.69
CA LEU B 455 1.86 1.08 -85.20
C LEU B 455 2.78 -0.09 -85.46
N PHE B 456 4.02 0.15 -85.88
CA PHE B 456 4.97 -0.89 -86.23
C PHE B 456 6.18 -0.81 -85.31
N ARG B 457 6.64 -1.97 -84.85
CA ARG B 457 7.85 -2.06 -84.03
C ARG B 457 8.31 -3.51 -84.01
N LYS B 458 9.62 -3.69 -83.85
CA LYS B 458 10.19 -5.03 -83.91
C LYS B 458 9.66 -5.92 -82.78
N SER B 459 9.57 -5.38 -81.57
CA SER B 459 9.18 -6.15 -80.40
C SER B 459 8.16 -5.36 -79.59
N ASN B 460 7.43 -6.09 -78.74
CA ASN B 460 6.46 -5.47 -77.85
C ASN B 460 7.17 -4.72 -76.72
N LEU B 461 6.64 -3.56 -76.38
CA LEU B 461 7.22 -2.78 -75.29
C LEU B 461 7.04 -3.50 -73.96
N LYS B 462 8.07 -3.45 -73.13
CA LYS B 462 7.97 -3.98 -71.77
C LYS B 462 7.12 -3.05 -70.91
N PRO B 463 6.63 -3.55 -69.78
CA PRO B 463 5.81 -2.69 -68.92
C PRO B 463 6.53 -1.38 -68.58
N PHE B 464 5.78 -0.28 -68.66
CA PHE B 464 6.31 1.05 -68.33
C PHE B 464 7.51 1.40 -69.20
N GLU B 465 7.46 1.03 -70.48
CA GLU B 465 8.53 1.33 -71.43
C GLU B 465 7.99 2.24 -72.53
N ARG B 466 8.75 3.29 -72.84
CA ARG B 466 8.40 4.23 -73.90
C ARG B 466 9.45 4.16 -75.00
N ASP B 467 8.99 4.03 -76.24
CA ASP B 467 9.87 3.98 -77.41
C ASP B 467 9.52 5.16 -78.30
N ILE B 468 10.38 6.17 -78.31
CA ILE B 468 10.17 7.37 -79.12
C ILE B 468 11.01 7.38 -80.38
N SER B 469 11.99 6.49 -80.52
CA SER B 469 12.80 6.43 -81.72
C SER B 469 11.92 6.12 -82.93
N THR B 470 12.09 6.88 -84.00
CA THR B 470 11.26 6.77 -85.20
C THR B 470 12.06 6.28 -86.41
N GLU B 471 13.00 5.37 -86.20
CA GLU B 471 13.73 4.78 -87.32
C GLU B 471 12.79 3.95 -88.17
N ILE B 472 13.05 3.95 -89.48
CA ILE B 472 12.18 3.23 -90.41
C ILE B 472 12.19 1.75 -90.07
N TYR B 473 11.01 1.19 -89.86
CA TYR B 473 10.88 -0.21 -89.47
C TYR B 473 10.99 -1.11 -90.69
N GLN B 474 11.82 -2.15 -90.58
CA GLN B 474 12.05 -3.09 -91.67
C GLN B 474 10.99 -4.18 -91.59
N ALA B 475 9.89 -3.99 -92.32
CA ALA B 475 8.80 -4.95 -92.35
C ALA B 475 9.00 -6.03 -93.41
N GLY B 476 10.02 -5.92 -94.25
CA GLY B 476 10.27 -6.89 -95.30
C GLY B 476 11.74 -7.24 -95.40
N SER B 477 12.02 -8.24 -96.24
CA SER B 477 13.39 -8.70 -96.42
C SER B 477 14.31 -7.59 -96.92
N THR B 478 13.81 -6.68 -97.75
CA THR B 478 14.61 -5.58 -98.26
C THR B 478 14.82 -4.55 -97.16
N PRO B 479 16.06 -4.24 -96.77
CA PRO B 479 16.25 -3.24 -95.71
C PRO B 479 15.77 -1.86 -96.15
N CYS B 480 15.19 -1.13 -95.20
CA CYS B 480 14.74 0.23 -95.49
C CYS B 480 15.89 1.21 -95.53
N ASN B 481 16.91 1.02 -94.70
CA ASN B 481 18.07 1.91 -94.66
C ASN B 481 17.65 3.35 -94.39
N GLY B 482 16.62 3.53 -93.57
CA GLY B 482 16.16 4.86 -93.23
C GLY B 482 15.36 5.55 -94.31
N VAL B 483 14.89 4.81 -95.31
CA VAL B 483 14.13 5.37 -96.43
C VAL B 483 12.74 4.75 -96.41
N GLU B 484 11.71 5.60 -96.41
CA GLU B 484 10.34 5.14 -96.43
C GLU B 484 9.95 4.69 -97.84
N GLY B 485 9.10 3.67 -97.92
CA GLY B 485 8.68 3.16 -99.21
C GLY B 485 7.99 1.82 -99.06
N PHE B 486 8.01 1.05 -100.15
CA PHE B 486 7.41 -0.28 -100.13
C PHE B 486 8.07 -1.13 -99.05
N ASN B 487 7.23 -1.82 -98.26
CA ASN B 487 7.68 -2.59 -97.11
C ASN B 487 8.35 -1.71 -96.06
N CYS B 488 8.11 -0.40 -96.11
CA CYS B 488 8.69 0.54 -95.14
C CYS B 488 7.67 1.65 -94.94
N TYR B 489 6.85 1.50 -93.90
CA TYR B 489 5.75 2.42 -93.63
C TYR B 489 6.14 3.43 -92.55
N PHE B 490 5.40 4.54 -92.52
CA PHE B 490 5.60 5.58 -91.53
C PHE B 490 5.43 4.98 -90.14
N PRO B 491 6.49 4.85 -89.35
CA PRO B 491 6.38 4.09 -88.09
C PRO B 491 5.26 4.58 -87.18
N LEU B 492 5.09 5.90 -87.08
CA LEU B 492 3.96 6.47 -86.36
C LEU B 492 2.77 6.60 -87.32
N GLN B 493 1.59 6.76 -86.74
CA GLN B 493 0.38 6.97 -87.52
C GLN B 493 -0.49 8.01 -86.82
N SER B 494 -1.23 8.77 -87.62
CA SER B 494 -2.06 9.86 -87.13
C SER B 494 -3.51 9.43 -87.11
N TYR B 495 -4.18 9.64 -85.99
CA TYR B 495 -5.59 9.26 -85.88
C TYR B 495 -6.46 10.09 -86.80
N GLY B 496 -6.14 11.37 -86.96
CA GLY B 496 -6.97 12.26 -87.76
C GLY B 496 -8.34 12.48 -87.17
N PHE B 497 -8.39 12.77 -85.87
CA PHE B 497 -9.66 12.95 -85.19
C PHE B 497 -10.47 14.06 -85.86
N GLN B 498 -11.77 13.84 -85.98
CA GLN B 498 -12.71 14.80 -86.55
C GLN B 498 -13.91 14.93 -85.64
N PRO B 499 -14.61 16.07 -85.69
CA PRO B 499 -15.84 16.19 -84.88
C PRO B 499 -16.89 15.16 -85.25
N THR B 500 -16.91 14.70 -86.50
CA THR B 500 -17.89 13.71 -86.94
C THR B 500 -17.54 12.29 -86.49
N ASN B 501 -16.35 12.07 -85.94
CA ASN B 501 -15.99 10.74 -85.47
C ASN B 501 -16.94 10.26 -84.39
N GLY B 502 -17.24 8.97 -84.40
CA GLY B 502 -18.11 8.41 -83.40
C GLY B 502 -17.46 8.37 -82.03
N VAL B 503 -18.28 8.11 -81.02
CA VAL B 503 -17.79 8.10 -79.64
C VAL B 503 -16.66 7.10 -79.49
N GLY B 504 -16.78 5.93 -80.12
CA GLY B 504 -15.69 4.98 -80.09
C GLY B 504 -14.46 5.47 -80.84
N TYR B 505 -14.68 6.29 -81.87
CA TYR B 505 -13.59 6.81 -82.68
C TYR B 505 -13.12 8.19 -82.23
N GLN B 506 -13.82 8.84 -81.31
CA GLN B 506 -13.41 10.15 -80.84
C GLN B 506 -12.17 10.04 -79.97
N PRO B 507 -11.39 11.10 -79.87
CA PRO B 507 -10.22 11.09 -79.00
C PRO B 507 -10.61 11.06 -77.53
N TYR B 508 -9.78 10.40 -76.72
CA TYR B 508 -9.98 10.31 -75.29
C TYR B 508 -8.67 10.53 -74.57
N ARG B 509 -8.69 11.39 -73.55
CA ARG B 509 -7.52 11.66 -72.73
C ARG B 509 -7.47 10.66 -71.58
N VAL B 510 -6.34 9.97 -71.45
CA VAL B 510 -6.19 8.89 -70.48
C VAL B 510 -5.00 9.20 -69.59
N VAL B 511 -5.21 9.09 -68.27
CA VAL B 511 -4.16 9.25 -67.27
C VAL B 511 -4.09 7.97 -66.45
N VAL B 512 -2.91 7.37 -66.37
CA VAL B 512 -2.69 6.15 -65.61
C VAL B 512 -1.72 6.47 -64.47
N LEU B 513 -2.17 6.23 -63.24
CA LEU B 513 -1.37 6.48 -62.05
C LEU B 513 -0.79 5.16 -61.55
N SER B 514 0.53 5.03 -61.59
CA SER B 514 1.23 3.85 -61.11
C SER B 514 1.96 4.19 -59.82
N PHE B 515 1.77 3.35 -58.81
CA PHE B 515 2.31 3.57 -57.48
C PHE B 515 3.52 2.67 -57.28
N GLU B 516 4.64 3.27 -56.86
CA GLU B 516 5.89 2.54 -56.64
C GLU B 516 6.10 2.36 -55.15
N LEU B 517 6.16 1.11 -54.70
CA LEU B 517 6.44 0.76 -53.31
C LEU B 517 7.65 -0.16 -53.28
N LEU B 518 8.71 0.28 -52.63
CA LEU B 518 9.96 -0.47 -52.54
C LEU B 518 10.51 -0.42 -51.12
N HIS B 519 9.63 -0.56 -50.12
CA HIS B 519 10.01 -0.57 -48.72
C HIS B 519 10.63 0.74 -48.26
N ALA B 520 10.65 1.75 -49.14
CA ALA B 520 11.23 3.05 -48.83
C ALA B 520 10.21 3.94 -48.15
N PRO B 521 10.65 5.01 -47.49
CA PRO B 521 9.70 5.92 -46.85
C PRO B 521 8.73 6.49 -47.86
N ALA B 522 7.47 6.66 -47.43
CA ALA B 522 6.42 7.15 -48.31
C ALA B 522 6.47 8.68 -48.37
N THR B 523 6.40 9.21 -49.59
CA THR B 523 6.43 10.66 -49.80
C THR B 523 5.04 11.25 -49.99
N VAL B 524 4.09 10.46 -50.48
CA VAL B 524 2.72 10.91 -50.67
C VAL B 524 1.86 10.33 -49.57
N CYS B 525 0.85 11.08 -49.12
CA CYS B 525 -0.03 10.68 -47.99
C CYS B 525 -1.33 11.49 -48.00
N GLY B 526 -2.49 10.84 -48.08
CA GLY B 526 -3.78 11.54 -48.07
C GLY B 526 -3.82 12.66 -47.04
N PRO B 527 -4.21 13.90 -47.40
CA PRO B 527 -4.21 15.03 -46.48
C PRO B 527 -5.00 14.71 -45.19
N LYS B 528 -4.45 15.02 -44.02
CA LYS B 528 -5.11 14.74 -42.71
C LYS B 528 -6.63 14.89 -42.85
N LYS B 529 -7.37 13.78 -42.80
CA LYS B 529 -8.86 13.80 -42.92
C LYS B 529 -9.46 14.34 -41.61
N SER B 530 -10.42 15.26 -41.69
CA SER B 530 -11.08 15.85 -40.51
C SER B 530 -12.60 15.64 -40.59
N THR B 531 -13.27 15.38 -39.46
CA THR B 531 -14.74 15.15 -39.41
C THR B 531 -15.46 16.50 -39.28
N ASN B 532 -16.79 16.50 -39.36
CA ASN B 532 -17.60 17.75 -39.24
C ASN B 532 -17.54 18.23 -37.79
N LEU B 533 -18.04 19.44 -37.50
CA LEU B 533 -18.04 19.99 -36.15
C LEU B 533 -19.40 19.73 -35.51
N VAL B 534 -19.38 19.07 -34.35
CA VAL B 534 -20.59 18.82 -33.57
C VAL B 534 -20.41 19.49 -32.21
N LYS B 535 -21.44 20.22 -31.77
CA LYS B 535 -21.36 21.03 -30.57
C LYS B 535 -22.56 20.76 -29.67
N ASN B 536 -22.35 20.97 -28.37
CA ASN B 536 -23.38 20.87 -27.34
C ASN B 536 -23.87 19.45 -27.10
N LYS B 537 -23.16 18.44 -27.61
CA LYS B 537 -23.49 17.04 -27.38
C LYS B 537 -22.24 16.28 -27.00
N CYS B 538 -22.40 15.32 -26.08
CA CYS B 538 -21.28 14.48 -25.69
C CYS B 538 -20.70 13.78 -26.90
N VAL B 539 -19.37 13.80 -27.02
CA VAL B 539 -18.70 13.25 -28.19
C VAL B 539 -17.23 13.01 -27.85
N ASN B 540 -16.65 12.02 -28.51
CA ASN B 540 -15.22 11.75 -28.41
C ASN B 540 -14.50 12.60 -29.46
N PHE B 541 -13.54 13.40 -29.00
CA PHE B 541 -12.84 14.34 -29.87
C PHE B 541 -11.35 14.01 -29.92
N ASN B 542 -10.73 14.30 -31.05
CA ASN B 542 -9.31 14.05 -31.27
C ASN B 542 -8.76 15.21 -32.10
N PHE B 543 -8.17 16.20 -31.43
CA PHE B 543 -7.59 17.37 -32.09
C PHE B 543 -6.10 17.13 -32.23
N ASN B 544 -5.66 16.90 -33.46
CA ASN B 544 -4.25 16.75 -33.83
C ASN B 544 -3.44 16.05 -32.73
N GLY B 545 -3.89 14.85 -32.37
CA GLY B 545 -3.23 14.02 -31.39
C GLY B 545 -3.76 14.16 -29.98
N LEU B 546 -4.49 15.23 -29.68
CA LEU B 546 -5.06 15.42 -28.35
C LEU B 546 -6.42 14.74 -28.30
N THR B 547 -6.47 13.58 -27.67
CA THR B 547 -7.69 12.78 -27.59
C THR B 547 -8.39 13.00 -26.26
N GLY B 548 -9.72 12.99 -26.31
CA GLY B 548 -10.50 13.18 -25.10
C GLY B 548 -11.98 13.05 -25.41
N THR B 549 -12.77 12.99 -24.34
CA THR B 549 -14.22 12.87 -24.44
C THR B 549 -14.88 13.99 -23.64
N GLY B 550 -15.92 14.58 -24.22
CA GLY B 550 -16.62 15.65 -23.55
C GLY B 550 -17.56 16.36 -24.51
N VAL B 551 -18.03 17.53 -24.08
CA VAL B 551 -18.95 18.35 -24.87
C VAL B 551 -18.18 19.58 -25.32
N LEU B 552 -18.20 19.83 -26.63
CA LEU B 552 -17.53 20.99 -27.21
C LEU B 552 -18.53 22.14 -27.34
N THR B 553 -18.28 23.23 -26.61
CA THR B 553 -19.14 24.39 -26.60
C THR B 553 -18.35 25.62 -27.04
N GLU B 554 -19.05 26.60 -27.61
CA GLU B 554 -18.43 27.85 -27.99
C GLU B 554 -17.77 28.50 -26.79
N SER B 555 -16.55 28.99 -26.98
CA SER B 555 -15.73 29.51 -25.90
C SER B 555 -15.51 31.01 -26.08
N ASN B 556 -15.53 31.74 -24.96
CA ASN B 556 -15.29 33.17 -24.94
C ASN B 556 -13.89 33.52 -24.47
N LYS B 557 -12.99 32.55 -24.40
CA LYS B 557 -11.62 32.80 -24.01
C LYS B 557 -10.91 33.60 -25.11
N LYS B 558 -9.61 33.84 -24.92
CA LYS B 558 -8.82 34.54 -25.94
C LYS B 558 -7.39 33.98 -25.86
N PHE B 559 -7.12 33.00 -26.71
CA PHE B 559 -5.79 32.42 -26.79
C PHE B 559 -4.83 33.38 -27.49
N LEU B 560 -3.55 33.24 -27.17
CA LEU B 560 -2.52 33.95 -27.89
C LEU B 560 -2.33 33.31 -29.27
N PRO B 561 -1.74 34.03 -30.22
CA PRO B 561 -1.63 33.49 -31.58
C PRO B 561 -0.94 32.13 -31.64
N PHE B 562 0.05 31.90 -30.78
CA PHE B 562 0.79 30.65 -30.81
C PHE B 562 0.18 29.56 -29.94
N GLN B 563 -0.64 29.92 -28.95
CA GLN B 563 -1.20 28.93 -28.04
C GLN B 563 -2.25 28.08 -28.75
N GLN B 564 -2.29 26.80 -28.37
CA GLN B 564 -3.19 25.82 -28.97
C GLN B 564 -4.35 25.44 -28.05
N PHE B 565 -4.06 25.00 -26.84
CA PHE B 565 -5.10 24.54 -25.91
C PHE B 565 -4.82 25.09 -24.52
N GLY B 566 -5.88 25.22 -23.74
CA GLY B 566 -5.77 25.69 -22.37
C GLY B 566 -5.97 24.59 -21.36
N ARG B 567 -5.47 24.79 -20.14
CA ARG B 567 -5.57 23.80 -19.08
C ARG B 567 -6.06 24.48 -17.81
N ASP B 568 -6.83 23.73 -17.02
CA ASP B 568 -7.43 24.26 -15.80
C ASP B 568 -6.38 24.32 -14.69
N ILE B 569 -6.81 24.79 -13.51
CA ILE B 569 -5.91 24.85 -12.37
C ILE B 569 -5.44 23.45 -12.00
N ALA B 570 -6.33 22.46 -12.12
CA ALA B 570 -6.01 21.08 -11.82
C ALA B 570 -5.22 20.39 -12.94
N ASP B 571 -4.73 21.14 -13.91
CA ASP B 571 -3.93 20.67 -15.06
C ASP B 571 -4.79 19.99 -16.11
N THR B 572 -6.09 19.83 -15.89
CA THR B 572 -6.95 19.20 -16.88
C THR B 572 -7.19 20.14 -18.06
N THR B 573 -7.27 19.56 -19.25
CA THR B 573 -7.56 20.35 -20.44
C THR B 573 -8.92 21.01 -20.31
N ASP B 574 -8.99 22.29 -20.66
CA ASP B 574 -10.22 23.07 -20.52
C ASP B 574 -10.69 23.66 -21.84
N ALA B 575 -9.79 24.19 -22.66
CA ALA B 575 -10.16 24.82 -23.92
C ALA B 575 -9.20 24.38 -25.01
N VAL B 576 -9.74 24.16 -26.20
CA VAL B 576 -8.96 23.75 -27.37
C VAL B 576 -9.39 24.57 -28.57
N ARG B 577 -8.48 24.73 -29.52
CA ARG B 577 -8.72 25.49 -30.74
C ARG B 577 -8.69 24.56 -31.94
N ASP B 578 -9.63 24.74 -32.86
CA ASP B 578 -9.75 23.87 -34.01
C ASP B 578 -8.56 24.07 -34.96
N PRO B 579 -7.84 23.00 -35.32
CA PRO B 579 -6.71 23.18 -36.25
C PRO B 579 -7.10 23.78 -37.59
N GLN B 580 -8.24 23.40 -38.15
CA GLN B 580 -8.61 23.87 -39.48
C GLN B 580 -8.87 25.38 -39.46
N THR B 581 -9.88 25.81 -38.71
CA THR B 581 -10.24 27.22 -38.59
C THR B 581 -10.09 27.65 -37.13
N LEU B 582 -9.82 28.95 -36.95
CA LEU B 582 -9.33 29.47 -35.67
C LEU B 582 -10.49 29.95 -34.81
N GLU B 583 -11.02 29.04 -34.00
CA GLU B 583 -11.96 29.36 -32.94
C GLU B 583 -11.67 28.49 -31.74
N ILE B 584 -12.10 28.95 -30.57
CA ILE B 584 -11.83 28.28 -29.31
C ILE B 584 -13.09 27.58 -28.82
N LEU B 585 -12.94 26.38 -28.27
CA LEU B 585 -14.05 25.58 -27.78
C LEU B 585 -13.72 25.08 -26.38
N ASP B 586 -14.69 25.14 -25.48
CA ASP B 586 -14.50 24.65 -24.11
C ASP B 586 -14.88 23.18 -24.01
N ILE B 587 -14.14 22.46 -23.16
CA ILE B 587 -14.40 21.04 -22.90
C ILE B 587 -15.05 20.93 -21.53
N THR B 588 -16.15 20.17 -21.46
CA THR B 588 -16.89 20.01 -20.22
C THR B 588 -17.21 18.54 -19.99
N PRO B 589 -17.36 18.13 -18.73
CA PRO B 589 -17.69 16.73 -18.44
C PRO B 589 -19.14 16.43 -18.79
N CYS B 590 -19.43 15.14 -18.94
CA CYS B 590 -20.71 14.74 -19.55
C CYS B 590 -21.85 14.75 -18.54
N SER B 591 -21.86 13.80 -17.60
CA SER B 591 -22.83 13.83 -16.51
C SER B 591 -22.19 13.53 -15.17
N PHE B 592 -21.29 12.54 -15.15
CA PHE B 592 -20.63 12.06 -13.93
C PHE B 592 -21.61 11.94 -12.76
N GLY B 593 -22.88 11.68 -13.06
CA GLY B 593 -23.94 11.78 -12.06
C GLY B 593 -24.28 10.45 -11.40
N GLY B 594 -24.63 10.53 -10.12
CA GLY B 594 -25.12 9.37 -9.39
C GLY B 594 -26.63 9.20 -9.54
N VAL B 595 -27.13 8.08 -9.03
CA VAL B 595 -28.54 7.73 -9.14
C VAL B 595 -28.99 7.14 -7.81
N SER B 596 -29.93 7.80 -7.15
CA SER B 596 -30.51 7.34 -5.90
C SER B 596 -32.00 7.09 -6.09
N VAL B 597 -32.56 6.29 -5.18
CA VAL B 597 -33.96 5.89 -5.23
C VAL B 597 -34.64 6.35 -3.96
N ILE B 598 -35.77 7.04 -4.12
CA ILE B 598 -36.60 7.48 -3.00
C ILE B 598 -37.82 6.59 -2.94
N THR B 599 -38.09 6.03 -1.75
CA THR B 599 -39.21 5.12 -1.59
C THR B 599 -39.68 5.12 -0.15
N PRO B 600 -40.99 5.05 0.11
CA PRO B 600 -41.45 4.75 1.47
C PRO B 600 -41.19 3.29 1.79
N GLY B 601 -41.35 2.94 3.07
CA GLY B 601 -41.15 1.58 3.50
C GLY B 601 -41.99 0.61 2.70
N THR B 602 -41.37 -0.47 2.21
CA THR B 602 -42.10 -1.45 1.43
C THR B 602 -43.28 -2.02 2.21
N ASN B 603 -43.19 -2.01 3.54
CA ASN B 603 -44.33 -2.42 4.36
C ASN B 603 -45.55 -1.54 4.11
N THR B 604 -45.34 -0.30 3.68
CA THR B 604 -46.43 0.65 3.45
C THR B 604 -46.90 0.66 2.01
N SER B 605 -46.01 0.97 1.07
CA SER B 605 -46.37 1.12 -0.34
C SER B 605 -45.28 0.50 -1.20
N ASN B 606 -45.48 0.57 -2.52
CA ASN B 606 -44.56 -0.01 -3.48
C ASN B 606 -44.03 0.97 -4.50
N GLN B 607 -44.58 2.18 -4.60
CA GLN B 607 -44.10 3.15 -5.57
C GLN B 607 -42.74 3.69 -5.15
N VAL B 608 -41.96 4.13 -6.15
CA VAL B 608 -40.60 4.62 -5.95
C VAL B 608 -40.36 5.79 -6.88
N ALA B 609 -39.48 6.70 -6.44
CA ALA B 609 -39.02 7.80 -7.26
C ALA B 609 -37.52 7.67 -7.45
N VAL B 610 -37.00 8.36 -8.46
CA VAL B 610 -35.60 8.28 -8.85
C VAL B 610 -35.02 9.68 -8.90
N LEU B 611 -33.82 9.84 -8.35
CA LEU B 611 -33.10 11.11 -8.34
C LEU B 611 -31.78 10.93 -9.07
N TYR B 612 -31.53 11.79 -10.06
CA TYR B 612 -30.26 11.84 -10.78
C TYR B 612 -29.48 13.04 -10.28
N GLN B 613 -28.26 12.80 -9.80
CA GLN B 613 -27.51 13.84 -9.10
C GLN B 613 -27.00 14.90 -10.09
N ASP B 614 -27.39 16.15 -9.84
CA ASP B 614 -26.83 17.30 -10.55
C ASP B 614 -26.76 17.07 -12.06
N VAL B 615 -27.91 16.91 -12.70
CA VAL B 615 -27.97 16.75 -14.14
C VAL B 615 -29.24 17.39 -14.66
N ASN B 616 -29.14 18.05 -15.81
CA ASN B 616 -30.33 18.60 -16.45
C ASN B 616 -31.32 17.49 -16.75
N CYS B 617 -32.60 17.78 -16.53
CA CYS B 617 -33.63 16.76 -16.73
C CYS B 617 -33.72 16.33 -18.18
N THR B 618 -33.17 17.10 -19.12
CA THR B 618 -33.19 16.70 -20.52
C THR B 618 -32.20 15.57 -20.79
N GLU B 619 -31.22 15.40 -19.90
CA GLU B 619 -30.16 14.36 -20.05
C GLU B 619 -30.58 13.08 -19.33
N VAL B 620 -31.44 13.18 -18.31
CA VAL B 620 -31.92 12.00 -17.52
C VAL B 620 -32.26 10.86 -18.48
N PRO B 621 -33.03 11.08 -19.57
CA PRO B 621 -33.47 10.00 -20.46
C PRO B 621 -32.36 9.40 -21.34
N VAL B 622 -31.10 9.67 -21.04
CA VAL B 622 -29.93 9.11 -21.80
C VAL B 622 -29.22 8.10 -20.90
N ALA B 623 -29.89 7.61 -19.86
CA ALA B 623 -29.29 6.69 -18.89
C ALA B 623 -29.41 5.25 -19.39
N ILE B 624 -28.60 4.94 -20.40
CA ILE B 624 -28.62 3.66 -21.10
C ILE B 624 -30.04 3.12 -21.15
N HIS B 625 -30.97 3.92 -21.67
CA HIS B 625 -32.35 3.48 -21.80
C HIS B 625 -32.53 2.71 -23.11
N ALA B 626 -33.77 2.29 -23.36
CA ALA B 626 -34.12 1.35 -24.42
C ALA B 626 -33.46 -0.01 -24.22
N ASP B 627 -32.91 -0.26 -23.03
CA ASP B 627 -32.27 -1.53 -22.71
C ASP B 627 -32.73 -2.13 -21.40
N GLN B 628 -33.33 -1.35 -20.51
CA GLN B 628 -33.89 -1.89 -19.27
C GLN B 628 -35.25 -2.53 -19.56
N LEU B 629 -35.93 -2.97 -18.51
CA LEU B 629 -37.23 -3.59 -18.66
C LEU B 629 -38.22 -2.60 -19.25
N THR B 630 -39.00 -3.06 -20.24
CA THR B 630 -39.89 -2.16 -20.97
C THR B 630 -40.92 -1.49 -20.07
N PRO B 631 -41.65 -2.21 -19.21
CA PRO B 631 -42.75 -1.58 -18.47
C PRO B 631 -42.41 -1.06 -17.08
N THR B 632 -41.20 -1.29 -16.58
CA THR B 632 -40.84 -0.93 -15.22
C THR B 632 -39.80 0.18 -15.13
N TRP B 633 -38.74 0.13 -15.93
CA TRP B 633 -37.72 1.17 -15.88
C TRP B 633 -38.03 2.36 -16.77
N ARG B 634 -38.62 2.13 -17.94
CA ARG B 634 -38.95 3.24 -18.84
C ARG B 634 -40.15 4.05 -18.38
N VAL B 635 -40.96 3.50 -17.47
CA VAL B 635 -42.06 4.30 -16.91
C VAL B 635 -41.51 5.48 -16.12
N TYR B 636 -40.37 5.29 -15.46
CA TYR B 636 -39.69 6.36 -14.74
C TYR B 636 -38.73 7.15 -15.62
N SER B 637 -38.66 6.82 -16.92
CA SER B 637 -37.74 7.52 -17.80
C SER B 637 -38.10 9.00 -17.91
N THR B 638 -39.35 9.30 -18.22
CA THR B 638 -39.76 10.69 -18.41
C THR B 638 -41.28 10.74 -18.54
N GLY B 639 -41.84 11.87 -18.12
CA GLY B 639 -43.27 12.12 -18.22
C GLY B 639 -43.60 13.48 -17.65
N SER B 640 -44.88 13.72 -17.37
CA SER B 640 -45.27 14.97 -16.71
C SER B 640 -44.72 15.04 -15.29
N ASN B 641 -44.33 13.90 -14.73
CA ASN B 641 -43.84 13.81 -13.37
C ASN B 641 -42.52 14.57 -13.19
N VAL B 642 -41.70 14.60 -14.23
CA VAL B 642 -40.35 15.14 -14.14
C VAL B 642 -40.33 16.49 -13.44
N PHE B 643 -39.39 16.66 -12.50
CA PHE B 643 -39.26 17.89 -11.74
C PHE B 643 -37.78 18.19 -11.58
N GLN B 644 -37.46 19.47 -11.42
CA GLN B 644 -36.09 19.95 -11.37
C GLN B 644 -35.78 20.55 -10.00
N THR B 645 -34.59 20.28 -9.49
CA THR B 645 -34.13 20.83 -8.22
C THR B 645 -32.63 21.03 -8.30
N ARG B 646 -32.12 21.83 -7.35
CA ARG B 646 -30.67 22.05 -7.28
C ARG B 646 -29.93 20.73 -7.08
N ALA B 647 -30.54 19.78 -6.36
CA ALA B 647 -29.91 18.48 -6.19
C ALA B 647 -29.74 17.76 -7.51
N GLY B 648 -30.68 17.92 -8.42
CA GLY B 648 -30.62 17.29 -9.72
C GLY B 648 -32.02 17.18 -10.32
N CYS B 649 -32.24 16.07 -11.00
CA CYS B 649 -33.53 15.77 -11.63
C CYS B 649 -34.26 14.70 -10.81
N LEU B 650 -35.56 14.88 -10.65
CA LEU B 650 -36.40 14.00 -9.85
C LEU B 650 -37.55 13.49 -10.72
N ILE B 651 -37.64 12.17 -10.85
CA ILE B 651 -38.73 11.52 -11.56
C ILE B 651 -39.43 10.58 -10.59
N GLY B 652 -40.75 10.72 -10.50
CA GLY B 652 -41.55 9.91 -9.60
C GLY B 652 -42.21 10.69 -8.48
N ALA B 653 -42.00 12.00 -8.39
CA ALA B 653 -42.55 12.82 -7.33
C ALA B 653 -43.23 14.04 -7.94
N GLU B 654 -44.39 14.40 -7.39
CA GLU B 654 -45.16 15.55 -7.86
C GLU B 654 -44.84 16.76 -7.00
N HIS B 655 -44.51 17.88 -7.65
CA HIS B 655 -44.23 19.11 -6.93
C HIS B 655 -45.52 19.67 -6.35
N VAL B 656 -45.45 20.11 -5.09
CA VAL B 656 -46.62 20.60 -4.37
C VAL B 656 -46.24 21.92 -3.69
N ASN B 657 -47.13 22.91 -3.80
CA ASN B 657 -46.88 24.21 -3.18
C ASN B 657 -46.83 24.10 -1.66
N ASN B 658 -47.71 23.30 -1.09
CA ASN B 658 -47.80 23.21 0.37
C ASN B 658 -46.48 22.74 0.95
N SER B 659 -46.13 23.31 2.10
CA SER B 659 -44.88 23.00 2.80
C SER B 659 -45.16 22.11 4.00
N TYR B 660 -44.36 21.04 4.13
CA TYR B 660 -44.51 20.07 5.20
C TYR B 660 -43.16 19.78 5.82
N GLU B 661 -43.19 19.37 7.09
CA GLU B 661 -41.99 18.89 7.75
C GLU B 661 -41.36 17.78 6.92
N CYS B 662 -40.03 17.75 6.91
CA CYS B 662 -39.31 16.81 6.06
C CYS B 662 -39.62 15.38 6.45
N ASP B 663 -39.80 14.53 5.44
CA ASP B 663 -39.97 13.09 5.63
C ASP B 663 -38.79 12.32 5.05
N ILE B 664 -38.46 12.57 3.79
CA ILE B 664 -37.26 12.00 3.16
C ILE B 664 -36.43 13.14 2.61
N PRO B 665 -35.22 13.39 3.13
CA PRO B 665 -34.47 14.59 2.72
C PRO B 665 -33.84 14.45 1.35
N ILE B 666 -34.41 15.15 0.36
CA ILE B 666 -33.80 15.20 -0.96
C ILE B 666 -32.54 16.05 -0.95
N GLY B 667 -32.63 17.24 -0.37
CA GLY B 667 -31.51 18.16 -0.31
C GLY B 667 -31.84 19.53 -0.85
N ALA B 668 -31.02 20.53 -0.51
CA ALA B 668 -31.21 21.90 -0.98
C ALA B 668 -32.60 22.41 -0.60
N GLY B 669 -33.07 22.03 0.59
CA GLY B 669 -34.35 22.48 1.08
C GLY B 669 -35.54 21.73 0.53
N ILE B 670 -35.33 20.69 -0.27
CA ILE B 670 -36.42 19.92 -0.87
C ILE B 670 -36.53 18.59 -0.16
N CYS B 671 -37.77 18.18 0.12
CA CYS B 671 -38.05 16.91 0.77
C CYS B 671 -39.15 16.19 0.00
N ALA B 672 -39.22 14.87 0.20
CA ALA B 672 -40.22 14.03 -0.44
C ALA B 672 -40.91 13.18 0.60
N SER B 673 -42.17 12.83 0.32
CA SER B 673 -42.98 12.05 1.24
C SER B 673 -44.07 11.35 0.43
N TYR B 674 -44.73 10.38 1.08
CA TYR B 674 -45.79 9.58 0.47
C TYR B 674 -47.07 9.82 1.24
N GLN B 675 -47.99 10.57 0.65
CA GLN B 675 -49.28 10.84 1.27
C GLN B 675 -50.14 11.63 0.28
N THR B 676 -51.43 11.70 0.58
CA THR B 676 -52.37 12.43 -0.26
C THR B 676 -53.71 12.61 0.46
N SER B 689 -55.17 7.45 -4.51
CA SER B 689 -54.79 8.85 -4.56
C SER B 689 -53.39 9.05 -3.97
N GLN B 690 -52.98 8.13 -3.10
CA GLN B 690 -51.67 8.24 -2.47
C GLN B 690 -50.57 8.10 -3.51
N SER B 691 -49.54 8.94 -3.38
CA SER B 691 -48.42 8.93 -4.31
C SER B 691 -47.26 9.65 -3.63
N ILE B 692 -46.16 9.82 -4.38
CA ILE B 692 -44.96 10.48 -3.89
C ILE B 692 -45.06 11.96 -4.22
N ILE B 693 -44.90 12.81 -3.21
CA ILE B 693 -44.98 14.26 -3.36
C ILE B 693 -43.66 14.87 -2.90
N ALA B 694 -43.09 15.74 -3.73
CA ALA B 694 -41.90 16.49 -3.40
C ALA B 694 -42.29 17.93 -3.09
N TYR B 695 -41.84 18.43 -1.94
CA TYR B 695 -42.23 19.75 -1.47
C TYR B 695 -41.01 20.46 -0.88
N THR B 696 -41.19 21.73 -0.55
CA THR B 696 -40.16 22.50 0.12
C THR B 696 -40.22 22.26 1.62
N MET B 697 -39.05 22.11 2.24
CA MET B 697 -39.00 21.86 3.67
C MET B 697 -39.70 22.98 4.43
N SER B 698 -40.50 22.60 5.42
CA SER B 698 -41.14 23.56 6.32
C SER B 698 -40.27 23.71 7.55
N LEU B 699 -39.75 24.92 7.77
CA LEU B 699 -38.86 25.15 8.90
C LEU B 699 -39.55 24.85 10.23
N GLY B 700 -40.83 25.16 10.33
CA GLY B 700 -41.57 24.88 11.55
C GLY B 700 -42.87 25.65 11.56
N ALA B 701 -43.63 25.43 12.63
CA ALA B 701 -44.92 26.09 12.79
C ALA B 701 -44.74 27.58 13.05
N GLU B 702 -45.57 28.39 12.41
CA GLU B 702 -45.52 29.83 12.61
C GLU B 702 -46.20 30.19 13.93
N ASN B 703 -45.56 31.08 14.69
CA ASN B 703 -46.10 31.50 15.99
C ASN B 703 -45.53 32.86 16.32
N SER B 704 -46.40 33.82 16.63
CA SER B 704 -46.00 35.17 17.00
C SER B 704 -46.28 35.41 18.47
N VAL B 705 -45.30 35.92 19.18
CA VAL B 705 -45.43 36.21 20.61
C VAL B 705 -45.93 37.65 20.76
N ALA B 706 -46.99 37.81 21.55
CA ALA B 706 -47.60 39.13 21.74
C ALA B 706 -46.77 39.94 22.74
N TYR B 707 -45.62 40.39 22.26
CA TYR B 707 -44.73 41.19 23.09
C TYR B 707 -45.30 42.58 23.32
N SER B 708 -45.25 43.01 24.58
CA SER B 708 -45.61 44.38 24.95
C SER B 708 -44.74 44.80 26.12
N ASN B 709 -44.53 46.11 26.26
CA ASN B 709 -43.62 46.62 27.27
C ASN B 709 -44.22 46.64 28.67
N ASN B 710 -45.45 46.15 28.85
CA ASN B 710 -46.08 46.10 30.15
C ASN B 710 -46.77 44.77 30.45
N SER B 711 -46.92 43.89 29.46
CA SER B 711 -47.61 42.63 29.65
C SER B 711 -46.64 41.52 30.04
N ILE B 712 -47.14 40.55 30.80
CA ILE B 712 -46.36 39.40 31.21
C ILE B 712 -47.23 38.17 31.05
N ALA B 713 -46.59 37.02 30.84
CA ALA B 713 -47.27 35.73 30.82
C ALA B 713 -46.68 34.86 31.90
N ILE B 714 -47.50 34.51 32.89
CA ILE B 714 -47.07 33.70 34.02
C ILE B 714 -47.89 32.42 34.02
N PRO B 715 -47.27 31.25 34.14
CA PRO B 715 -48.05 30.01 34.13
C PRO B 715 -48.91 29.86 35.37
N THR B 716 -50.01 29.13 35.20
CA THR B 716 -50.91 28.81 36.31
C THR B 716 -50.90 27.33 36.67
N ASN B 717 -50.63 26.45 35.72
CA ASN B 717 -50.54 25.02 35.97
C ASN B 717 -49.31 24.48 35.26
N PHE B 718 -48.83 23.34 35.75
CA PHE B 718 -47.60 22.73 35.26
C PHE B 718 -47.89 21.32 34.75
N THR B 719 -46.84 20.66 34.26
CA THR B 719 -46.94 19.28 33.81
C THR B 719 -45.58 18.62 33.96
N ILE B 720 -45.57 17.41 34.50
CA ILE B 720 -44.35 16.62 34.67
C ILE B 720 -44.15 15.81 33.39
N SER B 721 -42.98 15.97 32.77
CA SER B 721 -42.67 15.31 31.51
C SER B 721 -41.47 14.40 31.71
N VAL B 722 -41.58 13.17 31.23
CA VAL B 722 -40.51 12.18 31.30
C VAL B 722 -40.09 11.85 29.87
N THR B 723 -38.81 12.04 29.58
CA THR B 723 -38.26 11.80 28.25
C THR B 723 -37.06 10.86 28.36
N THR B 724 -36.71 10.26 27.21
CA THR B 724 -35.63 9.29 27.13
C THR B 724 -34.45 9.84 26.34
N GLU B 725 -33.26 9.43 26.75
CA GLU B 725 -32.03 9.76 26.04
C GLU B 725 -31.15 8.52 26.00
N ILE B 726 -30.81 8.08 24.79
CA ILE B 726 -30.06 6.84 24.58
C ILE B 726 -28.67 7.21 24.09
N LEU B 727 -27.64 6.60 24.72
CA LEU B 727 -26.26 6.88 24.39
C LEU B 727 -25.49 5.57 24.33
N PRO B 728 -24.76 5.29 23.25
CA PRO B 728 -23.87 4.12 23.24
C PRO B 728 -22.75 4.28 24.25
N VAL B 729 -22.29 3.14 24.79
CA VAL B 729 -21.24 3.14 25.79
C VAL B 729 -20.02 2.33 25.39
N SER B 730 -20.18 1.11 24.87
CA SER B 730 -19.03 0.26 24.56
C SER B 730 -19.27 -0.41 23.22
N MET B 731 -18.27 -1.16 22.76
CA MET B 731 -18.32 -1.94 21.54
C MET B 731 -18.00 -3.39 21.84
N THR B 732 -18.19 -4.25 20.85
CA THR B 732 -17.79 -5.65 20.98
C THR B 732 -16.27 -5.74 20.97
N LYS B 733 -15.71 -6.46 21.95
CA LYS B 733 -14.27 -6.57 22.11
C LYS B 733 -13.75 -7.61 21.11
N THR B 734 -13.62 -7.17 19.86
CA THR B 734 -13.16 -8.04 18.78
C THR B 734 -11.65 -7.96 18.62
N SER B 735 -11.02 -9.11 18.42
CA SER B 735 -9.59 -9.20 18.19
C SER B 735 -9.32 -10.15 17.04
N VAL B 736 -8.23 -9.91 16.32
CA VAL B 736 -7.87 -10.70 15.15
C VAL B 736 -6.37 -10.98 15.20
N ASP B 737 -6.00 -12.20 14.81
CA ASP B 737 -4.61 -12.60 14.73
C ASP B 737 -4.12 -12.41 13.29
N CYS B 738 -3.07 -11.60 13.13
CA CYS B 738 -2.60 -11.26 11.80
C CYS B 738 -2.11 -12.49 11.04
N THR B 739 -1.24 -13.27 11.66
CA THR B 739 -0.58 -14.37 10.96
C THR B 739 -1.60 -15.41 10.52
N MET B 740 -2.53 -15.76 11.40
CA MET B 740 -3.56 -16.73 11.03
C MET B 740 -4.45 -16.19 9.92
N TYR B 741 -4.81 -14.91 9.98
CA TYR B 741 -5.70 -14.33 8.98
C TYR B 741 -5.03 -14.29 7.61
N ILE B 742 -3.81 -13.76 7.55
CA ILE B 742 -3.12 -13.61 6.26
C ILE B 742 -2.60 -14.96 5.78
N CYS B 743 -2.06 -15.76 6.69
CA CYS B 743 -1.38 -17.00 6.33
C CYS B 743 -1.97 -18.19 7.07
N GLY B 744 -3.29 -18.34 7.05
CA GLY B 744 -3.95 -19.40 7.77
C GLY B 744 -3.45 -20.78 7.44
N ASP B 745 -2.83 -21.44 8.42
CA ASP B 745 -2.44 -22.85 8.31
C ASP B 745 -1.27 -23.07 7.37
N SER B 746 -0.75 -22.00 6.77
CA SER B 746 0.36 -22.10 5.84
C SER B 746 1.66 -21.65 6.51
N THR B 747 2.77 -22.21 6.02
CA THR B 747 4.09 -21.91 6.54
C THR B 747 4.91 -21.02 5.61
N GLU B 748 4.88 -21.28 4.30
CA GLU B 748 5.63 -20.43 3.37
C GLU B 748 5.09 -18.99 3.41
N CYS B 749 3.77 -18.84 3.47
CA CYS B 749 3.19 -17.51 3.63
C CYS B 749 3.67 -16.87 4.93
N SER B 750 3.75 -17.63 6.01
CA SER B 750 4.25 -17.09 7.27
C SER B 750 5.68 -16.61 7.13
N ASN B 751 6.52 -17.41 6.47
CA ASN B 751 7.92 -17.01 6.28
C ASN B 751 8.00 -15.74 5.45
N LEU B 752 7.21 -15.64 4.37
CA LEU B 752 7.24 -14.45 3.55
C LEU B 752 6.77 -13.22 4.32
N LEU B 753 5.73 -13.38 5.15
CA LEU B 753 5.23 -12.27 5.94
C LEU B 753 6.22 -11.88 7.04
N LEU B 754 7.05 -12.81 7.48
CA LEU B 754 7.98 -12.53 8.57
C LEU B 754 8.90 -11.35 8.23
N GLN B 755 9.22 -11.18 6.95
CA GLN B 755 10.15 -10.15 6.52
C GLN B 755 9.48 -8.82 6.22
N TYR B 756 8.16 -8.71 6.43
CA TYR B 756 7.44 -7.46 6.19
C TYR B 756 7.54 -6.49 7.37
N GLY B 757 8.08 -6.91 8.51
CA GLY B 757 8.26 -6.01 9.63
C GLY B 757 7.42 -6.35 10.84
N SER B 758 6.98 -5.31 11.57
CA SER B 758 6.24 -5.48 12.81
C SER B 758 4.81 -4.96 12.70
N PHE B 759 4.24 -4.93 11.50
CA PHE B 759 2.85 -4.51 11.35
C PHE B 759 1.93 -5.36 12.22
N CYS B 760 2.22 -6.66 12.31
CA CYS B 760 1.43 -7.55 13.16
C CYS B 760 1.35 -7.03 14.58
N THR B 761 2.49 -6.69 15.17
CA THR B 761 2.50 -6.23 16.56
C THR B 761 1.72 -4.94 16.71
N GLN B 762 1.86 -4.02 15.75
CA GLN B 762 1.13 -2.76 15.81
C GLN B 762 -0.38 -3.00 15.79
N LEU B 763 -0.85 -3.84 14.86
CA LEU B 763 -2.29 -4.09 14.77
C LEU B 763 -2.80 -4.79 16.02
N ASN B 764 -2.04 -5.76 16.54
CA ASN B 764 -2.46 -6.45 17.76
C ASN B 764 -2.55 -5.49 18.92
N ARG B 765 -1.55 -4.60 19.06
CA ARG B 765 -1.57 -3.62 20.15
C ARG B 765 -2.76 -2.68 20.01
N ALA B 766 -3.06 -2.24 18.79
CA ALA B 766 -4.19 -1.34 18.59
C ALA B 766 -5.50 -2.02 18.98
N LEU B 767 -5.68 -3.28 18.55
CA LEU B 767 -6.91 -3.99 18.88
C LEU B 767 -7.02 -4.22 20.39
N THR B 768 -5.91 -4.57 21.04
CA THR B 768 -5.94 -4.74 22.49
C THR B 768 -6.27 -3.42 23.18
N GLY B 769 -5.74 -2.32 22.68
CA GLY B 769 -6.06 -1.02 23.26
C GLY B 769 -7.54 -0.70 23.14
N ILE B 770 -8.13 -0.98 21.98
CA ILE B 770 -9.57 -0.74 21.82
C ILE B 770 -10.36 -1.63 22.77
N ALA B 771 -9.96 -2.89 22.90
CA ALA B 771 -10.66 -3.80 23.80
C ALA B 771 -10.61 -3.30 25.24
N VAL B 772 -9.45 -2.83 25.69
CA VAL B 772 -9.34 -2.28 27.03
C VAL B 772 -10.15 -0.99 27.16
N GLU B 773 -10.21 -0.21 26.07
CA GLU B 773 -10.97 1.03 26.10
C GLU B 773 -12.45 0.76 26.32
N GLN B 774 -12.97 -0.32 25.74
CA GLN B 774 -14.37 -0.67 25.96
C GLN B 774 -14.65 -0.87 27.46
N ASP B 775 -13.81 -1.66 28.12
CA ASP B 775 -13.99 -1.90 29.55
C ASP B 775 -13.83 -0.60 30.34
N LYS B 776 -12.86 0.23 29.96
CA LYS B 776 -12.69 1.51 30.65
C LYS B 776 -13.94 2.36 30.53
N ASN B 777 -14.52 2.42 29.33
CA ASN B 777 -15.72 3.23 29.12
C ASN B 777 -16.87 2.73 29.98
N THR B 778 -17.14 1.42 29.93
CA THR B 778 -18.27 0.90 30.69
C THR B 778 -18.07 1.10 32.19
N GLN B 779 -16.84 0.85 32.68
CA GLN B 779 -16.58 1.04 34.10
C GLN B 779 -16.76 2.49 34.51
N GLU B 780 -16.23 3.42 33.70
CA GLU B 780 -16.38 4.84 34.02
C GLU B 780 -17.84 5.24 34.06
N VAL B 781 -18.63 4.73 33.11
CA VAL B 781 -20.04 5.12 33.06
C VAL B 781 -20.79 4.56 34.27
N PHE B 782 -20.56 3.30 34.63
CA PHE B 782 -21.40 2.61 35.59
C PHE B 782 -20.79 2.45 36.97
N ALA B 783 -19.52 2.80 37.17
CA ALA B 783 -18.86 2.63 38.46
C ALA B 783 -18.86 3.92 39.28
N GLN B 784 -19.88 4.77 39.14
CA GLN B 784 -19.91 6.02 39.89
C GLN B 784 -20.18 5.78 41.38
N VAL B 785 -21.00 4.79 41.71
CA VAL B 785 -21.45 4.58 43.08
C VAL B 785 -20.38 3.83 43.86
N LYS B 786 -20.09 4.29 45.06
CA LYS B 786 -19.10 3.64 45.91
C LYS B 786 -19.65 2.37 46.55
N GLN B 787 -20.92 2.38 46.95
CA GLN B 787 -21.54 1.26 47.65
C GLN B 787 -22.84 0.86 46.95
N ILE B 788 -23.21 -0.40 47.13
CA ILE B 788 -24.47 -0.92 46.59
C ILE B 788 -25.58 -0.60 47.58
N TYR B 789 -26.57 0.16 47.12
CA TYR B 789 -27.68 0.60 47.96
C TYR B 789 -28.89 -0.28 47.69
N LYS B 790 -29.40 -0.94 48.73
CA LYS B 790 -30.59 -1.76 48.62
C LYS B 790 -31.83 -0.89 48.67
N THR B 791 -32.85 -1.28 47.91
CA THR B 791 -34.10 -0.55 47.90
C THR B 791 -34.84 -0.77 49.23
N PRO B 792 -35.70 0.16 49.62
CA PRO B 792 -36.43 -0.02 50.88
C PRO B 792 -37.30 -1.25 50.81
N PRO B 793 -37.43 -1.98 51.93
CA PRO B 793 -38.26 -3.20 51.89
C PRO B 793 -39.71 -2.93 51.54
N ILE B 794 -40.26 -1.79 51.95
CA ILE B 794 -41.63 -1.41 51.65
C ILE B 794 -41.60 -0.12 50.84
N LYS B 795 -42.37 -0.10 49.75
CA LYS B 795 -42.41 1.03 48.82
C LYS B 795 -43.59 1.91 49.20
N ASP B 796 -43.31 3.06 49.81
CA ASP B 796 -44.33 4.06 50.11
C ASP B 796 -44.12 5.32 49.27
N PHE B 797 -42.96 5.97 49.39
CA PHE B 797 -42.56 7.06 48.53
C PHE B 797 -43.66 8.10 48.31
N GLY B 798 -44.53 8.27 49.31
CA GLY B 798 -45.54 9.30 49.24
C GLY B 798 -46.44 9.24 48.03
N GLY B 799 -46.69 8.04 47.50
CA GLY B 799 -47.58 7.86 46.37
C GLY B 799 -46.92 7.73 45.02
N PHE B 800 -45.59 7.87 44.94
CA PHE B 800 -44.88 7.69 43.68
C PHE B 800 -44.62 6.21 43.44
N ASN B 801 -44.94 5.75 42.24
CA ASN B 801 -44.79 4.35 41.86
C ASN B 801 -43.55 4.21 40.98
N PHE B 802 -42.53 3.54 41.51
CA PHE B 802 -41.29 3.30 40.78
C PHE B 802 -41.16 1.85 40.30
N SER B 803 -42.27 1.11 40.24
CA SER B 803 -42.19 -0.29 39.83
C SER B 803 -41.55 -0.46 38.47
N GLN B 804 -41.83 0.46 37.54
CA GLN B 804 -41.36 0.29 36.17
C GLN B 804 -39.85 0.25 36.10
N ILE B 805 -39.17 1.13 36.82
CA ILE B 805 -37.72 1.22 36.70
C ILE B 805 -37.00 0.37 37.74
N LEU B 806 -37.64 0.06 38.86
CA LEU B 806 -36.99 -0.75 39.88
C LEU B 806 -36.87 -2.21 39.41
N PRO B 807 -35.84 -2.91 39.86
CA PRO B 807 -35.69 -4.32 39.45
C PRO B 807 -36.81 -5.19 39.98
N ASP B 808 -37.14 -6.23 39.21
CA ASP B 808 -38.20 -7.16 39.56
C ASP B 808 -37.59 -8.48 39.98
N PRO B 809 -37.62 -8.85 41.27
CA PRO B 809 -37.10 -10.18 41.65
C PRO B 809 -37.87 -11.33 41.05
N SER B 810 -39.10 -11.09 40.60
CA SER B 810 -39.93 -12.18 40.08
C SER B 810 -39.30 -12.84 38.86
N LYS B 811 -38.82 -12.02 37.92
CA LYS B 811 -38.25 -12.55 36.70
C LYS B 811 -36.92 -13.25 36.99
N PRO B 812 -36.55 -14.27 36.19
CA PRO B 812 -35.24 -14.91 36.38
C PRO B 812 -34.12 -13.90 36.50
N SER B 813 -33.99 -13.04 35.50
CA SER B 813 -33.05 -11.93 35.57
C SER B 813 -33.65 -10.79 36.38
N LYS B 814 -32.83 -10.17 37.21
CA LYS B 814 -33.29 -9.14 38.13
C LYS B 814 -33.33 -7.75 37.50
N ARG B 815 -33.35 -7.68 36.17
CA ARG B 815 -33.48 -6.38 35.51
C ARG B 815 -34.93 -5.90 35.59
N SER B 816 -35.09 -4.58 35.48
CA SER B 816 -36.39 -3.96 35.70
C SER B 816 -37.31 -4.20 34.51
N PHE B 817 -38.52 -3.62 34.60
CA PHE B 817 -39.51 -3.78 33.54
C PHE B 817 -39.07 -3.10 32.26
N ILE B 818 -38.30 -2.02 32.36
CA ILE B 818 -37.90 -1.28 31.17
C ILE B 818 -36.63 -1.89 30.56
N GLU B 819 -35.70 -2.33 31.40
CA GLU B 819 -34.43 -2.84 30.89
C GLU B 819 -34.65 -4.10 30.05
N ASP B 820 -35.46 -5.04 30.56
CA ASP B 820 -35.73 -6.25 29.79
C ASP B 820 -36.47 -5.93 28.50
N LEU B 821 -37.33 -4.91 28.52
CA LEU B 821 -37.98 -4.48 27.28
C LEU B 821 -36.95 -3.99 26.27
N LEU B 822 -35.96 -3.22 26.72
CA LEU B 822 -34.91 -2.77 25.83
C LEU B 822 -34.12 -3.95 25.27
N PHE B 823 -33.80 -4.93 26.13
CA PHE B 823 -33.07 -6.10 25.67
C PHE B 823 -33.86 -6.86 24.61
N ASN B 824 -35.16 -7.03 24.84
CA ASN B 824 -36.00 -7.73 23.86
C ASN B 824 -36.08 -6.95 22.56
N LYS B 825 -36.26 -5.63 22.64
CA LYS B 825 -36.37 -4.82 21.42
C LYS B 825 -35.09 -4.88 20.60
N VAL B 826 -33.93 -4.78 21.27
CA VAL B 826 -32.66 -4.85 20.55
C VAL B 826 -32.24 -6.29 20.27
N THR B 827 -32.81 -7.26 20.96
CA THR B 827 -32.48 -8.67 20.75
C THR B 827 -30.98 -8.90 20.93
N LEU B 849 -24.61 -15.62 12.63
CA LEU B 849 -24.20 -14.34 13.19
C LEU B 849 -22.69 -14.30 13.40
N ILE B 850 -22.23 -13.33 14.20
CA ILE B 850 -20.80 -13.19 14.46
C ILE B 850 -20.23 -14.40 15.18
N CYS B 851 -21.10 -15.21 15.80
CA CYS B 851 -20.61 -16.39 16.52
C CYS B 851 -19.89 -17.36 15.59
N ALA B 852 -20.43 -17.57 14.39
CA ALA B 852 -19.85 -18.50 13.44
C ALA B 852 -18.75 -17.88 12.58
N GLN B 853 -18.49 -16.58 12.73
CA GLN B 853 -17.45 -15.92 11.94
C GLN B 853 -16.06 -16.14 12.50
N LYS B 854 -15.92 -16.89 13.59
CA LYS B 854 -14.63 -17.14 14.24
C LYS B 854 -13.67 -17.94 13.38
N PHE B 855 -14.07 -18.37 12.18
CA PHE B 855 -13.24 -19.28 11.40
C PHE B 855 -11.92 -18.63 11.01
N ASN B 856 -11.95 -17.37 10.57
CA ASN B 856 -10.77 -16.70 10.02
C ASN B 856 -10.02 -15.93 11.09
N GLY B 857 -9.58 -16.62 12.14
CA GLY B 857 -8.74 -16.01 13.15
C GLY B 857 -9.40 -14.92 13.97
N LEU B 858 -10.71 -14.78 13.89
CA LEU B 858 -11.40 -13.76 14.68
C LEU B 858 -11.61 -14.25 16.11
N THR B 859 -11.81 -13.28 17.01
CA THR B 859 -12.07 -13.58 18.41
C THR B 859 -12.89 -12.45 19.00
N VAL B 860 -13.75 -12.80 19.95
CA VAL B 860 -14.65 -11.85 20.62
C VAL B 860 -14.44 -12.02 22.11
N LEU B 861 -13.60 -11.17 22.70
CA LEU B 861 -13.38 -11.24 24.13
C LEU B 861 -14.63 -10.82 24.89
N PRO B 862 -15.00 -11.54 25.94
CA PRO B 862 -16.21 -11.17 26.68
C PRO B 862 -16.01 -9.86 27.43
N PRO B 863 -17.08 -9.09 27.65
CA PRO B 863 -16.93 -7.87 28.45
C PRO B 863 -16.60 -8.18 29.90
N LEU B 864 -15.82 -7.29 30.51
CA LEU B 864 -15.44 -7.48 31.90
C LEU B 864 -16.66 -7.46 32.82
N LEU B 865 -17.58 -6.52 32.59
CA LEU B 865 -18.79 -6.40 33.38
C LEU B 865 -19.92 -7.18 32.71
N THR B 866 -20.41 -8.21 33.40
CA THR B 866 -21.56 -8.95 32.89
C THR B 866 -22.81 -8.09 33.02
N ASP B 867 -23.81 -8.39 32.18
CA ASP B 867 -25.05 -7.63 32.21
C ASP B 867 -25.68 -7.65 33.60
N GLU B 868 -25.52 -8.74 34.34
CA GLU B 868 -26.03 -8.80 35.70
C GLU B 868 -25.36 -7.76 36.60
N MET B 869 -24.04 -7.60 36.44
CA MET B 869 -23.33 -6.62 37.27
C MET B 869 -23.72 -5.20 36.90
N ILE B 870 -23.92 -4.93 35.60
CA ILE B 870 -24.38 -3.61 35.18
C ILE B 870 -25.77 -3.34 35.75
N ALA B 871 -26.64 -4.36 35.75
CA ALA B 871 -27.95 -4.21 36.36
C ALA B 871 -27.84 -3.94 37.85
N GLN B 872 -26.88 -4.60 38.52
CA GLN B 872 -26.64 -4.35 39.94
C GLN B 872 -26.25 -2.89 40.16
N TYR B 873 -25.34 -2.38 39.33
CA TYR B 873 -24.91 -0.99 39.48
C TYR B 873 -26.07 -0.03 39.25
N THR B 874 -26.88 -0.28 38.22
CA THR B 874 -28.02 0.59 37.96
C THR B 874 -29.03 0.53 39.10
N SER B 875 -29.27 -0.65 39.66
CA SER B 875 -30.18 -0.76 40.79
C SER B 875 -29.64 -0.01 42.00
N ALA B 876 -28.33 -0.09 42.23
CA ALA B 876 -27.73 0.66 43.33
C ALA B 876 -27.93 2.16 43.14
N LEU B 877 -27.70 2.64 41.91
CA LEU B 877 -27.90 4.06 41.63
C LEU B 877 -29.36 4.46 41.83
N LEU B 878 -30.29 3.62 41.37
CA LEU B 878 -31.71 3.91 41.54
C LEU B 878 -32.07 4.00 43.01
N ALA B 879 -31.61 3.03 43.81
CA ALA B 879 -31.91 3.04 45.24
C ALA B 879 -31.32 4.27 45.92
N GLY B 880 -30.08 4.61 45.56
CA GLY B 880 -29.48 5.80 46.14
C GLY B 880 -30.26 7.06 45.82
N THR B 881 -30.65 7.22 44.55
CA THR B 881 -31.41 8.40 44.17
C THR B 881 -32.75 8.44 44.88
N ILE B 882 -33.42 7.29 44.98
CA ILE B 882 -34.75 7.26 45.57
C ILE B 882 -34.70 7.59 47.06
N THR B 883 -33.75 6.98 47.78
CA THR B 883 -33.76 7.06 49.23
C THR B 883 -32.97 8.26 49.78
N SER B 884 -31.84 8.61 49.17
CA SER B 884 -30.95 9.62 49.75
C SER B 884 -30.79 10.83 48.83
N GLY B 885 -31.65 10.98 47.82
CA GLY B 885 -31.54 12.14 46.95
C GLY B 885 -30.18 12.20 46.30
N TRP B 886 -29.61 13.41 46.25
CA TRP B 886 -28.30 13.64 45.66
C TRP B 886 -27.17 13.59 46.67
N THR B 887 -27.48 13.38 47.95
CA THR B 887 -26.43 13.40 48.97
C THR B 887 -25.44 12.25 48.78
N PHE B 888 -25.94 11.07 48.41
CA PHE B 888 -25.06 9.91 48.27
C PHE B 888 -24.00 10.11 47.20
N GLY B 889 -24.22 11.02 46.25
CA GLY B 889 -23.24 11.30 45.23
C GLY B 889 -22.13 12.24 45.62
N ALA B 890 -22.19 12.80 46.84
CA ALA B 890 -21.15 13.70 47.32
C ALA B 890 -20.46 13.23 48.59
N GLY B 891 -21.06 12.30 49.33
CA GLY B 891 -20.47 11.80 50.55
C GLY B 891 -21.28 10.69 51.17
N ALA B 892 -21.44 10.72 52.48
CA ALA B 892 -22.26 9.71 53.15
C ALA B 892 -23.70 9.81 52.70
N ALA B 893 -24.37 8.66 52.60
CA ALA B 893 -25.73 8.59 52.12
C ALA B 893 -26.68 9.07 53.21
N LEU B 894 -27.28 10.24 52.99
CA LEU B 894 -28.24 10.81 53.93
C LEU B 894 -29.65 10.49 53.48
N GLN B 895 -30.42 9.83 54.35
CA GLN B 895 -31.79 9.49 54.02
C GLN B 895 -32.68 10.72 54.06
N ILE B 896 -33.79 10.65 53.33
CA ILE B 896 -34.74 11.76 53.25
C ILE B 896 -36.03 11.26 52.63
N PRO B 897 -37.20 11.67 53.14
CA PRO B 897 -38.45 11.28 52.47
C PRO B 897 -38.51 11.81 51.05
N PHE B 898 -39.09 11.03 50.15
CA PHE B 898 -39.07 11.40 48.73
C PHE B 898 -39.87 12.67 48.48
N ALA B 899 -40.96 12.88 49.21
CA ALA B 899 -41.76 14.08 49.02
C ALA B 899 -40.94 15.33 49.30
N MET B 900 -40.19 15.33 50.39
CA MET B 900 -39.34 16.48 50.71
C MET B 900 -38.23 16.64 49.68
N GLN B 901 -37.68 15.54 49.17
CA GLN B 901 -36.67 15.63 48.12
C GLN B 901 -37.23 16.31 46.88
N MET B 902 -38.44 15.91 46.46
CA MET B 902 -39.07 16.53 45.29
C MET B 902 -39.36 18.00 45.55
N ALA B 903 -39.81 18.33 46.77
CA ALA B 903 -40.06 19.73 47.11
C ALA B 903 -38.77 20.54 47.03
N TYR B 904 -37.67 19.98 47.50
CA TYR B 904 -36.40 20.70 47.44
C TYR B 904 -35.93 20.85 46.00
N ARG B 905 -36.18 19.85 45.15
CA ARG B 905 -35.84 20.01 43.74
C ARG B 905 -36.66 21.13 43.10
N PHE B 906 -37.96 21.19 43.40
CA PHE B 906 -38.76 22.30 42.91
C PHE B 906 -38.20 23.64 43.39
N ASN B 907 -37.86 23.73 44.67
CA ASN B 907 -37.22 24.93 45.18
C ASN B 907 -35.94 25.23 44.42
N GLY B 908 -35.22 24.19 43.99
CA GLY B 908 -34.05 24.38 43.17
C GLY B 908 -34.33 24.96 41.80
N ILE B 909 -35.47 24.62 41.20
CA ILE B 909 -35.85 25.21 39.92
C ILE B 909 -36.66 26.50 40.12
N GLY B 910 -36.68 27.02 41.35
CA GLY B 910 -37.33 28.30 41.60
C GLY B 910 -38.80 28.24 41.89
N VAL B 911 -39.34 27.08 42.24
CA VAL B 911 -40.75 26.92 42.60
C VAL B 911 -40.82 26.50 44.06
N THR B 912 -41.64 27.22 44.83
CA THR B 912 -41.69 27.02 46.28
C THR B 912 -42.27 25.65 46.62
N GLN B 913 -41.93 25.18 47.83
CA GLN B 913 -42.33 23.84 48.24
C GLN B 913 -43.84 23.71 48.37
N ASN B 914 -44.51 24.76 48.82
CA ASN B 914 -45.96 24.72 48.98
C ASN B 914 -46.65 24.33 47.70
N VAL B 915 -46.08 24.72 46.55
CA VAL B 915 -46.66 24.33 45.26
C VAL B 915 -46.73 22.82 45.16
N LEU B 916 -45.67 22.12 45.61
CA LEU B 916 -45.72 20.66 45.65
C LEU B 916 -46.68 20.17 46.70
N TYR B 917 -46.47 20.56 47.96
CA TYR B 917 -47.20 19.93 49.06
C TYR B 917 -48.70 20.09 48.90
N GLU B 918 -49.14 21.23 48.35
CA GLU B 918 -50.56 21.40 48.07
C GLU B 918 -51.01 20.53 46.91
N ASN B 919 -50.13 20.34 45.91
CA ASN B 919 -50.43 19.55 44.72
C ASN B 919 -49.66 18.24 44.69
N GLN B 920 -49.41 17.63 45.85
CA GLN B 920 -48.60 16.42 45.90
C GLN B 920 -49.26 15.29 45.12
N LYS B 921 -50.56 15.07 45.34
CA LYS B 921 -51.24 13.95 44.70
C LYS B 921 -51.27 14.11 43.18
N LEU B 922 -51.56 15.32 42.70
CA LEU B 922 -51.60 15.54 41.26
C LEU B 922 -50.23 15.30 40.63
N ILE B 923 -49.18 15.79 41.27
CA ILE B 923 -47.83 15.61 40.73
C ILE B 923 -47.46 14.13 40.73
N ALA B 924 -47.79 13.41 41.80
CA ALA B 924 -47.50 11.99 41.85
C ALA B 924 -48.24 11.25 40.73
N ASN B 925 -49.52 11.59 40.51
CA ASN B 925 -50.28 10.95 39.45
C ASN B 925 -49.68 11.24 38.07
N GLN B 926 -49.29 12.50 37.84
CA GLN B 926 -48.71 12.86 36.55
C GLN B 926 -47.40 12.11 36.31
N PHE B 927 -46.53 12.06 37.32
CA PHE B 927 -45.26 11.36 37.17
C PHE B 927 -45.49 9.87 36.92
N ASN B 928 -46.42 9.27 37.67
CA ASN B 928 -46.73 7.86 37.47
C ASN B 928 -47.23 7.59 36.07
N SER B 929 -48.14 8.45 35.58
CA SER B 929 -48.68 8.27 34.24
C SER B 929 -47.60 8.40 33.18
N ALA B 930 -46.72 9.39 33.32
CA ALA B 930 -45.67 9.58 32.33
C ALA B 930 -44.71 8.39 32.32
N ILE B 931 -44.31 7.92 33.51
CA ILE B 931 -43.34 6.83 33.58
C ILE B 931 -43.98 5.53 33.14
N GLY B 932 -45.31 5.41 33.25
CA GLY B 932 -46.00 4.26 32.69
C GLY B 932 -46.10 4.33 31.18
N LYS B 933 -46.35 5.53 30.65
CA LYS B 933 -46.54 5.69 29.21
C LYS B 933 -45.23 5.61 28.43
N ILE B 934 -44.09 5.91 29.06
CA ILE B 934 -42.83 5.82 28.34
C ILE B 934 -42.55 4.38 27.94
N GLN B 935 -42.94 3.42 28.79
CA GLN B 935 -42.77 2.02 28.44
C GLN B 935 -43.58 1.67 27.18
N ASP B 936 -44.83 2.12 27.11
CA ASP B 936 -45.63 1.88 25.93
C ASP B 936 -45.04 2.56 24.71
N SER B 937 -44.50 3.77 24.89
CA SER B 937 -43.86 4.47 23.77
C SER B 937 -42.69 3.66 23.23
N LEU B 938 -41.86 3.13 24.12
CA LEU B 938 -40.74 2.30 23.67
C LEU B 938 -41.24 1.03 22.99
N SER B 939 -42.26 0.39 23.57
CA SER B 939 -42.73 -0.89 23.02
C SER B 939 -43.33 -0.72 21.64
N SER B 940 -44.13 0.33 21.44
CA SER B 940 -44.85 0.50 20.19
C SER B 940 -43.96 0.95 19.04
N THR B 941 -42.78 1.48 19.33
CA THR B 941 -41.86 1.96 18.31
C THR B 941 -40.62 1.07 18.30
N ALA B 942 -40.26 0.57 17.12
CA ALA B 942 -39.09 -0.30 16.97
C ALA B 942 -37.83 0.46 16.63
N SER B 943 -37.94 1.71 16.17
CA SER B 943 -36.79 2.53 15.81
C SER B 943 -36.33 3.44 16.94
N ALA B 944 -36.92 3.30 18.14
CA ALA B 944 -36.57 4.20 19.24
C ALA B 944 -35.11 4.08 19.61
N LEU B 945 -34.60 2.84 19.70
CA LEU B 945 -33.21 2.64 20.12
C LEU B 945 -32.25 3.26 19.12
N GLY B 946 -32.47 3.01 17.83
CA GLY B 946 -31.70 3.65 16.78
C GLY B 946 -30.20 3.47 16.89
N LYS B 947 -29.49 4.55 17.22
CA LYS B 947 -28.03 4.56 17.20
C LYS B 947 -27.44 3.40 17.99
N LEU B 948 -28.04 3.09 19.14
CA LEU B 948 -27.52 2.01 19.98
C LEU B 948 -27.47 0.69 19.22
N GLN B 949 -28.52 0.39 18.46
CA GLN B 949 -28.54 -0.83 17.67
C GLN B 949 -27.71 -0.68 16.40
N ASP B 950 -27.61 0.55 15.89
CA ASP B 950 -26.92 0.78 14.61
C ASP B 950 -25.42 0.57 14.75
N VAL B 951 -24.87 0.88 15.93
CA VAL B 951 -23.43 0.69 16.14
C VAL B 951 -23.07 -0.78 15.96
N VAL B 952 -23.90 -1.67 16.49
CA VAL B 952 -23.64 -3.11 16.36
C VAL B 952 -23.63 -3.51 14.90
N ASN B 953 -24.60 -3.00 14.14
CA ASN B 953 -24.66 -3.32 12.72
C ASN B 953 -23.43 -2.82 11.98
N GLN B 954 -22.98 -1.61 12.32
CA GLN B 954 -21.78 -1.07 11.67
C GLN B 954 -20.57 -1.96 11.94
N ASN B 955 -20.38 -2.34 13.19
CA ASN B 955 -19.25 -3.22 13.53
C ASN B 955 -19.35 -4.55 12.80
N ALA B 956 -20.55 -5.13 12.77
CA ALA B 956 -20.75 -6.42 12.12
C ALA B 956 -20.46 -6.32 10.63
N GLN B 957 -20.92 -5.24 9.98
CA GLN B 957 -20.66 -5.06 8.57
C GLN B 957 -19.16 -4.93 8.29
N ALA B 958 -18.46 -4.17 9.14
CA ALA B 958 -17.01 -4.04 8.96
C ALA B 958 -16.32 -5.39 9.07
N LEU B 959 -16.69 -6.17 10.09
CA LEU B 959 -16.08 -7.49 10.27
C LEU B 959 -16.40 -8.41 9.09
N ASN B 960 -17.64 -8.37 8.62
CA ASN B 960 -18.05 -9.21 7.51
C ASN B 960 -17.28 -8.85 6.24
N THR B 961 -17.09 -7.55 6.00
CA THR B 961 -16.30 -7.14 4.84
C THR B 961 -14.86 -7.60 4.97
N LEU B 962 -14.28 -7.49 6.17
CA LEU B 962 -12.94 -8.00 6.38
C LEU B 962 -12.86 -9.48 6.03
N VAL B 963 -13.85 -10.25 6.48
CA VAL B 963 -13.87 -11.68 6.17
C VAL B 963 -13.97 -11.90 4.65
N LYS B 964 -14.86 -11.14 4.00
CA LYS B 964 -15.06 -11.31 2.56
C LYS B 964 -13.79 -10.98 1.78
N GLN B 965 -12.96 -10.09 2.31
CA GLN B 965 -11.75 -9.69 1.58
C GLN B 965 -10.85 -10.88 1.25
N LEU B 966 -10.93 -11.97 2.01
CA LEU B 966 -10.09 -13.13 1.74
C LEU B 966 -10.37 -13.73 0.37
N SER B 967 -11.65 -13.73 -0.05
CA SER B 967 -12.01 -14.32 -1.33
C SER B 967 -11.42 -13.58 -2.52
N SER B 968 -10.92 -12.36 -2.32
CA SER B 968 -10.36 -11.59 -3.41
C SER B 968 -9.02 -12.20 -3.87
N ASN B 969 -8.67 -11.91 -5.12
CA ASN B 969 -7.42 -12.40 -5.70
C ASN B 969 -6.29 -11.39 -5.61
N PHE B 970 -6.59 -10.09 -5.66
CA PHE B 970 -5.56 -9.05 -5.60
C PHE B 970 -4.54 -9.23 -6.71
N GLY B 971 -4.98 -9.71 -7.87
CA GLY B 971 -4.10 -9.98 -8.98
C GLY B 971 -3.47 -11.35 -8.98
N ALA B 972 -3.66 -12.13 -7.91
CA ALA B 972 -3.11 -13.47 -7.85
C ALA B 972 -3.94 -14.41 -8.72
N ILE B 973 -3.35 -15.58 -9.04
CA ILE B 973 -4.03 -16.54 -9.88
C ILE B 973 -5.31 -17.04 -9.20
N SER B 974 -5.24 -17.30 -7.90
CA SER B 974 -6.38 -17.78 -7.15
C SER B 974 -6.33 -17.22 -5.74
N SER B 975 -7.51 -16.99 -5.15
CA SER B 975 -7.57 -16.47 -3.80
C SER B 975 -7.19 -17.52 -2.76
N VAL B 976 -7.22 -18.79 -3.12
CA VAL B 976 -6.92 -19.87 -2.18
C VAL B 976 -5.42 -20.12 -2.20
N LEU B 977 -4.78 -20.01 -1.02
CA LEU B 977 -3.33 -20.16 -0.95
C LEU B 977 -2.90 -21.58 -1.34
N ASN B 978 -3.64 -22.59 -0.87
CA ASN B 978 -3.30 -23.97 -1.19
C ASN B 978 -3.34 -24.21 -2.70
N ASP B 979 -4.29 -23.56 -3.38
CA ASP B 979 -4.37 -23.68 -4.84
C ASP B 979 -3.10 -23.14 -5.49
N ILE B 980 -2.63 -21.98 -5.03
CA ILE B 980 -1.39 -21.42 -5.57
C ILE B 980 -0.23 -22.37 -5.30
N LEU B 981 -0.15 -22.91 -4.07
CA LEU B 981 0.94 -23.80 -3.73
C LEU B 981 0.95 -25.04 -4.63
N SER B 982 -0.22 -25.62 -4.85
CA SER B 982 -0.29 -26.87 -5.61
C SER B 982 -0.03 -26.63 -7.10
N ARG B 983 -0.70 -25.63 -7.68
CA ARG B 983 -0.61 -25.44 -9.13
C ARG B 983 0.80 -25.05 -9.56
N LEU B 984 1.43 -24.14 -8.83
CA LEU B 984 2.71 -23.57 -9.23
C LEU B 984 3.79 -23.93 -8.22
N ASP B 985 5.03 -24.00 -8.71
CA ASP B 985 6.17 -24.28 -7.87
C ASP B 985 6.51 -23.08 -6.99
N PRO B 986 7.26 -23.29 -5.91
CA PRO B 986 7.56 -22.20 -4.98
C PRO B 986 8.17 -20.99 -5.67
N PRO B 987 9.21 -21.18 -6.51
CA PRO B 987 9.89 -19.98 -7.06
C PRO B 987 8.96 -19.06 -7.84
N GLU B 988 7.97 -19.60 -8.56
CA GLU B 988 6.99 -18.76 -9.24
C GLU B 988 5.81 -18.40 -8.35
N ALA B 989 5.43 -19.27 -7.42
CA ALA B 989 4.31 -18.99 -6.53
C ALA B 989 4.64 -17.89 -5.52
N GLU B 990 5.93 -17.57 -5.35
CA GLU B 990 6.31 -16.55 -4.36
C GLU B 990 5.72 -15.19 -4.70
N VAL B 991 5.75 -14.80 -5.98
CA VAL B 991 5.22 -13.50 -6.37
C VAL B 991 3.71 -13.44 -6.13
N GLN B 992 3.00 -14.51 -6.46
CA GLN B 992 1.56 -14.55 -6.24
C GLN B 992 1.26 -14.43 -4.75
N ILE B 993 2.02 -15.16 -3.92
CA ILE B 993 1.81 -15.10 -2.47
C ILE B 993 2.11 -13.70 -1.96
N ASP B 994 3.14 -13.04 -2.51
CA ASP B 994 3.46 -11.69 -2.10
C ASP B 994 2.32 -10.73 -2.40
N ARG B 995 1.75 -10.83 -3.61
CA ARG B 995 0.62 -9.96 -3.96
C ARG B 995 -0.56 -10.21 -3.04
N LEU B 996 -0.87 -11.49 -2.80
CA LEU B 996 -2.00 -11.83 -1.93
C LEU B 996 -1.76 -11.33 -0.50
N ILE B 997 -0.54 -11.47 0.00
CA ILE B 997 -0.22 -11.01 1.34
C ILE B 997 -0.37 -9.50 1.44
N THR B 998 0.11 -8.78 0.41
CA THR B 998 -0.04 -7.33 0.41
C THR B 998 -1.50 -6.93 0.47
N GLY B 999 -2.33 -7.57 -0.37
CA GLY B 999 -3.75 -7.25 -0.36
C GLY B 999 -4.40 -7.50 0.98
N ARG B 1000 -4.15 -8.68 1.56
CA ARG B 1000 -4.77 -9.02 2.84
C ARG B 1000 -4.29 -8.08 3.94
N LEU B 1001 -3.00 -7.76 3.94
CA LEU B 1001 -2.46 -6.85 4.96
C LEU B 1001 -3.09 -5.48 4.86
N GLN B 1002 -3.23 -4.95 3.64
CA GLN B 1002 -3.87 -3.64 3.48
C GLN B 1002 -5.33 -3.68 3.92
N SER B 1003 -6.04 -4.76 3.60
CA SER B 1003 -7.44 -4.86 4.04
C SER B 1003 -7.54 -4.87 5.56
N LEU B 1004 -6.70 -5.68 6.21
CA LEU B 1004 -6.69 -5.71 7.67
C LEU B 1004 -6.35 -4.33 8.24
N GLN B 1005 -5.44 -3.61 7.59
CA GLN B 1005 -5.02 -2.31 8.10
C GLN B 1005 -6.15 -1.30 7.99
N THR B 1006 -6.88 -1.32 6.87
CA THR B 1006 -8.05 -0.46 6.74
C THR B 1006 -9.08 -0.78 7.81
N TYR B 1007 -9.31 -2.08 8.06
CA TYR B 1007 -10.25 -2.46 9.11
C TYR B 1007 -9.81 -1.91 10.46
N VAL B 1008 -8.51 -2.02 10.77
CA VAL B 1008 -8.02 -1.54 12.06
C VAL B 1008 -8.20 -0.04 12.18
N THR B 1009 -7.93 0.70 11.11
CA THR B 1009 -8.11 2.15 11.15
C THR B 1009 -9.58 2.51 11.38
N GLN B 1010 -10.49 1.82 10.68
CA GLN B 1010 -11.91 2.09 10.90
C GLN B 1010 -12.31 1.77 12.33
N GLN B 1011 -11.78 0.68 12.88
CA GLN B 1011 -12.07 0.34 14.27
C GLN B 1011 -11.57 1.42 15.22
N LEU B 1012 -10.38 1.97 14.94
CA LEU B 1012 -9.86 3.04 15.79
C LEU B 1012 -10.77 4.27 15.74
N ILE B 1013 -11.23 4.64 14.54
CA ILE B 1013 -12.10 5.81 14.42
C ILE B 1013 -13.39 5.59 15.20
N ARG B 1014 -14.00 4.41 15.02
CA ARG B 1014 -15.24 4.12 15.74
C ARG B 1014 -15.00 4.06 17.25
N ALA B 1015 -13.84 3.57 17.67
CA ALA B 1015 -13.52 3.54 19.09
C ALA B 1015 -13.42 4.95 19.64
N ALA B 1016 -12.82 5.87 18.89
CA ALA B 1016 -12.77 7.26 19.34
C ALA B 1016 -14.17 7.85 19.45
N GLU B 1017 -15.03 7.58 18.47
CA GLU B 1017 -16.39 8.11 18.53
C GLU B 1017 -17.13 7.56 19.75
N ILE B 1018 -17.03 6.25 19.99
CA ILE B 1018 -17.73 5.66 21.12
C ILE B 1018 -17.11 6.12 22.44
N ARG B 1019 -15.81 6.43 22.45
CA ARG B 1019 -15.19 6.99 23.65
C ARG B 1019 -15.78 8.36 23.96
N ALA B 1020 -15.96 9.19 22.94
CA ALA B 1020 -16.61 10.48 23.17
C ALA B 1020 -18.02 10.29 23.68
N SER B 1021 -18.77 9.34 23.10
CA SER B 1021 -20.12 9.08 23.55
C SER B 1021 -20.13 8.62 25.01
N ALA B 1022 -19.19 7.75 25.38
CA ALA B 1022 -19.11 7.25 26.75
C ALA B 1022 -18.75 8.36 27.72
N ASN B 1023 -17.87 9.28 27.31
CA ASN B 1023 -17.58 10.43 28.16
C ASN B 1023 -18.82 11.28 28.37
N LEU B 1024 -19.60 11.49 27.31
CA LEU B 1024 -20.85 12.23 27.46
C LEU B 1024 -21.80 11.51 28.42
N ALA B 1025 -21.91 10.20 28.29
CA ALA B 1025 -22.79 9.43 29.18
C ALA B 1025 -22.33 9.52 30.63
N ALA B 1026 -21.02 9.44 30.86
CA ALA B 1026 -20.50 9.56 32.22
C ALA B 1026 -20.78 10.95 32.80
N THR B 1027 -20.62 11.99 31.98
CA THR B 1027 -20.96 13.34 32.45
C THR B 1027 -22.44 13.44 32.80
N LYS B 1028 -23.31 12.87 31.95
CA LYS B 1028 -24.73 12.90 32.24
C LYS B 1028 -25.04 12.20 33.55
N MET B 1029 -24.43 11.02 33.76
CA MET B 1029 -24.67 10.28 35.00
C MET B 1029 -24.19 11.08 36.20
N SER B 1030 -23.02 11.71 36.10
CA SER B 1030 -22.48 12.47 37.21
C SER B 1030 -23.36 13.67 37.54
N GLU B 1031 -23.89 14.35 36.52
CA GLU B 1031 -24.64 15.57 36.74
C GLU B 1031 -26.14 15.33 36.82
N CYS B 1032 -26.72 14.73 35.77
CA CYS B 1032 -28.17 14.59 35.71
C CYS B 1032 -28.69 13.67 36.80
N VAL B 1033 -28.01 12.56 37.07
CA VAL B 1033 -28.52 11.54 37.98
C VAL B 1033 -28.14 11.86 39.41
N LEU B 1034 -26.83 11.94 39.68
CA LEU B 1034 -26.35 12.14 41.04
C LEU B 1034 -26.65 13.51 41.60
N GLY B 1035 -27.24 14.41 40.80
CA GLY B 1035 -27.58 15.73 41.28
C GLY B 1035 -28.55 16.40 40.34
N GLN B 1036 -28.89 17.64 40.67
CA GLN B 1036 -29.80 18.45 39.86
C GLN B 1036 -28.99 19.45 39.06
N SER B 1037 -29.17 19.45 37.75
CA SER B 1037 -28.37 20.25 36.84
C SER B 1037 -29.14 21.48 36.39
N LYS B 1038 -28.53 22.65 36.56
CA LYS B 1038 -29.11 23.89 36.06
C LYS B 1038 -28.84 24.10 34.58
N ARG B 1039 -27.97 23.30 33.98
CA ARG B 1039 -27.69 23.43 32.56
C ARG B 1039 -28.96 23.25 31.74
N VAL B 1040 -29.19 24.14 30.79
CA VAL B 1040 -30.43 24.16 30.04
C VAL B 1040 -30.36 23.16 28.88
N ASP B 1041 -31.40 22.35 28.74
CA ASP B 1041 -31.54 21.39 27.65
C ASP B 1041 -30.45 20.33 27.69
N PHE B 1042 -29.78 20.15 28.82
CA PHE B 1042 -28.78 19.12 28.97
C PHE B 1042 -29.40 17.80 29.42
N CYS B 1043 -30.10 17.83 30.56
CA CYS B 1043 -30.81 16.66 31.07
C CYS B 1043 -32.27 16.70 30.64
N GLY B 1044 -32.48 16.75 29.33
CA GLY B 1044 -33.80 16.73 28.75
C GLY B 1044 -34.40 18.12 28.60
N LYS B 1045 -35.55 18.16 27.93
CA LYS B 1045 -36.25 19.41 27.69
C LYS B 1045 -37.05 19.82 28.91
N GLY B 1046 -36.98 21.11 29.24
CA GLY B 1046 -37.66 21.65 30.41
C GLY B 1046 -36.70 21.81 31.59
N TYR B 1047 -37.29 22.20 32.71
CA TYR B 1047 -36.53 22.39 33.94
C TYR B 1047 -36.27 21.03 34.56
N HIS B 1048 -35.01 20.60 34.55
CA HIS B 1048 -34.67 19.26 35.02
C HIS B 1048 -34.94 19.12 36.51
N LEU B 1049 -35.40 17.93 36.89
CA LEU B 1049 -35.65 17.59 38.28
C LEU B 1049 -34.78 16.44 38.76
N MET B 1050 -34.73 15.34 38.01
CA MET B 1050 -33.93 14.17 38.37
C MET B 1050 -33.92 13.24 37.17
N SER B 1051 -33.17 12.14 37.29
CA SER B 1051 -33.05 11.19 36.20
C SER B 1051 -32.89 9.79 36.78
N PHE B 1052 -33.20 8.79 35.95
CA PHE B 1052 -33.13 7.39 36.37
C PHE B 1052 -32.39 6.58 35.30
N PRO B 1053 -31.12 6.24 35.53
CA PRO B 1053 -30.39 5.46 34.51
C PRO B 1053 -30.96 4.06 34.37
N GLN B 1054 -30.88 3.54 33.14
CA GLN B 1054 -31.30 2.18 32.84
C GLN B 1054 -30.29 1.55 31.89
N SER B 1055 -29.95 0.30 32.15
CA SER B 1055 -28.93 -0.39 31.37
C SER B 1055 -29.50 -0.86 30.03
N ALA B 1056 -28.60 -1.06 29.08
CA ALA B 1056 -28.94 -1.59 27.77
C ALA B 1056 -27.67 -2.17 27.16
N PRO B 1057 -27.79 -3.14 26.25
CA PRO B 1057 -26.59 -3.74 25.65
C PRO B 1057 -25.72 -2.70 24.96
N HIS B 1058 -24.52 -2.47 25.48
CA HIS B 1058 -23.59 -1.51 24.92
C HIS B 1058 -24.21 -0.11 24.86
N GLY B 1059 -24.98 0.24 25.89
CA GLY B 1059 -25.61 1.54 25.93
C GLY B 1059 -26.28 1.77 27.27
N VAL B 1060 -26.69 3.03 27.48
CA VAL B 1060 -27.37 3.45 28.69
C VAL B 1060 -28.52 4.37 28.29
N VAL B 1061 -29.64 4.24 29.00
CA VAL B 1061 -30.84 5.03 28.73
C VAL B 1061 -31.18 5.82 29.98
N PHE B 1062 -31.36 7.13 29.83
CA PHE B 1062 -31.72 8.01 30.93
C PHE B 1062 -33.19 8.42 30.80
N LEU B 1063 -33.90 8.36 31.93
CA LEU B 1063 -35.29 8.81 31.98
C LEU B 1063 -35.31 10.18 32.66
N HIS B 1064 -35.09 11.22 31.85
CA HIS B 1064 -35.07 12.58 32.37
C HIS B 1064 -36.46 13.01 32.80
N VAL B 1065 -36.57 13.54 34.02
CA VAL B 1065 -37.81 14.08 34.55
C VAL B 1065 -37.67 15.59 34.58
N THR B 1066 -38.64 16.29 33.98
CA THR B 1066 -38.54 17.73 33.79
C THR B 1066 -39.85 18.39 34.15
N TYR B 1067 -39.76 19.67 34.52
CA TYR B 1067 -40.91 20.49 34.88
C TYR B 1067 -41.21 21.46 33.75
N VAL B 1068 -42.47 21.47 33.31
CA VAL B 1068 -42.88 22.29 32.17
C VAL B 1068 -44.13 23.09 32.53
N PRO B 1069 -44.10 24.42 32.44
CA PRO B 1069 -45.34 25.18 32.65
C PRO B 1069 -46.37 24.88 31.58
N ALA B 1070 -47.64 24.97 31.95
CA ALA B 1070 -48.74 24.53 31.08
C ALA B 1070 -49.65 25.66 30.62
N GLN B 1071 -50.25 26.40 31.55
CA GLN B 1071 -51.32 27.34 31.23
C GLN B 1071 -50.94 28.74 31.66
N GLU B 1072 -51.07 29.70 30.75
CA GLU B 1072 -50.64 31.08 30.96
C GLU B 1072 -51.85 32.02 31.01
N LYS B 1073 -51.57 33.26 31.38
CA LYS B 1073 -52.58 34.31 31.38
C LYS B 1073 -51.88 35.66 31.21
N ASN B 1074 -52.64 36.63 30.70
CA ASN B 1074 -52.11 37.98 30.55
C ASN B 1074 -52.17 38.72 31.88
N PHE B 1075 -51.14 39.54 32.14
CA PHE B 1075 -51.08 40.35 33.34
C PHE B 1075 -50.30 41.62 33.04
N THR B 1076 -50.74 42.72 33.64
CA THR B 1076 -50.04 43.99 33.55
C THR B 1076 -49.03 44.10 34.69
N THR B 1077 -47.86 44.65 34.37
CA THR B 1077 -46.76 44.69 35.32
C THR B 1077 -46.05 46.03 35.26
N ALA B 1078 -45.34 46.34 36.34
CA ALA B 1078 -44.48 47.50 36.43
C ALA B 1078 -43.17 47.08 37.08
N PRO B 1079 -42.06 47.75 36.75
CA PRO B 1079 -40.78 47.38 37.37
C PRO B 1079 -40.76 47.57 38.87
N ALA B 1080 -41.49 48.54 39.39
CA ALA B 1080 -41.51 48.81 40.83
C ALA B 1080 -42.85 49.44 41.18
N ILE B 1081 -42.99 49.83 42.44
CA ILE B 1081 -44.24 50.41 42.96
C ILE B 1081 -43.89 51.59 43.84
N CYS B 1082 -44.69 52.65 43.75
CA CYS B 1082 -44.48 53.87 44.50
C CYS B 1082 -45.50 53.95 45.63
N HIS B 1083 -45.00 54.14 46.85
CA HIS B 1083 -45.85 54.28 48.03
C HIS B 1083 -45.74 55.66 48.66
N ASP B 1084 -44.53 56.09 49.03
CA ASP B 1084 -44.28 57.39 49.64
C ASP B 1084 -43.13 58.08 48.93
N GLY B 1085 -43.08 57.96 47.61
CA GLY B 1085 -41.95 58.45 46.85
C GLY B 1085 -40.77 57.50 46.77
N LYS B 1086 -40.83 56.38 47.49
CA LYS B 1086 -39.78 55.37 47.46
C LYS B 1086 -40.25 54.20 46.62
N ALA B 1087 -39.41 53.79 45.67
CA ALA B 1087 -39.75 52.67 44.79
C ALA B 1087 -39.53 51.36 45.51
N HIS B 1088 -40.57 50.52 45.52
CA HIS B 1088 -40.50 49.19 46.14
C HIS B 1088 -40.36 48.15 45.04
N PHE B 1089 -39.32 47.34 45.14
CA PHE B 1089 -39.05 46.28 44.16
C PHE B 1089 -39.37 44.92 44.77
N PRO B 1090 -39.80 43.95 43.96
CA PRO B 1090 -40.06 42.61 44.52
C PRO B 1090 -38.78 41.98 44.99
N ARG B 1091 -38.85 41.35 46.18
CA ARG B 1091 -37.66 40.75 46.76
C ARG B 1091 -37.20 39.53 45.97
N GLU B 1092 -38.13 38.64 45.64
CA GLU B 1092 -37.80 37.47 44.84
C GLU B 1092 -38.87 37.14 43.80
N GLY B 1093 -39.92 37.95 43.68
CA GLY B 1093 -41.00 37.66 42.76
C GLY B 1093 -41.17 38.69 41.67
N VAL B 1094 -42.41 38.89 41.24
CA VAL B 1094 -42.72 39.84 40.17
C VAL B 1094 -44.13 40.38 40.41
N PHE B 1095 -44.31 41.67 40.13
CA PHE B 1095 -45.61 42.29 40.25
C PHE B 1095 -46.53 41.82 39.12
N VAL B 1096 -47.83 41.82 39.42
CA VAL B 1096 -48.84 41.44 38.43
C VAL B 1096 -50.11 42.21 38.75
N SER B 1097 -51.06 42.21 37.81
CA SER B 1097 -52.32 42.90 37.98
C SER B 1097 -53.42 42.17 37.23
N ASN B 1098 -54.59 42.11 37.85
CA ASN B 1098 -55.82 41.70 37.18
C ASN B 1098 -56.69 42.90 36.82
N GLY B 1099 -56.13 44.10 36.88
CA GLY B 1099 -56.87 45.33 36.65
C GLY B 1099 -57.39 45.95 37.93
N THR B 1100 -57.98 45.12 38.81
CA THR B 1100 -58.56 45.65 40.04
C THR B 1100 -57.48 46.00 41.07
N HIS B 1101 -56.48 45.14 41.23
CA HIS B 1101 -55.49 45.32 42.29
C HIS B 1101 -54.12 44.90 41.77
N TRP B 1102 -53.15 44.86 42.69
CA TRP B 1102 -51.77 44.45 42.39
C TRP B 1102 -51.36 43.34 43.34
N PHE B 1103 -50.49 42.47 42.85
CA PHE B 1103 -50.00 41.34 43.65
C PHE B 1103 -48.57 41.00 43.24
N VAL B 1104 -47.91 40.22 44.09
CA VAL B 1104 -46.58 39.70 43.83
C VAL B 1104 -46.68 38.18 43.72
N THR B 1105 -46.07 37.62 42.68
CA THR B 1105 -46.14 36.20 42.41
C THR B 1105 -44.75 35.69 42.02
N GLN B 1106 -44.64 34.37 41.90
CA GLN B 1106 -43.38 33.75 41.49
C GLN B 1106 -43.23 33.82 39.97
N ARG B 1107 -41.98 33.71 39.52
CA ARG B 1107 -41.70 33.77 38.09
C ARG B 1107 -42.30 32.58 37.36
N ASN B 1108 -42.19 31.39 37.94
CA ASN B 1108 -42.53 30.14 37.27
C ASN B 1108 -43.90 29.59 37.70
N PHE B 1109 -44.65 30.33 38.50
CA PHE B 1109 -45.96 29.86 38.92
C PHE B 1109 -46.79 31.06 39.38
N TYR B 1110 -48.11 30.90 39.32
CA TYR B 1110 -49.04 31.95 39.71
C TYR B 1110 -49.43 31.74 41.17
N GLU B 1111 -48.81 32.51 42.06
CA GLU B 1111 -49.12 32.48 43.50
C GLU B 1111 -49.31 33.91 43.98
N PRO B 1112 -50.42 34.55 43.61
CA PRO B 1112 -50.60 35.97 43.97
C PRO B 1112 -50.61 36.16 45.48
N GLN B 1113 -50.03 37.28 45.91
CA GLN B 1113 -49.98 37.63 47.32
C GLN B 1113 -50.05 39.14 47.46
N ILE B 1114 -50.47 39.59 48.64
CA ILE B 1114 -50.55 41.03 48.91
C ILE B 1114 -49.13 41.59 49.00
N ILE B 1115 -48.95 42.79 48.48
CA ILE B 1115 -47.65 43.46 48.51
C ILE B 1115 -47.40 43.97 49.93
N THR B 1116 -46.27 43.59 50.51
CA THR B 1116 -45.94 43.95 51.88
C THR B 1116 -44.44 44.18 52.00
N THR B 1117 -44.05 44.80 53.11
CA THR B 1117 -42.64 45.12 53.31
C THR B 1117 -41.77 43.86 53.30
N ASP B 1118 -42.29 42.74 53.80
CA ASP B 1118 -41.52 41.50 53.78
C ASP B 1118 -41.32 40.96 52.38
N ASN B 1119 -42.21 41.29 51.45
CA ASN B 1119 -42.09 40.84 50.06
C ASN B 1119 -41.34 41.81 49.17
N THR B 1120 -41.03 43.01 49.66
CA THR B 1120 -40.43 44.04 48.83
C THR B 1120 -39.35 44.78 49.60
N PHE B 1121 -38.33 45.23 48.89
CA PHE B 1121 -37.28 46.09 49.44
C PHE B 1121 -37.33 47.45 48.77
N VAL B 1122 -36.69 48.42 49.41
CA VAL B 1122 -36.76 49.82 49.01
C VAL B 1122 -35.39 50.26 48.52
N SER B 1123 -35.37 51.03 47.42
CA SER B 1123 -34.12 51.51 46.84
C SER B 1123 -34.40 52.81 46.10
N GLY B 1124 -34.00 53.93 46.70
CA GLY B 1124 -34.08 55.22 46.05
C GLY B 1124 -35.50 55.78 46.00
N ASN B 1125 -35.61 56.88 45.28
CA ASN B 1125 -36.88 57.58 45.12
C ASN B 1125 -37.63 57.03 43.91
N CYS B 1126 -38.73 57.68 43.54
CA CYS B 1126 -39.56 57.25 42.42
C CYS B 1126 -39.27 58.03 41.14
N ASP B 1127 -38.28 58.92 41.15
CA ASP B 1127 -38.04 59.78 40.00
C ASP B 1127 -37.32 59.05 38.87
N VAL B 1128 -36.47 58.09 39.20
CA VAL B 1128 -35.58 57.51 38.20
C VAL B 1128 -36.17 56.29 37.51
N VAL B 1129 -36.97 55.49 38.21
CA VAL B 1129 -37.50 54.26 37.63
C VAL B 1129 -38.44 54.60 36.48
N ILE B 1130 -38.27 53.92 35.35
CA ILE B 1130 -39.08 54.14 34.17
C ILE B 1130 -40.30 53.22 34.22
N GLY B 1131 -41.48 53.79 34.03
CA GLY B 1131 -42.69 53.00 34.00
C GLY B 1131 -43.17 52.54 35.36
N ILE B 1132 -42.74 53.20 36.43
CA ILE B 1132 -43.17 52.85 37.78
C ILE B 1132 -44.65 53.19 37.92
N VAL B 1133 -45.29 52.63 38.94
CA VAL B 1133 -46.73 52.81 39.14
C VAL B 1133 -46.98 53.21 40.59
N ASN B 1134 -48.16 53.76 40.82
CA ASN B 1134 -48.58 54.19 42.15
C ASN B 1134 -49.48 53.13 42.78
N ASN B 1135 -49.19 52.80 44.04
CA ASN B 1135 -49.96 51.82 44.78
C ASN B 1135 -49.56 51.94 46.26
N THR B 1136 -50.20 51.12 47.09
CA THR B 1136 -49.96 51.11 48.52
C THR B 1136 -49.29 49.80 48.92
N VAL B 1137 -48.15 49.90 49.58
CA VAL B 1137 -47.44 48.73 50.11
C VAL B 1137 -47.91 48.53 51.54
N TYR B 1138 -48.74 47.50 51.75
CA TYR B 1138 -49.35 47.28 53.05
C TYR B 1138 -48.30 46.95 54.10
N ASP B 1139 -48.41 47.59 55.27
CA ASP B 1139 -47.50 47.35 56.38
C ASP B 1139 -48.06 46.26 57.29
N PRO B 1140 -47.32 45.17 57.54
CA PRO B 1140 -47.89 44.08 58.36
C PRO B 1140 -47.93 44.40 59.84
N LEU B 1141 -47.13 45.33 60.33
CA LEU B 1141 -47.07 45.62 61.76
C LEU B 1141 -48.12 46.62 62.22
N GLN B 1142 -48.83 47.28 61.31
CA GLN B 1142 -49.85 48.24 61.72
C GLN B 1142 -50.94 47.59 62.56
N PRO B 1143 -51.52 46.46 62.17
CA PRO B 1143 -52.46 45.78 63.08
C PRO B 1143 -51.81 45.40 64.41
N GLU B 1144 -50.54 45.00 64.38
CA GLU B 1144 -49.83 44.69 65.61
C GLU B 1144 -49.54 45.95 66.41
N LEU B 1145 -49.44 47.10 65.75
CA LEU B 1145 -49.19 48.35 66.47
C LEU B 1145 -50.32 48.65 67.45
N ASP B 1146 -51.56 48.45 67.02
CA ASP B 1146 -52.70 48.67 67.91
C ASP B 1146 -52.62 47.74 69.10
N SER B 1147 -52.84 48.28 70.30
CA SER B 1147 -52.78 47.50 71.52
C SER B 1147 -53.28 48.31 72.71
N CYS C 15 36.99 37.60 -46.98
CA CYS C 15 37.06 36.59 -45.94
C CYS C 15 38.44 36.62 -45.26
N VAL C 16 38.75 37.74 -44.61
CA VAL C 16 40.02 37.93 -43.94
C VAL C 16 39.76 38.50 -42.55
N ASN C 17 40.77 38.40 -41.69
CA ASN C 17 40.64 38.92 -40.33
C ASN C 17 40.42 40.42 -40.35
N LEU C 18 39.57 40.89 -39.43
CA LEU C 18 39.25 42.30 -39.35
C LEU C 18 40.48 43.09 -38.93
N THR C 19 40.56 44.34 -39.40
CA THR C 19 41.75 45.17 -39.26
C THR C 19 41.62 46.08 -38.04
N THR C 20 42.66 46.11 -37.21
CA THR C 20 42.78 47.06 -36.11
C THR C 20 41.59 46.95 -35.14
N ARG C 21 41.47 45.79 -34.51
CA ARG C 21 40.50 45.58 -33.45
C ARG C 21 41.09 45.99 -32.12
N THR C 22 40.28 46.66 -31.29
CA THR C 22 40.69 47.08 -29.95
C THR C 22 40.04 46.15 -28.93
N GLN C 23 40.85 45.65 -28.01
CA GLN C 23 40.40 44.70 -27.00
C GLN C 23 40.29 45.41 -25.65
N LEU C 24 39.12 45.27 -25.01
CA LEU C 24 38.87 45.82 -23.69
C LEU C 24 38.17 44.74 -22.87
N PRO C 25 38.43 44.67 -21.57
CA PRO C 25 37.74 43.67 -20.75
C PRO C 25 36.24 43.85 -20.83
N PRO C 26 35.46 42.75 -20.87
CA PRO C 26 34.01 42.88 -21.02
C PRO C 26 33.36 43.31 -19.72
N ALA C 27 32.50 44.33 -19.80
CA ALA C 27 31.74 44.78 -18.66
C ALA C 27 30.51 43.90 -18.46
N TYR C 28 29.93 44.00 -17.26
CA TYR C 28 28.74 43.26 -16.92
C TYR C 28 27.70 44.19 -16.32
N THR C 29 26.43 43.87 -16.54
CA THR C 29 25.32 44.69 -16.10
C THR C 29 24.26 43.82 -15.44
N ASN C 30 23.42 44.46 -14.63
CA ASN C 30 22.36 43.75 -13.91
C ASN C 30 21.23 43.39 -14.88
N SER C 31 20.78 42.13 -14.81
CA SER C 31 19.74 41.65 -15.70
C SER C 31 18.34 42.04 -15.26
N PHE C 32 18.14 42.33 -13.97
CA PHE C 32 16.82 42.65 -13.42
C PHE C 32 15.93 41.43 -13.65
N THR C 33 14.74 41.57 -14.26
CA THR C 33 13.81 40.47 -14.44
C THR C 33 13.72 40.01 -15.90
N ARG C 34 14.55 40.56 -16.78
CA ARG C 34 14.48 40.17 -18.19
C ARG C 34 14.92 38.72 -18.36
N GLY C 35 14.26 38.02 -19.27
CA GLY C 35 14.63 36.65 -19.61
C GLY C 35 13.56 35.63 -19.32
N VAL C 36 12.30 36.04 -19.36
CA VAL C 36 11.17 35.16 -19.11
C VAL C 36 10.45 34.89 -20.42
N TYR C 37 10.18 33.61 -20.69
CA TYR C 37 9.48 33.20 -21.91
C TYR C 37 8.46 32.14 -21.55
N TYR C 38 7.47 31.98 -22.42
CA TYR C 38 6.42 31.00 -22.19
C TYR C 38 7.01 29.60 -22.32
N PRO C 39 6.95 28.75 -21.28
CA PRO C 39 7.55 27.42 -21.40
C PRO C 39 6.96 26.57 -22.53
N ASP C 40 5.67 26.71 -22.80
CA ASP C 40 5.02 25.89 -23.82
C ASP C 40 3.79 26.63 -24.34
N LYS C 41 3.20 26.06 -25.40
CA LYS C 41 2.03 26.66 -26.05
C LYS C 41 0.76 26.20 -25.32
N VAL C 42 0.59 26.74 -24.11
CA VAL C 42 -0.54 26.42 -23.25
C VAL C 42 -1.17 27.72 -22.77
N PHE C 43 -2.49 27.71 -22.66
CA PHE C 43 -3.26 28.86 -22.20
C PHE C 43 -3.66 28.65 -20.74
N ARG C 44 -3.30 29.60 -19.88
CA ARG C 44 -3.69 29.61 -18.49
C ARG C 44 -4.14 31.01 -18.11
N SER C 45 -5.17 31.09 -17.28
CA SER C 45 -5.81 32.36 -16.94
C SER C 45 -5.91 32.50 -15.43
N SER C 46 -5.47 33.65 -14.93
CA SER C 46 -5.64 34.01 -13.52
C SER C 46 -5.19 32.88 -12.60
N VAL C 47 -4.02 32.34 -12.88
CA VAL C 47 -3.46 31.23 -12.10
C VAL C 47 -1.95 31.42 -12.00
N LEU C 48 -1.39 30.96 -10.88
CA LEU C 48 0.04 30.98 -10.63
C LEU C 48 0.58 29.58 -10.87
N HIS C 49 1.36 29.42 -11.94
CA HIS C 49 1.85 28.13 -12.38
C HIS C 49 3.34 28.00 -12.08
N SER C 50 3.74 26.85 -11.55
CA SER C 50 5.13 26.56 -11.24
C SER C 50 5.71 25.66 -12.31
N THR C 51 6.89 26.04 -12.82
CA THR C 51 7.57 25.28 -13.87
C THR C 51 9.04 25.14 -13.53
N GLN C 52 9.64 24.05 -14.02
CA GLN C 52 11.06 23.77 -13.84
C GLN C 52 11.68 23.62 -15.22
N ASP C 53 12.39 24.65 -15.67
CA ASP C 53 13.00 24.67 -16.99
C ASP C 53 14.16 25.64 -16.97
N LEU C 54 14.88 25.73 -18.09
CA LEU C 54 16.00 26.63 -18.21
C LEU C 54 15.53 28.07 -18.33
N PHE C 55 16.11 28.95 -17.54
CA PHE C 55 15.79 30.38 -17.59
C PHE C 55 17.06 31.17 -17.27
N LEU C 56 16.94 32.49 -17.37
CA LEU C 56 18.02 33.39 -16.98
C LEU C 56 17.73 33.86 -15.56
N PRO C 57 18.52 33.47 -14.56
CA PRO C 57 18.19 33.85 -13.18
C PRO C 57 18.13 35.36 -13.01
N PHE C 58 17.19 35.81 -12.20
CA PHE C 58 17.01 37.24 -11.96
C PHE C 58 18.24 37.81 -11.27
N PHE C 59 18.55 39.07 -11.61
CA PHE C 59 19.67 39.79 -11.01
C PHE C 59 21.00 39.06 -11.23
N SER C 60 21.16 38.44 -12.39
CA SER C 60 22.38 37.74 -12.76
C SER C 60 23.19 38.58 -13.73
N ASN C 61 24.49 38.69 -13.47
CA ASN C 61 25.37 39.47 -14.33
C ASN C 61 25.34 38.93 -15.75
N VAL C 62 25.16 39.82 -16.72
CA VAL C 62 25.12 39.48 -18.13
C VAL C 62 26.23 40.24 -18.85
N THR C 63 27.01 39.52 -19.64
CA THR C 63 28.11 40.14 -20.37
C THR C 63 27.59 41.23 -21.30
N TRP C 64 28.29 42.35 -21.34
CA TRP C 64 27.91 43.51 -22.13
C TRP C 64 28.96 43.74 -23.20
N PHE C 65 28.54 43.80 -24.46
CA PHE C 65 29.42 44.00 -25.59
C PHE C 65 29.03 45.28 -26.32
N HIS C 66 30.02 46.11 -26.64
CA HIS C 66 29.83 47.33 -27.41
C HIS C 66 30.63 47.23 -28.71
N ALA C 67 29.96 47.43 -29.83
CA ALA C 67 30.60 47.50 -31.14
C ALA C 67 30.39 48.91 -31.67
N ILE C 68 31.43 49.74 -31.61
CA ILE C 68 31.32 51.15 -31.98
C ILE C 68 32.71 51.68 -32.27
N HIS C 69 32.79 52.63 -33.19
CA HIS C 69 34.02 53.38 -33.47
C HIS C 69 33.85 54.78 -32.87
N VAL C 70 34.40 54.97 -31.67
CA VAL C 70 34.24 56.24 -30.99
C VAL C 70 34.83 57.36 -31.85
N SER C 71 34.13 58.50 -31.88
CA SER C 71 34.56 59.62 -32.71
C SER C 71 35.96 60.06 -32.31
N GLY C 72 36.78 60.34 -33.31
CA GLY C 72 38.15 60.77 -33.09
C GLY C 72 39.13 59.61 -32.99
N THR C 73 40.41 59.92 -33.18
CA THR C 73 41.44 58.92 -33.11
C THR C 73 41.73 58.48 -31.67
N ASN C 74 41.47 59.36 -30.69
CA ASN C 74 41.69 59.01 -29.29
C ASN C 74 40.64 58.07 -28.73
N GLY C 75 39.55 57.83 -29.47
CA GLY C 75 38.51 56.95 -29.01
C GLY C 75 38.86 55.49 -29.18
N THR C 76 37.93 54.63 -28.76
CA THR C 76 38.10 53.18 -28.81
C THR C 76 37.31 52.62 -29.99
N LYS C 77 37.98 51.80 -30.80
CA LYS C 77 37.35 51.13 -31.93
C LYS C 77 37.02 49.71 -31.51
N ARG C 78 35.90 49.56 -30.81
CA ARG C 78 35.47 48.27 -30.30
C ARG C 78 34.60 47.57 -31.34
N PHE C 79 34.98 46.35 -31.70
CA PHE C 79 34.36 45.55 -32.75
C PHE C 79 33.99 44.18 -32.23
N ASP C 80 33.31 44.15 -31.07
CA ASP C 80 32.99 42.90 -30.39
C ASP C 80 32.35 41.88 -31.34
N ASN C 81 33.03 40.74 -31.52
CA ASN C 81 32.47 39.61 -32.24
C ASN C 81 33.23 38.34 -31.87
N PRO C 82 33.29 37.98 -30.60
CA PRO C 82 34.00 36.76 -30.20
C PRO C 82 33.10 35.54 -30.27
N VAL C 83 33.73 34.37 -30.11
CA VAL C 83 33.00 33.11 -30.03
C VAL C 83 32.71 32.81 -28.58
N LEU C 84 31.44 32.51 -28.28
CA LEU C 84 31.00 32.23 -26.93
C LEU C 84 30.37 30.84 -26.86
N PRO C 85 30.65 30.07 -25.81
CA PRO C 85 30.01 28.75 -25.68
C PRO C 85 28.51 28.87 -25.60
N PHE C 86 27.81 27.91 -26.20
CA PHE C 86 26.36 27.89 -26.16
C PHE C 86 25.81 27.45 -24.81
N ASN C 87 26.59 26.68 -24.05
CA ASN C 87 26.15 26.19 -22.72
C ASN C 87 24.85 25.42 -22.93
N ASP C 88 23.87 25.58 -22.05
CA ASP C 88 22.58 24.91 -22.18
C ASP C 88 21.50 25.84 -22.73
N GLY C 89 21.88 27.04 -23.17
CA GLY C 89 20.93 28.00 -23.67
C GLY C 89 21.46 29.42 -23.53
N VAL C 90 21.21 30.26 -24.54
CA VAL C 90 21.77 31.61 -24.59
C VAL C 90 20.62 32.61 -24.66
N TYR C 91 20.67 33.62 -23.80
CA TYR C 91 19.77 34.76 -23.86
C TYR C 91 20.51 35.92 -24.51
N PHE C 92 19.98 36.41 -25.62
CA PHE C 92 20.58 37.52 -26.36
C PHE C 92 19.63 38.70 -26.36
N ALA C 93 20.16 39.88 -26.03
CA ALA C 93 19.40 41.12 -26.05
C ALA C 93 20.25 42.19 -26.71
N SER C 94 19.57 43.17 -27.30
CA SER C 94 20.26 44.23 -28.03
C SER C 94 19.42 45.49 -28.04
N THR C 95 20.00 46.59 -27.56
CA THR C 95 19.42 47.92 -27.69
C THR C 95 19.98 48.53 -28.98
N GLU C 96 19.10 48.76 -29.95
CA GLU C 96 19.53 49.18 -31.28
C GLU C 96 18.66 50.33 -31.76
N LYS C 97 19.25 51.14 -32.63
CA LYS C 97 18.52 52.17 -33.35
C LYS C 97 18.84 52.20 -34.84
N SER C 98 19.82 51.40 -35.30
CA SER C 98 20.19 51.36 -36.71
C SER C 98 20.20 49.94 -37.28
N ASN C 99 19.80 48.94 -36.50
CA ASN C 99 19.72 47.56 -36.97
C ASN C 99 21.10 47.03 -37.37
N ILE C 100 22.08 47.21 -36.48
CA ILE C 100 23.43 46.73 -36.76
C ILE C 100 23.48 45.21 -36.71
N ILE C 101 22.82 44.61 -35.71
CA ILE C 101 22.79 43.16 -35.60
C ILE C 101 21.89 42.58 -36.67
N ARG C 102 22.34 41.50 -37.33
CA ARG C 102 21.61 40.93 -38.43
C ARG C 102 21.48 39.40 -38.41
N GLY C 103 22.27 38.69 -37.60
CA GLY C 103 22.19 37.24 -37.63
C GLY C 103 23.01 36.62 -36.53
N TRP C 104 23.05 35.29 -36.56
CA TRP C 104 23.76 34.51 -35.55
C TRP C 104 24.29 33.23 -36.18
N ILE C 105 25.29 32.65 -35.54
CA ILE C 105 25.88 31.38 -35.97
C ILE C 105 25.93 30.45 -34.77
N PHE C 106 25.58 29.19 -34.99
CA PHE C 106 25.60 28.18 -33.93
C PHE C 106 26.25 26.91 -34.47
N GLY C 107 26.91 26.18 -33.58
CA GLY C 107 27.54 24.93 -33.95
C GLY C 107 28.49 24.46 -32.87
N THR C 108 29.18 23.36 -33.17
CA THR C 108 30.16 22.78 -32.25
C THR C 108 31.57 23.31 -32.52
N THR C 109 32.08 23.10 -33.75
CA THR C 109 33.39 23.60 -34.14
C THR C 109 33.31 24.80 -35.06
N LEU C 110 32.12 25.14 -35.57
CA LEU C 110 31.94 26.31 -36.43
C LEU C 110 32.85 26.23 -37.66
N ASP C 111 32.84 25.06 -38.30
CA ASP C 111 33.60 24.85 -39.53
C ASP C 111 32.96 23.69 -40.29
N SER C 112 33.63 23.23 -41.35
CA SER C 112 33.12 22.13 -42.15
C SER C 112 33.18 20.79 -41.43
N LYS C 113 33.84 20.74 -40.27
CA LYS C 113 33.95 19.47 -39.54
C LYS C 113 32.59 18.95 -39.13
N THR C 114 31.71 19.83 -38.66
CA THR C 114 30.41 19.45 -38.14
C THR C 114 29.33 20.35 -38.72
N GLN C 115 28.09 19.85 -38.68
CA GLN C 115 26.96 20.64 -39.15
C GLN C 115 26.83 21.92 -38.33
N SER C 116 26.44 23.00 -38.99
CA SER C 116 26.35 24.31 -38.36
C SER C 116 25.02 24.96 -38.69
N LEU C 117 24.56 25.81 -37.77
CA LEU C 117 23.32 26.56 -37.93
C LEU C 117 23.63 28.03 -38.17
N LEU C 118 23.03 28.60 -39.21
CA LEU C 118 23.18 30.02 -39.53
C LEU C 118 21.79 30.62 -39.64
N ILE C 119 21.54 31.67 -38.85
CA ILE C 119 20.29 32.41 -38.89
C ILE C 119 20.66 33.86 -39.15
N VAL C 120 20.65 34.25 -40.42
CA VAL C 120 21.10 35.57 -40.84
C VAL C 120 19.95 36.25 -41.59
N ASN C 121 19.77 37.55 -41.32
CA ASN C 121 18.74 38.34 -41.99
C ASN C 121 19.38 39.63 -42.47
N ASN C 122 19.60 39.73 -43.78
CA ASN C 122 20.08 40.99 -44.36
C ASN C 122 19.13 42.12 -44.01
N ALA C 123 17.83 41.85 -44.09
CA ALA C 123 16.77 42.82 -43.81
C ALA C 123 15.46 42.28 -44.38
N THR C 124 15.40 42.12 -45.71
CA THR C 124 14.20 41.62 -46.34
C THR C 124 13.93 40.17 -45.95
N ASN C 125 14.95 39.31 -46.02
CA ASN C 125 14.78 37.88 -45.89
C ASN C 125 15.41 37.40 -44.59
N VAL C 126 14.62 36.70 -43.77
CA VAL C 126 15.13 35.98 -42.61
C VAL C 126 15.42 34.56 -43.06
N VAL C 127 16.70 34.21 -43.13
CA VAL C 127 17.15 32.97 -43.76
C VAL C 127 17.76 32.07 -42.70
N ILE C 128 17.34 30.82 -42.67
CA ILE C 128 17.88 29.81 -41.77
C ILE C 128 18.41 28.65 -42.62
N LYS C 129 19.67 28.28 -42.39
CA LYS C 129 20.31 27.21 -43.14
C LYS C 129 21.02 26.28 -42.18
N VAL C 130 21.06 25.00 -42.52
CA VAL C 130 21.67 23.96 -41.69
C VAL C 130 22.66 23.22 -42.57
N CYS C 131 23.91 23.64 -42.55
CA CYS C 131 24.96 23.00 -43.32
C CYS C 131 26.27 23.10 -42.55
N GLU C 132 27.23 22.26 -42.94
CA GLU C 132 28.57 22.30 -42.36
C GLU C 132 29.38 23.40 -43.05
N PHE C 133 28.95 24.64 -42.82
CA PHE C 133 29.61 25.78 -43.42
C PHE C 133 31.03 25.93 -42.90
N GLN C 134 31.91 26.46 -43.75
CA GLN C 134 33.27 26.79 -43.38
C GLN C 134 33.30 28.28 -43.03
N PHE C 135 32.94 28.58 -41.79
CA PHE C 135 32.81 29.97 -41.38
C PHE C 135 34.16 30.68 -41.44
N CYS C 136 34.11 31.96 -41.82
CA CYS C 136 35.29 32.80 -41.76
C CYS C 136 35.72 33.01 -40.31
N ASN C 137 37.02 33.25 -40.12
CA ASN C 137 37.52 33.47 -38.77
C ASN C 137 36.88 34.70 -38.14
N ASP C 138 36.57 35.72 -38.95
CA ASP C 138 35.92 36.94 -38.48
C ASP C 138 34.73 37.20 -39.39
N PRO C 139 33.63 36.47 -39.22
CA PRO C 139 32.47 36.66 -40.09
C PRO C 139 31.73 37.95 -39.78
N PHE C 140 31.12 38.52 -40.80
CA PHE C 140 30.35 39.76 -40.65
C PHE C 140 29.70 40.10 -41.99
N LEU C 141 28.84 41.11 -41.95
CA LEU C 141 28.21 41.66 -43.15
C LEU C 141 28.76 43.07 -43.39
N GLY C 142 29.08 43.37 -44.65
CA GLY C 142 29.63 44.65 -44.99
C GLY C 142 28.64 45.58 -45.66
N VAL C 143 28.32 46.68 -45.00
CA VAL C 143 27.39 47.68 -45.54
C VAL C 143 28.20 48.73 -46.28
N TYR C 144 27.83 48.99 -47.53
CA TYR C 144 28.53 49.93 -48.39
C TYR C 144 27.57 51.05 -48.77
N TYR C 145 28.03 52.29 -48.63
CA TYR C 145 27.27 53.46 -49.07
C TYR C 145 27.50 53.65 -50.57
N HIS C 146 26.94 52.72 -51.35
CA HIS C 146 27.23 52.66 -52.77
C HIS C 146 26.55 53.82 -53.49
N LYS C 147 27.22 54.34 -54.52
CA LYS C 147 26.83 55.60 -55.13
C LYS C 147 25.80 55.44 -56.24
N ASN C 148 25.59 54.25 -56.78
CA ASN C 148 24.59 54.07 -57.83
C ASN C 148 23.20 54.43 -57.31
N ASN C 149 22.87 53.99 -56.10
CA ASN C 149 21.60 54.33 -55.47
C ASN C 149 21.74 55.40 -54.39
N LYS C 150 22.97 55.75 -54.01
CA LYS C 150 23.22 56.78 -52.98
C LYS C 150 22.48 56.44 -51.69
N SER C 151 22.50 55.16 -51.32
CA SER C 151 21.83 54.70 -50.11
C SER C 151 22.57 53.48 -49.57
N TRP C 152 22.35 53.21 -48.28
CA TRP C 152 23.00 52.07 -47.65
C TRP C 152 22.54 50.77 -48.28
N MET C 153 23.47 49.83 -48.44
CA MET C 153 23.16 48.51 -48.98
C MET C 153 24.28 47.56 -48.62
N GLU C 154 23.91 46.34 -48.23
CA GLU C 154 24.90 45.31 -47.94
C GLU C 154 25.53 44.81 -49.23
N SER C 155 26.86 44.72 -49.25
CA SER C 155 27.59 44.36 -50.45
C SER C 155 28.51 43.17 -50.22
N GLU C 156 29.14 43.10 -49.04
CA GLU C 156 30.13 42.08 -48.72
C GLU C 156 29.47 41.01 -47.86
N PHE C 157 29.25 39.84 -48.45
CA PHE C 157 28.75 38.67 -47.71
C PHE C 157 29.96 37.87 -47.28
N ARG C 158 30.39 38.08 -46.03
CA ARG C 158 31.59 37.43 -45.51
C ARG C 158 31.24 36.58 -44.31
N VAL C 159 30.16 35.81 -44.41
CA VAL C 159 29.70 34.98 -43.29
C VAL C 159 30.48 33.67 -43.27
N TYR C 160 30.39 32.90 -44.36
CA TYR C 160 31.04 31.61 -44.44
C TYR C 160 31.73 31.45 -45.79
N SER C 161 32.80 30.65 -45.80
CA SER C 161 33.55 30.43 -47.03
C SER C 161 32.79 29.52 -47.99
N SER C 162 32.16 28.46 -47.47
CA SER C 162 31.48 27.49 -48.30
C SER C 162 30.36 26.84 -47.52
N ALA C 163 29.42 26.24 -48.26
CA ALA C 163 28.31 25.50 -47.70
C ALA C 163 28.28 24.10 -48.31
N ASN C 164 28.16 23.09 -47.46
CA ASN C 164 28.20 21.71 -47.92
C ASN C 164 27.29 20.85 -47.06
N ASN C 165 26.80 19.75 -47.65
CA ASN C 165 25.98 18.78 -46.93
C ASN C 165 24.80 19.44 -46.23
N CYS C 166 23.98 20.14 -47.02
CA CYS C 166 22.83 20.82 -46.48
C CYS C 166 21.75 19.82 -46.05
N THR C 167 21.11 20.09 -44.92
CA THR C 167 20.02 19.26 -44.42
C THR C 167 18.66 19.86 -44.74
N PHE C 168 18.42 21.10 -44.30
CA PHE C 168 17.19 21.80 -44.67
C PHE C 168 17.42 23.30 -44.48
N GLU C 169 16.53 24.08 -45.08
CA GLU C 169 16.62 25.54 -44.99
C GLU C 169 15.22 26.12 -44.98
N TYR C 170 15.12 27.35 -44.49
CA TYR C 170 13.85 28.06 -44.47
C TYR C 170 14.12 29.55 -44.61
N VAL C 171 13.35 30.22 -45.47
CA VAL C 171 13.46 31.66 -45.69
C VAL C 171 12.09 32.28 -45.46
N SER C 172 12.04 33.32 -44.65
CA SER C 172 10.80 34.04 -44.41
C SER C 172 10.48 34.97 -45.58
N GLN C 173 9.26 35.47 -45.59
CA GLN C 173 8.83 36.36 -46.66
C GLN C 173 9.63 37.66 -46.61
N PRO C 174 9.78 38.35 -47.74
CA PRO C 174 10.56 39.60 -47.75
C PRO C 174 9.86 40.70 -46.96
N PHE C 175 10.63 41.35 -46.08
CA PHE C 175 10.15 42.53 -45.37
C PHE C 175 11.37 43.32 -44.91
N LEU C 176 11.55 44.52 -45.47
CA LEU C 176 12.74 45.31 -45.22
C LEU C 176 12.56 46.19 -43.98
N MET C 177 13.68 46.51 -43.35
CA MET C 177 13.73 47.37 -42.17
C MET C 177 14.52 48.63 -42.49
N ASP C 178 14.72 49.46 -41.48
CA ASP C 178 15.46 50.72 -41.64
C ASP C 178 16.93 50.50 -41.28
N LEU C 179 17.81 50.93 -42.17
CA LEU C 179 19.25 50.79 -41.99
C LEU C 179 19.94 52.13 -41.72
N GLU C 180 19.19 53.21 -41.57
CA GLU C 180 19.78 54.52 -41.35
C GLU C 180 20.46 54.58 -39.99
N GLY C 181 21.50 55.40 -39.91
CA GLY C 181 22.25 55.57 -38.67
C GLY C 181 21.60 56.52 -37.70
N LYS C 182 20.53 56.08 -37.04
CA LYS C 182 19.83 56.92 -36.09
C LYS C 182 20.73 57.24 -34.88
N GLN C 183 20.52 58.42 -34.32
CA GLN C 183 21.26 58.91 -33.17
C GLN C 183 20.37 58.93 -31.94
N GLY C 184 20.90 59.45 -30.83
CA GLY C 184 20.13 59.59 -29.62
C GLY C 184 19.96 58.26 -28.89
N ASN C 185 18.93 58.21 -28.05
CA ASN C 185 18.66 57.01 -27.27
C ASN C 185 18.30 55.85 -28.19
N PHE C 186 18.63 54.64 -27.75
CA PHE C 186 18.24 53.46 -28.50
C PHE C 186 16.73 53.39 -28.61
N LYS C 187 16.23 53.29 -29.85
CA LYS C 187 14.80 53.32 -30.11
C LYS C 187 14.15 51.93 -30.10
N ASN C 188 14.92 50.87 -29.95
CA ASN C 188 14.39 49.52 -30.00
C ASN C 188 15.19 48.60 -29.10
N LEU C 189 14.48 47.73 -28.38
CA LEU C 189 15.07 46.68 -27.57
C LEU C 189 14.55 45.34 -28.06
N ARG C 190 15.46 44.46 -28.48
CA ARG C 190 15.11 43.14 -28.98
C ARG C 190 15.75 42.08 -28.11
N GLU C 191 14.99 41.05 -27.77
CA GLU C 191 15.46 39.97 -26.91
C GLU C 191 15.16 38.63 -27.59
N PHE C 192 16.13 37.73 -27.53
CA PHE C 192 16.00 36.40 -28.11
C PHE C 192 16.47 35.35 -27.11
N VAL C 193 15.83 34.19 -27.14
CA VAL C 193 16.21 33.04 -26.34
C VAL C 193 16.41 31.86 -27.28
N PHE C 194 17.62 31.31 -27.29
CA PHE C 194 17.96 30.17 -28.14
C PHE C 194 18.18 28.96 -27.25
N LYS C 195 17.39 27.91 -27.47
CA LYS C 195 17.45 26.70 -26.67
C LYS C 195 17.58 25.48 -27.58
N ASN C 196 18.32 24.48 -27.11
CA ASN C 196 18.53 23.24 -27.85
C ASN C 196 18.40 22.08 -26.86
N ILE C 197 17.30 21.33 -26.98
CA ILE C 197 17.02 20.21 -26.10
C ILE C 197 16.47 19.06 -26.92
N ASP C 198 16.96 17.85 -26.64
CA ASP C 198 16.48 16.64 -27.30
C ASP C 198 16.54 16.77 -28.82
N GLY C 199 17.65 17.33 -29.30
CA GLY C 199 17.83 17.51 -30.72
C GLY C 199 16.74 18.34 -31.37
N TYR C 200 16.36 19.46 -30.75
CA TYR C 200 15.20 20.24 -31.14
C TYR C 200 15.48 21.69 -30.80
N PHE C 201 15.61 22.55 -31.82
CA PHE C 201 16.13 23.91 -31.66
C PHE C 201 14.94 24.87 -31.58
N LYS C 202 14.76 25.49 -30.41
CA LYS C 202 13.71 26.46 -30.19
C LYS C 202 14.27 27.88 -30.20
N ILE C 203 13.46 28.83 -30.66
CA ILE C 203 13.82 30.25 -30.64
C ILE C 203 12.62 31.04 -30.15
N TYR C 204 12.83 31.85 -29.11
CA TYR C 204 11.82 32.78 -28.62
C TYR C 204 12.33 34.21 -28.81
N SER C 205 11.38 35.13 -29.01
CA SER C 205 11.74 36.51 -29.34
C SER C 205 10.76 37.48 -28.69
N LYS C 206 11.20 38.73 -28.56
CA LYS C 206 10.37 39.82 -28.08
C LYS C 206 10.94 41.12 -28.62
N HIS C 207 10.05 42.09 -28.86
CA HIS C 207 10.43 43.38 -29.40
C HIS C 207 9.62 44.46 -28.68
N THR C 208 10.31 45.43 -28.10
CA THR C 208 9.68 46.52 -27.37
C THR C 208 10.43 47.81 -27.66
N PRO C 209 9.75 48.95 -27.60
CA PRO C 209 10.46 50.24 -27.64
C PRO C 209 11.13 50.54 -26.31
N ILE C 210 12.18 51.37 -26.38
CA ILE C 210 12.93 51.78 -25.21
C ILE C 210 13.37 53.23 -25.37
N ASN C 211 13.62 53.88 -24.25
CA ASN C 211 14.07 55.27 -24.20
C ASN C 211 15.28 55.39 -23.28
N LEU C 212 16.16 54.39 -23.31
CA LEU C 212 17.35 54.36 -22.48
C LEU C 212 18.60 54.41 -23.35
N VAL C 213 19.71 54.80 -22.73
CA VAL C 213 20.99 54.90 -23.41
C VAL C 213 21.97 53.82 -22.99
N ARG C 214 21.73 53.13 -21.89
CA ARG C 214 22.66 52.12 -21.41
C ARG C 214 21.90 51.13 -20.54
N ASP C 215 22.51 49.96 -20.33
CA ASP C 215 21.92 48.92 -19.50
C ASP C 215 20.58 48.47 -20.07
N LEU C 216 19.73 47.89 -19.23
CA LEU C 216 18.42 47.40 -19.64
C LEU C 216 17.34 47.97 -18.72
N PRO C 217 16.12 48.14 -19.23
CA PRO C 217 15.04 48.64 -18.38
C PRO C 217 14.69 47.66 -17.27
N GLN C 218 14.24 48.21 -16.15
CA GLN C 218 13.88 47.41 -14.99
C GLN C 218 12.53 46.71 -15.15
N GLY C 219 11.77 47.03 -16.20
CA GLY C 219 10.46 46.46 -16.38
C GLY C 219 10.49 44.96 -16.58
N PHE C 220 9.30 44.38 -16.67
CA PHE C 220 9.11 42.95 -16.86
C PHE C 220 8.36 42.72 -18.15
N SER C 221 8.87 41.80 -18.98
CA SER C 221 8.25 41.48 -20.25
C SER C 221 8.49 40.01 -20.58
N ALA C 222 7.48 39.38 -21.17
CA ALA C 222 7.55 37.98 -21.56
C ALA C 222 7.97 37.85 -23.01
N LEU C 223 8.71 36.78 -23.31
CA LEU C 223 9.22 36.51 -24.64
C LEU C 223 8.40 35.39 -25.27
N GLU C 224 7.62 35.73 -26.30
CA GLU C 224 6.77 34.75 -26.96
C GLU C 224 7.58 33.85 -27.88
N PRO C 225 7.11 32.63 -28.14
CA PRO C 225 7.81 31.75 -29.08
C PRO C 225 7.79 32.32 -30.49
N LEU C 226 8.85 32.03 -31.24
CA LEU C 226 8.98 32.49 -32.62
C LEU C 226 9.04 31.36 -33.62
N VAL C 227 9.94 30.40 -33.44
CA VAL C 227 10.10 29.32 -34.41
C VAL C 227 10.82 28.17 -33.71
N ASP C 228 10.53 26.95 -34.14
CA ASP C 228 11.18 25.74 -33.64
C ASP C 228 11.60 24.89 -34.83
N LEU C 229 12.78 24.26 -34.71
CA LEU C 229 13.37 23.50 -35.81
C LEU C 229 13.83 22.14 -35.28
N PRO C 230 13.40 21.02 -35.89
CA PRO C 230 13.85 19.69 -35.45
C PRO C 230 15.19 19.26 -36.05
N ILE C 231 16.27 19.70 -35.41
CA ILE C 231 17.64 19.41 -35.84
C ILE C 231 18.39 18.78 -34.68
N GLY C 232 19.08 17.68 -34.95
CA GLY C 232 19.86 16.99 -33.93
C GLY C 232 21.33 17.36 -33.96
N ILE C 233 21.66 18.49 -34.61
CA ILE C 233 23.04 18.91 -34.71
C ILE C 233 23.56 19.25 -33.32
N ASN C 234 24.76 18.76 -33.01
CA ASN C 234 25.39 19.05 -31.72
C ASN C 234 25.97 20.45 -31.75
N ILE C 235 25.61 21.26 -30.75
CA ILE C 235 26.02 22.66 -30.68
C ILE C 235 26.70 22.91 -29.34
N THR C 236 27.84 23.57 -29.38
CA THR C 236 28.56 23.97 -28.18
C THR C 236 29.04 25.42 -28.20
N ARG C 237 28.98 26.10 -29.34
CA ARG C 237 29.45 27.47 -29.46
C ARG C 237 28.53 28.25 -30.40
N PHE C 238 28.59 29.57 -30.29
CA PHE C 238 27.78 30.44 -31.15
C PHE C 238 28.52 31.76 -31.31
N GLN C 239 28.08 32.53 -32.31
CA GLN C 239 28.71 33.81 -32.61
C GLN C 239 27.65 34.76 -33.15
N THR C 240 27.98 36.05 -33.12
CA THR C 240 27.08 37.11 -33.56
C THR C 240 27.51 37.65 -34.92
N LEU C 241 26.54 38.22 -35.64
CA LEU C 241 26.76 38.82 -36.95
C LEU C 241 26.34 40.27 -36.90
N LEU C 242 27.23 41.16 -37.36
CA LEU C 242 27.02 42.60 -37.31
C LEU C 242 26.95 43.17 -38.72
N ALA C 243 26.21 44.27 -38.86
CA ALA C 243 26.09 45.00 -40.11
C ALA C 243 27.14 46.12 -40.10
N LEU C 244 28.38 45.76 -40.39
CA LEU C 244 29.47 46.72 -40.34
C LEU C 244 29.39 47.70 -41.51
N HIS C 245 29.93 48.88 -41.30
CA HIS C 245 30.04 49.90 -42.34
C HIS C 245 31.46 49.89 -42.89
N ARG C 246 31.58 49.75 -44.20
CA ARG C 246 32.90 49.71 -44.84
C ARG C 246 33.55 51.09 -44.76
N SER C 247 34.64 51.20 -44.01
CA SER C 247 35.33 52.47 -43.90
C SER C 247 35.80 52.99 -45.26
N TYR C 248 36.02 52.10 -46.22
CA TYR C 248 36.41 52.54 -47.56
C TYR C 248 35.29 53.33 -48.22
N LEU C 249 34.04 52.92 -48.03
CA LEU C 249 32.89 53.56 -48.64
C LEU C 249 31.84 53.90 -47.58
N THR C 250 32.29 54.47 -46.47
CA THR C 250 31.37 55.01 -45.46
C THR C 250 31.31 56.52 -45.57
N PRO C 251 30.16 57.16 -45.35
CA PRO C 251 30.12 58.62 -45.40
C PRO C 251 31.12 59.23 -44.43
N GLY C 252 31.86 60.21 -44.92
CA GLY C 252 32.89 60.85 -44.10
C GLY C 252 34.18 60.07 -43.97
N ASP C 253 34.10 58.81 -43.57
CA ASP C 253 35.28 57.97 -43.39
C ASP C 253 35.58 57.21 -44.68
N SER C 254 36.82 57.35 -45.16
CA SER C 254 37.25 56.71 -46.39
C SER C 254 38.46 55.79 -46.22
N SER C 255 39.06 55.74 -45.04
CA SER C 255 40.23 54.90 -44.82
C SER C 255 39.87 53.44 -44.98
N SER C 256 40.83 52.65 -45.48
CA SER C 256 40.63 51.22 -45.62
C SER C 256 40.42 50.58 -44.25
N GLY C 257 39.53 49.59 -44.20
CA GLY C 257 39.15 48.92 -42.98
C GLY C 257 37.65 48.89 -42.84
N TRP C 258 37.19 48.72 -41.61
CA TRP C 258 35.76 48.68 -41.32
C TRP C 258 35.47 49.47 -40.06
N THR C 259 34.37 50.21 -40.08
CA THR C 259 33.90 50.97 -38.92
C THR C 259 32.50 50.50 -38.57
N ALA C 260 32.28 50.25 -37.28
CA ALA C 260 30.99 49.74 -36.79
C ALA C 260 30.22 50.86 -36.10
N GLY C 261 28.95 51.00 -36.47
CA GLY C 261 28.11 51.98 -35.82
C GLY C 261 27.79 51.58 -34.39
N ALA C 262 27.28 52.56 -33.63
CA ALA C 262 27.00 52.35 -32.22
C ALA C 262 26.06 51.17 -32.03
N ALA C 263 26.56 50.08 -31.45
CA ALA C 263 25.77 48.89 -31.23
C ALA C 263 26.04 48.38 -29.82
N ALA C 264 24.98 47.95 -29.14
CA ALA C 264 25.08 47.43 -27.77
C ALA C 264 24.19 46.21 -27.66
N TYR C 265 24.78 45.08 -27.26
CA TYR C 265 24.04 43.85 -27.04
C TYR C 265 24.59 43.14 -25.81
N TYR C 266 23.75 42.29 -25.22
CA TYR C 266 24.06 41.63 -23.96
C TYR C 266 23.86 40.13 -24.14
N VAL C 267 24.70 39.35 -23.46
CA VAL C 267 24.70 37.89 -23.58
C VAL C 267 24.52 37.29 -22.20
N GLY C 268 23.59 36.33 -22.09
CA GLY C 268 23.40 35.60 -20.86
C GLY C 268 23.17 34.13 -21.15
N TYR C 269 23.48 33.31 -20.15
CA TYR C 269 23.39 31.86 -20.28
C TYR C 269 22.37 31.32 -19.30
N LEU C 270 21.50 30.45 -19.79
CA LEU C 270 20.39 29.93 -19.02
C LEU C 270 20.83 28.76 -18.14
N GLN C 271 20.15 28.60 -17.02
CA GLN C 271 20.38 27.52 -16.08
C GLN C 271 19.05 26.93 -15.65
N PRO C 272 19.03 25.67 -15.21
CA PRO C 272 17.76 25.07 -14.77
C PRO C 272 17.24 25.73 -13.50
N ARG C 273 16.12 26.42 -13.61
CA ARG C 273 15.54 27.15 -12.50
C ARG C 273 14.05 26.84 -12.38
N THR C 274 13.53 26.98 -11.17
CA THR C 274 12.11 26.82 -10.90
C THR C 274 11.48 28.21 -10.81
N PHE C 275 10.50 28.46 -11.68
CA PHE C 275 9.88 29.77 -11.79
C PHE C 275 8.38 29.66 -11.51
N LEU C 276 7.87 30.64 -10.75
CA LEU C 276 6.44 30.77 -10.50
C LEU C 276 5.91 31.90 -11.38
N LEU C 277 5.10 31.55 -12.38
CA LEU C 277 4.62 32.50 -13.38
C LEU C 277 3.16 32.82 -13.11
N LYS C 278 2.83 34.11 -13.17
CA LYS C 278 1.47 34.59 -12.96
C LYS C 278 0.83 34.86 -14.32
N TYR C 279 -0.26 34.16 -14.61
CA TYR C 279 -1.01 34.35 -15.84
C TYR C 279 -2.26 35.18 -15.54
N ASN C 280 -2.44 36.28 -16.26
CA ASN C 280 -3.57 37.15 -16.06
C ASN C 280 -4.79 36.58 -16.78
N GLU C 281 -5.87 37.37 -16.85
CA GLU C 281 -7.09 36.88 -17.48
C GLU C 281 -6.88 36.57 -18.94
N ASN C 282 -6.12 37.41 -19.66
CA ASN C 282 -5.90 37.24 -21.08
C ASN C 282 -4.85 36.18 -21.39
N GLY C 283 -4.17 35.64 -20.38
CA GLY C 283 -3.16 34.63 -20.58
C GLY C 283 -1.75 35.14 -20.74
N THR C 284 -1.50 36.42 -20.47
CA THR C 284 -0.17 36.99 -20.58
C THR C 284 0.55 36.88 -19.24
N ILE C 285 1.85 36.61 -19.30
CA ILE C 285 2.67 36.48 -18.10
C ILE C 285 2.98 37.88 -17.58
N THR C 286 2.39 38.23 -16.44
CA THR C 286 2.57 39.57 -15.86
C THR C 286 3.78 39.66 -14.95
N ASP C 287 4.13 38.58 -14.26
CA ASP C 287 5.27 38.61 -13.36
C ASP C 287 5.75 37.17 -13.13
N ALA C 288 7.00 37.05 -12.72
CA ALA C 288 7.60 35.75 -12.43
C ALA C 288 8.48 35.88 -11.20
N VAL C 289 8.62 34.77 -10.47
CA VAL C 289 9.42 34.71 -9.26
C VAL C 289 10.41 33.56 -9.39
N ASP C 290 11.68 33.84 -9.11
CA ASP C 290 12.72 32.82 -9.14
C ASP C 290 12.87 32.24 -7.74
N CYS C 291 12.59 30.93 -7.60
CA CYS C 291 12.55 30.31 -6.29
C CYS C 291 13.91 30.40 -5.60
N ALA C 292 14.99 30.14 -6.32
CA ALA C 292 16.33 30.11 -5.75
C ALA C 292 16.90 31.50 -5.50
N LEU C 293 16.22 32.56 -5.93
CA LEU C 293 16.79 33.91 -5.82
C LEU C 293 17.13 34.25 -4.37
N ASP C 294 16.11 34.32 -3.52
CA ASP C 294 16.30 34.68 -2.12
C ASP C 294 15.35 33.85 -1.28
N PRO C 295 15.58 33.78 0.03
CA PRO C 295 14.66 33.00 0.88
C PRO C 295 13.21 33.42 0.75
N LEU C 296 12.96 34.73 0.57
CA LEU C 296 11.59 35.19 0.38
C LEU C 296 10.97 34.60 -0.88
N SER C 297 11.74 34.55 -1.97
CA SER C 297 11.23 33.95 -3.20
C SER C 297 10.98 32.47 -3.02
N GLU C 298 11.85 31.79 -2.27
CA GLU C 298 11.62 30.37 -1.98
C GLU C 298 10.33 30.18 -1.19
N THR C 299 10.08 31.05 -0.21
CA THR C 299 8.82 30.98 0.54
C THR C 299 7.63 31.22 -0.38
N LYS C 300 7.74 32.20 -1.28
CA LYS C 300 6.66 32.45 -2.23
C LYS C 300 6.39 31.23 -3.10
N CYS C 301 7.45 30.58 -3.58
CA CYS C 301 7.27 29.37 -4.38
C CYS C 301 6.61 28.27 -3.57
N THR C 302 7.03 28.11 -2.31
CA THR C 302 6.43 27.10 -1.45
C THR C 302 4.94 27.37 -1.25
N LEU C 303 4.57 28.63 -1.05
CA LEU C 303 3.18 29.00 -0.84
C LEU C 303 2.41 29.19 -2.14
N LYS C 304 3.08 29.18 -3.28
CA LYS C 304 2.43 29.38 -4.58
C LYS C 304 1.66 30.70 -4.60
N SER C 305 2.25 31.74 -4.02
CA SER C 305 1.61 33.04 -3.96
C SER C 305 2.68 34.12 -3.95
N PHE C 306 2.35 35.26 -4.57
CA PHE C 306 3.23 36.42 -4.55
C PHE C 306 3.06 37.26 -3.30
N THR C 307 2.03 37.00 -2.49
CA THR C 307 1.81 37.68 -1.23
C THR C 307 1.94 36.69 -0.09
N VAL C 308 2.76 37.02 0.89
CA VAL C 308 3.02 36.16 2.05
C VAL C 308 2.56 36.89 3.30
N GLU C 309 1.72 36.23 4.09
CA GLU C 309 1.26 36.79 5.35
C GLU C 309 2.34 36.65 6.42
N LYS C 310 2.18 37.43 7.49
CA LYS C 310 3.13 37.37 8.59
C LYS C 310 3.12 35.98 9.21
N GLY C 311 4.30 35.45 9.47
CA GLY C 311 4.43 34.14 10.08
C GLY C 311 5.76 33.50 9.75
N ILE C 312 5.88 32.24 10.13
CA ILE C 312 7.07 31.43 9.90
C ILE C 312 6.65 30.22 9.06
N TYR C 313 7.38 29.99 7.97
CA TYR C 313 7.04 28.94 7.02
C TYR C 313 8.24 28.02 6.80
N GLN C 314 8.00 26.72 6.83
CA GLN C 314 9.02 25.75 6.46
C GLN C 314 9.23 25.80 4.95
N THR C 315 10.49 25.87 4.53
CA THR C 315 10.82 26.04 3.12
C THR C 315 11.62 24.89 2.54
N SER C 316 12.69 24.45 3.20
CA SER C 316 13.55 23.41 2.65
C SER C 316 14.26 22.71 3.80
N ASN C 317 15.21 21.84 3.46
CA ASN C 317 15.97 21.08 4.44
C ASN C 317 17.46 21.35 4.23
N PHE C 318 18.18 21.61 5.32
CA PHE C 318 19.60 21.90 5.27
C PHE C 318 20.36 20.62 5.63
N ARG C 319 21.12 20.10 4.67
CA ARG C 319 21.86 18.86 4.83
C ARG C 319 23.34 19.11 4.59
N VAL C 320 24.18 18.66 5.51
CA VAL C 320 25.62 18.81 5.38
C VAL C 320 26.19 17.62 4.61
N GLN C 321 26.98 17.90 3.57
CA GLN C 321 27.55 16.84 2.77
C GLN C 321 28.93 16.44 3.30
N PRO C 322 29.33 15.18 3.15
CA PRO C 322 30.66 14.78 3.60
C PRO C 322 31.76 15.51 2.84
N THR C 323 32.85 15.80 3.55
CA THR C 323 33.97 16.54 3.00
C THR C 323 35.08 15.65 2.47
N GLU C 324 35.23 14.44 3.00
CA GLU C 324 36.30 13.54 2.59
C GLU C 324 35.79 12.11 2.61
N SER C 325 36.69 11.18 2.30
CA SER C 325 36.41 9.75 2.36
C SER C 325 37.50 9.09 3.18
N ILE C 326 37.11 8.27 4.17
CA ILE C 326 38.03 7.64 5.10
C ILE C 326 37.94 6.13 4.92
N VAL C 327 39.07 5.49 4.66
CA VAL C 327 39.18 4.04 4.58
C VAL C 327 40.24 3.60 5.56
N ARG C 328 39.88 2.70 6.48
CA ARG C 328 40.81 2.17 7.48
C ARG C 328 40.75 0.66 7.47
N PHE C 329 41.91 0.03 7.59
CA PHE C 329 42.04 -1.41 7.53
C PHE C 329 42.98 -1.88 8.63
N PRO C 330 42.95 -3.18 8.96
CA PRO C 330 43.70 -3.67 10.13
C PRO C 330 45.20 -3.39 10.07
N ASN C 331 45.89 -3.72 11.15
CA ASN C 331 47.33 -3.49 11.28
C ASN C 331 48.09 -4.01 10.07
N ILE C 332 49.30 -3.49 9.86
CA ILE C 332 50.14 -3.94 8.74
C ILE C 332 50.24 -5.46 8.74
N THR C 333 50.19 -6.05 9.93
CA THR C 333 49.88 -7.47 10.17
C THR C 333 51.01 -8.41 9.72
N ASN C 334 51.08 -8.76 8.44
CA ASN C 334 51.93 -9.86 7.99
C ASN C 334 52.66 -9.48 6.70
N LEU C 335 53.27 -8.29 6.69
CA LEU C 335 54.03 -7.84 5.53
C LEU C 335 55.00 -8.92 5.05
N CYS C 336 55.31 -8.92 3.76
CA CYS C 336 56.20 -9.92 3.20
C CYS C 336 57.60 -9.76 3.78
N PRO C 337 58.40 -10.84 3.76
CA PRO C 337 59.74 -10.78 4.39
C PRO C 337 60.72 -9.93 3.59
N PHE C 338 60.44 -8.62 3.50
CA PHE C 338 61.37 -7.72 2.82
C PHE C 338 62.65 -7.53 3.64
N GLY C 339 62.51 -7.42 4.96
CA GLY C 339 63.68 -7.22 5.79
C GLY C 339 64.70 -8.34 5.66
N GLU C 340 64.21 -9.58 5.53
CA GLU C 340 65.12 -10.71 5.37
C GLU C 340 65.99 -10.53 4.13
N VAL C 341 65.39 -10.09 3.03
CA VAL C 341 66.17 -9.89 1.80
C VAL C 341 67.09 -8.68 1.95
N PHE C 342 66.58 -7.59 2.53
CA PHE C 342 67.35 -6.36 2.58
C PHE C 342 68.34 -6.35 3.75
N ASN C 343 67.85 -6.60 4.97
CA ASN C 343 68.68 -6.55 6.15
C ASN C 343 69.56 -7.80 6.32
N ALA C 344 69.67 -8.64 5.30
CA ALA C 344 70.56 -9.78 5.37
C ALA C 344 71.99 -9.33 5.65
N THR C 345 72.63 -10.01 6.60
CA THR C 345 73.98 -9.62 6.99
C THR C 345 74.95 -9.78 5.84
N ARG C 346 74.83 -10.85 5.07
CA ARG C 346 75.75 -11.15 3.97
C ARG C 346 74.96 -11.33 2.68
N PHE C 347 75.55 -10.86 1.58
CA PHE C 347 74.96 -10.96 0.26
C PHE C 347 75.73 -11.97 -0.59
N ALA C 348 75.03 -12.63 -1.49
CA ALA C 348 75.66 -13.62 -2.35
C ALA C 348 76.48 -12.94 -3.44
N SER C 349 77.36 -13.71 -4.07
CA SER C 349 78.19 -13.20 -5.14
C SER C 349 77.34 -12.90 -6.38
N VAL C 350 77.86 -12.01 -7.22
CA VAL C 350 77.14 -11.64 -8.44
C VAL C 350 76.98 -12.84 -9.35
N TYR C 351 78.05 -13.64 -9.51
CA TYR C 351 77.94 -14.86 -10.31
C TYR C 351 77.04 -15.88 -9.64
N ALA C 352 77.04 -15.92 -8.30
CA ALA C 352 76.18 -16.80 -7.52
C ALA C 352 75.02 -16.05 -6.89
N TRP C 353 74.45 -15.08 -7.62
CA TRP C 353 73.38 -14.26 -7.08
C TRP C 353 72.25 -15.12 -6.54
N ASN C 354 71.79 -14.80 -5.34
CA ASN C 354 70.77 -15.59 -4.65
C ASN C 354 69.37 -15.14 -5.07
N ARG C 355 68.50 -16.11 -5.34
CA ARG C 355 67.11 -15.85 -5.69
C ARG C 355 66.22 -16.22 -4.50
N LYS C 356 65.33 -15.31 -4.14
CA LYS C 356 64.38 -15.52 -3.05
C LYS C 356 62.97 -15.42 -3.61
N ARG C 357 62.22 -16.50 -3.55
CA ARG C 357 60.84 -16.52 -4.03
C ARG C 357 59.91 -15.94 -2.97
N ILE C 358 59.02 -15.05 -3.42
CA ILE C 358 58.04 -14.41 -2.54
C ILE C 358 56.65 -14.71 -3.08
N SER C 359 55.78 -15.24 -2.22
CA SER C 359 54.42 -15.57 -2.61
C SER C 359 53.61 -15.85 -1.36
N ASN C 360 52.30 -15.63 -1.45
CA ASN C 360 51.37 -15.90 -0.35
C ASN C 360 51.68 -15.02 0.86
N CYS C 361 51.80 -13.71 0.59
CA CYS C 361 52.02 -12.74 1.65
C CYS C 361 51.64 -11.36 1.13
N VAL C 362 51.24 -10.49 2.06
CA VAL C 362 50.91 -9.11 1.72
C VAL C 362 52.20 -8.33 1.58
N ALA C 363 52.39 -7.69 0.43
CA ALA C 363 53.63 -6.97 0.12
C ALA C 363 53.40 -5.48 0.34
N ASP C 364 54.14 -4.92 1.30
CA ASP C 364 54.10 -3.49 1.58
C ASP C 364 55.35 -2.87 0.97
N TYR C 365 55.25 -2.43 -0.29
CA TYR C 365 56.38 -1.85 -0.99
C TYR C 365 56.69 -0.43 -0.54
N SER C 366 55.80 0.20 0.24
CA SER C 366 56.06 1.57 0.69
C SER C 366 57.35 1.66 1.49
N VAL C 367 57.70 0.61 2.23
CA VAL C 367 58.94 0.63 3.00
C VAL C 367 60.16 0.72 2.10
N LEU C 368 60.00 0.46 0.80
CA LEU C 368 61.12 0.50 -0.13
C LEU C 368 61.37 1.92 -0.64
N TYR C 369 60.34 2.57 -1.21
CA TYR C 369 60.52 3.92 -1.81
C TYR C 369 60.33 4.98 -0.72
N ASN C 370 59.37 4.79 0.19
CA ASN C 370 59.18 5.73 1.33
C ASN C 370 60.52 5.81 2.07
N SER C 371 61.33 4.75 2.02
CA SER C 371 62.68 4.71 2.64
C SER C 371 63.71 5.21 1.62
N ALA C 372 64.33 6.37 1.85
CA ALA C 372 65.36 6.92 0.95
C ALA C 372 66.73 6.39 1.39
N SER C 373 66.84 5.09 1.68
CA SER C 373 68.10 4.45 2.14
C SER C 373 68.71 3.63 1.00
N PHE C 374 68.30 3.89 -0.24
CA PHE C 374 68.80 3.14 -1.43
C PHE C 374 69.43 4.12 -2.43
N SER C 375 70.70 3.88 -2.81
CA SER C 375 71.41 4.72 -3.77
C SER C 375 70.67 4.78 -5.11
N THR C 376 70.17 3.63 -5.58
CA THR C 376 69.46 3.55 -6.85
C THR C 376 68.12 2.88 -6.64
N PHE C 377 67.09 3.40 -7.31
CA PHE C 377 65.76 2.83 -7.23
C PHE C 377 65.03 3.15 -8.53
N LYS C 378 64.73 2.13 -9.32
CA LYS C 378 64.04 2.30 -10.59
C LYS C 378 63.16 1.09 -10.85
N CYS C 379 62.16 1.28 -11.70
CA CYS C 379 61.23 0.21 -12.04
C CYS C 379 60.91 0.29 -13.53
N TYR C 380 60.54 -0.87 -14.08
CA TYR C 380 60.20 -1.00 -15.50
C TYR C 380 58.85 -1.67 -15.64
N GLY C 381 57.96 -1.07 -16.42
CA GLY C 381 56.67 -1.64 -16.71
C GLY C 381 55.60 -1.37 -15.67
N VAL C 382 55.95 -0.75 -14.54
CA VAL C 382 54.99 -0.45 -13.49
C VAL C 382 55.43 0.83 -12.79
N SER C 383 54.48 1.45 -12.10
CA SER C 383 54.76 2.65 -11.31
C SER C 383 55.21 2.24 -9.91
N PRO C 384 56.36 2.71 -9.42
CA PRO C 384 56.81 2.29 -8.09
C PRO C 384 55.80 2.55 -7.00
N THR C 385 55.10 3.69 -7.05
CA THR C 385 54.06 3.96 -6.07
C THR C 385 52.87 3.03 -6.21
N LYS C 386 52.65 2.46 -7.40
CA LYS C 386 51.54 1.55 -7.63
C LYS C 386 51.84 0.13 -7.16
N LEU C 387 53.08 -0.16 -6.76
CA LEU C 387 53.42 -1.52 -6.32
C LEU C 387 52.56 -1.93 -5.14
N ASN C 388 52.28 -1.00 -4.23
CA ASN C 388 51.47 -1.31 -3.05
C ASN C 388 50.02 -1.62 -3.39
N ASP C 389 49.59 -1.35 -4.62
CA ASP C 389 48.23 -1.66 -5.06
C ASP C 389 48.22 -2.70 -6.18
N LEU C 390 49.27 -3.50 -6.31
CA LEU C 390 49.38 -4.51 -7.34
C LEU C 390 49.50 -5.89 -6.71
N CYS C 391 48.98 -6.89 -7.42
CA CYS C 391 49.04 -8.28 -6.99
C CYS C 391 49.75 -9.10 -8.06
N PHE C 392 50.64 -10.00 -7.62
CA PHE C 392 51.46 -10.79 -8.52
C PHE C 392 51.40 -12.25 -8.12
N THR C 393 51.48 -13.14 -9.12
CA THR C 393 51.50 -14.57 -8.83
C THR C 393 52.77 -14.96 -8.09
N ASN C 394 53.92 -14.48 -8.56
CA ASN C 394 55.19 -14.80 -7.93
C ASN C 394 56.13 -13.60 -8.07
N VAL C 395 57.04 -13.46 -7.12
CA VAL C 395 58.07 -12.42 -7.14
C VAL C 395 59.39 -13.05 -6.74
N TYR C 396 60.45 -12.67 -7.47
CA TYR C 396 61.79 -13.19 -7.24
C TYR C 396 62.71 -12.03 -6.92
N ALA C 397 63.42 -12.13 -5.81
CA ALA C 397 64.37 -11.12 -5.37
C ALA C 397 65.78 -11.64 -5.65
N ASP C 398 66.49 -10.98 -6.57
CA ASP C 398 67.84 -11.35 -6.94
C ASP C 398 68.82 -10.44 -6.20
N SER C 399 69.52 -11.01 -5.23
CA SER C 399 70.42 -10.27 -4.36
C SER C 399 71.87 -10.61 -4.70
N PHE C 400 72.72 -9.58 -4.76
CA PHE C 400 74.12 -9.75 -5.07
C PHE C 400 74.84 -8.45 -4.74
N VAL C 401 76.15 -8.41 -5.00
CA VAL C 401 76.98 -7.23 -4.74
C VAL C 401 77.84 -6.97 -5.97
N ILE C 402 77.92 -5.70 -6.38
CA ILE C 402 78.73 -5.28 -7.52
C ILE C 402 79.31 -3.91 -7.20
N ARG C 403 80.31 -3.51 -7.99
CA ARG C 403 80.91 -2.19 -7.83
C ARG C 403 79.90 -1.10 -8.20
N GLY C 404 80.03 0.04 -7.52
CA GLY C 404 79.09 1.13 -7.76
C GLY C 404 79.09 1.61 -9.20
N ASP C 405 80.28 1.78 -9.78
CA ASP C 405 80.37 2.23 -11.16
C ASP C 405 79.76 1.22 -12.13
N GLU C 406 79.66 -0.04 -11.75
CA GLU C 406 79.08 -1.09 -12.59
C GLU C 406 77.57 -1.17 -12.45
N VAL C 407 76.96 -0.34 -11.60
CA VAL C 407 75.51 -0.40 -11.41
C VAL C 407 74.79 -0.09 -12.71
N ARG C 408 75.37 0.74 -13.57
CA ARG C 408 74.72 1.07 -14.83
C ARG C 408 74.47 -0.17 -15.68
N GLN C 409 75.31 -1.20 -15.54
CA GLN C 409 75.14 -2.42 -16.30
C GLN C 409 73.90 -3.20 -15.88
N ILE C 410 73.31 -2.89 -14.73
CA ILE C 410 72.11 -3.59 -14.25
C ILE C 410 70.92 -2.82 -14.80
N ALA C 411 70.53 -3.18 -16.03
CA ALA C 411 69.37 -2.59 -16.67
C ALA C 411 69.11 -3.34 -17.98
N PRO C 412 67.89 -3.29 -18.50
CA PRO C 412 67.59 -3.99 -19.75
C PRO C 412 68.48 -3.51 -20.89
N GLY C 413 68.91 -4.45 -21.72
CA GLY C 413 69.71 -4.11 -22.88
C GLY C 413 71.13 -3.68 -22.59
N GLN C 414 71.59 -3.82 -21.36
CA GLN C 414 72.93 -3.39 -20.99
C GLN C 414 73.98 -4.38 -21.48
N THR C 415 75.23 -3.93 -21.48
CA THR C 415 76.35 -4.75 -21.90
C THR C 415 77.41 -4.79 -20.80
N GLY C 416 78.57 -5.36 -21.12
CA GLY C 416 79.65 -5.49 -20.16
C GLY C 416 79.72 -6.89 -19.57
N LYS C 417 80.82 -7.13 -18.85
CA LYS C 417 81.05 -8.45 -18.26
C LYS C 417 79.95 -8.81 -17.28
N ILE C 418 79.54 -7.87 -16.43
CA ILE C 418 78.51 -8.17 -15.43
C ILE C 418 77.20 -8.54 -16.13
N ALA C 419 76.81 -7.78 -17.14
CA ALA C 419 75.58 -8.07 -17.85
C ALA C 419 75.71 -9.34 -18.69
N ASP C 420 76.85 -9.52 -19.35
CA ASP C 420 76.98 -10.62 -20.31
C ASP C 420 77.11 -11.97 -19.61
N TYR C 421 77.96 -12.06 -18.60
CA TYR C 421 78.36 -13.35 -18.04
C TYR C 421 78.03 -13.54 -16.56
N ASN C 422 77.47 -12.52 -15.89
CA ASN C 422 77.11 -12.64 -14.48
C ASN C 422 75.61 -12.57 -14.25
N TYR C 423 74.93 -11.57 -14.82
CA TYR C 423 73.48 -11.48 -14.69
C TYR C 423 72.95 -10.58 -15.79
N LYS C 424 72.08 -11.13 -16.65
CA LYS C 424 71.48 -10.39 -17.74
C LYS C 424 69.99 -10.20 -17.46
N LEU C 425 69.48 -9.01 -17.80
CA LEU C 425 68.07 -8.71 -17.62
C LEU C 425 67.33 -8.77 -18.95
N PRO C 426 66.05 -9.13 -18.94
CA PRO C 426 65.29 -9.15 -20.19
C PRO C 426 65.06 -7.74 -20.71
N ASP C 427 64.87 -7.66 -22.03
CA ASP C 427 64.69 -6.36 -22.68
C ASP C 427 63.46 -5.63 -22.14
N ASP C 428 62.36 -6.36 -21.93
CA ASP C 428 61.11 -5.80 -21.44
C ASP C 428 60.88 -6.13 -19.97
N PHE C 429 61.94 -6.07 -19.16
CA PHE C 429 61.86 -6.40 -17.75
C PHE C 429 60.68 -5.71 -17.09
N THR C 430 59.94 -6.47 -16.27
CA THR C 430 58.80 -5.97 -15.52
C THR C 430 59.12 -6.14 -14.04
N GLY C 431 59.68 -5.11 -13.44
CA GLY C 431 60.07 -5.17 -12.05
C GLY C 431 60.87 -3.94 -11.66
N CYS C 432 61.52 -4.05 -10.51
CA CYS C 432 62.29 -2.95 -9.94
C CYS C 432 63.70 -3.41 -9.58
N VAL C 433 64.64 -2.47 -9.66
CA VAL C 433 66.04 -2.71 -9.30
C VAL C 433 66.42 -1.72 -8.21
N ILE C 434 66.99 -2.23 -7.12
CA ILE C 434 67.36 -1.41 -5.97
C ILE C 434 68.81 -1.70 -5.62
N ALA C 435 69.57 -0.64 -5.36
CA ALA C 435 70.97 -0.77 -4.98
C ALA C 435 71.28 0.25 -3.90
N TRP C 436 72.24 -0.10 -3.03
CA TRP C 436 72.67 0.79 -1.97
C TRP C 436 74.13 0.51 -1.64
N ASN C 437 74.78 1.49 -1.03
CA ASN C 437 76.19 1.36 -0.68
C ASN C 437 76.39 0.28 0.37
N SER C 438 77.47 -0.48 0.22
CA SER C 438 77.82 -1.54 1.17
C SER C 438 79.30 -1.49 1.52
N ASN C 439 79.94 -0.32 1.40
CA ASN C 439 81.35 -0.20 1.74
C ASN C 439 81.60 -0.54 3.20
N ASN C 440 80.75 -0.05 4.10
CA ASN C 440 80.93 -0.31 5.52
C ASN C 440 80.74 -1.79 5.86
N LEU C 441 80.16 -2.58 4.95
CA LEU C 441 79.87 -3.98 5.19
C LEU C 441 80.71 -4.94 4.36
N ASP C 442 80.89 -4.64 3.07
CA ASP C 442 81.58 -5.55 2.15
C ASP C 442 83.02 -5.14 1.88
N SER C 443 83.58 -4.22 2.66
CA SER C 443 84.96 -3.78 2.51
C SER C 443 85.74 -4.07 3.78
N LYS C 444 86.98 -4.53 3.61
CA LYS C 444 87.87 -4.84 4.72
C LYS C 444 89.24 -4.22 4.47
N VAL C 445 89.93 -3.90 5.56
CA VAL C 445 91.27 -3.33 5.45
C VAL C 445 92.21 -4.35 4.83
N GLY C 446 93.01 -3.90 3.87
CA GLY C 446 93.92 -4.79 3.16
C GLY C 446 93.31 -5.52 1.99
N GLY C 447 92.04 -5.26 1.67
CA GLY C 447 91.39 -5.92 0.55
C GLY C 447 90.48 -7.05 0.97
N ASN C 448 89.19 -6.91 0.68
CA ASN C 448 88.20 -7.95 0.96
C ASN C 448 87.97 -8.73 -0.33
N TYR C 449 88.39 -9.99 -0.34
CA TYR C 449 88.34 -10.82 -1.54
C TYR C 449 87.23 -11.86 -1.50
N ASN C 450 86.27 -11.73 -0.57
CA ASN C 450 85.22 -12.74 -0.45
C ASN C 450 84.32 -12.76 -1.69
N TYR C 451 83.91 -11.60 -2.17
CA TYR C 451 82.98 -11.52 -3.29
C TYR C 451 83.70 -11.79 -4.60
N LEU C 452 83.07 -12.59 -5.46
CA LEU C 452 83.65 -12.98 -6.74
C LEU C 452 82.65 -12.72 -7.86
N TYR C 453 83.18 -12.57 -9.08
CA TYR C 453 82.37 -12.35 -10.26
C TYR C 453 82.97 -13.10 -11.44
N ARG C 454 82.13 -13.42 -12.42
CA ARG C 454 82.56 -14.15 -13.61
C ARG C 454 83.00 -13.15 -14.66
N LEU C 455 84.25 -13.25 -15.11
CA LEU C 455 84.81 -12.35 -16.11
C LEU C 455 84.87 -12.96 -17.51
N PHE C 456 85.02 -14.28 -17.61
CA PHE C 456 85.12 -14.95 -18.90
C PHE C 456 84.04 -16.02 -19.01
N ARG C 457 83.49 -16.14 -20.22
CA ARG C 457 82.52 -17.18 -20.53
C ARG C 457 82.34 -17.24 -22.04
N LYS C 458 81.96 -18.42 -22.53
CA LYS C 458 81.85 -18.61 -23.98
C LYS C 458 80.76 -17.72 -24.58
N SER C 459 79.61 -17.63 -23.91
CA SER C 459 78.47 -16.91 -24.46
C SER C 459 77.82 -16.08 -23.36
N ASN C 460 77.08 -15.06 -23.79
CA ASN C 460 76.36 -14.20 -22.85
C ASN C 460 75.21 -14.96 -22.21
N LEU C 461 74.98 -14.68 -20.93
CA LEU C 461 73.89 -15.33 -20.21
C LEU C 461 72.54 -14.83 -20.70
N LYS C 462 71.55 -15.73 -20.73
CA LYS C 462 70.19 -15.36 -21.05
C LYS C 462 69.55 -14.64 -19.87
N PRO C 463 68.45 -13.93 -20.10
CA PRO C 463 67.78 -13.24 -18.99
C PRO C 463 67.40 -14.21 -17.88
N PHE C 464 67.57 -13.76 -16.64
CA PHE C 464 67.25 -14.56 -15.46
C PHE C 464 67.95 -15.92 -15.50
N GLU C 465 69.22 -15.91 -15.91
CA GLU C 465 70.04 -17.12 -15.97
C GLU C 465 71.23 -16.99 -15.04
N ARG C 466 71.49 -18.05 -14.28
CA ARG C 466 72.62 -18.12 -13.37
C ARG C 466 73.56 -19.24 -13.81
N ASP C 467 74.84 -18.93 -13.91
CA ASP C 467 75.88 -19.91 -14.23
C ASP C 467 76.88 -19.95 -13.09
N ILE C 468 77.04 -21.12 -12.48
CA ILE C 468 77.94 -21.29 -11.35
C ILE C 468 79.05 -22.30 -11.63
N SER C 469 79.00 -22.99 -12.77
CA SER C 469 80.06 -23.93 -13.11
C SER C 469 81.37 -23.18 -13.30
N THR C 470 82.45 -23.69 -12.72
CA THR C 470 83.75 -23.02 -12.68
C THR C 470 84.81 -23.81 -13.45
N GLU C 471 84.44 -24.37 -14.58
CA GLU C 471 85.41 -25.05 -15.43
C GLU C 471 86.33 -24.02 -16.09
N ILE C 472 87.57 -24.44 -16.33
CA ILE C 472 88.54 -23.53 -16.95
C ILE C 472 88.06 -23.17 -18.35
N TYR C 473 88.00 -21.87 -18.62
CA TYR C 473 87.51 -21.38 -19.91
C TYR C 473 88.64 -21.40 -20.92
N GLN C 474 88.34 -21.89 -22.13
CA GLN C 474 89.32 -21.98 -23.21
C GLN C 474 89.37 -20.62 -23.92
N ALA C 475 90.28 -19.77 -23.46
CA ALA C 475 90.49 -18.46 -24.06
C ALA C 475 91.49 -18.48 -25.22
N GLY C 476 92.15 -19.62 -25.46
CA GLY C 476 93.10 -19.72 -26.55
C GLY C 476 92.87 -21.00 -27.35
N SER C 477 93.64 -21.13 -28.43
CA SER C 477 93.51 -22.29 -29.29
C SER C 477 93.87 -23.57 -28.55
N THR C 478 94.82 -23.51 -27.62
CA THR C 478 95.23 -24.70 -26.87
C THR C 478 94.20 -24.99 -25.79
N PRO C 479 93.60 -26.18 -25.76
CA PRO C 479 92.63 -26.48 -24.70
C PRO C 479 93.27 -26.43 -23.33
N CYS C 480 92.51 -25.93 -22.35
CA CYS C 480 93.01 -25.84 -20.99
C CYS C 480 93.00 -27.18 -20.28
N ASN C 481 92.04 -28.05 -20.59
CA ASN C 481 91.93 -29.37 -19.97
C ASN C 481 91.85 -29.26 -18.44
N GLY C 482 91.14 -28.23 -17.97
CA GLY C 482 90.96 -28.06 -16.54
C GLY C 482 92.19 -27.59 -15.79
N VAL C 483 93.16 -27.00 -16.49
CA VAL C 483 94.37 -26.50 -15.87
C VAL C 483 94.50 -25.02 -16.19
N GLU C 484 94.69 -24.21 -15.15
CA GLU C 484 94.84 -22.77 -15.33
C GLU C 484 96.26 -22.44 -15.75
N GLY C 485 96.40 -21.43 -16.62
CA GLY C 485 97.71 -21.03 -17.10
C GLY C 485 97.57 -20.02 -18.22
N PHE C 486 98.60 -19.94 -19.05
CA PHE C 486 98.58 -19.03 -20.18
C PHE C 486 97.40 -19.36 -21.08
N ASN C 487 96.68 -18.34 -21.51
CA ASN C 487 95.45 -18.48 -22.31
C ASN C 487 94.36 -19.21 -21.54
N CYS C 488 94.50 -19.33 -20.22
CA CYS C 488 93.49 -19.97 -19.38
C CYS C 488 93.50 -19.25 -18.03
N TYR C 489 92.62 -18.26 -17.89
CA TYR C 489 92.57 -17.44 -16.70
C TYR C 489 91.54 -17.98 -15.70
N PHE C 490 91.72 -17.60 -14.44
CA PHE C 490 90.81 -18.01 -13.37
C PHE C 490 89.43 -17.46 -13.68
N PRO C 491 88.44 -18.31 -13.99
CA PRO C 491 87.18 -17.79 -14.55
C PRO C 491 86.52 -16.75 -13.68
N LEU C 492 86.51 -16.94 -12.37
CA LEU C 492 85.99 -15.94 -11.45
C LEU C 492 87.09 -14.94 -11.09
N GLN C 493 86.68 -13.79 -10.56
CA GLN C 493 87.61 -12.76 -10.13
C GLN C 493 87.08 -12.10 -8.87
N SER C 494 88.00 -11.57 -8.07
CA SER C 494 87.68 -10.95 -6.79
C SER C 494 87.88 -9.44 -6.90
N TYR C 495 86.85 -8.69 -6.50
CA TYR C 495 86.96 -7.24 -6.55
C TYR C 495 88.04 -6.71 -5.60
N GLY C 496 88.26 -7.40 -4.49
CA GLY C 496 89.23 -6.94 -3.51
C GLY C 496 88.85 -5.62 -2.90
N PHE C 497 87.59 -5.48 -2.49
CA PHE C 497 87.10 -4.22 -1.95
C PHE C 497 87.94 -3.80 -0.75
N GLN C 498 88.28 -2.51 -0.71
CA GLN C 498 89.03 -1.91 0.37
C GLN C 498 88.36 -0.61 0.79
N PRO C 499 88.41 -0.24 2.07
CA PRO C 499 87.78 1.01 2.49
C PRO C 499 88.30 2.23 1.74
N THR C 500 89.57 2.25 1.37
CA THR C 500 90.13 3.39 0.65
C THR C 500 89.58 3.51 -0.77
N ASN C 501 88.91 2.49 -1.28
CA ASN C 501 88.35 2.56 -2.63
C ASN C 501 87.29 3.65 -2.71
N GLY C 502 87.21 4.30 -3.86
CA GLY C 502 86.28 5.38 -4.06
C GLY C 502 84.84 4.90 -4.09
N VAL C 503 83.93 5.87 -4.00
CA VAL C 503 82.50 5.54 -3.95
C VAL C 503 82.10 4.75 -5.19
N GLY C 504 82.59 5.15 -6.36
CA GLY C 504 82.31 4.37 -7.56
C GLY C 504 82.89 2.97 -7.49
N TYR C 505 84.05 2.83 -6.86
CA TYR C 505 84.71 1.53 -6.72
C TYR C 505 84.24 0.78 -5.47
N GLN C 506 83.48 1.41 -4.59
CA GLN C 506 83.02 0.74 -3.38
C GLN C 506 81.99 -0.34 -3.72
N PRO C 507 81.86 -1.35 -2.86
CA PRO C 507 80.84 -2.37 -3.09
C PRO C 507 79.44 -1.82 -2.88
N TYR C 508 78.48 -2.36 -3.64
CA TYR C 508 77.09 -1.97 -3.52
C TYR C 508 76.23 -3.22 -3.54
N ARG C 509 75.31 -3.32 -2.58
CA ARG C 509 74.36 -4.43 -2.52
C ARG C 509 73.15 -4.09 -3.37
N VAL C 510 72.81 -4.98 -4.30
CA VAL C 510 71.75 -4.75 -5.27
C VAL C 510 70.72 -5.86 -5.15
N VAL C 511 69.45 -5.48 -5.08
CA VAL C 511 68.33 -6.41 -5.06
C VAL C 511 67.41 -6.07 -6.22
N VAL C 512 67.10 -7.07 -7.04
CA VAL C 512 66.24 -6.91 -8.20
C VAL C 512 64.97 -7.72 -7.97
N LEU C 513 63.83 -7.05 -8.01
CA LEU C 513 62.53 -7.70 -7.85
C LEU C 513 61.90 -7.90 -9.22
N SER C 514 61.73 -9.17 -9.61
CA SER C 514 61.10 -9.52 -10.87
C SER C 514 59.74 -10.15 -10.60
N PHE C 515 58.70 -9.63 -11.24
CA PHE C 515 57.33 -10.07 -11.02
C PHE C 515 56.90 -10.96 -12.17
N GLU C 516 56.30 -12.11 -11.83
CA GLU C 516 55.83 -13.08 -12.80
C GLU C 516 54.31 -13.02 -12.86
N LEU C 517 53.78 -12.78 -14.06
CA LEU C 517 52.34 -12.80 -14.31
C LEU C 517 52.08 -13.79 -15.44
N LEU C 518 51.33 -14.84 -15.14
CA LEU C 518 51.05 -15.90 -16.08
C LEU C 518 49.57 -16.26 -16.06
N HIS C 519 48.71 -15.25 -15.99
CA HIS C 519 47.26 -15.44 -15.99
C HIS C 519 46.79 -16.34 -14.85
N ALA C 520 47.63 -16.54 -13.84
CA ALA C 520 47.33 -17.38 -12.70
C ALA C 520 46.91 -16.55 -11.50
N PRO C 521 46.26 -17.16 -10.52
CA PRO C 521 45.87 -16.38 -9.33
C PRO C 521 47.07 -15.73 -8.67
N ALA C 522 46.86 -14.50 -8.20
CA ALA C 522 47.95 -13.73 -7.60
C ALA C 522 48.16 -14.18 -6.15
N THR C 523 49.42 -14.48 -5.82
CA THR C 523 49.79 -14.91 -4.48
C THR C 523 50.27 -13.77 -3.59
N VAL C 524 50.46 -12.58 -4.14
CA VAL C 524 50.92 -11.41 -3.40
C VAL C 524 49.95 -10.26 -3.66
N CYS C 525 49.72 -9.42 -2.65
CA CYS C 525 48.77 -8.29 -2.76
C CYS C 525 49.15 -7.22 -1.73
N GLY C 526 49.27 -5.97 -2.14
CA GLY C 526 49.71 -4.89 -1.24
C GLY C 526 48.69 -4.57 -0.17
N PRO C 527 49.08 -3.84 0.90
CA PRO C 527 48.18 -3.50 2.00
C PRO C 527 46.82 -2.95 1.51
N LYS C 528 45.78 -3.04 2.34
CA LYS C 528 44.42 -2.56 1.98
C LYS C 528 44.42 -1.03 1.88
N LYS C 529 45.55 -0.37 2.19
CA LYS C 529 45.69 1.11 2.10
C LYS C 529 44.73 1.76 3.10
N SER C 530 45.20 2.11 4.30
CA SER C 530 44.38 2.73 5.36
C SER C 530 44.63 4.24 5.39
N THR C 531 43.64 5.06 5.01
CA THR C 531 43.74 6.54 4.98
C THR C 531 44.08 7.07 6.37
N ASN C 532 44.27 8.39 6.51
CA ASN C 532 44.61 9.03 7.80
C ASN C 532 43.34 9.17 8.65
N LEU C 533 43.45 9.72 9.86
CA LEU C 533 42.33 9.91 10.76
C LEU C 533 41.84 11.36 10.69
N VAL C 534 40.53 11.53 10.53
CA VAL C 534 39.89 12.84 10.53
C VAL C 534 38.78 12.82 11.57
N LYS C 535 38.72 13.87 12.39
CA LYS C 535 37.80 13.93 13.51
C LYS C 535 37.12 15.29 13.56
N ASN C 536 35.93 15.31 14.16
CA ASN C 536 35.15 16.52 14.39
C ASN C 536 34.65 17.16 13.09
N LYS C 537 34.65 16.41 11.99
CA LYS C 537 34.14 16.92 10.72
C LYS C 537 33.42 15.81 9.99
N CYS C 538 32.32 16.17 9.33
CA CYS C 538 31.55 15.20 8.56
C CYS C 538 32.42 14.55 7.51
N VAL C 539 32.31 13.22 7.40
CA VAL C 539 33.16 12.46 6.49
C VAL C 539 32.50 11.11 6.23
N ASN C 540 32.78 10.54 5.07
CA ASN C 540 32.33 9.20 4.73
C ASN C 540 33.44 8.22 5.08
N PHE C 541 33.12 7.26 5.96
CA PHE C 541 34.11 6.34 6.50
C PHE C 541 33.78 4.91 6.10
N ASN C 542 34.83 4.10 5.97
CA ASN C 542 34.70 2.68 5.65
C ASN C 542 35.74 1.92 6.47
N PHE C 543 35.29 1.25 7.52
CA PHE C 543 36.17 0.50 8.42
C PHE C 543 36.04 -0.98 8.09
N ASN C 544 37.05 -1.52 7.43
CA ASN C 544 37.13 -2.94 7.06
C ASN C 544 35.78 -3.49 6.61
N GLY C 545 35.06 -2.72 5.78
CA GLY C 545 33.79 -3.12 5.23
C GLY C 545 32.59 -2.44 5.85
N LEU C 546 32.73 -1.90 7.06
CA LEU C 546 31.63 -1.18 7.69
C LEU C 546 31.60 0.25 7.12
N THR C 547 30.64 0.49 6.24
CA THR C 547 30.52 1.77 5.54
C THR C 547 29.46 2.63 6.20
N GLY C 548 29.78 3.90 6.41
CA GLY C 548 28.84 4.83 7.00
C GLY C 548 29.29 6.26 6.77
N THR C 549 28.40 7.19 7.09
CA THR C 549 28.67 8.61 6.94
C THR C 549 28.31 9.33 8.22
N GLY C 550 29.20 10.21 8.68
CA GLY C 550 28.97 10.94 9.91
C GLY C 550 30.24 11.60 10.39
N VAL C 551 30.22 12.00 11.66
CA VAL C 551 31.34 12.68 12.30
C VAL C 551 31.97 11.72 13.31
N LEU C 552 33.28 11.53 13.20
CA LEU C 552 34.03 10.69 14.12
C LEU C 552 34.60 11.54 15.23
N THR C 553 34.36 11.14 16.48
CA THR C 553 34.81 11.87 17.65
C THR C 553 35.39 10.91 18.67
N GLU C 554 36.28 11.43 19.52
CA GLU C 554 36.85 10.62 20.59
C GLU C 554 35.74 10.05 21.46
N SER C 555 35.86 8.77 21.79
CA SER C 555 34.83 8.04 22.51
C SER C 555 35.33 7.64 23.89
N ASN C 556 34.45 7.73 24.88
CA ASN C 556 34.75 7.34 26.25
C ASN C 556 34.19 5.97 26.61
N LYS C 557 33.74 5.20 25.62
CA LYS C 557 33.23 3.86 25.89
C LYS C 557 34.39 2.94 26.27
N LYS C 558 34.09 1.65 26.45
CA LYS C 558 35.12 0.66 26.75
C LYS C 558 34.70 -0.66 26.13
N PHE C 559 35.17 -0.92 24.91
CA PHE C 559 34.90 -2.20 24.27
C PHE C 559 35.74 -3.30 24.90
N LEU C 560 35.16 -4.50 24.97
CA LEU C 560 35.94 -5.65 25.37
C LEU C 560 36.93 -6.00 24.26
N PRO C 561 38.00 -6.72 24.59
CA PRO C 561 39.06 -6.97 23.59
C PRO C 561 38.55 -7.57 22.29
N PHE C 562 37.58 -8.48 22.36
CA PHE C 562 37.08 -9.13 21.16
C PHE C 562 36.09 -8.27 20.38
N GLN C 563 35.39 -7.36 21.05
CA GLN C 563 34.37 -6.57 20.38
C GLN C 563 34.99 -5.58 19.40
N GLN C 564 34.21 -5.21 18.38
CA GLN C 564 34.68 -4.31 17.32
C GLN C 564 33.93 -2.99 17.32
N PHE C 565 32.60 -3.00 17.24
CA PHE C 565 31.82 -1.78 17.14
C PHE C 565 30.58 -1.90 18.00
N GLY C 566 30.01 -0.74 18.35
CA GLY C 566 28.81 -0.69 19.16
C GLY C 566 27.59 -0.23 18.38
N ARG C 567 26.41 -0.58 18.88
CA ARG C 567 25.16 -0.24 18.22
C ARG C 567 24.17 0.29 19.25
N ASP C 568 23.32 1.21 18.81
CA ASP C 568 22.35 1.85 19.69
C ASP C 568 21.16 0.94 19.94
N ILE C 569 20.25 1.40 20.80
CA ILE C 569 19.04 0.63 21.09
C ILE C 569 18.24 0.38 19.81
N ALA C 570 18.26 1.34 18.90
CA ALA C 570 17.58 1.19 17.61
C ALA C 570 18.36 0.36 16.60
N ASP C 571 19.46 -0.27 17.04
CA ASP C 571 20.35 -1.11 16.24
C ASP C 571 21.28 -0.27 15.37
N THR C 572 21.14 1.06 15.35
CA THR C 572 22.02 1.89 14.54
C THR C 572 23.43 1.90 15.14
N THR C 573 24.43 1.89 14.26
CA THR C 573 25.81 1.95 14.70
C THR C 573 26.07 3.23 15.46
N ASP C 574 26.79 3.12 16.57
CA ASP C 574 27.08 4.28 17.42
C ASP C 574 28.57 4.46 17.68
N ALA C 575 29.33 3.37 17.84
CA ALA C 575 30.74 3.45 18.14
C ALA C 575 31.49 2.39 17.33
N VAL C 576 32.70 2.74 16.88
CA VAL C 576 33.54 1.84 16.10
C VAL C 576 34.98 2.01 16.55
N ARG C 577 35.74 0.91 16.50
CA ARG C 577 37.13 0.88 16.90
C ARG C 577 38.01 0.84 15.66
N ASP C 578 39.10 1.61 15.69
CA ASP C 578 39.98 1.69 14.54
C ASP C 578 40.73 0.38 14.35
N PRO C 579 40.65 -0.25 13.17
CA PRO C 579 41.39 -1.50 12.97
C PRO C 579 42.90 -1.37 13.15
N GLN C 580 43.49 -0.27 12.70
CA GLN C 580 44.95 -0.14 12.76
C GLN C 580 45.46 -0.12 14.19
N THR C 581 44.87 0.74 15.03
CA THR C 581 45.25 0.84 16.43
C THR C 581 43.99 0.90 17.27
N LEU C 582 44.13 0.53 18.54
CA LEU C 582 42.98 0.25 19.41
C LEU C 582 42.55 1.53 20.13
N GLU C 583 41.63 2.26 19.49
CA GLU C 583 40.91 3.34 20.15
C GLU C 583 39.49 3.37 19.59
N ILE C 584 38.56 3.87 20.39
CA ILE C 584 37.15 3.86 20.07
C ILE C 584 36.73 5.27 19.66
N LEU C 585 35.83 5.35 18.68
CA LEU C 585 35.32 6.61 18.18
C LEU C 585 33.82 6.55 18.03
N ASP C 586 33.15 7.65 18.39
CA ASP C 586 31.70 7.73 18.27
C ASP C 586 31.31 8.27 16.91
N ILE C 587 30.13 7.85 16.43
CA ILE C 587 29.59 8.25 15.14
C ILE C 587 28.33 9.06 15.39
N THR C 588 28.23 10.22 14.75
CA THR C 588 27.10 11.12 14.94
C THR C 588 26.60 11.62 13.60
N PRO C 589 25.32 11.99 13.52
CA PRO C 589 24.77 12.50 12.26
C PRO C 589 25.31 13.89 11.93
N CYS C 590 25.15 14.29 10.67
CA CYS C 590 25.84 15.48 10.19
C CYS C 590 25.07 16.76 10.55
N SER C 591 23.92 16.98 9.91
CA SER C 591 23.08 18.12 10.28
C SER C 591 21.60 17.76 10.39
N PHE C 592 21.11 16.94 9.45
CA PHE C 592 19.71 16.53 9.39
C PHE C 592 18.76 17.70 9.63
N GLY C 593 19.20 18.92 9.30
CA GLY C 593 18.51 20.11 9.73
C GLY C 593 17.50 20.64 8.72
N GLY C 594 16.42 21.20 9.26
CA GLY C 594 15.42 21.88 8.45
C GLY C 594 15.69 23.38 8.37
N VAL C 595 15.02 24.01 7.40
CA VAL C 595 15.20 25.44 7.15
C VAL C 595 13.83 26.08 7.05
N SER C 596 13.61 27.14 7.82
CA SER C 596 12.37 27.91 7.79
C SER C 596 12.69 29.39 7.69
N VAL C 597 11.73 30.15 7.18
CA VAL C 597 11.88 31.58 6.94
C VAL C 597 10.89 32.34 7.81
N ILE C 598 11.39 33.28 8.59
CA ILE C 598 10.56 34.17 9.39
C ILE C 598 10.47 35.50 8.67
N THR C 599 9.25 35.96 8.41
CA THR C 599 9.04 37.17 7.64
C THR C 599 7.75 37.85 8.06
N PRO C 600 7.75 39.18 8.21
CA PRO C 600 6.47 39.89 8.33
C PRO C 600 5.74 39.90 6.99
N GLY C 601 4.45 40.18 7.05
CA GLY C 601 3.63 40.20 5.86
C GLY C 601 4.23 41.07 4.77
N THR C 602 4.31 40.54 3.55
CA THR C 602 4.89 41.31 2.45
C THR C 602 4.20 42.66 2.28
N ASN C 603 2.92 42.74 2.64
CA ASN C 603 2.22 44.02 2.61
C ASN C 603 2.85 45.04 3.55
N THR C 604 3.57 44.58 4.58
CA THR C 604 4.18 45.46 5.57
C THR C 604 5.64 45.79 5.25
N SER C 605 6.47 44.77 5.03
CA SER C 605 7.88 44.97 4.77
C SER C 605 8.36 43.89 3.80
N ASN C 606 9.68 43.84 3.59
CA ASN C 606 10.27 42.88 2.66
C ASN C 606 11.43 42.09 3.26
N GLN C 607 12.01 42.53 4.37
CA GLN C 607 13.12 41.80 4.97
C GLN C 607 12.64 40.49 5.58
N VAL C 608 13.56 39.52 5.65
CA VAL C 608 13.26 38.19 6.16
C VAL C 608 14.42 37.70 7.01
N ALA C 609 14.13 36.67 7.81
CA ALA C 609 15.14 36.00 8.63
C ALA C 609 15.06 34.50 8.39
N VAL C 610 16.19 33.83 8.54
CA VAL C 610 16.32 32.41 8.24
C VAL C 610 16.62 31.67 9.54
N LEU C 611 15.86 30.59 9.78
CA LEU C 611 16.06 29.74 10.94
C LEU C 611 16.49 28.35 10.45
N TYR C 612 17.65 27.89 10.93
CA TYR C 612 18.14 26.55 10.66
C TYR C 612 17.84 25.70 11.88
N GLN C 613 16.97 24.70 11.73
CA GLN C 613 16.46 23.96 12.88
C GLN C 613 17.56 23.11 13.51
N ASP C 614 17.72 23.28 14.82
CA ASP C 614 18.58 22.41 15.63
C ASP C 614 19.92 22.15 14.96
N VAL C 615 20.70 23.21 14.78
CA VAL C 615 22.04 23.12 14.23
C VAL C 615 22.92 24.16 14.90
N ASN C 616 24.20 23.83 15.07
CA ASN C 616 25.18 24.82 15.58
C ASN C 616 25.41 25.82 14.45
N CYS C 617 25.56 27.10 14.74
CA CYS C 617 25.74 28.17 13.72
C CYS C 617 27.02 27.94 12.91
N THR C 618 27.86 26.97 13.31
CA THR C 618 29.11 26.62 12.57
C THR C 618 28.74 25.82 11.32
N GLU C 619 27.53 25.27 11.25
CA GLU C 619 27.05 24.46 10.10
C GLU C 619 26.18 25.32 9.20
N VAL C 620 25.58 26.38 9.74
CA VAL C 620 24.68 27.29 8.96
C VAL C 620 25.33 27.60 7.60
N PRO C 621 26.61 28.04 7.56
CA PRO C 621 27.25 28.44 6.31
C PRO C 621 27.61 27.22 5.44
N VAL C 622 27.38 26.00 5.93
CA VAL C 622 27.69 24.73 5.19
C VAL C 622 26.42 24.25 4.48
N ALA C 623 25.52 25.16 4.09
CA ALA C 623 24.24 24.81 3.48
C ALA C 623 24.36 24.83 1.95
N ILE C 624 25.34 24.07 1.46
CA ILE C 624 25.68 24.06 0.05
C ILE C 624 25.93 25.50 -0.39
N HIS C 625 26.52 26.29 0.50
CA HIS C 625 26.76 27.69 0.23
C HIS C 625 27.79 27.82 -0.90
N ALA C 626 28.03 29.07 -1.32
CA ALA C 626 28.85 29.41 -2.48
C ALA C 626 28.23 28.94 -3.78
N ASP C 627 26.97 28.52 -3.76
CA ASP C 627 26.27 28.05 -4.95
C ASP C 627 24.98 28.81 -5.15
N GLN C 628 24.37 29.27 -4.05
CA GLN C 628 23.17 30.07 -4.14
C GLN C 628 23.49 31.43 -4.76
N LEU C 629 22.45 32.25 -4.92
CA LEU C 629 22.65 33.57 -5.49
C LEU C 629 23.64 34.37 -4.65
N THR C 630 24.60 34.99 -5.32
CA THR C 630 25.68 35.67 -4.61
C THR C 630 25.19 36.79 -3.70
N PRO C 631 24.34 37.72 -4.15
CA PRO C 631 24.00 38.89 -3.34
C PRO C 631 22.74 38.75 -2.49
N THR C 632 22.00 37.66 -2.60
CA THR C 632 20.72 37.53 -1.91
C THR C 632 20.69 36.40 -0.88
N TRP C 633 21.31 35.27 -1.16
CA TRP C 633 21.33 34.16 -0.21
C TRP C 633 22.54 34.18 0.71
N ARG C 634 23.69 34.67 0.23
CA ARG C 634 24.87 34.73 1.07
C ARG C 634 24.79 35.85 2.10
N VAL C 635 23.90 36.83 1.91
CA VAL C 635 23.73 37.87 2.91
C VAL C 635 23.21 37.29 4.20
N TYR C 636 22.34 36.28 4.11
CA TYR C 636 21.80 35.58 5.26
C TYR C 636 22.69 34.41 5.70
N SER C 637 23.82 34.21 5.03
CA SER C 637 24.72 33.11 5.39
C SER C 637 25.32 33.32 6.78
N THR C 638 25.90 34.50 7.02
CA THR C 638 26.56 34.77 8.28
C THR C 638 26.91 36.24 8.35
N GLY C 639 26.90 36.76 9.58
CA GLY C 639 27.25 38.14 9.85
C GLY C 639 27.21 38.43 11.34
N SER C 640 27.19 39.70 11.72
CA SER C 640 27.04 40.03 13.13
C SER C 640 25.63 39.69 13.62
N ASN C 641 24.68 39.58 12.70
CA ASN C 641 23.28 39.30 13.04
C ASN C 641 23.10 37.91 13.66
N VAL C 642 23.96 36.96 13.28
CA VAL C 642 23.79 35.56 13.65
C VAL C 642 23.51 35.44 15.14
N PHE C 643 22.56 34.57 15.49
CA PHE C 643 22.13 34.39 16.87
C PHE C 643 21.84 32.91 17.10
N GLN C 644 22.04 32.47 18.34
CA GLN C 644 21.87 31.07 18.70
C GLN C 644 20.68 30.91 19.64
N THR C 645 19.93 29.83 19.43
CA THR C 645 18.78 29.48 20.26
C THR C 645 18.68 27.96 20.35
N ARG C 646 17.94 27.51 21.36
CA ARG C 646 17.70 26.08 21.50
C ARG C 646 16.99 25.52 20.27
N ALA C 647 16.18 26.34 19.60
CA ALA C 647 15.52 25.89 18.38
C ALA C 647 16.53 25.69 17.24
N GLY C 648 17.58 26.50 17.21
CA GLY C 648 18.59 26.40 16.17
C GLY C 648 19.30 27.73 16.00
N CYS C 649 19.84 27.92 14.80
CA CYS C 649 20.55 29.14 14.45
C CYS C 649 19.61 30.09 13.73
N LEU C 650 19.57 31.35 14.19
CA LEU C 650 18.72 32.37 13.61
C LEU C 650 19.61 33.46 13.01
N ILE C 651 19.39 33.76 11.74
CA ILE C 651 20.14 34.79 11.03
C ILE C 651 19.15 35.82 10.50
N GLY C 652 19.52 37.10 10.61
CA GLY C 652 18.65 38.18 10.19
C GLY C 652 17.79 38.76 11.29
N ALA C 653 18.05 38.42 12.55
CA ALA C 653 17.31 38.92 13.69
C ALA C 653 18.28 39.41 14.77
N GLU C 654 17.90 40.47 15.46
CA GLU C 654 18.72 41.08 16.50
C GLU C 654 18.20 40.69 17.87
N HIS C 655 19.07 40.15 18.71
CA HIS C 655 18.68 39.82 20.07
C HIS C 655 18.48 41.09 20.89
N VAL C 656 17.40 41.13 21.66
CA VAL C 656 17.00 42.30 22.41
C VAL C 656 16.65 41.90 23.83
N ASN C 657 17.14 42.67 24.80
CA ASN C 657 16.81 42.41 26.20
C ASN C 657 15.33 42.61 26.46
N ASN C 658 14.74 43.64 25.86
CA ASN C 658 13.34 43.96 26.08
C ASN C 658 12.46 42.79 25.67
N SER C 659 11.40 42.56 26.46
CA SER C 659 10.46 41.47 26.22
C SER C 659 9.12 42.02 25.75
N TYR C 660 8.48 41.30 24.84
CA TYR C 660 7.20 41.69 24.29
C TYR C 660 6.33 40.46 24.14
N GLU C 661 5.02 40.69 23.98
CA GLU C 661 4.11 39.61 23.65
C GLU C 661 4.47 39.02 22.29
N CYS C 662 4.32 37.70 22.18
CA CYS C 662 4.78 37.00 20.99
C CYS C 662 4.08 37.51 19.73
N ASP C 663 4.86 37.66 18.66
CA ASP C 663 4.35 38.01 17.34
C ASP C 663 4.52 36.86 16.36
N ILE C 664 5.73 36.33 16.24
CA ILE C 664 6.00 35.14 15.44
C ILE C 664 6.71 34.13 16.34
N PRO C 665 6.06 33.03 16.75
CA PRO C 665 6.69 32.12 17.72
C PRO C 665 7.86 31.34 17.13
N ILE C 666 9.08 31.72 17.52
CA ILE C 666 10.25 30.96 17.09
C ILE C 666 10.29 29.60 17.78
N GLY C 667 10.04 29.59 19.09
CA GLY C 667 10.07 28.35 19.86
C GLY C 667 11.00 28.43 21.04
N ALA C 668 10.80 27.56 22.02
CA ALA C 668 11.64 27.52 23.22
C ALA C 668 11.63 28.87 23.94
N GLY C 669 10.47 29.53 23.94
CA GLY C 669 10.31 30.79 24.62
C GLY C 669 10.81 32.00 23.84
N ILE C 670 11.30 31.81 22.62
CA ILE C 670 11.81 32.89 21.79
C ILE C 670 10.78 33.25 20.75
N CYS C 671 10.57 34.54 20.54
CA CYS C 671 9.64 35.05 19.52
C CYS C 671 10.33 36.14 18.72
N ALA C 672 10.00 36.21 17.43
CA ALA C 672 10.57 37.19 16.52
C ALA C 672 9.48 38.15 16.06
N SER C 673 9.84 39.42 15.91
CA SER C 673 8.90 40.44 15.48
C SER C 673 9.64 41.44 14.59
N TYR C 674 8.87 42.37 14.03
CA TYR C 674 9.42 43.39 13.12
C TYR C 674 8.96 44.76 13.62
N GLN C 675 9.87 45.47 14.28
CA GLN C 675 9.57 46.81 14.79
C GLN C 675 10.87 47.44 15.27
N THR C 676 10.82 48.77 15.43
CA THR C 676 11.98 49.52 15.92
C THR C 676 11.54 50.91 16.38
N SER C 689 14.89 52.28 10.02
CA SER C 689 15.33 51.75 11.31
C SER C 689 14.65 50.42 11.62
N GLN C 690 13.51 50.17 10.97
CA GLN C 690 12.77 48.95 11.21
C GLN C 690 13.58 47.74 10.75
N SER C 691 13.51 46.66 11.54
CA SER C 691 14.23 45.44 11.23
C SER C 691 13.58 44.30 12.00
N ILE C 692 14.22 43.13 12.01
CA ILE C 692 13.71 41.95 12.68
C ILE C 692 14.44 41.80 14.01
N ILE C 693 13.68 41.57 15.07
CA ILE C 693 14.21 41.44 16.42
C ILE C 693 13.72 40.12 17.01
N ALA C 694 14.63 39.35 17.59
CA ALA C 694 14.31 38.13 18.30
C ALA C 694 14.47 38.37 19.79
N TYR C 695 13.43 38.07 20.56
CA TYR C 695 13.40 38.37 21.99
C TYR C 695 12.78 37.19 22.72
N THR C 696 12.74 37.30 24.06
CA THR C 696 12.14 36.29 24.90
C THR C 696 10.67 36.60 25.11
N MET C 697 9.83 35.57 25.00
CA MET C 697 8.40 35.75 25.22
C MET C 697 8.13 36.37 26.57
N SER C 698 7.23 37.35 26.60
CA SER C 698 6.75 37.96 27.82
C SER C 698 5.42 37.31 28.19
N LEU C 699 5.37 36.71 29.38
CA LEU C 699 4.16 36.01 29.78
C LEU C 699 2.96 36.95 29.85
N GLY C 700 3.15 38.14 30.39
CA GLY C 700 2.07 39.10 30.46
C GLY C 700 2.47 40.28 31.32
N ALA C 701 1.57 41.26 31.36
CA ALA C 701 1.80 42.46 32.16
C ALA C 701 1.87 42.11 33.64
N GLU C 702 2.78 42.76 34.34
CA GLU C 702 2.94 42.52 35.77
C GLU C 702 1.91 43.31 36.56
N ASN C 703 1.33 42.66 37.56
CA ASN C 703 0.31 43.30 38.40
C ASN C 703 0.27 42.59 39.74
N SER C 704 0.41 43.35 40.82
CA SER C 704 0.38 42.82 42.17
C SER C 704 -0.86 43.30 42.89
N VAL C 705 -1.54 42.38 43.57
CA VAL C 705 -2.77 42.70 44.30
C VAL C 705 -2.40 43.09 45.73
N ALA C 706 -2.91 44.23 46.17
CA ALA C 706 -2.63 44.75 47.51
C ALA C 706 -3.46 43.99 48.54
N TYR C 707 -3.11 42.72 48.71
CA TYR C 707 -3.82 41.86 49.65
C TYR C 707 -3.58 42.31 51.09
N SER C 708 -4.64 42.25 51.89
CA SER C 708 -4.55 42.53 53.32
C SER C 708 -5.69 41.80 54.00
N ASN C 709 -5.46 41.37 55.25
CA ASN C 709 -6.43 40.53 55.95
C ASN C 709 -7.69 41.29 56.36
N ASN C 710 -7.78 42.60 56.10
CA ASN C 710 -8.99 43.35 56.42
C ASN C 710 -9.36 44.35 55.34
N SER C 711 -8.85 44.18 54.12
CA SER C 711 -9.14 45.09 53.02
C SER C 711 -9.95 44.38 51.95
N ILE C 712 -10.86 45.14 51.32
CA ILE C 712 -11.72 44.61 50.26
C ILE C 712 -11.74 45.61 49.12
N ALA C 713 -11.92 45.10 47.91
CA ALA C 713 -12.11 45.92 46.71
C ALA C 713 -13.51 45.64 46.17
N ILE C 714 -14.38 46.64 46.25
CA ILE C 714 -15.76 46.50 45.78
C ILE C 714 -15.96 47.43 44.58
N PRO C 715 -16.52 46.96 43.48
CA PRO C 715 -16.74 47.84 42.33
C PRO C 715 -17.84 48.86 42.58
N THR C 716 -17.73 49.98 41.86
CA THR C 716 -18.74 51.03 41.91
C THR C 716 -19.45 51.25 40.58
N ASN C 717 -18.81 50.93 39.45
CA ASN C 717 -19.43 51.04 38.15
C ASN C 717 -19.09 49.79 37.34
N PHE C 718 -19.93 49.50 36.36
CA PHE C 718 -19.82 48.29 35.55
C PHE C 718 -19.67 48.67 34.08
N THR C 719 -19.57 47.64 33.24
CA THR C 719 -19.53 47.82 31.80
C THR C 719 -20.07 46.57 31.14
N ILE C 720 -20.84 46.76 30.06
CA ILE C 720 -21.42 45.66 29.29
C ILE C 720 -20.50 45.39 28.11
N SER C 721 -19.94 44.19 28.06
CA SER C 721 -18.99 43.79 27.03
C SER C 721 -19.61 42.74 26.13
N VAL C 722 -19.53 42.96 24.81
CA VAL C 722 -20.04 42.04 23.81
C VAL C 722 -18.86 41.47 23.04
N THR C 723 -18.76 40.14 22.99
CA THR C 723 -17.66 39.47 22.34
C THR C 723 -18.20 38.42 21.38
N THR C 724 -17.38 38.10 20.37
CA THR C 724 -17.74 37.14 19.33
C THR C 724 -16.99 35.84 19.54
N GLU C 725 -17.69 34.72 19.33
CA GLU C 725 -17.09 33.39 19.32
C GLU C 725 -17.52 32.68 18.06
N ILE C 726 -16.55 32.13 17.32
CA ILE C 726 -16.78 31.51 16.03
C ILE C 726 -16.51 30.01 16.16
N LEU C 727 -17.43 29.20 15.64
CA LEU C 727 -17.33 27.75 15.74
C LEU C 727 -17.72 27.13 14.40
N PRO C 728 -16.86 26.34 13.78
CA PRO C 728 -17.28 25.59 12.59
C PRO C 728 -18.36 24.58 12.94
N VAL C 729 -19.25 24.35 11.98
CA VAL C 729 -20.37 23.44 12.18
C VAL C 729 -20.44 22.33 11.16
N SER C 730 -19.87 22.48 9.97
CA SER C 730 -19.96 21.44 8.95
C SER C 730 -18.90 21.69 7.88
N MET C 731 -18.71 20.70 7.03
CA MET C 731 -17.86 20.78 5.86
C MET C 731 -18.69 20.59 4.60
N THR C 732 -18.03 20.70 3.45
CA THR C 732 -18.70 20.44 2.19
C THR C 732 -18.93 18.94 2.01
N LYS C 733 -20.12 18.59 1.54
CA LYS C 733 -20.51 17.19 1.35
C LYS C 733 -19.94 16.71 0.01
N THR C 734 -18.67 16.33 0.03
CA THR C 734 -17.98 15.88 -1.17
C THR C 734 -18.07 14.35 -1.27
N SER C 735 -18.29 13.88 -2.49
CA SER C 735 -18.37 12.45 -2.79
C SER C 735 -17.55 12.15 -4.02
N VAL C 736 -16.98 10.94 -4.06
CA VAL C 736 -16.09 10.52 -5.14
C VAL C 736 -16.44 9.10 -5.55
N ASP C 737 -16.43 8.86 -6.86
CA ASP C 737 -16.68 7.53 -7.41
C ASP C 737 -15.34 6.85 -7.68
N CYS C 738 -15.12 5.70 -7.02
CA CYS C 738 -13.82 5.02 -7.15
C CYS C 738 -13.56 4.59 -8.58
N THR C 739 -14.55 3.95 -9.20
CA THR C 739 -14.33 3.29 -10.50
C THR C 739 -13.97 4.31 -11.57
N MET C 740 -14.68 5.44 -11.60
CA MET C 740 -14.38 6.49 -12.57
C MET C 740 -13.11 7.25 -12.24
N TYR C 741 -12.71 7.28 -10.97
CA TYR C 741 -11.49 7.97 -10.58
C TYR C 741 -10.25 7.13 -10.92
N ILE C 742 -10.22 5.90 -10.45
CA ILE C 742 -9.09 5.01 -10.73
C ILE C 742 -9.08 4.59 -12.19
N CYS C 743 -10.25 4.31 -12.76
CA CYS C 743 -10.36 3.72 -14.09
C CYS C 743 -11.26 4.55 -14.99
N GLY C 744 -11.03 5.86 -15.03
CA GLY C 744 -11.88 6.76 -15.79
C GLY C 744 -12.05 6.39 -17.25
N ASP C 745 -13.27 6.05 -17.63
CA ASP C 745 -13.64 5.89 -19.04
C ASP C 745 -13.09 4.62 -19.66
N SER C 746 -12.32 3.85 -18.90
CA SER C 746 -11.71 2.62 -19.40
C SER C 746 -12.46 1.40 -18.86
N THR C 747 -12.26 0.28 -19.55
CA THR C 747 -12.90 -0.99 -19.21
C THR C 747 -11.94 -2.04 -18.69
N GLU C 748 -10.76 -2.17 -19.29
CA GLU C 748 -9.79 -3.13 -18.79
C GLU C 748 -9.36 -2.80 -17.37
N CYS C 749 -9.14 -1.50 -17.09
CA CYS C 749 -8.84 -1.09 -15.73
C CYS C 749 -9.98 -1.44 -14.79
N SER C 750 -11.23 -1.30 -15.25
CA SER C 750 -12.37 -1.66 -14.42
C SER C 750 -12.34 -3.15 -14.08
N ASN C 751 -12.06 -3.99 -15.07
CA ASN C 751 -11.99 -5.43 -14.82
C ASN C 751 -10.87 -5.76 -13.84
N LEU C 752 -9.70 -5.13 -14.02
CA LEU C 752 -8.60 -5.38 -13.11
C LEU C 752 -8.93 -4.95 -11.69
N LEU C 753 -9.61 -3.80 -11.55
CA LEU C 753 -9.97 -3.32 -10.21
C LEU C 753 -11.06 -4.18 -9.58
N LEU C 754 -11.91 -4.80 -10.40
CA LEU C 754 -13.02 -5.58 -9.86
C LEU C 754 -12.55 -6.70 -8.95
N GLN C 755 -11.34 -7.21 -9.16
CA GLN C 755 -10.81 -8.31 -8.38
C GLN C 755 -10.02 -7.86 -7.15
N TYR C 756 -9.97 -6.56 -6.89
CA TYR C 756 -9.24 -6.03 -5.73
C TYR C 756 -10.08 -6.04 -4.46
N GLY C 757 -11.35 -6.44 -4.54
CA GLY C 757 -12.19 -6.53 -3.36
C GLY C 757 -13.31 -5.51 -3.31
N SER C 758 -13.69 -5.11 -2.10
CA SER C 758 -14.81 -4.20 -1.89
C SER C 758 -14.36 -2.83 -1.41
N PHE C 759 -13.14 -2.43 -1.72
CA PHE C 759 -12.64 -1.14 -1.25
C PHE C 759 -13.55 -0.01 -1.69
N CYS C 760 -14.09 -0.06 -2.91
CA CYS C 760 -15.02 0.97 -3.34
C CYS C 760 -16.21 1.08 -2.40
N THR C 761 -16.82 -0.05 -2.04
CA THR C 761 -18.01 0.01 -1.22
C THR C 761 -17.70 0.64 0.12
N GLN C 762 -16.55 0.29 0.71
CA GLN C 762 -16.14 0.88 1.98
C GLN C 762 -15.95 2.39 1.84
N LEU C 763 -15.23 2.82 0.80
CA LEU C 763 -14.96 4.25 0.65
C LEU C 763 -16.25 5.02 0.41
N ASN C 764 -17.13 4.50 -0.45
CA ASN C 764 -18.41 5.15 -0.71
C ASN C 764 -19.25 5.22 0.56
N ARG C 765 -19.28 4.14 1.34
CA ARG C 765 -20.03 4.15 2.58
C ARG C 765 -19.47 5.20 3.54
N ALA C 766 -18.15 5.29 3.64
CA ALA C 766 -17.53 6.26 4.54
C ALA C 766 -17.87 7.69 4.11
N LEU C 767 -17.76 7.98 2.81
CA LEU C 767 -18.06 9.32 2.33
C LEU C 767 -19.54 9.65 2.54
N THR C 768 -20.42 8.69 2.29
CA THR C 768 -21.84 8.92 2.55
C THR C 768 -22.10 9.17 4.02
N GLY C 769 -21.43 8.42 4.89
CA GLY C 769 -21.58 8.65 6.32
C GLY C 769 -21.13 10.05 6.73
N ILE C 770 -20.01 10.50 6.18
CA ILE C 770 -19.55 11.87 6.47
C ILE C 770 -20.58 12.88 5.98
N ALA C 771 -21.10 12.67 4.77
CA ALA C 771 -22.08 13.60 4.22
C ALA C 771 -23.32 13.68 5.11
N VAL C 772 -23.81 12.53 5.58
CA VAL C 772 -24.97 12.53 6.46
C VAL C 772 -24.62 13.19 7.79
N GLU C 773 -23.39 12.98 8.27
CA GLU C 773 -22.96 13.61 9.53
C GLU C 773 -22.99 15.13 9.42
N GLN C 774 -22.66 15.66 8.25
CA GLN C 774 -22.68 17.11 8.08
C GLN C 774 -24.08 17.67 8.31
N ASP C 775 -25.08 17.05 7.66
CA ASP C 775 -26.46 17.48 7.84
C ASP C 775 -26.91 17.29 9.28
N LYS C 776 -26.52 16.17 9.89
CA LYS C 776 -26.87 15.94 11.30
C LYS C 776 -26.31 17.05 12.18
N ASN C 777 -25.05 17.43 11.95
CA ASN C 777 -24.44 18.46 12.77
C ASN C 777 -25.16 19.79 12.61
N THR C 778 -25.38 20.21 11.36
CA THR C 778 -26.02 21.51 11.16
C THR C 778 -27.44 21.52 11.73
N GLN C 779 -28.19 20.44 11.53
CA GLN C 779 -29.54 20.37 12.09
C GLN C 779 -29.52 20.43 13.62
N GLU C 780 -28.60 19.68 14.24
CA GLU C 780 -28.53 19.69 15.69
C GLU C 780 -28.19 21.08 16.21
N VAL C 781 -27.26 21.76 15.55
CA VAL C 781 -26.87 23.09 16.01
C VAL C 781 -28.02 24.08 15.85
N PHE C 782 -28.72 24.05 14.72
CA PHE C 782 -29.67 25.10 14.41
C PHE C 782 -31.14 24.73 14.62
N ALA C 783 -31.44 23.45 14.86
CA ALA C 783 -32.83 23.02 15.05
C ALA C 783 -33.26 23.01 16.51
N GLN C 784 -32.66 23.85 17.36
CA GLN C 784 -33.00 23.84 18.77
C GLN C 784 -34.42 24.36 19.02
N VAL C 785 -34.91 25.26 18.17
CA VAL C 785 -36.18 25.93 18.39
C VAL C 785 -37.30 25.04 17.86
N LYS C 786 -38.37 24.90 18.66
CA LYS C 786 -39.52 24.09 18.25
C LYS C 786 -40.36 24.81 17.22
N GLN C 787 -40.55 26.12 17.38
CA GLN C 787 -41.40 26.91 16.51
C GLN C 787 -40.63 28.11 15.96
N ILE C 788 -41.19 28.73 14.95
CA ILE C 788 -40.62 29.94 14.35
C ILE C 788 -41.29 31.14 15.00
N TYR C 789 -40.49 31.96 15.69
CA TYR C 789 -40.99 33.11 16.43
C TYR C 789 -40.79 34.37 15.60
N LYS C 790 -41.89 35.07 15.30
CA LYS C 790 -41.80 36.33 14.57
C LYS C 790 -41.49 37.47 15.53
N THR C 791 -40.63 38.38 15.09
CA THR C 791 -40.27 39.52 15.91
C THR C 791 -41.45 40.47 16.03
N PRO C 792 -41.52 41.26 17.11
CA PRO C 792 -42.63 42.20 17.26
C PRO C 792 -42.62 43.19 16.12
N PRO C 793 -43.80 43.60 15.64
CA PRO C 793 -43.85 44.55 14.52
C PRO C 793 -43.18 45.87 14.84
N ILE C 794 -43.30 46.35 16.08
CA ILE C 794 -42.73 47.63 16.50
C ILE C 794 -41.69 47.35 17.57
N LYS C 795 -40.50 47.92 17.39
CA LYS C 795 -39.37 47.68 18.29
C LYS C 795 -39.31 48.81 19.31
N ASP C 796 -39.58 48.48 20.57
CA ASP C 796 -39.42 49.40 21.68
C ASP C 796 -38.31 48.93 22.63
N PHE C 797 -38.47 47.74 23.21
CA PHE C 797 -37.41 47.08 23.97
C PHE C 797 -36.72 48.01 24.97
N GLY C 798 -37.47 48.99 25.48
CA GLY C 798 -36.95 49.87 26.52
C GLY C 798 -35.65 50.56 26.16
N GLY C 799 -35.45 50.85 24.88
CA GLY C 799 -34.28 51.58 24.44
C GLY C 799 -33.13 50.72 23.96
N PHE C 800 -33.33 49.42 23.75
CA PHE C 800 -32.29 48.53 23.26
C PHE C 800 -32.45 48.38 21.75
N ASN C 801 -31.39 48.71 21.00
CA ASN C 801 -31.42 48.69 19.54
C ASN C 801 -30.84 47.36 19.06
N PHE C 802 -31.72 46.52 18.51
CA PHE C 802 -31.32 45.21 17.98
C PHE C 802 -31.29 45.20 16.45
N SER C 803 -31.24 46.36 15.81
CA SER C 803 -31.27 46.41 14.35
C SER C 803 -30.10 45.64 13.75
N GLN C 804 -28.93 45.69 14.40
CA GLN C 804 -27.75 45.05 13.83
C GLN C 804 -27.93 43.55 13.68
N ILE C 805 -28.50 42.90 14.69
CA ILE C 805 -28.62 41.44 14.67
C ILE C 805 -29.94 40.97 14.09
N LEU C 806 -30.99 41.80 14.15
CA LEU C 806 -32.28 41.39 13.64
C LEU C 806 -32.26 41.34 12.11
N PRO C 807 -33.12 40.53 11.51
CA PRO C 807 -33.15 40.43 10.05
C PRO C 807 -33.55 41.76 9.41
N ASP C 808 -33.03 42.00 8.21
CA ASP C 808 -33.30 43.22 7.46
C ASP C 808 -34.15 42.89 6.24
N PRO C 809 -35.46 43.15 6.28
CA PRO C 809 -36.30 42.84 5.11
C PRO C 809 -35.91 43.61 3.87
N SER C 810 -35.29 44.78 4.01
CA SER C 810 -34.98 45.61 2.85
C SER C 810 -34.04 44.89 1.88
N LYS C 811 -33.01 44.24 2.42
CA LYS C 811 -32.04 43.58 1.57
C LYS C 811 -32.67 42.40 0.84
N PRO C 812 -32.20 42.08 -0.38
CA PRO C 812 -32.76 40.92 -1.10
C PRO C 812 -32.84 39.68 -0.21
N SER C 813 -31.70 39.29 0.35
CA SER C 813 -31.69 38.21 1.34
C SER C 813 -32.15 38.74 2.69
N LYS C 814 -32.83 37.88 3.45
CA LYS C 814 -33.41 38.26 4.73
C LYS C 814 -32.44 38.08 5.89
N ARG C 815 -31.14 38.07 5.62
CA ARG C 815 -30.16 37.98 6.70
C ARG C 815 -29.94 39.34 7.33
N SER C 816 -29.38 39.33 8.54
CA SER C 816 -29.24 40.54 9.33
C SER C 816 -28.03 41.36 8.87
N PHE C 817 -27.82 42.49 9.53
CA PHE C 817 -26.71 43.38 9.16
C PHE C 817 -25.36 42.74 9.45
N ILE C 818 -25.30 41.79 10.38
CA ILE C 818 -24.04 41.15 10.73
C ILE C 818 -23.80 39.92 9.86
N GLU C 819 -24.84 39.12 9.61
CA GLU C 819 -24.68 37.89 8.86
C GLU C 819 -24.16 38.17 7.45
N ASP C 820 -24.75 39.16 6.78
CA ASP C 820 -24.29 39.50 5.43
C ASP C 820 -22.84 39.99 5.45
N LEU C 821 -22.44 40.67 6.51
CA LEU C 821 -21.04 41.08 6.64
C LEU C 821 -20.13 39.86 6.70
N LEU C 822 -20.51 38.84 7.47
CA LEU C 822 -19.72 37.62 7.52
C LEU C 822 -19.67 36.94 6.15
N PHE C 823 -20.81 36.88 5.46
CA PHE C 823 -20.84 36.26 4.14
C PHE C 823 -19.90 36.98 3.19
N ASN C 824 -19.92 38.31 3.20
CA ASN C 824 -19.04 39.07 2.32
C ASN C 824 -17.58 38.88 2.70
N LYS C 825 -17.27 38.92 4.00
CA LYS C 825 -15.88 38.78 4.43
C LYS C 825 -15.31 37.42 4.04
N VAL C 826 -16.09 36.35 4.24
CA VAL C 826 -15.62 35.02 3.85
C VAL C 826 -15.81 34.75 2.36
N THR C 827 -16.66 35.52 1.68
CA THR C 827 -16.90 35.35 0.26
C THR C 827 -17.38 33.92 -0.03
N LEU C 849 -12.22 26.94 -9.48
CA LEU C 849 -12.49 26.50 -8.12
C LEU C 849 -12.92 25.04 -8.09
N ILE C 850 -13.45 24.60 -6.95
CA ILE C 850 -13.89 23.22 -6.81
C ILE C 850 -14.99 22.88 -7.80
N CYS C 851 -15.72 23.86 -8.30
CA CYS C 851 -16.80 23.59 -9.24
C CYS C 851 -16.25 22.94 -10.51
N ALA C 852 -15.12 23.43 -11.02
CA ALA C 852 -14.54 22.88 -12.24
C ALA C 852 -13.75 21.60 -12.01
N GLN C 853 -13.46 21.24 -10.76
CA GLN C 853 -12.73 20.01 -10.47
C GLN C 853 -13.56 18.76 -10.67
N LYS C 854 -14.81 18.90 -11.10
CA LYS C 854 -15.75 17.78 -11.20
C LYS C 854 -15.39 16.80 -12.31
N PHE C 855 -14.28 17.04 -13.01
CA PHE C 855 -13.91 16.14 -14.11
C PHE C 855 -13.68 14.72 -13.63
N ASN C 856 -12.95 14.55 -12.54
CA ASN C 856 -12.50 13.22 -12.11
C ASN C 856 -13.49 12.59 -11.12
N GLY C 857 -14.75 12.49 -11.53
CA GLY C 857 -15.74 11.81 -10.74
C GLY C 857 -16.07 12.45 -9.41
N LEU C 858 -15.65 13.68 -9.18
CA LEU C 858 -15.99 14.36 -7.94
C LEU C 858 -17.41 14.90 -7.99
N THR C 859 -18.00 15.04 -6.80
CA THR C 859 -19.35 15.56 -6.68
C THR C 859 -19.47 16.32 -5.37
N VAL C 860 -20.32 17.34 -5.36
CA VAL C 860 -20.54 18.19 -4.19
C VAL C 860 -22.03 18.19 -3.93
N LEU C 861 -22.48 17.32 -3.03
CA LEU C 861 -23.89 17.27 -2.68
C LEU C 861 -24.29 18.52 -1.92
N PRO C 862 -25.37 19.20 -2.31
CA PRO C 862 -25.73 20.44 -1.63
C PRO C 862 -26.19 20.17 -0.21
N PRO C 863 -26.00 21.12 0.71
CA PRO C 863 -26.49 20.92 2.08
C PRO C 863 -28.01 20.83 2.12
N LEU C 864 -28.51 20.03 3.07
CA LEU C 864 -29.95 19.85 3.20
C LEU C 864 -30.63 21.17 3.56
N LEU C 865 -30.03 21.94 4.46
CA LEU C 865 -30.59 23.22 4.87
C LEU C 865 -29.96 24.33 4.06
N THR C 866 -30.78 25.07 3.31
CA THR C 866 -30.30 26.23 2.59
C THR C 866 -29.97 27.36 3.56
N ASP C 867 -29.05 28.25 3.15
CA ASP C 867 -28.67 29.36 4.00
C ASP C 867 -29.88 30.19 4.42
N GLU C 868 -30.89 30.26 3.54
CA GLU C 868 -32.13 30.97 3.91
C GLU C 868 -32.80 30.30 5.10
N MET C 869 -32.81 28.97 5.13
CA MET C 869 -33.45 28.26 6.23
C MET C 869 -32.66 28.43 7.53
N ILE C 870 -31.34 28.43 7.45
CA ILE C 870 -30.53 28.70 8.63
C ILE C 870 -30.78 30.11 9.14
N ALA C 871 -30.90 31.07 8.22
CA ALA C 871 -31.25 32.44 8.61
C ALA C 871 -32.62 32.47 9.29
N GLN C 872 -33.57 31.70 8.78
CA GLN C 872 -34.89 31.63 9.40
C GLN C 872 -34.78 31.10 10.83
N TYR C 873 -33.99 30.04 11.02
CA TYR C 873 -33.82 29.47 12.35
C TYR C 873 -33.18 30.48 13.30
N THR C 874 -32.15 31.18 12.83
CA THR C 874 -31.49 32.17 13.67
C THR C 874 -32.44 33.31 14.02
N SER C 875 -33.23 33.76 13.05
CA SER C 875 -34.22 34.81 13.32
C SER C 875 -35.24 34.35 14.35
N ALA C 876 -35.69 33.11 14.24
CA ALA C 876 -36.63 32.58 15.22
C ALA C 876 -36.02 32.56 16.61
N LEU C 877 -34.76 32.11 16.71
CA LEU C 877 -34.10 32.09 18.01
C LEU C 877 -33.94 33.50 18.58
N LEU C 878 -33.56 34.46 17.72
CA LEU C 878 -33.42 35.84 18.17
C LEU C 878 -34.75 36.39 18.67
N ALA C 879 -35.83 36.15 17.92
CA ALA C 879 -37.14 36.63 18.34
C ALA C 879 -37.55 36.00 19.66
N GLY C 880 -37.32 34.70 19.82
CA GLY C 880 -37.66 34.04 21.07
C GLY C 880 -36.91 34.63 22.24
N THR C 881 -35.59 34.82 22.07
CA THR C 881 -34.80 35.39 23.14
C THR C 881 -35.25 36.81 23.48
N ILE C 882 -35.56 37.61 22.45
CA ILE C 882 -35.94 39.00 22.68
C ILE C 882 -37.27 39.08 23.42
N THR C 883 -38.26 38.31 22.97
CA THR C 883 -39.63 38.47 23.46
C THR C 883 -39.93 37.66 24.70
N SER C 884 -39.25 36.52 24.86
CA SER C 884 -39.44 35.59 26.00
C SER C 884 -38.17 35.53 26.84
N GLY C 885 -37.02 35.29 26.21
CA GLY C 885 -35.72 35.17 26.92
C GLY C 885 -35.28 33.72 27.04
N TRP C 886 -35.55 33.08 28.18
CA TRP C 886 -35.18 31.66 28.43
C TRP C 886 -36.46 30.83 28.62
N THR C 887 -37.62 31.48 28.76
CA THR C 887 -38.92 30.80 28.99
C THR C 887 -39.24 29.89 27.80
N PHE C 888 -39.00 30.36 26.57
CA PHE C 888 -39.36 29.60 25.37
C PHE C 888 -38.47 28.38 25.18
N GLY C 889 -37.32 28.31 25.84
CA GLY C 889 -36.42 27.18 25.72
C GLY C 889 -36.73 26.01 26.63
N ALA C 890 -37.78 26.11 27.45
CA ALA C 890 -38.14 25.02 28.36
C ALA C 890 -39.57 24.55 28.10
N GLY C 891 -40.43 25.47 27.67
CA GLY C 891 -41.81 25.14 27.39
C GLY C 891 -42.49 26.19 26.54
N ALA C 892 -43.74 26.50 26.86
CA ALA C 892 -44.47 27.53 26.12
C ALA C 892 -43.78 28.87 26.26
N ALA C 893 -43.69 29.60 25.15
CA ALA C 893 -43.02 30.90 25.13
C ALA C 893 -43.81 31.88 26.00
N LEU C 894 -43.18 32.41 27.03
CA LEU C 894 -43.81 33.35 27.95
C LEU C 894 -43.33 34.77 27.61
N GLN C 895 -44.27 35.63 27.25
CA GLN C 895 -43.93 37.01 26.95
C GLN C 895 -43.46 37.74 28.21
N ILE C 896 -42.59 38.71 28.01
CA ILE C 896 -42.02 39.48 29.12
C ILE C 896 -41.33 40.72 28.57
N PRO C 897 -41.48 41.89 29.19
CA PRO C 897 -40.75 43.07 28.73
C PRO C 897 -39.25 42.84 28.84
N PHE C 898 -38.51 43.38 27.88
CA PHE C 898 -37.06 43.12 27.83
C PHE C 898 -36.35 43.70 29.04
N ALA C 899 -36.80 44.87 29.51
CA ALA C 899 -36.16 45.47 30.68
C ALA C 899 -36.26 44.56 31.89
N MET C 900 -37.44 43.97 32.09
CA MET C 900 -37.61 43.03 33.20
C MET C 900 -36.77 41.79 33.02
N GLN C 901 -36.60 41.32 31.78
CA GLN C 901 -35.74 40.17 31.51
C GLN C 901 -34.29 40.48 31.89
N MET C 902 -33.81 41.67 31.50
CA MET C 902 -32.44 42.05 31.84
C MET C 902 -32.28 42.20 33.35
N ALA C 903 -33.28 42.76 34.03
CA ALA C 903 -33.23 42.82 35.49
C ALA C 903 -33.18 41.43 36.09
N TYR C 904 -33.96 40.49 35.54
CA TYR C 904 -33.92 39.12 36.01
C TYR C 904 -32.53 38.53 35.87
N ARG C 905 -31.88 38.77 34.72
CA ARG C 905 -30.55 38.23 34.50
C ARG C 905 -29.54 38.84 35.46
N PHE C 906 -29.62 40.15 35.70
CA PHE C 906 -28.74 40.75 36.72
C PHE C 906 -28.97 40.12 38.09
N ASN C 907 -30.24 39.95 38.48
CA ASN C 907 -30.52 39.25 39.72
C ASN C 907 -29.91 37.85 39.71
N GLY C 908 -29.85 37.23 38.52
CA GLY C 908 -29.22 35.93 38.38
C GLY C 908 -27.72 35.94 38.58
N ILE C 909 -27.04 37.02 38.19
CA ILE C 909 -25.60 37.13 38.38
C ILE C 909 -25.25 37.80 39.72
N GLY C 910 -26.23 37.94 40.61
CA GLY C 910 -25.97 38.47 41.93
C GLY C 910 -26.05 39.97 42.08
N VAL C 911 -26.66 40.66 41.12
CA VAL C 911 -26.83 42.12 41.18
C VAL C 911 -28.32 42.42 41.22
N THR C 912 -28.73 43.25 42.17
CA THR C 912 -30.14 43.50 42.41
C THR C 912 -30.76 44.25 41.23
N GLN C 913 -32.08 44.08 41.07
CA GLN C 913 -32.78 44.67 39.93
C GLN C 913 -32.72 46.18 39.95
N ASN C 914 -32.79 46.78 41.14
CA ASN C 914 -32.78 48.24 41.23
C ASN C 914 -31.54 48.83 40.58
N VAL C 915 -30.44 48.08 40.56
CA VAL C 915 -29.22 48.56 39.91
C VAL C 915 -29.49 48.80 38.43
N LEU C 916 -30.15 47.84 37.77
CA LEU C 916 -30.55 48.05 36.39
C LEU C 916 -31.57 49.17 36.26
N TYR C 917 -32.64 49.11 37.05
CA TYR C 917 -33.77 50.00 36.83
C TYR C 917 -33.37 51.46 37.04
N GLU C 918 -32.42 51.72 37.94
CA GLU C 918 -31.92 53.08 38.10
C GLU C 918 -30.98 53.47 36.96
N ASN C 919 -30.20 52.51 36.46
CA ASN C 919 -29.24 52.73 35.38
C ASN C 919 -29.71 52.12 34.07
N GLN C 920 -31.01 52.14 33.81
CA GLN C 920 -31.53 51.51 32.60
C GLN C 920 -30.99 52.19 31.34
N LYS C 921 -31.06 53.52 31.28
CA LYS C 921 -30.66 54.23 30.08
C LYS C 921 -29.17 54.05 29.80
N LEU C 922 -28.34 54.13 30.84
CA LEU C 922 -26.90 53.97 30.64
C LEU C 922 -26.57 52.57 30.13
N ILE C 923 -27.22 51.56 30.69
CA ILE C 923 -26.98 50.18 30.26
C ILE C 923 -27.42 50.00 28.81
N ALA C 924 -28.57 50.57 28.45
CA ALA C 924 -29.03 50.49 27.07
C ALA C 924 -28.01 51.13 26.13
N ASN C 925 -27.51 52.31 26.50
CA ASN C 925 -26.52 52.98 25.66
C ASN C 925 -25.26 52.15 25.52
N GLN C 926 -24.78 51.57 26.62
CA GLN C 926 -23.55 50.77 26.57
C GLN C 926 -23.73 49.55 25.67
N PHE C 927 -24.85 48.84 25.84
CA PHE C 927 -25.10 47.65 25.03
C PHE C 927 -25.23 48.02 23.55
N ASN C 928 -25.93 49.11 23.26
CA ASN C 928 -26.07 49.54 21.87
C ASN C 928 -24.71 49.89 21.27
N SER C 929 -23.88 50.61 22.03
CA SER C 929 -22.56 50.96 21.53
C SER C 929 -21.71 49.73 21.27
N ALA C 930 -21.75 48.76 22.18
CA ALA C 930 -20.94 47.55 22.00
C ALA C 930 -21.40 46.76 20.79
N ILE C 931 -22.71 46.60 20.63
CA ILE C 931 -23.22 45.80 19.51
C ILE C 931 -23.01 46.55 18.20
N GLY C 932 -22.94 47.88 18.23
CA GLY C 932 -22.60 48.62 17.03
C GLY C 932 -21.12 48.50 16.68
N LYS C 933 -20.25 48.52 17.69
CA LYS C 933 -18.82 48.46 17.44
C LYS C 933 -18.35 47.06 17.05
N ILE C 934 -19.10 46.01 17.42
CA ILE C 934 -18.67 44.67 17.03
C ILE C 934 -18.67 44.54 15.52
N GLN C 935 -19.64 45.17 14.84
CA GLN C 935 -19.69 45.12 13.39
C GLN C 935 -18.45 45.76 12.78
N ASP C 936 -18.04 46.92 13.30
CA ASP C 936 -16.84 47.59 12.79
C ASP C 936 -15.61 46.74 13.08
N SER C 937 -15.55 46.11 14.26
CA SER C 937 -14.42 45.24 14.57
C SER C 937 -14.31 44.10 13.58
N LEU C 938 -15.44 43.47 13.25
CA LEU C 938 -15.42 42.39 12.27
C LEU C 938 -15.03 42.90 10.89
N SER C 939 -15.57 44.05 10.48
CA SER C 939 -15.34 44.55 9.13
C SER C 939 -13.88 44.96 8.93
N SER C 940 -13.32 45.72 9.87
CA SER C 940 -11.97 46.24 9.73
C SER C 940 -10.90 45.17 9.83
N THR C 941 -11.24 43.98 10.34
CA THR C 941 -10.29 42.89 10.48
C THR C 941 -10.67 41.75 9.53
N ALA C 942 -9.73 41.34 8.69
CA ALA C 942 -9.97 40.28 7.73
C ALA C 942 -9.63 38.89 8.26
N SER C 943 -8.85 38.80 9.34
CA SER C 943 -8.45 37.54 9.92
C SER C 943 -9.35 37.11 11.08
N ALA C 944 -10.42 37.86 11.34
CA ALA C 944 -11.28 37.54 12.48
C ALA C 944 -11.91 36.16 12.34
N LEU C 945 -12.41 35.83 11.14
CA LEU C 945 -13.09 34.55 10.96
C LEU C 945 -12.15 33.38 11.18
N GLY C 946 -10.97 33.42 10.55
CA GLY C 946 -9.94 32.44 10.83
C GLY C 946 -10.35 31.00 10.58
N LYS C 947 -10.53 30.25 11.67
CA LYS C 947 -10.77 28.80 11.58
C LYS C 947 -11.92 28.48 10.62
N LEU C 948 -12.97 29.30 10.65
CA LEU C 948 -14.15 29.00 9.83
C LEU C 948 -13.79 28.93 8.35
N GLN C 949 -12.81 29.71 7.92
CA GLN C 949 -12.39 29.69 6.52
C GLN C 949 -11.19 28.77 6.32
N ASP C 950 -10.41 28.56 7.38
CA ASP C 950 -9.28 27.64 7.31
C ASP C 950 -9.76 26.21 7.07
N VAL C 951 -10.92 25.85 7.61
CA VAL C 951 -11.47 24.52 7.35
C VAL C 951 -11.74 24.34 5.86
N VAL C 952 -12.34 25.36 5.24
CA VAL C 952 -12.62 25.31 3.80
C VAL C 952 -11.31 25.19 3.03
N ASN C 953 -10.30 25.96 3.45
CA ASN C 953 -9.00 25.88 2.79
C ASN C 953 -8.42 24.47 2.88
N GLN C 954 -8.50 23.86 4.06
CA GLN C 954 -7.95 22.52 4.24
C GLN C 954 -8.65 21.52 3.34
N ASN C 955 -9.99 21.58 3.30
CA ASN C 955 -10.73 20.67 2.44
C ASN C 955 -10.35 20.86 0.98
N ALA C 956 -10.24 22.12 0.55
CA ALA C 956 -9.89 22.40 -0.83
C ALA C 956 -8.50 21.87 -1.17
N GLN C 957 -7.55 22.06 -0.25
CA GLN C 957 -6.19 21.57 -0.48
C GLN C 957 -6.18 20.05 -0.60
N ALA C 958 -6.90 19.37 0.28
CA ALA C 958 -6.94 17.91 0.22
C ALA C 958 -7.52 17.43 -1.10
N LEU C 959 -8.63 18.04 -1.52
CA LEU C 959 -9.26 17.64 -2.78
C LEU C 959 -8.34 17.91 -3.97
N ASN C 960 -7.67 19.07 -3.95
CA ASN C 960 -6.76 19.42 -5.04
C ASN C 960 -5.60 18.43 -5.12
N THR C 961 -5.05 18.04 -3.97
CA THR C 961 -3.97 17.06 -3.98
C THR C 961 -4.46 15.72 -4.50
N LEU C 962 -5.67 15.31 -4.10
CA LEU C 962 -6.23 14.07 -4.64
C LEU C 962 -6.32 14.14 -6.15
N VAL C 963 -6.78 15.27 -6.69
CA VAL C 963 -6.88 15.41 -8.13
C VAL C 963 -5.50 15.34 -8.76
N LYS C 964 -4.51 16.02 -8.16
CA LYS C 964 -3.16 16.02 -8.72
C LYS C 964 -2.55 14.62 -8.73
N GLN C 965 -2.95 13.76 -7.79
CA GLN C 965 -2.37 12.43 -7.72
C GLN C 965 -2.53 11.67 -9.03
N LEU C 966 -3.56 12.00 -9.82
CA LEU C 966 -3.78 11.29 -11.08
C LEU C 966 -2.63 11.46 -12.07
N SER C 967 -1.87 12.55 -11.97
CA SER C 967 -0.81 12.82 -12.92
C SER C 967 0.46 12.02 -12.66
N SER C 968 0.58 11.39 -11.49
CA SER C 968 1.77 10.63 -11.16
C SER C 968 1.76 9.28 -11.86
N ASN C 969 2.96 8.76 -12.12
CA ASN C 969 3.11 7.46 -12.78
C ASN C 969 3.08 6.30 -11.80
N PHE C 970 3.53 6.51 -10.56
CA PHE C 970 3.63 5.43 -9.58
C PHE C 970 4.48 4.27 -10.11
N GLY C 971 5.53 4.60 -10.86
CA GLY C 971 6.39 3.61 -11.46
C GLY C 971 5.94 3.09 -12.80
N ALA C 972 4.76 3.51 -13.28
CA ALA C 972 4.27 3.08 -14.57
C ALA C 972 5.01 3.81 -15.69
N ILE C 973 4.88 3.29 -16.90
CA ILE C 973 5.54 3.91 -18.05
C ILE C 973 4.97 5.31 -18.31
N SER C 974 3.67 5.48 -18.08
CA SER C 974 3.04 6.78 -18.27
C SER C 974 1.88 6.91 -17.30
N SER C 975 1.50 8.16 -17.02
CA SER C 975 0.38 8.44 -16.13
C SER C 975 -0.97 8.37 -16.84
N VAL C 976 -0.99 8.29 -18.17
CA VAL C 976 -2.21 8.25 -18.94
C VAL C 976 -2.52 6.79 -19.26
N LEU C 977 -3.72 6.34 -18.90
CA LEU C 977 -4.08 4.95 -19.10
C LEU C 977 -4.14 4.59 -20.57
N ASN C 978 -4.66 5.51 -21.41
CA ASN C 978 -4.77 5.23 -22.83
C ASN C 978 -3.41 5.00 -23.46
N ASP C 979 -2.40 5.76 -23.02
CA ASP C 979 -1.05 5.54 -23.53
C ASP C 979 -0.55 4.15 -23.18
N ILE C 980 -0.79 3.70 -21.94
CA ILE C 980 -0.38 2.36 -21.55
C ILE C 980 -1.09 1.32 -22.41
N LEU C 981 -2.38 1.52 -22.65
CA LEU C 981 -3.14 0.58 -23.47
C LEU C 981 -2.59 0.52 -24.89
N SER C 982 -2.22 1.67 -25.45
CA SER C 982 -1.82 1.74 -26.86
C SER C 982 -0.40 1.22 -27.07
N ARG C 983 0.56 1.77 -26.32
CA ARG C 983 1.97 1.44 -26.58
C ARG C 983 2.24 -0.05 -26.40
N LEU C 984 1.72 -0.64 -25.32
CA LEU C 984 2.02 -2.02 -24.96
C LEU C 984 0.78 -2.88 -25.11
N ASP C 985 1.01 -4.16 -25.41
CA ASP C 985 -0.08 -5.12 -25.54
C ASP C 985 -0.65 -5.45 -24.16
N PRO C 986 -1.86 -5.99 -24.11
CA PRO C 986 -2.52 -6.25 -22.82
C PRO C 986 -1.63 -7.03 -21.87
N PRO C 987 -1.02 -8.14 -22.30
CA PRO C 987 -0.25 -8.94 -21.34
C PRO C 987 0.87 -8.17 -20.65
N GLU C 988 1.53 -7.25 -21.36
CA GLU C 988 2.57 -6.43 -20.74
C GLU C 988 2.03 -5.14 -20.14
N ALA C 989 0.87 -4.65 -20.60
CA ALA C 989 0.27 -3.46 -20.04
C ALA C 989 -0.43 -3.74 -18.71
N GLU C 990 -0.73 -5.01 -18.41
CA GLU C 990 -1.45 -5.33 -17.18
C GLU C 990 -0.64 -4.95 -15.95
N VAL C 991 0.69 -5.18 -15.98
CA VAL C 991 1.51 -4.86 -14.81
C VAL C 991 1.52 -3.35 -14.58
N GLN C 992 1.68 -2.57 -15.64
CA GLN C 992 1.68 -1.11 -15.50
C GLN C 992 0.32 -0.64 -14.96
N ILE C 993 -0.77 -1.20 -15.49
CA ILE C 993 -2.09 -0.81 -15.02
C ILE C 993 -2.27 -1.18 -13.55
N ASP C 994 -1.71 -2.32 -13.14
CA ASP C 994 -1.80 -2.72 -11.74
C ASP C 994 -1.05 -1.75 -10.84
N ARG C 995 0.15 -1.34 -11.25
CA ARG C 995 0.91 -0.37 -10.47
C ARG C 995 0.12 0.93 -10.33
N LEU C 996 -0.41 1.43 -11.45
CA LEU C 996 -1.15 2.68 -11.43
C LEU C 996 -2.40 2.56 -10.57
N ILE C 997 -3.11 1.43 -10.66
CA ILE C 997 -4.31 1.21 -9.86
C ILE C 997 -3.97 1.20 -8.39
N THR C 998 -2.89 0.51 -8.01
CA THR C 998 -2.49 0.47 -6.61
C THR C 998 -2.19 1.88 -6.10
N GLY C 999 -1.43 2.66 -6.88
CA GLY C 999 -1.11 4.01 -6.46
C GLY C 999 -2.35 4.86 -6.25
N ARG C 1000 -3.24 4.86 -7.25
CA ARG C 1000 -4.45 5.68 -7.16
C ARG C 1000 -5.34 5.23 -6.00
N LEU C 1001 -5.46 3.91 -5.81
CA LEU C 1001 -6.30 3.40 -4.73
C LEU C 1001 -5.75 3.81 -3.37
N GLN C 1002 -4.43 3.72 -3.19
CA GLN C 1002 -3.86 4.10 -1.89
C GLN C 1002 -4.01 5.60 -1.67
N SER C 1003 -3.88 6.41 -2.73
CA SER C 1003 -4.10 7.84 -2.59
C SER C 1003 -5.54 8.12 -2.16
N LEU C 1004 -6.50 7.45 -2.78
CA LEU C 1004 -7.89 7.65 -2.41
C LEU C 1004 -8.15 7.21 -0.97
N GLN C 1005 -7.54 6.12 -0.55
CA GLN C 1005 -7.69 5.67 0.83
C GLN C 1005 -7.15 6.71 1.81
N THR C 1006 -5.98 7.28 1.50
CA THR C 1006 -5.43 8.31 2.38
C THR C 1006 -6.36 9.52 2.43
N TYR C 1007 -6.90 9.93 1.28
CA TYR C 1007 -7.83 11.05 1.28
C TYR C 1007 -9.05 10.75 2.14
N VAL C 1008 -9.59 9.53 2.03
CA VAL C 1008 -10.77 9.16 2.81
C VAL C 1008 -10.45 9.20 4.30
N THR C 1009 -9.28 8.70 4.69
CA THR C 1009 -8.89 8.73 6.10
C THR C 1009 -8.78 10.16 6.61
N GLN C 1010 -8.15 11.04 5.82
CA GLN C 1010 -8.05 12.45 6.23
C GLN C 1010 -9.44 13.07 6.37
N GLN C 1011 -10.33 12.75 5.44
CA GLN C 1011 -11.70 13.26 5.53
C GLN C 1011 -12.39 12.77 6.79
N LEU C 1012 -12.16 11.51 7.16
CA LEU C 1012 -12.76 10.98 8.39
C LEU C 1012 -12.23 11.72 9.62
N ILE C 1013 -10.93 11.97 9.66
CA ILE C 1013 -10.35 12.67 10.82
C ILE C 1013 -10.94 14.07 10.92
N ARG C 1014 -10.99 14.79 9.79
CA ARG C 1014 -11.56 16.13 9.82
C ARG C 1014 -13.04 16.10 10.17
N ALA C 1015 -13.76 15.05 9.74
CA ALA C 1015 -15.16 14.92 10.11
C ALA C 1015 -15.31 14.75 11.61
N ALA C 1016 -14.43 13.97 12.24
CA ALA C 1016 -14.48 13.84 13.68
C ALA C 1016 -14.21 15.17 14.37
N GLU C 1017 -13.21 15.91 13.88
CA GLU C 1017 -12.91 17.21 14.47
C GLU C 1017 -14.10 18.15 14.38
N ILE C 1018 -14.71 18.25 13.20
CA ILE C 1018 -15.86 19.13 13.03
C ILE C 1018 -17.07 18.61 13.78
N ARG C 1019 -17.17 17.30 14.00
CA ARG C 1019 -18.24 16.77 14.83
C ARG C 1019 -18.09 17.25 16.27
N ALA C 1020 -16.87 17.22 16.80
CA ALA C 1020 -16.63 17.77 18.13
C ALA C 1020 -16.96 19.26 18.18
N SER C 1021 -16.55 20.00 17.14
CA SER C 1021 -16.86 21.43 17.10
C SER C 1021 -18.36 21.67 17.07
N ALA C 1022 -19.10 20.87 16.29
CA ALA C 1022 -20.55 21.03 16.20
C ALA C 1022 -21.21 20.68 17.52
N ASN C 1023 -20.71 19.66 18.23
CA ASN C 1023 -21.25 19.37 19.55
C ASN C 1023 -21.03 20.53 20.50
N LEU C 1024 -19.85 21.15 20.46
CA LEU C 1024 -19.60 22.32 21.29
C LEU C 1024 -20.55 23.46 20.94
N ALA C 1025 -20.76 23.69 19.64
CA ALA C 1025 -21.67 24.76 19.23
C ALA C 1025 -23.09 24.49 19.68
N ALA C 1026 -23.54 23.23 19.57
CA ALA C 1026 -24.88 22.88 20.02
C ALA C 1026 -25.03 23.09 21.52
N THR C 1027 -24.01 22.70 22.29
CA THR C 1027 -24.06 22.93 23.73
C THR C 1027 -24.14 24.43 24.04
N LYS C 1028 -23.34 25.24 23.34
CA LYS C 1028 -23.38 26.68 23.55
C LYS C 1028 -24.75 27.24 23.24
N MET C 1029 -25.35 26.81 22.13
CA MET C 1029 -26.68 27.29 21.78
C MET C 1029 -27.70 26.87 22.83
N SER C 1030 -27.61 25.64 23.31
CA SER C 1030 -28.57 25.15 24.30
C SER C 1030 -28.45 25.92 25.61
N GLU C 1031 -27.23 26.24 26.03
CA GLU C 1031 -27.01 26.89 27.32
C GLU C 1031 -26.88 28.40 27.20
N CYS C 1032 -25.96 28.89 26.37
CA CYS C 1032 -25.69 30.32 26.32
C CYS C 1032 -26.90 31.10 25.80
N VAL C 1033 -27.57 30.58 24.78
CA VAL C 1033 -28.63 31.31 24.10
C VAL C 1033 -29.98 31.07 24.77
N LEU C 1034 -30.39 29.80 24.84
CA LEU C 1034 -31.71 29.47 25.38
C LEU C 1034 -31.80 29.71 26.88
N GLY C 1035 -30.69 29.98 27.56
CA GLY C 1035 -30.73 30.26 28.97
C GLY C 1035 -29.48 31.01 29.41
N GLN C 1036 -29.39 31.22 30.71
CA GLN C 1036 -28.24 31.90 31.32
C GLN C 1036 -27.38 30.85 32.01
N SER C 1037 -26.10 30.83 31.67
CA SER C 1037 -25.16 29.81 32.16
C SER C 1037 -24.25 30.42 33.21
N LYS C 1038 -24.16 29.75 34.36
CA LYS C 1038 -23.25 30.18 35.42
C LYS C 1038 -21.82 29.68 35.21
N ARG C 1039 -21.60 28.81 34.22
CA ARG C 1039 -20.26 28.31 33.95
C ARG C 1039 -19.33 29.47 33.61
N VAL C 1040 -18.15 29.46 34.21
CA VAL C 1040 -17.21 30.58 34.09
C VAL C 1040 -16.46 30.48 32.78
N ASP C 1041 -16.35 31.61 32.08
CA ASP C 1041 -15.56 31.70 30.85
C ASP C 1041 -16.07 30.76 29.76
N PHE C 1042 -17.32 30.33 29.86
CA PHE C 1042 -17.91 29.46 28.85
C PHE C 1042 -18.66 30.27 27.80
N CYS C 1043 -19.63 31.07 28.22
CA CYS C 1043 -20.38 31.95 27.31
C CYS C 1043 -19.77 33.35 27.33
N GLY C 1044 -18.47 33.42 27.00
CA GLY C 1044 -17.78 34.68 26.94
C GLY C 1044 -17.07 35.03 28.24
N LYS C 1045 -16.33 36.13 28.18
CA LYS C 1045 -15.56 36.61 29.33
C LYS C 1045 -16.44 37.49 30.22
N GLY C 1046 -16.34 37.28 31.52
CA GLY C 1046 -17.14 38.01 32.48
C GLY C 1046 -18.31 37.20 33.01
N TYR C 1047 -19.29 37.93 33.54
CA TYR C 1047 -20.51 37.31 34.04
C TYR C 1047 -21.54 37.25 32.91
N HIS C 1048 -21.86 36.05 32.46
CA HIS C 1048 -22.72 35.88 31.29
C HIS C 1048 -24.12 36.42 31.56
N LEU C 1049 -24.69 37.06 30.55
CA LEU C 1049 -26.05 37.57 30.59
C LEU C 1049 -26.96 36.95 29.54
N MET C 1050 -26.51 36.88 28.29
CA MET C 1050 -27.28 36.27 27.21
C MET C 1050 -26.36 36.21 25.99
N SER C 1051 -26.83 35.52 24.96
CA SER C 1051 -26.09 35.38 23.71
C SER C 1051 -27.05 35.51 22.54
N PHE C 1052 -26.52 35.94 21.41
CA PHE C 1052 -27.28 36.13 20.18
C PHE C 1052 -26.63 35.36 19.05
N PRO C 1053 -27.20 34.24 18.62
CA PRO C 1053 -26.57 33.47 17.53
C PRO C 1053 -26.66 34.19 16.20
N GLN C 1054 -25.68 33.93 15.34
CA GLN C 1054 -25.64 34.48 14.00
C GLN C 1054 -25.11 33.41 13.05
N SER C 1055 -25.77 33.27 11.90
CA SER C 1055 -25.39 32.26 10.94
C SER C 1055 -24.15 32.68 10.16
N ALA C 1056 -23.44 31.68 9.65
CA ALA C 1056 -22.27 31.90 8.81
C ALA C 1056 -22.06 30.66 7.96
N PRO C 1057 -21.42 30.79 6.80
CA PRO C 1057 -21.23 29.62 5.93
C PRO C 1057 -20.44 28.51 6.64
N HIS C 1058 -21.10 27.39 6.89
CA HIS C 1058 -20.47 26.25 7.55
C HIS C 1058 -19.93 26.66 8.92
N GLY C 1059 -20.68 27.47 9.64
CA GLY C 1059 -20.26 27.90 10.96
C GLY C 1059 -21.34 28.74 11.61
N VAL C 1060 -21.10 29.03 12.90
CA VAL C 1060 -22.02 29.84 13.71
C VAL C 1060 -21.18 30.82 14.53
N VAL C 1061 -21.75 32.00 14.74
CA VAL C 1061 -21.10 33.07 15.50
C VAL C 1061 -22.02 33.45 16.66
N PHE C 1062 -21.47 33.47 17.86
CA PHE C 1062 -22.22 33.83 19.06
C PHE C 1062 -21.78 35.19 19.57
N LEU C 1063 -22.75 36.04 19.89
CA LEU C 1063 -22.48 37.37 20.45
C LEU C 1063 -22.75 37.31 21.95
N HIS C 1064 -21.74 36.87 22.70
CA HIS C 1064 -21.88 36.77 24.15
C HIS C 1064 -21.94 38.17 24.77
N VAL C 1065 -22.91 38.38 25.64
CA VAL C 1065 -23.07 39.63 26.38
C VAL C 1065 -22.77 39.34 27.85
N THR C 1066 -21.85 40.09 28.43
CA THR C 1066 -21.38 39.81 29.77
C THR C 1066 -21.31 41.11 30.58
N TYR C 1067 -21.39 40.94 31.90
CA TYR C 1067 -21.31 42.05 32.85
C TYR C 1067 -19.94 42.03 33.52
N VAL C 1068 -19.25 43.17 33.49
CA VAL C 1068 -17.88 43.28 33.98
C VAL C 1068 -17.79 44.46 34.93
N PRO C 1069 -17.43 44.27 36.20
CA PRO C 1069 -17.18 45.42 37.08
C PRO C 1069 -16.04 46.27 36.54
N ALA C 1070 -16.15 47.59 36.74
CA ALA C 1070 -15.23 48.54 36.13
C ALA C 1070 -14.37 49.29 37.15
N GLN C 1071 -14.98 49.98 38.11
CA GLN C 1071 -14.28 50.90 38.99
C GLN C 1071 -14.31 50.38 40.42
N GLU C 1072 -13.14 50.22 41.02
CA GLU C 1072 -12.99 49.64 42.35
C GLU C 1072 -12.74 50.72 43.39
N LYS C 1073 -12.83 50.30 44.66
CA LYS C 1073 -12.56 51.19 45.77
C LYS C 1073 -12.17 50.37 46.99
N ASN C 1074 -11.22 50.88 47.78
CA ASN C 1074 -10.79 50.18 48.98
C ASN C 1074 -11.79 50.41 50.11
N PHE C 1075 -11.95 49.37 50.94
CA PHE C 1075 -12.79 49.45 52.12
C PHE C 1075 -12.25 48.51 53.17
N THR C 1076 -12.58 48.78 54.44
CA THR C 1076 -12.21 47.94 55.56
C THR C 1076 -13.41 47.10 55.97
N THR C 1077 -13.16 45.82 56.29
CA THR C 1077 -14.23 44.87 56.51
C THR C 1077 -13.95 44.05 57.76
N ALA C 1078 -15.03 43.51 58.32
CA ALA C 1078 -14.96 42.56 59.42
C ALA C 1078 -15.92 41.41 59.15
N PRO C 1079 -15.56 40.18 59.53
CA PRO C 1079 -16.44 39.04 59.25
C PRO C 1079 -17.79 39.13 59.94
N ALA C 1080 -17.89 39.87 61.04
CA ALA C 1080 -19.14 39.98 61.78
C ALA C 1080 -19.13 41.29 62.56
N ILE C 1081 -20.20 41.53 63.32
CA ILE C 1081 -20.35 42.75 64.10
C ILE C 1081 -20.95 42.39 65.45
N CYS C 1082 -20.58 43.14 66.48
CA CYS C 1082 -21.06 42.93 67.84
C CYS C 1082 -21.92 44.10 68.26
N HIS C 1083 -23.14 43.82 68.73
CA HIS C 1083 -24.04 44.83 69.25
C HIS C 1083 -24.31 44.65 70.74
N ASP C 1084 -24.77 43.48 71.15
CA ASP C 1084 -25.03 43.15 72.55
C ASP C 1084 -24.31 41.87 72.94
N GLY C 1085 -23.07 41.71 72.45
CA GLY C 1085 -22.32 40.49 72.66
C GLY C 1085 -22.67 39.38 71.71
N LYS C 1086 -23.59 39.60 70.76
CA LYS C 1086 -24.00 38.61 69.78
C LYS C 1086 -23.37 38.95 68.43
N ALA C 1087 -22.85 37.91 67.77
CA ALA C 1087 -22.22 38.09 66.46
C ALA C 1087 -23.29 38.20 65.38
N HIS C 1088 -23.19 39.23 64.57
CA HIS C 1088 -24.14 39.49 63.49
C HIS C 1088 -23.43 39.32 62.15
N PHE C 1089 -23.97 38.45 61.29
CA PHE C 1089 -23.38 38.14 59.99
C PHE C 1089 -24.29 38.60 58.87
N PRO C 1090 -23.74 39.17 57.79
CA PRO C 1090 -24.61 39.71 56.74
C PRO C 1090 -25.49 38.63 56.14
N ARG C 1091 -26.75 39.01 55.87
CA ARG C 1091 -27.71 38.04 55.36
C ARG C 1091 -27.33 37.57 53.96
N GLU C 1092 -27.06 38.51 53.04
CA GLU C 1092 -26.59 38.15 51.72
C GLU C 1092 -25.51 39.11 51.20
N GLY C 1093 -25.05 40.06 52.01
CA GLY C 1093 -24.09 41.04 51.53
C GLY C 1093 -22.77 40.97 52.27
N VAL C 1094 -22.04 42.09 52.29
CA VAL C 1094 -20.72 42.18 52.91
C VAL C 1094 -20.62 43.49 53.67
N PHE C 1095 -20.02 43.43 54.86
CA PHE C 1095 -19.74 44.63 55.60
C PHE C 1095 -18.61 45.41 54.93
N VAL C 1096 -18.67 46.74 55.06
CA VAL C 1096 -17.64 47.61 54.52
C VAL C 1096 -17.51 48.81 55.44
N SER C 1097 -16.45 49.60 55.25
CA SER C 1097 -16.20 50.78 56.06
C SER C 1097 -15.44 51.80 55.24
N ASN C 1098 -15.89 53.05 55.30
CA ASN C 1098 -15.14 54.18 54.77
C ASN C 1098 -14.37 54.91 55.87
N GLY C 1099 -14.25 54.30 57.03
CA GLY C 1099 -13.62 54.93 58.19
C GLY C 1099 -14.60 55.62 59.10
N THR C 1100 -15.53 56.38 58.52
CA THR C 1100 -16.49 57.13 59.34
C THR C 1100 -17.55 56.22 59.95
N HIS C 1101 -18.09 55.29 59.16
CA HIS C 1101 -19.19 54.45 59.62
C HIS C 1101 -19.03 53.06 59.03
N TRP C 1102 -20.08 52.24 59.18
CA TRP C 1102 -20.12 50.88 58.65
C TRP C 1102 -21.40 50.71 57.83
N PHE C 1103 -21.32 49.83 56.83
CA PHE C 1103 -22.46 49.58 55.96
C PHE C 1103 -22.39 48.15 55.44
N VAL C 1104 -23.52 47.68 54.90
CA VAL C 1104 -23.61 46.40 54.21
C VAL C 1104 -23.91 46.70 52.74
N THR C 1105 -23.21 45.99 51.85
CA THR C 1105 -23.32 46.24 50.42
C THR C 1105 -23.28 44.92 49.67
N GLN C 1106 -23.69 44.97 48.41
CA GLN C 1106 -23.63 43.79 47.54
C GLN C 1106 -22.19 43.47 47.20
N ARG C 1107 -21.93 42.18 46.96
CA ARG C 1107 -20.57 41.74 46.65
C ARG C 1107 -20.07 42.36 45.35
N ASN C 1108 -20.93 42.42 44.33
CA ASN C 1108 -20.53 42.82 42.99
C ASN C 1108 -20.89 44.27 42.66
N PHE C 1109 -21.35 45.04 43.65
CA PHE C 1109 -21.68 46.43 43.40
C PHE C 1109 -21.70 47.18 44.73
N TYR C 1110 -21.29 48.45 44.70
CA TYR C 1110 -21.25 49.28 45.90
C TYR C 1110 -22.62 49.91 46.11
N GLU C 1111 -23.40 49.32 47.02
CA GLU C 1111 -24.72 49.83 47.38
C GLU C 1111 -24.80 49.91 48.90
N PRO C 1112 -24.07 50.84 49.52
CA PRO C 1112 -24.05 50.89 50.98
C PRO C 1112 -25.43 51.14 51.57
N GLN C 1113 -25.69 50.49 52.71
CA GLN C 1113 -26.95 50.65 53.41
C GLN C 1113 -26.69 50.54 54.90
N ILE C 1114 -27.59 51.15 55.69
CA ILE C 1114 -27.46 51.09 57.14
C ILE C 1114 -27.65 49.66 57.61
N ILE C 1115 -26.82 49.26 58.58
CA ILE C 1115 -26.90 47.90 59.12
C ILE C 1115 -28.14 47.80 60.01
N THR C 1116 -28.95 46.77 59.76
CA THR C 1116 -30.18 46.57 60.51
C THR C 1116 -30.45 45.08 60.63
N THR C 1117 -31.35 44.73 61.55
CA THR C 1117 -31.66 43.34 61.80
C THR C 1117 -32.20 42.64 60.55
N ASP C 1118 -32.95 43.36 59.72
CA ASP C 1118 -33.49 42.75 58.50
C ASP C 1118 -32.40 42.45 57.48
N ASN C 1119 -31.26 43.12 57.55
CA ASN C 1119 -30.15 42.87 56.64
C ASN C 1119 -29.13 41.91 57.21
N THR C 1120 -29.37 41.35 58.40
CA THR C 1120 -28.36 40.61 59.12
C THR C 1120 -29.02 39.54 59.97
N PHE C 1121 -28.26 38.51 60.33
CA PHE C 1121 -28.75 37.43 61.18
C PHE C 1121 -27.75 37.16 62.28
N VAL C 1122 -28.27 36.72 63.43
CA VAL C 1122 -27.47 36.50 64.64
C VAL C 1122 -27.12 35.02 64.74
N SER C 1123 -25.93 34.74 65.26
CA SER C 1123 -25.50 33.36 65.47
C SER C 1123 -24.36 33.36 66.48
N GLY C 1124 -24.60 32.76 67.64
CA GLY C 1124 -23.56 32.61 68.64
C GLY C 1124 -23.18 33.92 69.30
N ASN C 1125 -22.08 33.86 70.05
CA ASN C 1125 -21.54 35.02 70.74
C ASN C 1125 -20.39 35.63 69.93
N CYS C 1126 -19.78 36.67 70.50
CA CYS C 1126 -18.66 37.35 69.87
C CYS C 1126 -17.31 36.80 70.31
N ASP C 1127 -17.30 35.78 71.17
CA ASP C 1127 -16.04 35.26 71.70
C ASP C 1127 -15.29 34.40 70.70
N VAL C 1128 -16.00 33.76 69.77
CA VAL C 1128 -15.38 32.77 68.89
C VAL C 1128 -14.88 33.39 67.59
N VAL C 1129 -15.64 34.31 66.99
CA VAL C 1129 -15.27 34.85 65.69
C VAL C 1129 -13.94 35.59 65.80
N ILE C 1130 -13.15 35.49 64.74
CA ILE C 1130 -11.83 36.12 64.68
C ILE C 1130 -11.95 37.47 63.98
N GLY C 1131 -11.36 38.49 64.59
CA GLY C 1131 -11.36 39.81 63.98
C GLY C 1131 -12.72 40.46 63.90
N ILE C 1132 -13.58 40.23 64.88
CA ILE C 1132 -14.91 40.85 64.91
C ILE C 1132 -14.74 42.30 65.33
N VAL C 1133 -15.77 43.12 65.12
CA VAL C 1133 -15.72 44.55 65.43
C VAL C 1133 -16.94 44.93 66.24
N ASN C 1134 -16.84 46.05 66.94
CA ASN C 1134 -17.92 46.59 67.76
C ASN C 1134 -18.65 47.68 66.99
N ASN C 1135 -19.97 47.60 66.97
CA ASN C 1135 -20.80 48.58 66.27
C ASN C 1135 -22.23 48.39 66.78
N THR C 1136 -23.13 49.24 66.27
CA THR C 1136 -24.54 49.21 66.65
C THR C 1136 -25.38 48.77 65.46
N VAL C 1137 -26.23 47.78 65.67
CA VAL C 1137 -27.15 47.29 64.66
C VAL C 1137 -28.49 47.99 64.90
N TYR C 1138 -28.85 48.89 64.00
CA TYR C 1138 -30.06 49.69 64.19
C TYR C 1138 -31.31 48.83 64.01
N ASP C 1139 -32.24 48.96 64.95
CA ASP C 1139 -33.48 48.19 64.92
C ASP C 1139 -34.57 49.00 64.23
N PRO C 1140 -35.19 48.51 63.15
CA PRO C 1140 -36.14 49.34 62.40
C PRO C 1140 -37.42 49.64 63.13
N LEU C 1141 -37.79 48.86 64.15
CA LEU C 1141 -39.09 49.01 64.80
C LEU C 1141 -39.13 50.15 65.82
N GLN C 1142 -37.97 50.66 66.25
CA GLN C 1142 -37.97 51.67 67.29
C GLN C 1142 -38.74 52.92 66.91
N PRO C 1143 -38.54 53.52 65.72
CA PRO C 1143 -39.40 54.65 65.33
C PRO C 1143 -40.88 54.29 65.33
N GLU C 1144 -41.22 53.08 64.90
CA GLU C 1144 -42.60 52.64 64.92
C GLU C 1144 -43.09 52.34 66.34
N LEU C 1145 -42.19 52.18 67.29
CA LEU C 1145 -42.59 51.95 68.67
C LEU C 1145 -43.38 53.13 69.21
N ASP C 1146 -42.93 54.35 68.93
CA ASP C 1146 -43.65 55.54 69.36
C ASP C 1146 -44.96 55.66 68.62
N SER C 1147 -46.02 55.99 69.34
CA SER C 1147 -47.35 56.13 68.75
C SER C 1147 -48.27 56.92 69.67
N ASN D 1 24.42 -44.66 -5.15
CA ASN D 1 25.05 -43.53 -5.82
C ASN D 1 24.75 -43.54 -7.31
N SER D 2 24.59 -44.75 -7.87
CA SER D 2 24.30 -44.90 -9.30
C SER D 2 22.79 -44.80 -9.53
N HIS D 3 22.28 -43.60 -9.28
CA HIS D 3 20.86 -43.34 -9.50
C HIS D 3 20.53 -43.40 -10.99
N VAL D 4 19.29 -43.82 -11.30
CA VAL D 4 18.89 -43.97 -12.68
C VAL D 4 19.09 -42.66 -13.42
N GLN D 5 19.79 -42.73 -14.56
CA GLN D 5 20.11 -41.56 -15.36
C GLN D 5 19.84 -41.86 -16.82
N LEU D 6 19.43 -40.83 -17.55
CA LEU D 6 19.16 -40.92 -18.98
C LEU D 6 19.95 -39.86 -19.72
N VAL D 7 20.42 -40.21 -20.91
CA VAL D 7 21.20 -39.30 -21.76
C VAL D 7 20.62 -39.35 -23.16
N GLU D 8 20.39 -38.17 -23.74
CA GLU D 8 19.84 -38.04 -25.09
C GLU D 8 20.90 -37.48 -26.03
N SER D 9 20.88 -37.96 -27.27
CA SER D 9 21.84 -37.52 -28.28
C SER D 9 21.26 -37.80 -29.65
N GLY D 10 21.91 -37.24 -30.67
CA GLY D 10 21.52 -37.44 -32.05
C GLY D 10 20.74 -36.31 -32.68
N GLY D 11 20.27 -35.35 -31.89
CA GLY D 11 19.52 -34.24 -32.45
C GLY D 11 20.40 -33.17 -33.05
N GLY D 12 19.76 -32.25 -33.77
CA GLY D 12 20.47 -31.16 -34.39
C GLY D 12 19.68 -30.59 -35.54
N LEU D 13 20.25 -29.55 -36.15
CA LEU D 13 19.63 -28.90 -37.29
C LEU D 13 19.68 -29.83 -38.51
N VAL D 14 18.54 -29.98 -39.18
CA VAL D 14 18.43 -30.84 -40.36
C VAL D 14 17.56 -30.14 -41.39
N GLN D 15 17.96 -30.24 -42.65
CA GLN D 15 17.17 -29.68 -43.73
C GLN D 15 15.87 -30.47 -43.90
N ALA D 16 14.81 -29.77 -44.30
CA ALA D 16 13.50 -30.40 -44.44
C ALA D 16 13.58 -31.57 -45.41
N GLY D 17 12.96 -32.69 -45.04
CA GLY D 17 13.01 -33.90 -45.82
C GLY D 17 14.14 -34.84 -45.48
N GLY D 18 15.04 -34.45 -44.57
CA GLY D 18 16.12 -35.30 -44.15
C GLY D 18 15.68 -36.27 -43.06
N SER D 19 16.67 -36.97 -42.51
CA SER D 19 16.42 -37.96 -41.47
C SER D 19 17.58 -37.99 -40.50
N LEU D 20 17.29 -38.37 -39.27
CA LEU D 20 18.29 -38.53 -38.21
C LEU D 20 17.87 -39.70 -37.34
N ARG D 21 18.61 -39.90 -36.24
CA ARG D 21 18.27 -40.96 -35.28
C ARG D 21 18.77 -40.53 -33.91
N LEU D 22 17.84 -40.30 -32.99
CA LEU D 22 18.21 -39.99 -31.62
C LEU D 22 18.50 -41.27 -30.85
N SER D 23 19.52 -41.23 -30.00
CA SER D 23 19.88 -42.35 -29.14
C SER D 23 19.74 -41.94 -27.69
N CYS D 24 19.06 -42.78 -26.91
CA CYS D 24 18.82 -42.52 -25.50
C CYS D 24 19.45 -43.64 -24.69
N ALA D 25 20.41 -43.28 -23.83
CA ALA D 25 21.16 -44.24 -23.04
C ALA D 25 20.74 -44.12 -21.59
N ALA D 26 20.42 -45.26 -20.97
CA ALA D 26 20.00 -45.33 -19.58
C ALA D 26 21.11 -45.95 -18.74
N SER D 27 21.35 -45.39 -17.56
CA SER D 27 22.37 -45.89 -16.66
C SER D 27 21.85 -45.78 -15.23
N GLY D 28 22.70 -46.10 -14.27
CA GLY D 28 22.33 -46.02 -12.87
C GLY D 28 21.71 -47.31 -12.35
N THR D 29 20.99 -47.16 -11.25
CA THR D 29 20.34 -48.30 -10.58
C THR D 29 18.98 -48.56 -11.25
N ILE D 30 19.06 -49.12 -12.45
CA ILE D 30 17.87 -49.42 -13.26
C ILE D 30 17.41 -50.82 -12.88
N SER D 31 16.25 -50.89 -12.20
CA SER D 31 15.70 -52.18 -11.80
C SER D 31 14.91 -52.81 -12.94
N THR D 32 13.98 -52.05 -13.52
CA THR D 32 13.15 -52.57 -14.61
C THR D 32 12.56 -51.39 -15.38
N LEU D 33 12.92 -51.26 -16.65
CA LEU D 33 12.38 -50.21 -17.51
C LEU D 33 11.03 -50.68 -18.05
N ASN D 34 10.00 -50.50 -17.23
CA ASN D 34 8.67 -50.97 -17.59
C ASN D 34 8.16 -50.28 -18.85
N ALA D 35 8.34 -48.97 -18.94
CA ALA D 35 7.93 -48.21 -20.11
C ALA D 35 9.06 -47.27 -20.50
N MET D 36 9.25 -47.10 -21.80
CA MET D 36 10.35 -46.30 -22.32
C MET D 36 9.78 -45.32 -23.35
N GLY D 37 10.10 -44.04 -23.22
CA GLY D 37 9.44 -43.02 -24.02
C GLY D 37 10.39 -41.93 -24.47
N TRP D 38 10.00 -41.28 -25.56
CA TRP D 38 10.68 -40.11 -26.10
C TRP D 38 9.72 -38.93 -26.08
N TYR D 39 10.18 -37.78 -25.61
CA TYR D 39 9.37 -36.58 -25.52
C TYR D 39 10.09 -35.41 -26.20
N ARG D 40 9.34 -34.34 -26.44
CA ARG D 40 9.90 -33.12 -26.99
C ARG D 40 9.26 -31.92 -26.31
N GLN D 41 10.07 -31.02 -25.78
CA GLN D 41 9.62 -29.76 -25.19
C GLN D 41 10.23 -28.63 -26.02
N ALA D 42 9.54 -28.25 -27.08
CA ALA D 42 10.07 -27.24 -27.98
C ALA D 42 10.09 -25.88 -27.29
N PRO D 43 10.96 -24.97 -27.73
CA PRO D 43 10.97 -23.62 -27.16
C PRO D 43 9.61 -22.97 -27.30
N GLY D 44 8.99 -22.66 -26.16
CA GLY D 44 7.67 -22.07 -26.14
C GLY D 44 6.53 -23.05 -26.19
N LYS D 45 6.80 -24.35 -26.22
CA LYS D 45 5.78 -25.37 -26.26
C LYS D 45 5.99 -26.36 -25.12
N GLN D 46 4.89 -26.90 -24.62
CA GLN D 46 4.94 -27.86 -23.53
C GLN D 46 5.50 -29.19 -24.02
N ARG D 47 6.08 -29.95 -23.09
CA ARG D 47 6.64 -31.25 -23.44
C ARG D 47 5.56 -32.18 -23.95
N GLU D 48 5.82 -32.84 -25.07
CA GLU D 48 4.86 -33.71 -25.72
C GLU D 48 5.50 -35.05 -26.04
N LEU D 49 4.81 -36.14 -25.72
CA LEU D 49 5.30 -37.47 -26.05
C LEU D 49 5.21 -37.68 -27.56
N LEU D 50 6.24 -38.31 -28.12
CA LEU D 50 6.29 -38.62 -29.55
C LEU D 50 6.23 -40.13 -29.79
N ALA D 51 7.14 -40.89 -29.21
CA ALA D 51 7.15 -42.33 -29.38
C ALA D 51 7.60 -42.97 -28.08
N SER D 52 7.13 -44.19 -27.84
CA SER D 52 7.47 -44.91 -26.62
C SER D 52 7.34 -46.41 -26.88
N ILE D 53 8.10 -47.19 -26.11
CA ILE D 53 8.07 -48.64 -26.20
C ILE D 53 7.97 -49.20 -24.79
N SER D 54 7.03 -50.12 -24.58
CA SER D 54 6.90 -50.81 -23.31
C SER D 54 7.96 -51.90 -23.20
N ASN D 55 8.10 -52.46 -22.00
CA ASN D 55 9.03 -53.56 -21.81
C ASN D 55 8.61 -54.80 -22.57
N LEU D 56 7.38 -54.87 -23.07
CA LEU D 56 6.88 -56.02 -23.80
C LEU D 56 7.07 -55.89 -25.31
N GLY D 57 7.67 -54.78 -25.77
CA GLY D 57 7.88 -54.56 -27.18
C GLY D 57 6.80 -53.74 -27.85
N THR D 58 5.62 -53.62 -27.25
CA THR D 58 4.57 -52.79 -27.81
C THR D 58 4.99 -51.32 -27.78
N THR D 59 4.68 -50.60 -28.85
CA THR D 59 5.12 -49.22 -29.01
C THR D 59 3.94 -48.32 -29.31
N TYR D 60 4.02 -47.08 -28.82
CA TYR D 60 3.07 -46.03 -29.14
C TYR D 60 3.80 -44.89 -29.85
N HIS D 61 3.13 -44.29 -30.82
CA HIS D 61 3.67 -43.17 -31.57
C HIS D 61 2.62 -42.09 -31.68
N ALA D 62 2.98 -40.87 -31.28
CA ALA D 62 2.05 -39.75 -31.34
C ALA D 62 1.71 -39.41 -32.80
N ASP D 63 0.48 -38.94 -33.00
CA ASP D 63 0.04 -38.59 -34.35
C ASP D 63 0.93 -37.51 -34.95
N SER D 64 1.45 -36.60 -34.13
CA SER D 64 2.37 -35.59 -34.63
C SER D 64 3.64 -36.20 -35.20
N VAL D 65 3.99 -37.42 -34.78
CA VAL D 65 5.17 -38.11 -35.29
C VAL D 65 4.85 -39.46 -35.90
N ALA D 66 3.60 -39.92 -35.85
CA ALA D 66 3.25 -41.20 -36.43
C ALA D 66 3.54 -41.20 -37.93
N GLY D 67 4.15 -42.28 -38.41
CA GLY D 67 4.50 -42.40 -39.81
C GLY D 67 5.85 -41.83 -40.17
N ARG D 68 6.53 -41.16 -39.25
CA ARG D 68 7.85 -40.60 -39.52
C ARG D 68 8.89 -41.06 -38.51
N PHE D 69 8.54 -41.11 -37.23
CA PHE D 69 9.44 -41.54 -36.18
C PHE D 69 9.18 -43.00 -35.85
N THR D 70 10.23 -43.81 -35.90
CA THR D 70 10.16 -45.22 -35.56
C THR D 70 11.03 -45.45 -34.32
N ILE D 71 10.44 -46.02 -33.28
CA ILE D 71 11.13 -46.26 -32.02
C ILE D 71 11.52 -47.73 -31.96
N SER D 72 12.80 -48.00 -31.69
CA SER D 72 13.32 -49.35 -31.59
C SER D 72 14.16 -49.44 -30.32
N ARG D 73 13.97 -50.52 -29.56
CA ARG D 73 14.71 -50.76 -28.33
C ARG D 73 15.88 -51.68 -28.62
N GLY D 74 17.06 -51.32 -28.12
CA GLY D 74 18.25 -52.10 -28.38
C GLY D 74 18.18 -53.49 -27.77
N SER D 75 19.09 -54.35 -28.23
CA SER D 75 19.13 -55.72 -27.72
C SER D 75 19.39 -55.74 -26.22
N ALA D 76 20.29 -54.86 -25.74
CA ALA D 76 20.54 -54.78 -24.31
C ALA D 76 19.31 -54.33 -23.53
N LYS D 77 18.31 -53.76 -24.21
CA LYS D 77 17.08 -53.27 -23.61
C LYS D 77 17.33 -52.11 -22.64
N ASN D 78 18.49 -51.49 -22.70
CA ASN D 78 18.81 -50.33 -21.88
C ASN D 78 18.68 -49.03 -22.67
N THR D 79 18.87 -49.07 -23.99
CA THR D 79 18.83 -47.88 -24.82
C THR D 79 17.70 -48.00 -25.82
N VAL D 80 17.10 -46.86 -26.17
CA VAL D 80 16.05 -46.77 -27.16
C VAL D 80 16.45 -45.74 -28.20
N ASN D 81 16.26 -46.08 -29.48
CA ASN D 81 16.64 -45.20 -30.58
C ASN D 81 15.39 -44.83 -31.37
N LEU D 82 15.21 -43.54 -31.61
CA LEU D 82 14.08 -43.01 -32.37
C LEU D 82 14.61 -42.54 -33.72
N GLN D 83 14.39 -43.37 -34.75
CA GLN D 83 14.79 -43.03 -36.11
C GLN D 83 13.76 -42.07 -36.69
N MET D 84 14.18 -40.84 -36.99
CA MET D 84 13.30 -39.80 -37.49
C MET D 84 13.45 -39.76 -39.01
N ASN D 85 12.38 -40.13 -39.74
CA ASN D 85 12.40 -40.19 -41.19
C ASN D 85 11.56 -39.04 -41.76
N SER D 86 12.09 -38.41 -42.81
CA SER D 86 11.43 -37.29 -43.46
C SER D 86 11.09 -36.19 -42.44
N LEU D 87 12.13 -35.71 -41.76
CA LEU D 87 11.97 -34.70 -40.73
C LEU D 87 11.28 -33.45 -41.28
N LYS D 88 10.22 -33.04 -40.60
CA LYS D 88 9.40 -31.90 -41.00
C LYS D 88 9.57 -30.76 -40.01
N PRO D 89 9.02 -29.58 -40.32
CA PRO D 89 9.19 -28.44 -39.41
C PRO D 89 8.69 -28.69 -37.99
N ASP D 90 7.67 -29.52 -37.81
CA ASP D 90 7.16 -29.79 -36.47
C ASP D 90 8.19 -30.47 -35.57
N ASP D 91 9.25 -31.04 -36.14
CA ASP D 91 10.26 -31.74 -35.36
C ASP D 91 11.20 -30.81 -34.63
N THR D 92 11.15 -29.51 -34.89
CA THR D 92 12.03 -28.55 -34.22
C THR D 92 11.61 -28.46 -32.76
N ALA D 93 12.39 -29.10 -31.88
CA ALA D 93 12.06 -29.12 -30.47
C ALA D 93 13.25 -29.69 -29.69
N VAL D 94 13.22 -29.48 -28.38
CA VAL D 94 14.20 -30.07 -27.48
C VAL D 94 13.67 -31.44 -27.07
N TYR D 95 14.26 -32.50 -27.62
CA TYR D 95 13.78 -33.85 -27.36
C TYR D 95 14.28 -34.36 -26.01
N TYR D 96 13.36 -34.89 -25.21
CA TYR D 96 13.69 -35.46 -23.92
C TYR D 96 13.30 -36.93 -23.90
N CYS D 97 13.93 -37.68 -23.01
CA CYS D 97 13.78 -39.12 -22.92
C CYS D 97 13.37 -39.52 -21.51
N ASN D 98 12.37 -40.40 -21.41
CA ASN D 98 11.81 -40.79 -20.13
C ASN D 98 11.66 -42.31 -20.06
N THR D 99 11.72 -42.82 -18.84
CA THR D 99 11.52 -44.24 -18.57
C THR D 99 10.83 -44.40 -17.22
N ARG D 100 9.95 -45.38 -17.12
CA ARG D 100 9.25 -45.69 -15.88
C ARG D 100 9.86 -46.92 -15.23
N VAL D 101 10.14 -46.82 -13.93
CA VAL D 101 10.77 -47.89 -13.17
C VAL D 101 9.89 -48.24 -11.98
N LEU D 102 9.61 -49.53 -11.82
CA LEU D 102 8.81 -50.03 -10.69
C LEU D 102 9.78 -50.49 -9.61
N GLU D 103 10.12 -49.57 -8.71
CA GLU D 103 11.03 -49.88 -7.60
C GLU D 103 10.24 -50.49 -6.45
N GLY D 104 10.62 -51.70 -6.06
CA GLY D 104 9.92 -52.40 -5.01
C GLY D 104 8.59 -52.99 -5.43
N GLY D 105 8.27 -52.96 -6.72
CA GLY D 105 6.99 -53.45 -7.21
C GLY D 105 5.81 -52.55 -6.93
N THR D 106 6.03 -51.39 -6.29
CA THR D 106 4.95 -50.47 -5.97
C THR D 106 5.24 -49.01 -6.29
N GLN D 107 6.50 -48.61 -6.41
CA GLN D 107 6.87 -47.21 -6.62
C GLN D 107 7.14 -46.98 -8.10
N ILE D 108 6.30 -46.19 -8.74
CA ILE D 108 6.48 -45.81 -10.14
C ILE D 108 7.31 -44.53 -10.15
N ARG D 109 8.56 -44.63 -10.59
CA ARG D 109 9.47 -43.49 -10.67
C ARG D 109 9.79 -43.21 -12.13
N ASP D 110 9.58 -41.96 -12.54
CA ASP D 110 9.87 -41.52 -13.90
C ASP D 110 11.19 -40.76 -13.91
N TYR D 111 12.11 -41.20 -14.76
CA TYR D 111 13.44 -40.61 -14.85
C TYR D 111 13.61 -39.93 -16.20
N TRP D 112 14.29 -38.79 -16.21
CA TRP D 112 14.47 -37.99 -17.41
C TRP D 112 15.94 -37.67 -17.61
N GLY D 113 16.32 -37.46 -18.87
CA GLY D 113 17.66 -37.11 -19.23
C GLY D 113 17.82 -35.63 -19.55
N GLN D 114 19.01 -35.29 -20.06
CA GLN D 114 19.30 -33.90 -20.36
C GLN D 114 18.54 -33.44 -21.61
N GLY D 115 18.43 -34.29 -22.61
CA GLY D 115 17.75 -33.96 -23.84
C GLY D 115 18.68 -33.41 -24.91
N THR D 116 18.20 -33.44 -26.15
CA THR D 116 18.96 -32.94 -27.29
C THR D 116 18.04 -32.12 -28.18
N GLN D 117 18.60 -31.09 -28.80
CA GLN D 117 17.84 -30.17 -29.62
C GLN D 117 17.78 -30.64 -31.07
N VAL D 118 16.63 -30.45 -31.69
CA VAL D 118 16.43 -30.72 -33.11
C VAL D 118 15.79 -29.49 -33.73
N THR D 119 16.13 -29.23 -34.99
CA THR D 119 15.63 -28.05 -35.68
C THR D 119 15.48 -28.35 -37.16
N VAL D 120 14.37 -27.87 -37.73
CA VAL D 120 14.08 -28.00 -39.15
C VAL D 120 13.70 -26.62 -39.66
N SER D 121 14.38 -26.16 -40.71
CA SER D 121 14.17 -24.83 -41.27
C SER D 121 13.90 -24.94 -42.77
N SER D 122 13.38 -23.85 -43.33
CA SER D 122 13.07 -23.79 -44.76
C SER D 122 14.17 -23.05 -45.51
N ASN E 1 -3.61 -19.72 -39.24
CA ASN E 1 -2.42 -20.27 -38.58
C ASN E 1 -1.17 -19.99 -39.39
N SER E 2 -1.31 -20.08 -40.72
CA SER E 2 -0.17 -19.88 -41.64
C SER E 2 0.03 -18.37 -41.85
N HIS E 3 0.51 -17.72 -40.81
CA HIS E 3 0.80 -16.30 -40.88
C HIS E 3 1.99 -16.04 -41.80
N VAL E 4 2.01 -14.84 -42.39
CA VAL E 4 3.08 -14.50 -43.31
C VAL E 4 4.41 -14.52 -42.59
N GLN E 5 5.38 -15.26 -43.14
CA GLN E 5 6.70 -15.39 -42.55
C GLN E 5 7.75 -15.18 -43.63
N LEU E 6 8.91 -14.65 -43.21
CA LEU E 6 10.04 -14.41 -44.09
C LEU E 6 11.27 -15.10 -43.52
N VAL E 7 12.06 -15.73 -44.40
CA VAL E 7 13.27 -16.44 -44.00
C VAL E 7 14.41 -15.95 -44.87
N GLU E 8 15.48 -15.48 -44.22
CA GLU E 8 16.68 -15.01 -44.91
C GLU E 8 17.80 -16.04 -44.80
N SER E 9 18.64 -16.09 -45.82
CA SER E 9 19.75 -17.02 -45.85
C SER E 9 20.77 -16.53 -46.87
N GLY E 10 21.96 -17.14 -46.82
CA GLY E 10 23.03 -16.85 -47.76
C GLY E 10 24.13 -15.96 -47.24
N GLY E 11 23.98 -15.36 -46.06
CA GLY E 11 24.99 -14.49 -45.53
C GLY E 11 26.13 -15.23 -44.86
N GLY E 12 27.19 -14.49 -44.58
CA GLY E 12 28.36 -15.06 -43.94
C GLY E 12 29.58 -14.20 -44.18
N LEU E 13 30.69 -14.65 -43.58
CA LEU E 13 31.95 -13.95 -43.74
C LEU E 13 32.47 -14.09 -45.16
N VAL E 14 32.89 -12.99 -45.75
CA VAL E 14 33.37 -12.96 -47.14
C VAL E 14 34.58 -12.06 -47.23
N GLN E 15 35.58 -12.49 -47.99
CA GLN E 15 36.76 -11.67 -48.21
C GLN E 15 36.40 -10.43 -49.02
N ALA E 16 37.08 -9.32 -48.72
CA ALA E 16 36.77 -8.06 -49.38
C ALA E 16 36.91 -8.21 -50.89
N GLY E 17 35.92 -7.71 -51.61
CA GLY E 17 35.87 -7.85 -53.05
C GLY E 17 35.19 -9.10 -53.55
N GLY E 18 34.73 -9.98 -52.66
CA GLY E 18 34.04 -11.18 -53.04
C GLY E 18 32.60 -10.91 -53.40
N SER E 19 31.86 -12.00 -53.60
CA SER E 19 30.45 -11.91 -53.98
C SER E 19 29.66 -13.01 -53.28
N LEU E 20 28.39 -12.70 -53.00
CA LEU E 20 27.47 -13.66 -52.40
C LEU E 20 26.07 -13.36 -52.95
N ARG E 21 25.10 -14.12 -52.47
CA ARG E 21 23.70 -13.93 -52.87
C ARG E 21 22.81 -14.35 -51.72
N LEU E 22 22.17 -13.37 -51.08
CA LEU E 22 21.18 -13.66 -50.05
C LEU E 22 19.86 -14.03 -50.71
N SER E 23 19.17 -15.00 -50.13
CA SER E 23 17.88 -15.45 -50.61
C SER E 23 16.85 -15.31 -49.50
N CYS E 24 15.71 -14.69 -49.84
CA CYS E 24 14.60 -14.52 -48.91
C CYS E 24 13.36 -15.17 -49.49
N ALA E 25 12.77 -16.08 -48.72
CA ALA E 25 11.57 -16.81 -49.14
C ALA E 25 10.41 -16.40 -48.23
N ALA E 26 9.28 -16.07 -48.84
CA ALA E 26 8.08 -15.66 -48.13
C ALA E 26 7.06 -16.78 -48.16
N SER E 27 6.56 -17.16 -46.98
CA SER E 27 5.57 -18.21 -46.85
C SER E 27 4.42 -17.69 -45.99
N GLY E 28 3.44 -18.57 -45.75
CA GLY E 28 2.30 -18.20 -44.94
C GLY E 28 1.13 -17.69 -45.77
N THR E 29 0.19 -17.06 -45.06
CA THR E 29 -1.02 -16.51 -45.69
C THR E 29 -0.66 -15.19 -46.38
N ILE E 30 0.05 -15.33 -47.50
CA ILE E 30 0.49 -14.19 -48.29
C ILE E 30 -0.60 -13.86 -49.30
N SER E 31 -1.27 -12.72 -49.11
CA SER E 31 -2.31 -12.30 -50.05
C SER E 31 -1.71 -11.66 -51.28
N THR E 32 -0.87 -10.63 -51.10
CA THR E 32 -0.24 -9.95 -52.22
C THR E 32 0.98 -9.20 -51.69
N LEU E 33 2.17 -9.58 -52.16
CA LEU E 33 3.40 -8.89 -51.79
C LEU E 33 3.52 -7.64 -52.64
N ASN E 34 2.87 -6.56 -52.19
CA ASN E 34 2.84 -5.34 -52.98
C ASN E 34 4.24 -4.75 -53.16
N ALA E 35 5.09 -4.84 -52.14
CA ALA E 35 6.46 -4.36 -52.22
C ALA E 35 7.34 -5.34 -51.47
N MET E 36 8.60 -5.43 -51.91
CA MET E 36 9.54 -6.40 -51.36
C MET E 36 10.86 -5.68 -51.12
N GLY E 37 11.45 -5.88 -49.95
CA GLY E 37 12.61 -5.10 -49.56
C GLY E 37 13.61 -5.91 -48.77
N TRP E 38 14.87 -5.49 -48.85
CA TRP E 38 15.98 -6.03 -48.07
C TRP E 38 16.57 -4.95 -47.19
N TYR E 39 16.88 -5.30 -45.94
CA TYR E 39 17.42 -4.38 -44.97
C TYR E 39 18.67 -4.96 -44.34
N ARG E 40 19.40 -4.12 -43.60
CA ARG E 40 20.57 -4.55 -42.84
C ARG E 40 20.63 -3.76 -41.55
N GLN E 41 20.83 -4.46 -40.43
CA GLN E 41 21.01 -3.86 -39.12
C GLN E 41 22.37 -4.33 -38.59
N ALA E 42 23.41 -3.58 -38.92
CA ALA E 42 24.75 -3.96 -38.50
C ALA E 42 24.89 -3.81 -36.99
N PRO E 43 25.76 -4.60 -36.36
CA PRO E 43 25.97 -4.45 -34.92
C PRO E 43 26.36 -3.03 -34.56
N GLY E 44 25.52 -2.39 -33.74
CA GLY E 44 25.73 -1.02 -33.34
C GLY E 44 25.20 0.02 -34.30
N LYS E 45 24.50 -0.38 -35.36
CA LYS E 45 23.94 0.54 -36.34
C LYS E 45 22.46 0.24 -36.54
N GLN E 46 21.70 1.28 -36.88
CA GLN E 46 20.28 1.14 -37.11
C GLN E 46 20.02 0.41 -38.42
N ARG E 47 18.84 -0.22 -38.51
CA ARG E 47 18.47 -0.95 -39.71
C ARG E 47 18.36 0.01 -40.90
N GLU E 48 18.93 -0.40 -42.03
CA GLU E 48 18.97 0.44 -43.23
C GLU E 48 18.47 -0.37 -44.41
N LEU E 49 17.59 0.24 -45.20
CA LEU E 49 17.13 -0.39 -46.45
C LEU E 49 18.25 -0.34 -47.48
N LEU E 50 18.44 -1.45 -48.19
CA LEU E 50 19.48 -1.56 -49.21
C LEU E 50 18.90 -1.70 -50.60
N ALA E 51 18.07 -2.71 -50.83
CA ALA E 51 17.49 -2.97 -52.14
C ALA E 51 16.07 -3.47 -51.96
N SER E 52 15.19 -3.06 -52.87
CA SER E 52 13.79 -3.45 -52.81
C SER E 52 13.21 -3.47 -54.21
N ILE E 53 12.21 -4.33 -54.40
CA ILE E 53 11.53 -4.49 -55.68
C ILE E 53 10.03 -4.37 -55.44
N SER E 54 9.37 -3.51 -56.21
CA SER E 54 7.92 -3.42 -56.15
C SER E 54 7.30 -4.59 -56.90
N ASN E 55 6.00 -4.80 -56.67
CA ASN E 55 5.30 -5.88 -57.36
C ASN E 55 5.18 -5.63 -58.86
N LEU E 56 5.48 -4.42 -59.32
CA LEU E 56 5.45 -4.09 -60.74
C LEU E 56 6.81 -4.22 -61.41
N GLY E 57 7.82 -4.69 -60.68
CA GLY E 57 9.15 -4.83 -61.22
C GLY E 57 10.05 -3.63 -61.04
N THR E 58 9.51 -2.50 -60.58
CA THR E 58 10.33 -1.33 -60.30
C THR E 58 11.12 -1.55 -59.03
N THR E 59 12.43 -1.30 -59.08
CA THR E 59 13.33 -1.61 -57.99
C THR E 59 14.04 -0.35 -57.51
N TYR E 60 14.33 -0.32 -56.21
CA TYR E 60 15.11 0.74 -55.59
C TYR E 60 16.35 0.15 -54.94
N HIS E 61 17.48 0.82 -55.13
CA HIS E 61 18.75 0.39 -54.54
C HIS E 61 19.36 1.57 -53.80
N ALA E 62 19.64 1.38 -52.52
CA ALA E 62 20.22 2.44 -51.71
C ALA E 62 21.62 2.77 -52.19
N ASP E 63 22.01 4.05 -52.02
CA ASP E 63 23.33 4.49 -52.47
C ASP E 63 24.43 3.70 -51.79
N SER E 64 24.23 3.29 -50.53
CA SER E 64 25.23 2.50 -49.84
C SER E 64 25.45 1.14 -50.48
N VAL E 65 24.52 0.69 -51.34
CA VAL E 65 24.65 -0.61 -51.99
C VAL E 65 24.46 -0.46 -53.50
N ALA E 66 24.06 0.74 -53.93
CA ALA E 66 23.83 0.97 -55.35
C ALA E 66 25.09 0.69 -56.15
N GLY E 67 24.94 -0.05 -57.25
CA GLY E 67 26.07 -0.42 -58.09
C GLY E 67 26.79 -1.67 -57.65
N ARG E 68 26.42 -2.26 -56.53
CA ARG E 68 27.04 -3.49 -56.03
C ARG E 68 26.03 -4.58 -55.73
N PHE E 69 24.85 -4.23 -55.23
CA PHE E 69 23.80 -5.20 -54.94
C PHE E 69 22.73 -5.12 -56.01
N THR E 70 22.32 -6.28 -56.54
CA THR E 70 21.26 -6.37 -57.52
C THR E 70 20.15 -7.25 -56.97
N ILE E 71 18.93 -6.72 -56.97
CA ILE E 71 17.77 -7.42 -56.42
C ILE E 71 16.93 -7.97 -57.56
N SER E 72 16.62 -9.26 -57.50
CA SER E 72 15.82 -9.92 -58.51
C SER E 72 14.73 -10.74 -57.82
N ARG E 73 13.50 -10.62 -58.32
CA ARG E 73 12.37 -11.37 -57.78
C ARG E 73 12.19 -12.66 -58.57
N GLY E 74 12.05 -13.76 -57.85
CA GLY E 74 11.94 -15.06 -58.49
C GLY E 74 10.67 -15.19 -59.33
N SER E 75 10.67 -16.23 -60.16
CA SER E 75 9.52 -16.46 -61.03
C SER E 75 8.25 -16.70 -60.21
N ALA E 76 8.36 -17.47 -59.12
CA ALA E 76 7.22 -17.68 -58.26
C ALA E 76 6.72 -16.39 -57.61
N LYS E 77 7.56 -15.36 -57.57
CA LYS E 77 7.24 -14.05 -56.99
C LYS E 77 7.03 -14.11 -55.49
N ASN E 78 7.38 -15.22 -54.85
CA ASN E 78 7.33 -15.34 -53.40
C ASN E 78 8.72 -15.27 -52.76
N THR E 79 9.77 -15.17 -53.56
CA THR E 79 11.13 -15.08 -53.06
C THR E 79 11.88 -13.99 -53.81
N VAL E 80 12.80 -13.34 -53.10
CA VAL E 80 13.64 -12.29 -53.67
C VAL E 80 15.09 -12.60 -53.33
N ASN E 81 15.98 -12.47 -54.30
CA ASN E 81 17.40 -12.75 -54.12
C ASN E 81 18.20 -11.48 -54.40
N LEU E 82 19.08 -11.14 -53.47
CA LEU E 82 19.94 -9.96 -53.58
C LEU E 82 21.35 -10.42 -53.88
N GLN E 83 21.76 -10.30 -55.14
CA GLN E 83 23.10 -10.70 -55.56
C GLN E 83 24.10 -9.59 -55.20
N MET E 84 25.08 -9.94 -54.37
CA MET E 84 26.09 -8.99 -53.91
C MET E 84 27.37 -9.23 -54.70
N ASN E 85 27.80 -8.23 -55.44
CA ASN E 85 29.00 -8.30 -56.27
C ASN E 85 30.06 -7.33 -55.73
N SER E 86 31.28 -7.82 -55.59
CA SER E 86 32.38 -7.04 -55.06
C SER E 86 32.03 -6.51 -53.67
N LEU E 87 31.78 -7.44 -52.76
CA LEU E 87 31.38 -7.09 -51.40
C LEU E 87 32.44 -6.20 -50.75
N LYS E 88 31.99 -5.12 -50.14
CA LYS E 88 32.84 -4.10 -49.54
C LYS E 88 32.72 -4.10 -48.02
N PRO E 89 33.61 -3.39 -47.33
CA PRO E 89 33.55 -3.40 -45.85
C PRO E 89 32.22 -2.94 -45.29
N ASP E 90 31.52 -2.05 -45.99
CA ASP E 90 30.23 -1.57 -45.50
C ASP E 90 29.17 -2.66 -45.47
N ASP E 91 29.42 -3.81 -46.11
CA ASP E 91 28.45 -4.89 -46.15
C ASP E 91 28.39 -5.72 -44.88
N THR E 92 29.27 -5.46 -43.92
CA THR E 92 29.26 -6.19 -42.66
C THR E 92 28.05 -5.78 -41.85
N ALA E 93 26.99 -6.60 -41.89
CA ALA E 93 25.76 -6.27 -41.20
C ALA E 93 24.88 -7.50 -41.14
N VAL E 94 23.87 -7.45 -40.27
CA VAL E 94 22.85 -8.48 -40.18
C VAL E 94 21.73 -8.11 -41.16
N TYR E 95 21.67 -8.79 -42.28
CA TYR E 95 20.72 -8.46 -43.32
C TYR E 95 19.33 -9.02 -43.00
N TYR E 96 18.32 -8.16 -43.10
CA TYR E 96 16.93 -8.52 -42.85
C TYR E 96 16.11 -8.36 -44.12
N CYS E 97 14.96 -9.02 -44.13
CA CYS E 97 14.08 -9.06 -45.29
C CYS E 97 12.68 -8.62 -44.88
N ASN E 98 12.11 -7.70 -45.66
CA ASN E 98 10.79 -7.15 -45.37
C ASN E 98 9.94 -7.16 -46.62
N THR E 99 8.62 -7.33 -46.43
CA THR E 99 7.66 -7.29 -47.51
C THR E 99 6.41 -6.56 -47.03
N ARG E 100 5.78 -5.82 -47.94
CA ARG E 100 4.54 -5.11 -47.65
C ARG E 100 3.37 -5.87 -48.25
N VAL E 101 2.34 -6.09 -47.44
CA VAL E 101 1.16 -6.84 -47.85
C VAL E 101 -0.07 -5.98 -47.59
N LEU E 102 -0.92 -5.85 -48.61
CA LEU E 102 -2.18 -5.11 -48.50
C LEU E 102 -3.29 -6.12 -48.24
N GLU E 103 -3.57 -6.36 -46.97
CA GLU E 103 -4.62 -7.30 -46.58
C GLU E 103 -5.98 -6.61 -46.64
N GLY E 104 -6.89 -7.19 -47.41
CA GLY E 104 -8.19 -6.59 -47.60
C GLY E 104 -8.19 -5.32 -48.42
N GLY E 105 -7.07 -4.99 -49.06
CA GLY E 105 -6.96 -3.77 -49.83
C GLY E 105 -6.85 -2.50 -49.02
N THR E 106 -6.79 -2.60 -47.69
CA THR E 106 -6.74 -1.42 -46.83
C THR E 106 -5.70 -1.49 -45.73
N GLN E 107 -5.25 -2.68 -45.32
CA GLN E 107 -4.31 -2.82 -44.20
C GLN E 107 -2.92 -3.07 -44.77
N ILE E 108 -1.98 -2.17 -44.45
CA ILE E 108 -0.60 -2.31 -44.86
C ILE E 108 0.16 -2.98 -43.71
N ARG E 109 0.49 -4.25 -43.89
CA ARG E 109 1.22 -5.03 -42.91
C ARG E 109 2.63 -5.30 -43.42
N ASP E 110 3.63 -4.93 -42.62
CA ASP E 110 5.03 -5.18 -42.95
C ASP E 110 5.52 -6.38 -42.14
N TYR E 111 6.03 -7.38 -42.85
CA TYR E 111 6.52 -8.61 -42.23
C TYR E 111 8.03 -8.67 -42.33
N TRP E 112 8.65 -9.28 -41.31
CA TRP E 112 10.10 -9.35 -41.22
C TRP E 112 10.52 -10.78 -40.91
N GLY E 113 11.73 -11.14 -41.35
CA GLY E 113 12.29 -12.45 -41.11
C GLY E 113 13.36 -12.42 -40.02
N GLN E 114 14.03 -13.56 -39.87
CA GLN E 114 15.08 -13.67 -38.85
C GLN E 114 16.34 -12.93 -39.28
N GLY E 115 16.65 -12.93 -40.57
CA GLY E 115 17.83 -12.27 -41.10
C GLY E 115 19.05 -13.18 -41.06
N THR E 116 20.09 -12.74 -41.76
CA THR E 116 21.34 -13.47 -41.84
C THR E 116 22.50 -12.48 -41.73
N GLN E 117 23.62 -12.96 -41.20
CA GLN E 117 24.77 -12.10 -40.94
C GLN E 117 25.77 -12.19 -42.09
N VAL E 118 26.33 -11.03 -42.45
CA VAL E 118 27.41 -10.93 -43.42
C VAL E 118 28.53 -10.13 -42.80
N THR E 119 29.77 -10.46 -43.16
CA THR E 119 30.93 -9.80 -42.59
C THR E 119 32.02 -9.67 -43.66
N VAL E 120 32.65 -8.50 -43.70
CA VAL E 120 33.76 -8.22 -44.60
C VAL E 120 34.89 -7.65 -43.76
N SER E 121 36.07 -8.25 -43.86
CA SER E 121 37.22 -7.85 -43.07
C SER E 121 38.43 -7.66 -43.99
N SER E 122 39.44 -6.97 -43.47
CA SER E 122 40.67 -6.69 -44.21
C SER E 122 41.84 -7.42 -43.60
N ASN F 1 38.88 3.62 -31.14
CA ASN F 1 37.95 2.59 -31.58
C ASN F 1 38.61 1.22 -31.60
N SER F 2 39.92 1.20 -31.82
CA SER F 2 40.68 -0.04 -31.92
C SER F 2 40.96 -0.58 -30.51
N HIS F 3 39.89 -1.02 -29.86
CA HIS F 3 40.01 -1.60 -28.53
C HIS F 3 40.74 -2.95 -28.61
N VAL F 4 41.42 -3.30 -27.51
CA VAL F 4 42.17 -4.54 -27.48
C VAL F 4 41.23 -5.71 -27.74
N GLN F 5 41.63 -6.58 -28.67
CA GLN F 5 40.82 -7.73 -29.05
C GLN F 5 41.73 -8.94 -29.22
N LEU F 6 41.19 -10.12 -28.94
CA LEU F 6 41.90 -11.38 -29.08
C LEU F 6 41.09 -12.31 -29.97
N VAL F 7 41.79 -13.10 -30.79
CA VAL F 7 41.17 -14.07 -31.69
C VAL F 7 41.89 -15.39 -31.54
N GLU F 8 41.14 -16.45 -31.30
CA GLU F 8 41.69 -17.80 -31.15
C GLU F 8 41.31 -18.64 -32.37
N SER F 9 42.24 -19.49 -32.79
CA SER F 9 42.01 -20.35 -33.94
C SER F 9 42.94 -21.55 -33.84
N GLY F 10 42.70 -22.52 -34.74
CA GLY F 10 43.52 -23.71 -34.82
C GLY F 10 42.93 -24.94 -34.14
N GLY F 11 41.78 -24.81 -33.47
CA GLY F 11 41.17 -25.94 -32.80
C GLY F 11 40.32 -26.79 -33.74
N GLY F 12 39.87 -27.92 -33.21
CA GLY F 12 39.03 -28.82 -33.97
C GLY F 12 39.12 -30.23 -33.43
N LEU F 13 38.38 -31.12 -34.09
CA LEU F 13 38.39 -32.52 -33.70
C LEU F 13 39.71 -33.16 -34.11
N VAL F 14 40.33 -33.88 -33.18
CA VAL F 14 41.63 -34.51 -33.40
C VAL F 14 41.60 -35.91 -32.80
N GLN F 15 42.14 -36.88 -33.53
CA GLN F 15 42.22 -38.24 -33.04
C GLN F 15 43.18 -38.33 -31.86
N ALA F 16 42.87 -39.20 -30.91
CA ALA F 16 43.68 -39.33 -29.71
C ALA F 16 45.12 -39.67 -30.08
N GLY F 17 46.07 -38.96 -29.47
CA GLY F 17 47.47 -39.11 -29.80
C GLY F 17 47.96 -38.19 -30.89
N GLY F 18 47.07 -37.39 -31.49
CA GLY F 18 47.47 -36.45 -32.51
C GLY F 18 48.04 -35.17 -31.92
N SER F 19 48.22 -34.18 -32.79
CA SER F 19 48.79 -32.91 -32.37
C SER F 19 48.14 -31.78 -33.16
N LEU F 20 48.12 -30.59 -32.56
CA LEU F 20 47.60 -29.39 -33.20
C LEU F 20 48.34 -28.19 -32.62
N ARG F 21 47.95 -26.99 -33.06
CA ARG F 21 48.55 -25.76 -32.56
C ARG F 21 47.51 -24.65 -32.63
N LEU F 22 47.04 -24.21 -31.47
CA LEU F 22 46.15 -23.07 -31.39
C LEU F 22 46.94 -21.78 -31.47
N SER F 23 46.35 -20.77 -32.10
CA SER F 23 46.99 -19.47 -32.28
C SER F 23 46.10 -18.37 -31.73
N CYS F 24 46.70 -17.49 -30.93
CA CYS F 24 46.04 -16.29 -30.41
C CYS F 24 46.61 -15.09 -31.12
N ALA F 25 45.75 -14.31 -31.76
CA ALA F 25 46.15 -13.05 -32.38
C ALA F 25 45.52 -11.91 -31.61
N ALA F 26 46.35 -10.99 -31.13
CA ALA F 26 45.89 -9.83 -30.37
C ALA F 26 46.03 -8.59 -31.23
N SER F 27 44.99 -7.76 -31.24
CA SER F 27 44.96 -6.54 -32.04
C SER F 27 44.29 -5.44 -31.23
N GLY F 28 44.24 -4.25 -31.83
CA GLY F 28 43.63 -3.10 -31.19
C GLY F 28 44.64 -2.17 -30.54
N THR F 29 44.15 -1.42 -29.56
CA THR F 29 44.97 -0.46 -28.82
C THR F 29 45.69 -1.18 -27.68
N ILE F 30 46.70 -1.95 -28.07
CA ILE F 30 47.48 -2.75 -27.13
C ILE F 30 48.66 -1.89 -26.66
N SER F 31 48.64 -1.50 -25.38
CA SER F 31 49.72 -0.69 -24.83
C SER F 31 50.89 -1.56 -24.39
N THR F 32 50.63 -2.56 -23.54
CA THR F 32 51.67 -3.44 -23.06
C THR F 32 51.03 -4.73 -22.58
N LEU F 33 51.36 -5.84 -23.23
CA LEU F 33 50.85 -7.16 -22.85
C LEU F 33 51.73 -7.71 -21.75
N ASN F 34 51.38 -7.39 -20.51
CA ASN F 34 52.18 -7.84 -19.37
C ASN F 34 52.22 -9.36 -19.28
N ALA F 35 51.09 -10.01 -19.52
CA ALA F 35 51.01 -11.46 -19.47
C ALA F 35 50.03 -11.94 -20.52
N MET F 36 50.28 -13.15 -21.05
CA MET F 36 49.39 -13.80 -22.00
C MET F 36 49.09 -15.20 -21.50
N GLY F 37 47.83 -15.61 -21.62
CA GLY F 37 47.41 -16.89 -21.09
C GLY F 37 46.39 -17.56 -22.00
N TRP F 38 46.37 -18.89 -21.93
CA TRP F 38 45.42 -19.72 -22.66
C TRP F 38 44.52 -20.43 -21.66
N TYR F 39 43.21 -20.38 -21.91
CA TYR F 39 42.23 -21.00 -21.04
C TYR F 39 41.37 -21.96 -21.84
N ARG F 40 40.66 -22.85 -21.13
CA ARG F 40 39.71 -23.75 -21.75
C ARG F 40 38.50 -23.90 -20.84
N GLN F 41 37.31 -23.81 -21.42
CA GLN F 41 36.05 -23.99 -20.71
C GLN F 41 35.25 -25.05 -21.48
N ALA F 42 35.49 -26.32 -21.15
CA ALA F 42 34.78 -27.38 -21.83
C ALA F 42 33.29 -27.33 -21.48
N PRO F 43 32.42 -27.83 -22.36
CA PRO F 43 30.98 -27.84 -22.05
C PRO F 43 30.70 -28.52 -20.73
N GLY F 44 30.21 -27.75 -19.76
CA GLY F 44 29.92 -28.26 -18.43
C GLY F 44 31.06 -28.16 -17.44
N LYS F 45 32.24 -27.69 -17.87
CA LYS F 45 33.39 -27.55 -17.00
C LYS F 45 33.80 -26.08 -16.92
N GLN F 46 34.23 -25.66 -15.74
CA GLN F 46 34.64 -24.28 -15.53
C GLN F 46 35.90 -23.97 -16.32
N ARG F 47 36.03 -22.69 -16.70
CA ARG F 47 37.21 -22.26 -17.44
C ARG F 47 38.47 -22.52 -16.63
N GLU F 48 39.48 -23.10 -17.28
CA GLU F 48 40.70 -23.50 -16.60
C GLU F 48 41.91 -22.99 -17.39
N LEU F 49 42.84 -22.36 -16.68
CA LEU F 49 44.10 -21.95 -17.30
C LEU F 49 44.95 -23.17 -17.63
N LEU F 50 45.56 -23.16 -18.81
CA LEU F 50 46.40 -24.24 -19.28
C LEU F 50 47.87 -23.82 -19.39
N ALA F 51 48.15 -22.79 -20.18
CA ALA F 51 49.50 -22.32 -20.38
C ALA F 51 49.47 -20.80 -20.55
N SER F 52 50.46 -20.14 -19.97
CA SER F 52 50.55 -18.68 -20.04
C SER F 52 52.01 -18.27 -20.07
N ILE F 53 52.27 -17.12 -20.68
CA ILE F 53 53.62 -16.57 -20.79
C ILE F 53 53.57 -15.11 -20.36
N SER F 54 54.47 -14.75 -19.45
CA SER F 54 54.61 -13.36 -19.04
C SER F 54 55.35 -12.58 -20.13
N ASN F 55 55.32 -11.25 -20.00
CA ASN F 55 56.02 -10.40 -20.95
C ASN F 55 57.53 -10.60 -20.90
N LEU F 56 58.05 -11.23 -19.83
CA LEU F 56 59.47 -11.46 -19.69
C LEU F 56 59.91 -12.82 -20.21
N GLY F 57 59.00 -13.59 -20.80
CA GLY F 57 59.31 -14.92 -21.28
C GLY F 57 59.08 -16.03 -20.28
N THR F 58 58.79 -15.69 -19.02
CA THR F 58 58.47 -16.70 -18.02
C THR F 58 57.13 -17.34 -18.35
N THR F 59 57.08 -18.67 -18.35
CA THR F 59 55.90 -19.42 -18.76
C THR F 59 55.44 -20.35 -17.65
N TYR F 60 54.12 -20.41 -17.46
CA TYR F 60 53.49 -21.36 -16.55
C TYR F 60 52.59 -22.29 -17.34
N HIS F 61 52.60 -23.57 -16.94
CA HIS F 61 51.78 -24.58 -17.59
C HIS F 61 51.04 -25.36 -16.51
N ALA F 62 49.72 -25.44 -16.64
CA ALA F 62 48.92 -26.19 -15.68
C ALA F 62 49.24 -27.68 -15.75
N ASP F 63 49.14 -28.35 -14.60
CA ASP F 63 49.45 -29.78 -14.55
C ASP F 63 48.55 -30.57 -15.49
N SER F 64 47.32 -30.10 -15.73
CA SER F 64 46.42 -30.79 -16.65
C SER F 64 46.94 -30.77 -18.08
N VAL F 65 47.89 -29.88 -18.40
CA VAL F 65 48.42 -29.77 -19.75
C VAL F 65 49.94 -29.82 -19.72
N ALA F 66 50.53 -29.82 -18.52
CA ALA F 66 51.98 -29.83 -18.40
C ALA F 66 52.56 -31.07 -19.08
N GLY F 67 53.60 -30.86 -19.87
CA GLY F 67 54.24 -31.93 -20.60
C GLY F 67 53.61 -32.27 -21.94
N ARG F 68 52.51 -31.63 -22.29
CA ARG F 68 51.85 -31.87 -23.57
C ARG F 68 51.62 -30.60 -24.37
N PHE F 69 51.32 -29.48 -23.72
CA PHE F 69 51.11 -28.20 -24.39
C PHE F 69 52.32 -27.30 -24.13
N THR F 70 52.86 -26.72 -25.20
CA THR F 70 53.98 -25.80 -25.11
C THR F 70 53.55 -24.44 -25.64
N ILE F 71 53.78 -23.40 -24.85
CA ILE F 71 53.38 -22.04 -25.19
C ILE F 71 54.60 -21.27 -25.68
N SER F 72 54.44 -20.58 -26.81
CA SER F 72 55.51 -19.77 -27.38
C SER F 72 54.93 -18.46 -27.88
N ARG F 73 55.63 -17.36 -27.60
CA ARG F 73 55.21 -16.04 -28.03
C ARG F 73 55.93 -15.66 -29.32
N GLY F 74 55.18 -15.10 -30.27
CA GLY F 74 55.74 -14.77 -31.56
C GLY F 74 56.76 -13.66 -31.48
N SER F 75 57.50 -13.50 -32.59
CA SER F 75 58.52 -12.46 -32.66
C SER F 75 57.90 -11.07 -32.50
N ALA F 76 56.75 -10.84 -33.13
CA ALA F 76 56.06 -9.57 -32.99
C ALA F 76 55.57 -9.34 -31.56
N LYS F 77 55.54 -10.39 -30.74
CA LYS F 77 55.08 -10.31 -29.36
C LYS F 77 53.62 -9.89 -29.26
N ASN F 78 52.87 -10.06 -30.36
CA ASN F 78 51.45 -9.75 -30.39
C ASN F 78 50.59 -11.00 -30.51
N THR F 79 51.19 -12.17 -30.73
CA THR F 79 50.48 -13.43 -30.85
C THR F 79 51.17 -14.49 -30.01
N VAL F 80 50.38 -15.37 -29.40
CA VAL F 80 50.90 -16.47 -28.60
C VAL F 80 50.28 -17.77 -29.13
N ASN F 81 51.13 -18.77 -29.37
CA ASN F 81 50.71 -20.05 -29.95
C ASN F 81 50.95 -21.16 -28.94
N LEU F 82 49.96 -22.02 -28.78
CA LEU F 82 50.04 -23.18 -27.88
C LEU F 82 50.10 -24.45 -28.72
N GLN F 83 51.29 -25.04 -28.82
CA GLN F 83 51.46 -26.28 -29.57
C GLN F 83 51.02 -27.45 -28.72
N MET F 84 50.01 -28.19 -29.17
CA MET F 84 49.44 -29.31 -28.43
C MET F 84 49.94 -30.61 -29.04
N ASN F 85 50.70 -31.37 -28.26
CA ASN F 85 51.33 -32.61 -28.71
C ASN F 85 50.77 -33.79 -27.93
N SER F 86 50.65 -34.93 -28.61
CA SER F 86 50.12 -36.15 -28.01
C SER F 86 48.77 -35.87 -27.33
N LEU F 87 47.84 -35.34 -28.12
CA LEU F 87 46.57 -34.90 -27.58
C LEU F 87 45.81 -36.05 -26.92
N LYS F 88 45.28 -35.78 -25.75
CA LYS F 88 44.59 -36.75 -24.92
C LYS F 88 43.12 -36.39 -24.80
N PRO F 89 42.28 -37.31 -24.30
CA PRO F 89 40.85 -36.99 -24.15
C PRO F 89 40.58 -35.78 -23.27
N ASP F 90 41.47 -35.50 -22.31
CA ASP F 90 41.27 -34.36 -21.43
C ASP F 90 41.39 -33.02 -22.16
N ASP F 91 41.87 -33.02 -23.40
CA ASP F 91 42.06 -31.79 -24.16
C ASP F 91 40.79 -31.32 -24.86
N THR F 92 39.70 -32.07 -24.77
CA THR F 92 38.44 -31.67 -25.39
C THR F 92 37.82 -30.53 -24.60
N ALA F 93 37.84 -29.33 -25.17
CA ALA F 93 37.32 -28.15 -24.48
C ALA F 93 37.30 -26.99 -25.47
N VAL F 94 36.61 -25.92 -25.09
CA VAL F 94 36.59 -24.69 -25.85
C VAL F 94 37.72 -23.81 -25.33
N TYR F 95 38.78 -23.67 -26.12
CA TYR F 95 39.97 -22.95 -25.69
C TYR F 95 39.79 -21.44 -25.88
N TYR F 96 40.24 -20.68 -24.88
CA TYR F 96 40.18 -19.23 -24.90
C TYR F 96 41.57 -18.65 -24.64
N CYS F 97 41.73 -17.37 -25.00
CA CYS F 97 42.98 -16.65 -24.86
C CYS F 97 42.76 -15.42 -24.00
N ASN F 98 43.67 -15.18 -23.06
CA ASN F 98 43.59 -14.03 -22.16
C ASN F 98 44.94 -13.35 -22.09
N THR F 99 44.92 -12.03 -21.91
CA THR F 99 46.13 -11.25 -21.76
C THR F 99 45.87 -10.11 -20.79
N ARG F 100 46.88 -9.79 -19.99
CA ARG F 100 46.80 -8.72 -19.01
C ARG F 100 47.51 -7.48 -19.54
N VAL F 101 46.82 -6.34 -19.46
CA VAL F 101 47.33 -5.07 -19.98
C VAL F 101 47.33 -4.06 -18.85
N LEU F 102 48.46 -3.37 -18.67
CA LEU F 102 48.60 -2.32 -17.67
C LEU F 102 48.40 -0.98 -18.37
N GLU F 103 47.20 -0.42 -18.26
CA GLU F 103 46.88 0.86 -18.87
C GLU F 103 47.12 1.98 -17.86
N GLY F 104 47.97 2.94 -18.23
CA GLY F 104 48.34 4.00 -17.33
C GLY F 104 49.25 3.59 -16.20
N GLY F 105 49.75 2.35 -16.21
CA GLY F 105 50.58 1.85 -15.14
C GLY F 105 49.84 1.45 -13.88
N THR F 106 48.51 1.53 -13.87
CA THR F 106 47.72 1.24 -12.68
C THR F 106 46.50 0.37 -12.93
N GLN F 107 45.98 0.30 -14.16
CA GLN F 107 44.75 -0.44 -14.44
C GLN F 107 45.13 -1.78 -15.08
N ILE F 108 44.77 -2.87 -14.42
CA ILE F 108 44.98 -4.21 -14.94
C ILE F 108 43.69 -4.64 -15.63
N ARG F 109 43.72 -4.72 -16.96
CA ARG F 109 42.56 -5.12 -17.75
C ARG F 109 42.84 -6.45 -18.42
N ASP F 110 41.93 -7.40 -18.23
CA ASP F 110 42.03 -8.73 -18.85
C ASP F 110 41.14 -8.78 -20.07
N TYR F 111 41.72 -9.09 -21.22
CA TYR F 111 41.01 -9.13 -22.49
C TYR F 111 40.85 -10.57 -22.94
N TRP F 112 39.67 -10.89 -23.47
CA TRP F 112 39.34 -12.25 -23.88
C TRP F 112 38.93 -12.27 -25.34
N GLY F 113 39.24 -13.38 -26.02
CA GLY F 113 38.90 -13.57 -27.41
C GLY F 113 37.66 -14.43 -27.60
N GLN F 114 37.40 -14.78 -28.86
CA GLN F 114 36.22 -15.57 -29.18
C GLN F 114 36.40 -17.02 -28.77
N GLY F 115 37.60 -17.58 -28.95
CA GLY F 115 37.87 -18.95 -28.60
C GLY F 115 37.67 -19.91 -29.76
N THR F 116 38.14 -21.14 -29.55
CA THR F 116 38.01 -22.19 -30.56
C THR F 116 37.81 -23.52 -29.84
N GLN F 117 37.14 -24.45 -30.51
CA GLN F 117 36.80 -25.73 -29.94
C GLN F 117 37.80 -26.81 -30.36
N VAL F 118 38.13 -27.69 -29.41
CA VAL F 118 38.97 -28.85 -29.65
C VAL F 118 38.27 -30.07 -29.07
N THR F 119 38.32 -31.18 -29.80
CA THR F 119 37.65 -32.41 -29.37
C THR F 119 38.56 -33.59 -29.63
N VAL F 120 38.58 -34.54 -28.68
CA VAL F 120 39.35 -35.77 -28.80
C VAL F 120 38.40 -36.93 -28.50
N SER F 121 38.39 -37.92 -29.39
CA SER F 121 37.55 -39.09 -29.24
C SER F 121 38.36 -40.35 -29.51
N SER F 122 37.93 -41.45 -28.89
CA SER F 122 38.61 -42.73 -29.05
C SER F 122 38.13 -43.44 -30.31
#